data_6C66
#
_entry.id   6C66
#
_cell.length_a   1.0
_cell.length_b   1.0
_cell.length_c   1.0
_cell.angle_alpha   90.00
_cell.angle_beta   90.00
_cell.angle_gamma   90.00
#
_symmetry.space_group_name_H-M   'P 1'
#
loop_
_entity.id
_entity.type
_entity.pdbx_description
1 polymer 'CRISPR-associated helicase, Cas3 family'
2 polymer 'CRISPR-associated protein, Cse1 family'
3 polymer 'CRISPR-associated protein, Cse4 family'
4 polymer 'Uncharacterized protein'
5 polymer crRNA
6 polymer 'Target strand'
7 polymer 'CRISPR-associated protein, Cas5e family'
8 polymer 'Nontarget strand'
9 polymer 'CRISPR-associated protein, Cse3 family'
10 non-polymer 'FE (III) ION'
#
loop_
_entity_poly.entity_id
_entity_poly.type
_entity_poly.pdbx_seq_one_letter_code
_entity_poly.pdbx_strand_id
1 'polypeptide(L)'
;MPEHDSTDDKHGIPPLDLRFWAKERGLRGKTYPLVCHSLDAAAAALVLWNEYLSPGLRDTIASSMETDEEHAGHCIAFWA
GLHDIGKLTREFQQQIAIDLSAYPGEELSGEQRSHAAATGKWLPFALPSLGYPNGGLVTGLVAQMLGGHHGTFHPHPSFQ
SRNPLAEFGFSSPHWEKQRHALLHAVFDATGRPTPPDMLDGPTASVVCGLVILADWLVSQEDFLLERLTSLPADGSASAL
RAHFETSLRRIPSLLDAAGLRPITVPPATFTESFPHLSKPNGLQASLAKHLPCLCTGPGLVLITAPMGEGKTEAAYHVAD
LLGKATGRPGRFLALPTMATADQMHTRLKEYARYRVENTDLPRSSTLALLHSMAWLNPDYAPADLPGVSKVLSNLGHRDP
FAATDWLMGRKRGLLAPWAVGTIDQALMAVLRAKHNALRLFGLAGKVVVVDEAHAVDPYMQVLLEQLLRWLGTLDVPVVL
LSATLHHSIANSLVKAYLEGARGRRWNRSEPQPVSEVSYPGWLHVDARIGKVTRSSDVDPLPIATTPRKPLEVRLVDVPV
KEGALNRSTVLAKELTPLVKQGGCAAIICTTVAEAQGVYDLLSQWFATLGEDAPDLYLLHSRFPNRQRTEITATIVDLFG
KEGAQSGRRPTRGAVLVATQVVEQSLDLDVDLMISDLAPVSLLLQRAGRCWRHEHLGIINRPQWAKQPELVVLTPEQNGD
ADRAPWFPRSWTSVYPLALLQRTYTLLRRRNGAPVQIPEDVQQLVDDVYDDDSLAEDLEADMERMGEELAQRGLARNAVI
PDPDDAEDNLNGLTEFSFDVDEHVLATRFGAGSVRVLCYYVDTAGNRWLDPECTVEFPEQGTGREGRFTMADCRDLVART
IPVRMGPWASQLTEDNHPPEAWRESFYLRDLVLIPQRVTDEGAVLPTETGGREWLLDPCKGLIF
;
G
2 'polypeptide(L)'
;MLSVALCFLVGGAIPSPPSFDVTIAPWLIARSRDVLAAPEMLGLRDVLIRSHELSDVEIPLPPGAAVLWRILALITARIT
GLDQPPNKNPKRKWQARRSQILSKGRLDPEAVDAYFADYSERFDLFHPERPWLQDPRLREECPKTSGVNKLAWGRTAGEN
QVWLGGHHHDLDPHPLDSAEAVWHLLATLGYGPSGMCTARVVRGRSERNVTAGPLRGTVSYHPLGRTLFESLILNIPYPG
TGAADLAFWEQPELNDPLGLPEESAGLAGILRLDHFRHAVLLHPSPDGSHVVDAWVTWAWRERNISPELDPYLIYQTSKE
GRVYPRPAEAERAIWRDLDALLHYGEDGNYRPTILDNCTPLAQVPQEVLDSLRLRAFGFDQDGQARDKQWFTATTPAVLR
WLADRETDDNENARIVRRITLARKAAEALGRRLEKACKEAWKESNSPSSTSSGTNAKTETGVGPWVQHGMSRYWAKAEPV
FWNIVYDRPAQGYTPGMAGPGNAFNLVALAAYDEVTGPYCERPRVAKVVERHRSTLFSNWTPKQDKEAA
;
A
3 'polypeptide(L)'
;MTFVDIHAIQTLPYSNINRDDLGSPKTVVYGGKERTRVSSQSWKRAVRHEVEARLGDKAVRTRRIISEIAKRLRERGWDA
DLADAGARQVVLSVGKKSGIKLEKEKDSEAPATSVLFYLPVPAIDELAAIADEHRDAVAKEAAKKTPKGILPADRITEVL
KSRNVSVNLFGRMLAELPSTEVDGAVQFAHAFTVHGTTVEVDFFTAVDDIPKENDHGSGHMNAGQFSAGTFYRYANVNLD
RLVENTGDAQTARTAVAEFLRAFLSTVPSGKQNATAAMTLPDLVHIAVRFDRPISFAPAFETALYGSDGYTLRACQELNN
YAERLREVWPDDAIRGYATVENKTDLAALGERYDSYPALIDAMVAAAFEGERE
;
B,C,D,E,F,H
4 'polypeptide(L)'
;MNSDYILQHADALVKRVSKLIVNEPAARAALRRGVGLAPEDPRMLAAHRVVAPYVPVPTDYDVDRRRAASLWDVHAVERA
FYAVAAIMAAQPRSARDQEAEATEEQTGEPQDSEALTEPTPAEESSATKDGKPDRRPNLGVSLAQAVFDKGLNADSTEQR
LHLIARQNLDGVHRHLPRLVLYLRSDQVHIDWGILIRDLARWGHTPRHVAREWVQDYHRTLETLTRQAEQKNKNNTTDEE
AEAA
;
I,K
5 'polyribonucleotide' AUGGACCGCCAGUGAUAAGUGGAAUGCCAUGUGGGCUGUCGUGAGCCCCACGCACGUGGGG J
6 'polydeoxyribonucleotide'
;(DG)(DC)(DG)(DT)(DC)(DC)(DA)(DG)(DG)(DC)(DG)(DA)(DC)(DA)(DG)(DC)(DC)(DC)(DA)(DC)
(DA)(DT)(DG)(DG)(DC)(DA)(DT)(DT)(DC)(DC)(DA)(DC)(DT)(DT)(DA)(DT)(DC)(DA)(DC)(DT)
(DG)(DG)(DC)(DT)(DT)(DC)(DG)(DT)(DC)(DC)(DG)(DC)(DG)(DC)(DG)
;
L
7 'polypeptide(L)'
;MSGFLLRLAGPMQSWGEHSMFGERDTLPYPSRSGLIGMFAAAQGVRRGDPLDRYKELKFTVRVDRPGVRLVDFHTIGGGL
PKERTVPTAAGERRDPKKATIVTSRSYLADAVFTVAVTGPEADTIADALAAPYWQPYLGRRAFVPDPLLVLRRRVADPVR
ELVEAVPLPHRRVEEDAATVLVDLIYEEGEYPDTRTLTVLNDVPLSFDSKSRRYSTRQIRVVPTEVPATLVAGPGRDYQN
KLFTYVKQCAEEAA
;
M
8 'polydeoxyribonucleotide'
;(DC)(DG)(DC)(DG)(DC)(DG)(DG)(DA)(DC)(DG)(DA)(DA)(DG)(DC)(DC)(DA)(DG)(DT)(DG)(DA)
(DT)(DA)(DA)(DG)(DT)(DG)(DG)(DA)(DA)(DT)(DG)(DC)(DC)(DA)(DT)(DG)(DT)(DG)(DG)(DG)
(DC)(DT)(DG)(DT)(DC)(DG)(DC)(DC)(DT)(DG)(DG)(DA)(DC)(DG)(DC)
;
N
9 'polypeptide(L)'
;MTWLTKIVPDLRYRQTRADFRTAGNLHRKLIRLSSDLGEERIANPRQQSGLLFRIEETRNELYLLVQSHSPLRVDRLGPG
YHGVQMRNLDPFLARLDKGSRVRYRIVASPTKRLGRSENNTQRLGLKEPPKKPREYTWALRGAAAEEWWHSRAAANGLEL
LSTYAQTLDDVRDPGTADRSRKIRHPAVRFDGEAVISDVDAVRHAVLNGIGRGKSYGCGLLSLALIEEGEHG
;
O
#
# COMPACT_ATOMS: atom_id res chain seq x y z
N PRO A 14 40.16 37.20 34.96
CA PRO A 14 40.08 35.87 34.35
C PRO A 14 41.11 35.69 33.25
N PRO A 15 41.79 34.54 33.24
CA PRO A 15 42.79 34.27 32.21
C PRO A 15 42.13 34.08 30.85
N LEU A 16 42.59 34.85 29.87
CA LEU A 16 42.03 34.77 28.54
C LEU A 16 42.49 33.50 27.83
N ASP A 17 41.56 32.86 27.15
CA ASP A 17 41.80 31.63 26.41
C ASP A 17 42.13 31.94 24.96
N LEU A 18 42.82 31.01 24.31
CA LEU A 18 43.23 31.17 22.92
C LEU A 18 42.62 30.13 21.99
N ARG A 19 41.62 29.38 22.47
CA ARG A 19 40.99 28.36 21.64
C ARG A 19 39.95 28.94 20.68
N PHE A 20 39.38 30.10 21.02
CA PHE A 20 38.33 30.69 20.20
C PHE A 20 38.90 31.23 18.91
N TRP A 21 38.14 31.05 17.83
CA TRP A 21 38.59 31.36 16.50
C TRP A 21 38.20 32.76 16.04
N ALA A 22 38.87 33.20 14.99
CA ALA A 22 38.57 34.44 14.30
C ALA A 22 38.61 34.30 12.79
N LYS A 23 39.30 33.29 12.28
CA LYS A 23 39.43 33.03 10.85
C LYS A 23 39.57 31.52 10.70
N GLU A 24 38.82 30.94 9.78
CA GLU A 24 38.93 29.49 9.59
C GLU A 24 39.05 29.11 8.11
N ARG A 25 38.52 29.97 7.23
CA ARG A 25 38.56 29.68 5.80
C ARG A 25 39.98 29.52 5.29
N GLY A 26 40.21 28.44 4.54
CA GLY A 26 41.48 28.11 3.93
C GLY A 26 42.72 28.20 4.79
N LEU A 27 42.66 27.66 6.00
CA LEU A 27 43.82 27.64 6.89
C LEU A 27 44.44 26.26 6.99
N ARG A 28 44.00 25.32 6.15
CA ARG A 28 44.53 23.97 6.09
C ARG A 28 44.53 23.27 7.45
N GLY A 29 43.40 23.36 8.14
CA GLY A 29 43.24 22.72 9.43
C GLY A 29 43.73 23.51 10.62
N LYS A 30 44.22 24.73 10.43
CA LYS A 30 44.69 25.54 11.54
C LYS A 30 43.63 26.53 11.97
N THR A 31 43.67 26.89 13.25
CA THR A 31 42.74 27.82 13.86
C THR A 31 43.47 29.08 14.28
N TYR A 32 42.85 30.22 14.06
CA TYR A 32 43.45 31.50 14.40
C TYR A 32 42.78 32.08 15.64
N PRO A 33 43.56 32.49 16.64
CA PRO A 33 42.94 33.02 17.86
C PRO A 33 42.20 34.32 17.60
N LEU A 34 41.08 34.49 18.30
CA LEU A 34 40.27 35.69 18.12
C LEU A 34 41.01 36.94 18.60
N VAL A 35 41.66 36.85 19.77
CA VAL A 35 42.33 38.01 20.34
C VAL A 35 43.36 38.59 19.38
N CYS A 36 44.13 37.73 18.71
CA CYS A 36 45.14 38.23 17.79
C CYS A 36 44.49 38.98 16.63
N HIS A 37 43.33 38.52 16.19
CA HIS A 37 42.62 39.21 15.11
C HIS A 37 42.10 40.56 15.58
N SER A 38 41.56 40.60 16.79
CA SER A 38 41.10 41.88 17.33
C SER A 38 42.26 42.87 17.42
N LEU A 39 43.39 42.44 17.99
CA LEU A 39 44.52 43.33 18.17
C LEU A 39 45.10 43.79 16.85
N ASP A 40 45.46 42.87 15.95
CA ASP A 40 46.04 43.30 14.69
C ASP A 40 45.07 44.18 13.92
N ALA A 41 43.77 43.93 14.06
CA ALA A 41 42.78 44.79 13.43
C ALA A 41 42.89 46.20 13.98
N ALA A 42 42.95 46.34 15.31
CA ALA A 42 43.10 47.66 15.91
C ALA A 42 44.37 48.34 15.41
N ALA A 43 45.45 47.58 15.29
CA ALA A 43 46.69 48.14 14.77
C ALA A 43 46.48 48.68 13.37
N ALA A 44 45.79 47.91 12.53
CA ALA A 44 45.49 48.39 11.18
C ALA A 44 44.74 49.71 11.25
N ALA A 45 43.79 49.81 12.17
CA ALA A 45 43.06 51.07 12.33
C ALA A 45 44.00 52.23 12.62
N LEU A 46 44.94 52.04 13.55
CA LEU A 46 45.87 53.11 13.87
C LEU A 46 46.77 53.47 12.68
N VAL A 47 47.49 52.48 12.14
CA VAL A 47 48.42 52.78 11.05
C VAL A 47 47.71 53.41 9.88
N LEU A 48 46.46 53.06 9.64
CA LEU A 48 45.75 53.73 8.55
C LEU A 48 45.31 55.11 8.99
N TRP A 49 45.09 55.28 10.29
CA TRP A 49 44.69 56.57 10.83
C TRP A 49 45.83 57.57 10.78
N ASN A 50 47.07 57.11 10.64
CA ASN A 50 48.20 58.01 10.53
C ASN A 50 48.77 58.11 9.12
N GLU A 51 48.97 56.97 8.46
CA GLU A 51 49.55 56.95 7.13
C GLU A 51 48.54 57.13 5.99
N TYR A 52 47.35 56.55 6.12
CA TYR A 52 46.39 56.57 5.01
C TYR A 52 45.47 57.79 4.99
N LEU A 53 44.75 58.02 6.06
CA LEU A 53 43.77 59.10 6.07
C LEU A 53 44.45 60.48 5.97
N SER A 54 43.74 61.42 5.36
CA SER A 54 44.19 62.79 5.16
C SER A 54 44.04 63.60 6.45
N PRO A 55 44.91 64.58 6.67
CA PRO A 55 44.79 65.39 7.89
C PRO A 55 43.52 66.21 7.92
N GLY A 56 43.06 66.70 6.77
CA GLY A 56 41.85 67.50 6.75
C GLY A 56 40.62 66.68 7.09
N LEU A 57 40.51 65.46 6.55
CA LEU A 57 39.36 64.65 6.89
C LEU A 57 39.43 64.24 8.35
N ARG A 58 40.64 64.04 8.86
CA ARG A 58 40.78 63.70 10.28
C ARG A 58 40.38 64.89 11.12
N ASP A 59 40.53 66.09 10.56
CA ASP A 59 40.08 67.29 11.25
C ASP A 59 38.57 67.32 11.26
N THR A 60 37.97 66.87 10.16
CA THR A 60 36.51 66.83 10.06
C THR A 60 35.94 65.86 11.08
N ILE A 61 36.37 64.60 11.03
CA ILE A 61 35.85 63.59 11.94
C ILE A 61 36.15 63.97 13.39
N ALA A 62 37.40 64.33 13.69
CA ALA A 62 37.75 64.70 15.05
C ALA A 62 36.94 65.89 15.53
N SER A 63 36.69 66.85 14.63
CA SER A 63 35.89 68.01 15.01
C SER A 63 34.44 67.63 15.30
N SER A 64 33.85 66.79 14.45
CA SER A 64 32.46 66.38 14.63
C SER A 64 32.25 65.56 15.89
N MET A 65 33.29 64.94 16.42
CA MET A 65 33.16 64.13 17.62
C MET A 65 33.72 64.83 18.86
N GLU A 66 33.89 66.16 18.78
CA GLU A 66 34.33 67.00 19.88
C GLU A 66 35.65 66.54 20.51
N THR A 67 36.40 65.66 19.86
CA THR A 67 37.64 65.18 20.44
C THR A 67 38.81 65.63 19.57
N ASP A 68 40.02 65.22 19.92
CA ASP A 68 41.22 65.50 19.17
C ASP A 68 41.81 64.21 18.59
N GLU A 69 42.70 64.41 17.62
CA GLU A 69 43.35 63.30 16.91
C GLU A 69 43.82 62.17 17.81
N GLU A 70 44.50 62.53 18.90
CA GLU A 70 45.04 61.53 19.82
C GLU A 70 43.95 60.60 20.34
N HIS A 71 43.00 61.15 21.08
CA HIS A 71 41.98 60.30 21.69
C HIS A 71 40.93 59.82 20.70
N ALA A 72 40.69 60.57 19.62
CA ALA A 72 39.77 60.06 18.60
C ALA A 72 40.36 58.81 17.96
N GLY A 73 41.61 58.92 17.49
CA GLY A 73 42.27 57.75 16.92
C GLY A 73 42.31 56.60 17.90
N HIS A 74 42.59 56.90 19.17
CA HIS A 74 42.61 55.85 20.19
C HIS A 74 41.26 55.15 20.25
N CYS A 75 40.19 55.94 20.35
CA CYS A 75 38.84 55.39 20.44
C CYS A 75 38.53 54.50 19.24
N ILE A 76 38.66 55.03 18.03
CA ILE A 76 38.32 54.23 16.86
C ILE A 76 39.22 53.01 16.74
N ALA A 77 40.45 53.09 17.25
CA ALA A 77 41.31 51.92 17.21
C ALA A 77 40.76 50.83 18.11
N PHE A 78 40.31 51.21 19.31
CA PHE A 78 39.70 50.24 20.21
C PHE A 78 38.41 49.68 19.61
N TRP A 79 37.68 50.54 18.90
CA TRP A 79 36.45 50.11 18.25
C TRP A 79 36.74 49.07 17.18
N ALA A 80 37.76 49.32 16.36
CA ALA A 80 38.14 48.33 15.36
C ALA A 80 38.59 47.05 16.03
N GLY A 81 39.23 47.18 17.20
CA GLY A 81 39.62 45.99 17.92
C GLY A 81 38.44 45.21 18.44
N LEU A 82 37.26 45.82 18.49
CA LEU A 82 36.07 45.13 18.96
C LEU A 82 35.15 44.66 17.85
N HIS A 83 35.47 44.94 16.58
CA HIS A 83 34.55 44.65 15.48
C HIS A 83 34.01 43.22 15.47
N ASP A 84 34.85 42.23 15.76
CA ASP A 84 34.41 40.84 15.74
C ASP A 84 34.23 40.22 17.11
N ILE A 85 33.97 41.03 18.15
CA ILE A 85 33.80 40.45 19.48
C ILE A 85 32.54 39.61 19.56
N GLY A 86 31.58 39.82 18.67
CA GLY A 86 30.37 39.01 18.72
C GLY A 86 30.60 37.56 18.39
N LYS A 87 31.78 37.21 17.90
CA LYS A 87 32.11 35.83 17.57
C LYS A 87 32.15 34.93 18.79
N LEU A 88 32.06 35.46 19.99
CA LEU A 88 32.16 34.62 21.18
C LEU A 88 30.81 34.08 21.63
N THR A 89 30.04 33.60 20.67
CA THR A 89 28.78 32.92 20.90
C THR A 89 29.07 31.43 20.94
N ARG A 90 28.04 30.60 20.84
CA ARG A 90 28.28 29.16 20.77
C ARG A 90 28.05 28.63 19.36
N GLU A 91 27.08 29.19 18.64
CA GLU A 91 26.88 28.76 17.26
C GLU A 91 28.02 29.21 16.37
N PHE A 92 28.88 30.12 16.84
CA PHE A 92 29.96 30.55 15.97
C PHE A 92 31.16 29.62 16.05
N GLN A 93 31.61 29.30 17.26
CA GLN A 93 32.76 28.41 17.38
C GLN A 93 32.37 26.96 17.16
N GLN A 94 31.13 26.61 17.49
CA GLN A 94 30.73 25.22 17.31
C GLN A 94 30.63 24.82 15.84
N GLN A 95 30.85 25.77 14.92
CA GLN A 95 30.78 25.47 13.49
C GLN A 95 31.68 24.31 13.10
N ILE A 96 32.82 24.15 13.79
CA ILE A 96 33.72 23.03 13.56
C ILE A 96 33.93 22.36 14.91
N ALA A 97 34.58 21.20 14.90
CA ALA A 97 34.77 20.44 16.12
C ALA A 97 35.74 21.17 17.04
N ILE A 98 35.20 21.75 18.10
CA ILE A 98 35.96 22.44 19.14
C ILE A 98 35.34 22.03 20.47
N ASP A 99 36.17 21.73 21.45
CA ASP A 99 35.66 21.28 22.74
C ASP A 99 35.07 22.44 23.51
N LEU A 100 33.76 22.37 23.75
CA LEU A 100 33.01 23.40 24.46
C LEU A 100 32.55 22.93 25.83
N SER A 101 32.83 21.68 26.21
CA SER A 101 32.38 21.16 27.49
C SER A 101 33.00 21.88 28.67
N ALA A 102 34.01 22.72 28.44
CA ALA A 102 34.63 23.46 29.53
C ALA A 102 33.63 24.37 30.23
N TYR A 103 32.89 25.15 29.45
CA TYR A 103 31.92 26.09 30.01
C TYR A 103 30.50 25.78 29.56
N PRO A 104 29.66 25.22 30.41
CA PRO A 104 28.29 24.88 30.00
C PRO A 104 27.40 26.10 29.87
N GLY A 105 26.11 25.86 29.61
CA GLY A 105 25.14 26.91 29.43
C GLY A 105 25.09 27.44 28.01
N GLU A 106 24.14 28.36 27.80
CA GLU A 106 23.92 28.99 26.50
C GLU A 106 23.78 27.94 25.40
N GLU A 107 22.71 27.16 25.50
CA GLU A 107 22.46 26.11 24.54
C GLU A 107 21.96 26.70 23.22
N LEU A 108 22.00 25.86 22.18
CA LEU A 108 21.61 26.30 20.85
C LEU A 108 20.12 26.58 20.77
N SER A 109 19.77 27.81 20.42
CA SER A 109 18.39 28.25 20.25
C SER A 109 18.01 28.30 18.78
N GLY A 110 18.93 28.67 17.91
CA GLY A 110 18.67 28.72 16.49
C GLY A 110 18.22 30.08 15.99
N GLU A 111 18.81 31.16 16.53
CA GLU A 111 18.43 32.48 16.05
C GLU A 111 19.13 32.86 14.76
N GLN A 112 20.12 32.09 14.33
CA GLN A 112 20.85 32.33 13.09
C GLN A 112 21.58 33.67 13.10
N ARG A 113 21.82 34.23 14.29
CA ARG A 113 22.50 35.51 14.38
C ARG A 113 23.91 35.44 13.83
N SER A 114 24.30 36.48 13.10
CA SER A 114 25.65 36.57 12.60
C SER A 114 26.49 37.23 13.68
N HIS A 115 27.79 36.93 13.67
CA HIS A 115 28.68 37.51 14.67
C HIS A 115 28.57 39.02 14.72
N ALA A 116 28.35 39.66 13.57
CA ALA A 116 28.18 41.10 13.56
C ALA A 116 26.92 41.49 14.32
N ALA A 117 25.86 40.72 14.17
CA ALA A 117 24.66 41.01 14.94
C ALA A 117 24.90 40.78 16.42
N ALA A 118 25.67 39.75 16.75
CA ALA A 118 25.93 39.45 18.16
C ALA A 118 26.67 40.60 18.82
N THR A 119 27.72 41.11 18.17
CA THR A 119 28.43 42.24 18.76
C THR A 119 27.53 43.46 18.81
N GLY A 120 26.84 43.75 17.73
CA GLY A 120 25.96 44.91 17.71
C GLY A 120 24.90 44.89 18.79
N LYS A 121 24.50 43.71 19.24
CA LYS A 121 23.48 43.64 20.29
C LYS A 121 24.05 43.52 21.68
N TRP A 122 25.29 43.05 21.82
CA TRP A 122 25.86 42.91 23.15
C TRP A 122 26.61 44.15 23.64
N LEU A 123 27.29 44.85 22.74
CA LEU A 123 28.06 46.01 23.15
C LEU A 123 27.29 47.09 23.91
N PRO A 124 26.05 47.44 23.56
CA PRO A 124 25.37 48.52 24.31
C PRO A 124 25.16 48.23 25.78
N PHE A 125 25.37 47.02 26.26
CA PHE A 125 25.13 46.75 27.67
C PHE A 125 26.35 46.33 28.46
N ALA A 126 27.47 46.07 27.81
CA ALA A 126 28.67 45.69 28.55
C ALA A 126 29.66 46.82 28.75
N LEU A 127 29.90 47.62 27.73
CA LEU A 127 30.86 48.70 27.78
C LEU A 127 30.51 49.78 28.81
N PRO A 128 29.25 49.95 29.24
CA PRO A 128 28.98 50.97 30.27
C PRO A 128 29.83 50.82 31.52
N SER A 129 30.44 49.66 31.75
CA SER A 129 31.32 49.53 32.90
C SER A 129 32.62 50.28 32.66
N LEU A 130 32.91 50.62 31.41
CA LEU A 130 34.11 51.34 31.01
C LEU A 130 33.88 52.85 30.94
N GLY A 131 32.66 53.33 31.16
CA GLY A 131 32.39 54.75 31.17
C GLY A 131 31.36 55.28 30.19
N TYR A 132 30.89 54.56 29.19
CA TYR A 132 29.90 55.17 28.31
C TYR A 132 28.56 55.26 29.05
N PRO A 133 27.81 56.35 28.84
CA PRO A 133 26.53 56.52 29.53
C PRO A 133 25.53 55.45 29.14
N ASN A 134 24.97 54.79 30.16
CA ASN A 134 24.01 53.72 29.90
C ASN A 134 22.76 54.29 29.21
N GLY A 135 22.37 53.65 28.12
CA GLY A 135 21.23 54.12 27.36
C GLY A 135 21.46 55.38 26.56
N GLY A 136 22.68 55.91 26.55
CA GLY A 136 22.95 57.13 25.82
C GLY A 136 22.95 56.90 24.32
N LEU A 137 23.36 57.95 23.61
CA LEU A 137 23.41 57.93 22.15
C LEU A 137 24.77 57.52 21.62
N VAL A 138 25.85 57.99 22.25
CA VAL A 138 27.19 57.68 21.77
C VAL A 138 27.41 56.17 21.76
N THR A 139 27.06 55.48 22.84
CA THR A 139 27.25 54.04 22.88
C THR A 139 26.36 53.33 21.87
N GLY A 140 25.20 53.91 21.57
CA GLY A 140 24.33 53.29 20.59
C GLY A 140 24.90 53.40 19.18
N LEU A 141 25.27 54.62 18.78
CA LEU A 141 25.80 54.82 17.44
C LEU A 141 27.10 54.05 17.25
N VAL A 142 27.94 54.00 18.27
CA VAL A 142 29.17 53.25 18.09
C VAL A 142 28.88 51.76 18.09
N ALA A 143 27.89 51.33 18.87
CA ALA A 143 27.58 49.91 18.98
C ALA A 143 27.05 49.38 17.66
N GLN A 144 25.98 49.97 17.15
CA GLN A 144 25.47 49.51 15.86
C GLN A 144 26.51 49.76 14.78
N MET A 145 27.28 50.84 14.93
CA MET A 145 28.30 51.20 13.96
C MET A 145 29.28 50.06 13.71
N LEU A 146 29.92 49.54 14.77
CA LEU A 146 30.84 48.45 14.47
C LEU A 146 30.10 47.13 14.33
N GLY A 147 28.89 47.03 14.92
CA GLY A 147 28.14 45.81 14.81
C GLY A 147 27.70 45.52 13.40
N GLY A 148 27.58 46.55 12.57
CA GLY A 148 27.20 46.37 11.19
C GLY A 148 28.45 46.33 10.33
N HIS A 149 29.50 45.68 10.83
CA HIS A 149 30.76 45.71 10.07
C HIS A 149 30.71 44.84 8.89
N HIS A 150 29.58 44.27 8.48
CA HIS A 150 29.58 43.43 7.28
C HIS A 150 28.73 44.02 6.18
N GLY A 151 28.54 45.34 6.18
CA GLY A 151 27.80 46.03 5.15
C GLY A 151 26.35 46.31 5.45
N THR A 152 25.71 45.57 6.35
CA THR A 152 24.31 45.79 6.67
C THR A 152 24.20 46.23 8.12
N PHE A 153 23.56 47.37 8.34
CA PHE A 153 23.41 47.88 9.70
C PHE A 153 22.11 47.35 10.30
N HIS A 154 22.15 47.07 11.57
CA HIS A 154 21.03 46.53 12.32
C HIS A 154 20.42 47.61 13.20
N PRO A 155 19.15 47.45 13.59
CA PRO A 155 18.50 48.46 14.42
C PRO A 155 19.11 48.51 15.81
N HIS A 156 18.74 49.55 16.54
CA HIS A 156 19.21 49.70 17.91
C HIS A 156 18.51 48.66 18.80
N PRO A 157 19.17 48.22 19.86
CA PRO A 157 18.60 47.17 20.71
C PRO A 157 17.31 47.62 21.38
N SER A 158 16.24 46.91 21.08
CA SER A 158 14.94 47.17 21.69
C SER A 158 14.65 45.97 22.58
N PHE A 159 14.60 46.21 23.87
CA PHE A 159 14.38 45.15 24.85
C PHE A 159 13.18 45.47 25.71
N GLN A 160 12.52 44.43 26.19
CA GLN A 160 11.36 44.59 27.04
C GLN A 160 11.59 44.01 28.42
N SER A 161 12.80 43.54 28.71
CA SER A 161 13.13 42.94 29.98
C SER A 161 14.23 43.74 30.66
N ARG A 162 14.07 43.95 31.95
CA ARG A 162 15.03 44.72 32.73
C ARG A 162 16.38 44.02 32.86
N ASN A 163 16.54 42.84 32.26
CA ASN A 163 17.82 42.13 32.18
C ASN A 163 18.09 41.88 30.71
N PRO A 164 18.45 42.93 29.96
CA PRO A 164 18.63 42.76 28.51
C PRO A 164 19.72 41.76 28.14
N LEU A 165 20.82 41.71 28.89
CA LEU A 165 21.88 40.77 28.57
C LEU A 165 21.36 39.35 28.44
N ALA A 166 20.48 38.95 29.36
CA ALA A 166 19.98 37.58 29.31
C ALA A 166 18.86 37.38 28.31
N GLU A 167 18.12 38.43 27.95
CA GLU A 167 17.03 38.19 27.01
C GLU A 167 17.55 38.03 25.59
N PHE A 168 18.70 38.61 25.29
CA PHE A 168 19.31 38.42 23.98
C PHE A 168 19.98 37.07 23.83
N GLY A 169 19.90 36.21 24.83
CA GLY A 169 20.55 34.92 24.76
C GLY A 169 21.91 34.86 25.41
N PHE A 170 22.29 35.84 26.23
CA PHE A 170 23.59 35.86 26.89
C PHE A 170 23.30 35.65 28.37
N SER A 171 23.25 34.40 28.79
CA SER A 171 22.93 34.06 30.17
C SER A 171 24.01 33.33 30.94
N SER A 172 25.02 32.79 30.29
CA SER A 172 26.04 32.04 31.02
C SER A 172 27.10 32.97 31.58
N PRO A 173 27.32 32.98 32.89
CA PRO A 173 28.35 33.88 33.44
C PRO A 173 29.74 33.52 32.98
N HIS A 174 29.96 32.27 32.57
CA HIS A 174 31.28 31.89 32.06
C HIS A 174 31.60 32.67 30.80
N TRP A 175 30.75 32.50 29.77
CA TRP A 175 30.91 33.19 28.51
C TRP A 175 31.02 34.69 28.69
N GLU A 176 30.10 35.27 29.47
CA GLU A 176 30.15 36.71 29.70
C GLU A 176 31.43 37.11 30.39
N LYS A 177 31.93 36.29 31.30
CA LYS A 177 33.18 36.63 31.95
C LYS A 177 34.33 36.61 30.95
N GLN A 178 34.29 35.70 29.98
CA GLN A 178 35.36 35.67 28.98
C GLN A 178 35.27 36.87 28.05
N ARG A 179 34.08 37.21 27.56
CA ARG A 179 34.03 38.37 26.67
C ARG A 179 34.36 39.65 27.41
N HIS A 180 34.01 39.75 28.70
CA HIS A 180 34.45 40.92 29.44
C HIS A 180 35.97 40.92 29.55
N ALA A 181 36.57 39.73 29.70
CA ALA A 181 38.02 39.64 29.76
C ALA A 181 38.64 40.12 28.47
N LEU A 182 38.08 39.72 27.33
CA LEU A 182 38.59 40.16 26.04
C LEU A 182 38.44 41.66 25.89
N LEU A 183 37.28 42.19 26.31
CA LEU A 183 37.04 43.62 26.26
C LEU A 183 38.13 44.38 27.01
N HIS A 184 38.37 44.00 28.26
CA HIS A 184 39.40 44.67 29.05
C HIS A 184 40.78 44.48 28.44
N ALA A 185 41.05 43.31 27.88
CA ALA A 185 42.35 43.04 27.28
C ALA A 185 42.63 44.01 26.14
N VAL A 186 41.70 44.12 25.19
CA VAL A 186 41.96 45.05 24.11
C VAL A 186 41.85 46.48 24.60
N PHE A 187 41.20 46.68 25.76
CA PHE A 187 41.07 48.04 26.29
C PHE A 187 42.39 48.55 26.83
N ASP A 188 43.11 47.74 27.60
CA ASP A 188 44.39 48.25 28.06
C ASP A 188 45.42 48.14 26.95
N ALA A 189 45.22 47.21 26.00
CA ALA A 189 46.14 47.10 24.88
C ALA A 189 46.09 48.34 24.00
N THR A 190 44.92 48.96 23.88
CA THR A 190 44.78 50.15 23.06
C THR A 190 45.12 51.43 23.82
N GLY A 191 45.41 51.35 25.11
CA GLY A 191 45.77 52.52 25.89
C GLY A 191 44.65 53.15 26.68
N ARG A 192 43.47 52.52 26.74
CA ARG A 192 42.34 52.98 27.52
C ARG A 192 41.91 54.41 27.17
N PRO A 193 41.32 54.64 25.99
CA PRO A 193 40.94 55.99 25.60
C PRO A 193 39.73 56.49 26.38
N THR A 194 39.51 57.79 26.29
CA THR A 194 38.41 58.44 26.98
C THR A 194 37.13 58.34 26.15
N PRO A 195 35.97 58.54 26.78
CA PRO A 195 34.71 58.49 26.04
C PRO A 195 34.44 59.80 25.34
N PRO A 196 34.06 59.76 24.05
CA PRO A 196 33.67 60.99 23.36
C PRO A 196 32.28 61.42 23.78
N ASP A 197 32.13 62.69 24.15
CA ASP A 197 30.83 63.17 24.64
C ASP A 197 29.74 63.10 23.59
N MET A 198 30.06 63.18 22.31
CA MET A 198 28.98 63.09 21.33
C MET A 198 29.49 62.58 20.00
N LEU A 199 28.54 62.08 19.20
CA LEU A 199 28.77 61.52 17.89
C LEU A 199 27.53 61.76 17.05
N ASP A 200 27.72 61.80 15.73
CA ASP A 200 26.62 61.98 14.81
C ASP A 200 26.72 60.91 13.73
N GLY A 201 25.60 60.69 13.06
CA GLY A 201 25.47 59.67 12.04
C GLY A 201 26.58 59.61 11.02
N PRO A 202 26.77 60.67 10.24
CA PRO A 202 27.82 60.65 9.22
C PRO A 202 29.20 60.26 9.74
N THR A 203 29.62 60.84 10.87
CA THR A 203 30.89 60.45 11.47
C THR A 203 30.95 58.96 11.68
N ALA A 204 29.89 58.39 12.22
CA ALA A 204 29.85 56.95 12.45
C ALA A 204 29.88 56.19 11.14
N SER A 205 29.33 56.76 10.07
CA SER A 205 29.33 56.06 8.79
C SER A 205 30.73 56.00 8.20
N VAL A 206 31.41 57.14 8.10
CA VAL A 206 32.77 57.14 7.54
C VAL A 206 33.69 56.29 8.40
N VAL A 207 33.63 56.44 9.72
CA VAL A 207 34.53 55.62 10.52
C VAL A 207 34.11 54.15 10.46
N CYS A 208 32.85 53.87 10.13
CA CYS A 208 32.46 52.48 9.93
C CYS A 208 33.14 51.94 8.69
N GLY A 209 33.19 52.76 7.64
CA GLY A 209 33.94 52.36 6.46
C GLY A 209 35.38 52.07 6.83
N LEU A 210 35.94 52.90 7.73
CA LEU A 210 37.30 52.68 8.19
C LEU A 210 37.47 51.32 8.85
N VAL A 211 36.61 51.00 9.83
CA VAL A 211 36.73 49.72 10.53
C VAL A 211 36.55 48.54 9.58
N ILE A 212 35.53 48.57 8.73
CA ILE A 212 35.36 47.43 7.83
C ILE A 212 36.57 47.34 6.90
N LEU A 213 37.15 48.48 6.56
CA LEU A 213 38.32 48.48 5.68
C LEU A 213 39.47 47.76 6.36
N ALA A 214 39.80 48.15 7.59
CA ALA A 214 40.87 47.48 8.32
C ALA A 214 40.59 45.99 8.49
N ASP A 215 39.33 45.63 8.73
CA ASP A 215 38.98 44.22 8.88
C ASP A 215 39.30 43.47 7.61
N TRP A 216 38.70 43.90 6.49
CA TRP A 216 38.99 43.24 5.22
C TRP A 216 40.47 43.24 4.92
N LEU A 217 41.15 44.31 5.33
CA LEU A 217 42.59 44.47 5.15
C LEU A 217 43.30 43.27 5.76
N VAL A 218 43.52 43.28 7.07
CA VAL A 218 44.19 42.15 7.71
C VAL A 218 43.50 40.82 7.40
N SER A 219 42.22 40.90 7.02
CA SER A 219 41.41 39.73 6.70
C SER A 219 42.02 38.80 5.65
N GLN A 220 42.57 39.36 4.56
CA GLN A 220 43.12 38.57 3.46
C GLN A 220 43.84 37.32 3.94
N GLU A 221 43.93 36.32 3.07
CA GLU A 221 44.53 35.04 3.44
C GLU A 221 45.94 35.20 3.97
N ASP A 222 46.95 35.23 3.13
CA ASP A 222 48.33 35.33 3.58
C ASP A 222 48.84 36.75 3.30
N PHE A 223 49.01 37.59 4.34
CA PHE A 223 48.88 37.49 5.83
C PHE A 223 48.69 36.11 6.51
N LEU A 224 47.69 36.02 7.40
CA LEU A 224 47.34 34.83 8.19
C LEU A 224 48.47 33.82 8.23
N LEU A 225 48.59 33.04 7.15
CA LEU A 225 49.65 32.06 7.04
C LEU A 225 51.02 32.67 7.34
N GLU A 226 51.27 33.88 6.85
CA GLU A 226 52.51 34.59 7.10
C GLU A 226 52.84 34.58 8.60
N ARG A 227 52.20 35.47 9.36
CA ARG A 227 52.43 35.55 10.80
C ARG A 227 51.95 34.32 11.55
N LEU A 228 51.45 33.29 10.86
CA LEU A 228 50.95 32.08 11.48
C LEU A 228 52.06 31.21 12.07
N THR A 229 53.18 31.82 12.42
CA THR A 229 54.31 31.11 13.00
C THR A 229 54.56 31.48 14.45
N SER A 230 54.50 32.77 14.78
CA SER A 230 54.71 33.24 16.14
C SER A 230 53.37 33.42 16.85
N LEU A 231 52.68 32.30 17.05
CA LEU A 231 51.39 32.35 17.73
C LEU A 231 51.58 32.61 19.22
N PRO A 232 50.64 33.33 19.84
CA PRO A 232 50.77 33.60 21.27
C PRO A 232 50.56 32.34 22.11
N ALA A 233 51.48 32.13 23.04
CA ALA A 233 51.40 30.97 23.92
C ALA A 233 50.35 31.19 25.01
N ASP A 234 50.11 32.43 25.40
CA ASP A 234 49.12 32.74 26.43
C ASP A 234 48.44 34.05 26.05
N GLY A 235 47.61 34.55 26.96
CA GLY A 235 46.86 35.77 26.74
C GLY A 235 47.21 36.92 27.67
N SER A 236 48.37 36.85 28.30
CA SER A 236 48.76 37.92 29.20
C SER A 236 49.01 39.21 28.41
N ALA A 237 49.04 40.33 29.16
CA ALA A 237 49.25 41.63 28.54
C ALA A 237 50.56 41.70 27.76
N SER A 238 51.58 40.97 28.22
CA SER A 238 52.88 41.00 27.55
C SER A 238 52.81 40.43 26.14
N ALA A 239 52.36 39.18 26.00
CA ALA A 239 52.32 38.54 24.69
C ALA A 239 51.38 39.29 23.73
N LEU A 240 50.26 39.78 24.24
CA LEU A 240 49.34 40.49 23.36
C LEU A 240 49.90 41.83 22.96
N ARG A 241 50.57 42.51 23.91
CA ARG A 241 51.24 43.76 23.59
C ARG A 241 52.25 43.52 22.49
N ALA A 242 52.97 42.41 22.58
CA ALA A 242 53.97 42.07 21.58
C ALA A 242 53.34 41.85 20.21
N HIS A 243 52.36 40.96 20.11
CA HIS A 243 51.72 40.70 18.81
C HIS A 243 51.15 41.97 18.19
N PHE A 244 50.40 42.73 18.99
CA PHE A 244 49.87 44.00 18.51
C PHE A 244 51.01 44.90 18.05
N GLU A 245 52.10 44.91 18.81
CA GLU A 245 53.27 45.72 18.50
C GLU A 245 53.98 45.24 17.25
N THR A 246 53.81 43.96 16.86
CA THR A 246 54.47 43.48 15.65
C THR A 246 53.62 43.81 14.44
N SER A 247 52.29 43.84 14.62
CA SER A 247 51.48 44.30 13.51
C SER A 247 51.79 45.77 13.29
N LEU A 248 51.97 46.50 14.40
CA LEU A 248 52.37 47.90 14.31
C LEU A 248 53.74 47.97 13.67
N ARG A 249 54.58 46.96 13.91
CA ARG A 249 55.88 46.92 13.27
C ARG A 249 55.69 47.02 11.77
N ARG A 250 55.00 46.04 11.16
CA ARG A 250 54.80 46.21 9.71
C ARG A 250 53.40 45.87 9.20
N ILE A 251 52.52 46.86 9.23
CA ILE A 251 51.22 46.78 8.55
C ILE A 251 51.35 47.45 7.18
N PRO A 252 52.09 48.60 7.05
CA PRO A 252 52.21 49.25 5.73
C PRO A 252 52.67 48.35 4.59
N SER A 253 53.16 47.16 4.94
CA SER A 253 53.50 46.17 3.93
C SER A 253 52.34 45.95 2.97
N LEU A 254 51.18 45.60 3.50
CA LEU A 254 50.00 45.42 2.65
C LEU A 254 49.59 46.75 2.01
N LEU A 255 49.68 47.84 2.77
CA LEU A 255 49.28 49.16 2.27
C LEU A 255 49.94 49.46 0.93
N ASP A 256 51.27 49.49 0.91
CA ASP A 256 51.97 49.75 -0.34
C ASP A 256 51.85 48.57 -1.29
N ALA A 257 51.80 47.35 -0.74
CA ALA A 257 51.67 46.15 -1.55
C ALA A 257 50.37 46.12 -2.33
N ALA A 258 49.32 46.77 -1.80
CA ALA A 258 48.03 46.81 -2.47
C ALA A 258 47.86 48.02 -3.37
N GLY A 259 48.68 49.05 -3.18
CA GLY A 259 48.59 50.24 -4.02
C GLY A 259 47.80 51.39 -3.42
N LEU A 260 47.94 51.60 -2.12
CA LEU A 260 47.24 52.69 -1.45
C LEU A 260 47.91 53.06 -0.13
N LYS A 279 48.96 79.34 -24.31
CA LYS A 279 48.35 80.60 -23.87
C LYS A 279 47.03 80.33 -23.15
N PRO A 280 47.02 80.49 -21.83
CA PRO A 280 45.79 80.28 -21.08
C PRO A 280 44.71 81.25 -21.51
N ASN A 281 43.46 80.80 -21.41
CA ASN A 281 42.33 81.62 -21.82
C ASN A 281 41.84 82.52 -20.68
N GLY A 282 40.91 83.41 -21.04
CA GLY A 282 40.32 84.34 -20.07
C GLY A 282 39.82 83.69 -18.80
N LEU A 283 38.97 82.66 -18.94
CA LEU A 283 38.40 81.97 -17.79
C LEU A 283 39.46 81.55 -16.78
N GLN A 284 40.45 80.80 -17.25
CA GLN A 284 41.53 80.34 -16.38
C GLN A 284 42.21 81.51 -15.67
N ALA A 285 42.42 82.61 -16.39
CA ALA A 285 43.08 83.76 -15.78
C ALA A 285 42.19 84.47 -14.76
N SER A 286 40.87 84.44 -14.95
CA SER A 286 39.98 85.10 -14.01
C SER A 286 39.79 84.28 -12.75
N LEU A 287 39.66 82.96 -12.89
CA LEU A 287 39.54 82.10 -11.71
C LEU A 287 40.86 82.06 -10.96
N ALA A 288 41.95 81.85 -11.68
CA ALA A 288 43.26 81.83 -11.05
C ALA A 288 43.61 83.20 -10.49
N LYS A 289 43.01 84.26 -11.05
CA LYS A 289 43.33 85.61 -10.61
C LYS A 289 42.58 85.99 -9.34
N HIS A 290 41.25 85.94 -9.36
CA HIS A 290 40.49 86.37 -8.20
C HIS A 290 40.14 85.25 -7.23
N LEU A 291 40.00 84.02 -7.70
CA LEU A 291 39.61 82.93 -6.82
C LEU A 291 40.56 82.67 -5.65
N PRO A 292 41.89 82.86 -5.76
CA PRO A 292 42.75 82.64 -4.60
C PRO A 292 42.38 83.47 -3.38
N CYS A 293 41.49 84.45 -3.51
CA CYS A 293 41.06 85.20 -2.34
C CYS A 293 39.84 84.56 -1.68
N LEU A 294 38.96 83.98 -2.49
CA LEU A 294 37.76 83.33 -2.00
C LEU A 294 37.98 81.93 -1.46
N CYS A 295 39.13 81.32 -1.77
CA CYS A 295 39.39 79.95 -1.33
C CYS A 295 39.69 79.88 0.16
N THR A 296 38.66 80.07 0.98
CA THR A 296 38.82 80.04 2.42
C THR A 296 38.52 78.66 3.02
N GLY A 297 37.72 77.84 2.36
CA GLY A 297 37.42 76.53 2.88
C GLY A 297 36.56 75.65 2.00
N PRO A 298 35.89 74.67 2.62
CA PRO A 298 35.05 73.73 1.85
C PRO A 298 33.88 74.40 1.15
N GLY A 299 33.69 74.01 -0.09
CA GLY A 299 32.60 74.50 -0.91
C GLY A 299 32.54 73.70 -2.19
N LEU A 300 31.94 74.29 -3.21
CA LEU A 300 31.94 73.63 -4.52
C LEU A 300 32.06 74.68 -5.60
N VAL A 301 32.71 74.28 -6.70
CA VAL A 301 32.90 75.15 -7.86
C VAL A 301 32.28 74.48 -9.08
N LEU A 302 31.23 75.09 -9.61
CA LEU A 302 30.56 74.62 -10.81
C LEU A 302 31.14 75.44 -11.96
N ILE A 303 31.80 74.76 -12.88
CA ILE A 303 32.42 75.39 -14.03
C ILE A 303 31.69 74.95 -15.30
N THR A 304 31.41 75.93 -16.15
CA THR A 304 30.67 75.72 -17.39
C THR A 304 31.45 76.40 -18.49
N ALA A 305 32.16 75.62 -19.29
CA ALA A 305 33.02 76.12 -20.34
C ALA A 305 32.69 75.47 -21.68
N PRO A 306 33.08 76.10 -22.79
CA PRO A 306 32.81 75.51 -24.10
C PRO A 306 33.53 74.18 -24.29
N MET A 307 32.97 73.37 -25.19
CA MET A 307 33.52 72.06 -25.47
C MET A 307 34.93 72.16 -26.06
N GLY A 308 35.85 71.39 -25.48
CA GLY A 308 37.20 71.34 -25.98
C GLY A 308 38.02 72.60 -25.78
N GLU A 309 37.49 73.58 -25.06
CA GLU A 309 38.22 74.82 -24.85
C GLU A 309 39.36 74.67 -23.87
N GLY A 310 39.29 73.67 -22.98
CA GLY A 310 40.33 73.45 -22.00
C GLY A 310 39.86 73.66 -20.59
N LYS A 311 38.58 73.35 -20.33
CA LYS A 311 38.06 73.46 -18.98
C LYS A 311 38.80 72.55 -18.00
N THR A 312 39.53 71.56 -18.54
CA THR A 312 40.30 70.65 -17.69
C THR A 312 41.39 71.41 -16.93
N GLU A 313 42.13 72.28 -17.61
CA GLU A 313 43.20 73.03 -16.97
C GLU A 313 42.69 73.80 -15.76
N ALA A 314 41.61 74.57 -15.93
CA ALA A 314 41.05 75.29 -14.79
C ALA A 314 40.47 74.32 -13.77
N ALA A 315 40.04 73.14 -14.23
CA ALA A 315 39.44 72.18 -13.32
C ALA A 315 40.46 71.62 -12.33
N TYR A 316 41.62 71.19 -12.81
CA TYR A 316 42.58 70.68 -11.84
C TYR A 316 43.36 71.80 -11.18
N HIS A 317 43.51 72.95 -11.84
CA HIS A 317 44.18 74.08 -11.23
C HIS A 317 43.42 74.53 -9.98
N VAL A 318 42.18 74.95 -10.16
CA VAL A 318 41.36 75.37 -9.03
C VAL A 318 41.08 74.20 -8.11
N ALA A 319 40.81 73.03 -8.69
CA ALA A 319 40.52 71.84 -7.91
C ALA A 319 41.66 71.52 -6.95
N ASP A 320 42.90 71.65 -7.42
CA ASP A 320 44.05 71.30 -6.59
C ASP A 320 44.41 72.41 -5.63
N LEU A 321 44.20 73.66 -6.03
CA LEU A 321 44.47 74.75 -5.10
C LEU A 321 43.51 74.65 -3.93
N LEU A 322 42.25 74.36 -4.23
CA LEU A 322 41.22 74.16 -3.23
C LEU A 322 41.46 72.86 -2.46
N GLY A 323 42.06 71.86 -3.10
CA GLY A 323 42.40 70.65 -2.38
C GLY A 323 43.44 70.94 -1.33
N LYS A 324 44.38 71.84 -1.65
CA LYS A 324 45.37 72.27 -0.67
C LYS A 324 44.69 73.11 0.40
N ALA A 325 43.68 73.89 0.01
CA ALA A 325 42.93 74.68 0.97
C ALA A 325 42.22 73.80 1.99
N THR A 326 41.82 72.59 1.58
CA THR A 326 41.15 71.67 2.49
C THR A 326 42.08 70.59 3.04
N GLY A 327 43.22 70.36 2.40
CA GLY A 327 44.21 69.43 2.90
C GLY A 327 44.01 67.96 2.61
N ARG A 328 43.54 67.61 1.42
CA ARG A 328 43.43 66.20 1.04
C ARG A 328 43.99 66.08 -0.38
N PRO A 329 45.09 65.37 -0.57
CA PRO A 329 45.75 65.30 -1.88
C PRO A 329 45.00 64.56 -2.98
N GLY A 330 44.50 63.37 -2.69
CA GLY A 330 43.87 62.57 -3.72
C GLY A 330 42.54 63.14 -4.20
N ARG A 331 42.22 62.83 -5.44
CA ARG A 331 40.97 63.26 -6.05
C ARG A 331 40.27 62.11 -6.75
N PHE A 332 39.17 62.41 -7.43
CA PHE A 332 38.37 61.41 -8.12
C PHE A 332 37.47 62.07 -9.13
N LEU A 333 37.49 61.59 -10.37
CA LEU A 333 36.65 62.14 -11.42
C LEU A 333 35.73 61.04 -11.93
N ALA A 334 34.45 61.37 -12.02
CA ALA A 334 33.44 60.43 -12.50
C ALA A 334 33.04 60.87 -13.91
N LEU A 335 33.26 59.98 -14.87
CA LEU A 335 32.95 60.24 -16.26
C LEU A 335 31.95 59.23 -16.81
N PRO A 336 30.94 59.69 -17.54
CA PRO A 336 29.94 58.76 -18.09
C PRO A 336 30.35 58.08 -19.38
N THR A 337 31.58 57.59 -19.46
CA THR A 337 32.08 56.88 -20.64
C THR A 337 33.08 55.82 -20.19
N MET A 338 33.78 55.25 -21.12
CA MET A 338 34.81 54.26 -20.80
C MET A 338 36.16 54.64 -21.38
N ALA A 339 36.21 55.21 -22.58
CA ALA A 339 37.49 55.55 -23.18
C ALA A 339 38.13 56.78 -22.54
N THR A 340 37.32 57.65 -21.92
CA THR A 340 37.90 58.85 -21.32
C THR A 340 38.79 58.49 -20.14
N ALA A 341 38.44 57.42 -19.42
CA ALA A 341 39.25 56.97 -18.30
C ALA A 341 40.60 56.49 -18.79
N ASP A 342 40.59 55.60 -19.80
CA ASP A 342 41.82 55.06 -20.34
C ASP A 342 42.64 56.09 -21.11
N GLN A 343 42.07 57.24 -21.47
CA GLN A 343 42.87 58.22 -22.20
C GLN A 343 43.43 59.29 -21.26
N MET A 344 42.59 59.94 -20.48
CA MET A 344 43.13 60.95 -19.57
C MET A 344 43.83 60.33 -18.37
N HIS A 345 43.66 59.01 -18.15
CA HIS A 345 44.37 58.33 -17.07
C HIS A 345 45.86 58.58 -17.19
N THR A 346 46.38 58.56 -18.42
CA THR A 346 47.78 58.82 -18.70
C THR A 346 47.98 60.24 -19.18
N ARG A 347 47.10 60.72 -20.07
CA ARG A 347 47.20 62.09 -20.57
C ARG A 347 47.36 63.11 -19.45
N LEU A 348 46.60 62.95 -18.36
CA LEU A 348 46.63 63.88 -17.23
C LEU A 348 47.47 63.41 -16.06
N LYS A 349 48.13 62.26 -16.13
CA LYS A 349 48.89 61.80 -14.98
C LYS A 349 50.35 62.27 -14.94
N GLU A 350 51.03 62.38 -16.08
CA GLU A 350 52.45 62.70 -16.02
C GLU A 350 52.76 64.15 -15.66
N TYR A 351 51.76 65.00 -15.41
CA TYR A 351 52.07 66.37 -15.02
C TYR A 351 51.91 66.59 -13.53
N ALA A 352 51.16 65.74 -12.83
CA ALA A 352 50.96 65.88 -11.40
C ALA A 352 52.12 65.29 -10.62
N MET A 408 42.03 46.28 -5.89
CA MET A 408 41.91 45.64 -7.19
C MET A 408 40.55 44.96 -7.38
N GLY A 409 39.90 44.62 -6.26
CA GLY A 409 38.61 43.97 -6.29
C GLY A 409 37.46 44.95 -6.35
N ARG A 410 36.25 44.42 -6.13
CA ARG A 410 35.07 45.27 -6.16
C ARG A 410 34.97 46.12 -4.91
N LYS A 411 34.54 47.36 -5.09
CA LYS A 411 34.28 48.35 -4.07
C LYS A 411 35.55 48.87 -3.39
N ARG A 412 36.73 48.37 -3.73
CA ARG A 412 37.95 48.90 -3.13
C ARG A 412 38.70 49.81 -4.09
N GLY A 413 38.17 50.01 -5.29
CA GLY A 413 38.81 50.91 -6.23
C GLY A 413 38.88 52.32 -5.68
N LEU A 414 37.79 52.78 -5.09
CA LEU A 414 37.76 54.12 -4.52
C LEU A 414 38.72 54.24 -3.35
N LEU A 415 39.20 53.11 -2.82
CA LEU A 415 40.10 53.11 -1.68
C LEU A 415 41.49 53.62 -2.02
N ALA A 416 41.82 53.76 -3.28
CA ALA A 416 43.11 54.28 -3.66
C ALA A 416 43.15 55.79 -3.46
N PRO A 417 44.30 56.36 -3.12
CA PRO A 417 44.37 57.82 -2.94
C PRO A 417 44.06 58.57 -4.24
N TRP A 418 44.65 58.13 -5.35
CA TRP A 418 44.38 58.70 -6.66
C TRP A 418 43.62 57.67 -7.47
N ALA A 419 42.33 57.92 -7.69
CA ALA A 419 41.51 57.02 -8.47
C ALA A 419 40.51 57.83 -9.25
N VAL A 420 40.21 57.39 -10.46
CA VAL A 420 39.26 58.03 -11.35
C VAL A 420 38.56 56.93 -12.14
N GLY A 421 37.25 56.97 -12.17
CA GLY A 421 36.46 55.97 -12.88
C GLY A 421 35.19 56.57 -13.42
N THR A 422 34.17 55.73 -13.53
CA THR A 422 32.90 56.18 -14.07
C THR A 422 32.04 56.80 -12.96
N ILE A 423 30.84 57.23 -13.34
CA ILE A 423 29.92 57.84 -12.39
C ILE A 423 29.08 56.81 -11.65
N ASP A 424 28.92 55.60 -12.19
CA ASP A 424 28.04 54.62 -11.56
C ASP A 424 28.59 54.12 -10.23
N GLN A 425 29.89 53.79 -10.18
CA GLN A 425 30.43 53.29 -8.91
C GLN A 425 30.46 54.37 -7.85
N ALA A 426 30.54 55.65 -8.25
CA ALA A 426 30.55 56.71 -7.25
C ALA A 426 29.16 57.04 -6.78
N LEU A 427 28.21 57.12 -7.71
CA LEU A 427 26.83 57.43 -7.35
C LEU A 427 26.24 56.32 -6.48
N MET A 428 26.62 55.07 -6.78
CA MET A 428 26.15 53.92 -6.03
C MET A 428 26.47 54.03 -4.54
N ALA A 429 27.39 54.92 -4.16
CA ALA A 429 27.75 55.06 -2.76
C ALA A 429 26.55 55.47 -1.92
N VAL A 430 25.67 56.30 -2.46
CA VAL A 430 24.47 56.70 -1.74
C VAL A 430 23.27 55.86 -2.11
N LEU A 431 23.46 54.89 -2.99
CA LEU A 431 22.41 53.95 -3.32
C LEU A 431 22.21 53.02 -2.13
N ARG A 432 20.95 52.64 -1.87
CA ARG A 432 20.65 51.80 -0.72
C ARG A 432 21.08 50.37 -1.01
N ALA A 433 22.37 50.11 -0.81
CA ALA A 433 22.92 48.78 -1.02
C ALA A 433 23.87 48.44 0.12
N LYS A 434 24.14 47.14 0.26
CA LYS A 434 25.04 46.68 1.30
C LYS A 434 26.47 47.14 1.05
N HIS A 435 27.17 47.42 2.15
CA HIS A 435 28.56 47.87 2.15
C HIS A 435 28.72 49.26 1.56
N ASN A 436 27.69 50.09 1.65
CA ASN A 436 27.77 51.44 1.13
C ASN A 436 28.76 52.29 1.92
N ALA A 437 28.90 52.04 3.22
CA ALA A 437 29.81 52.82 4.05
C ALA A 437 31.24 52.72 3.56
N LEU A 438 31.60 51.61 2.91
CA LEU A 438 32.97 51.47 2.41
C LEU A 438 33.24 52.48 1.30
N ARG A 439 32.42 52.44 0.25
CA ARG A 439 32.64 53.36 -0.85
C ARG A 439 32.42 54.80 -0.41
N LEU A 440 31.41 55.03 0.42
CA LEU A 440 31.20 56.36 0.97
C LEU A 440 32.45 56.84 1.69
N PHE A 441 33.11 55.92 2.40
CA PHE A 441 34.37 56.27 3.04
C PHE A 441 35.42 56.59 2.00
N GLY A 442 35.39 55.89 0.86
CA GLY A 442 36.35 56.18 -0.19
C GLY A 442 36.19 57.58 -0.72
N LEU A 443 34.94 58.03 -0.87
CA LEU A 443 34.68 59.38 -1.34
C LEU A 443 34.88 60.42 -0.26
N ALA A 444 34.92 60.01 1.01
CA ALA A 444 35.10 60.98 2.08
C ALA A 444 36.49 61.59 2.07
N GLY A 445 37.49 60.86 1.60
CA GLY A 445 38.84 61.38 1.59
C GLY A 445 39.28 62.15 0.38
N LYS A 446 38.46 62.26 -0.67
CA LYS A 446 38.86 62.92 -1.89
C LYS A 446 37.92 64.07 -2.23
N VAL A 447 38.48 65.19 -2.68
CA VAL A 447 37.63 66.25 -3.21
C VAL A 447 37.25 65.79 -4.62
N VAL A 448 36.02 65.39 -4.78
CA VAL A 448 35.58 64.79 -6.04
C VAL A 448 35.21 65.86 -7.06
N VAL A 449 35.44 65.49 -8.31
CA VAL A 449 35.12 66.29 -9.48
C VAL A 449 34.27 65.39 -10.36
N VAL A 450 33.30 65.98 -11.06
CA VAL A 450 32.41 65.19 -11.91
C VAL A 450 32.18 65.94 -13.22
N ASP A 451 31.80 65.19 -14.24
CA ASP A 451 31.65 65.73 -15.58
C ASP A 451 30.27 65.47 -16.17
N GLU A 452 29.93 66.29 -17.17
CA GLU A 452 28.71 66.18 -17.96
C GLU A 452 27.45 66.03 -17.11
N ALA A 453 27.14 67.07 -16.36
CA ALA A 453 25.91 67.09 -15.57
C ALA A 453 24.69 67.49 -16.40
N HIS A 454 24.86 67.63 -17.72
CA HIS A 454 23.79 67.97 -18.65
C HIS A 454 23.13 66.74 -19.22
N ALA A 455 23.87 65.64 -19.29
CA ALA A 455 23.39 64.35 -19.81
C ALA A 455 22.94 63.47 -18.66
N VAL A 456 22.37 64.08 -17.64
CA VAL A 456 21.94 63.41 -16.42
C VAL A 456 20.44 63.66 -16.26
N ASP A 457 19.65 62.59 -16.41
CA ASP A 457 18.21 62.64 -16.28
C ASP A 457 17.81 62.98 -14.85
N PRO A 458 16.56 63.40 -14.63
CA PRO A 458 16.14 63.75 -13.26
C PRO A 458 16.44 62.67 -12.23
N TYR A 459 16.36 61.40 -12.63
CA TYR A 459 16.67 60.32 -11.70
C TYR A 459 18.10 60.41 -11.21
N MET A 460 19.05 60.32 -12.15
CA MET A 460 20.46 60.42 -11.78
C MET A 460 20.75 61.76 -11.12
N GLN A 461 20.08 62.83 -11.58
CA GLN A 461 20.30 64.16 -11.01
C GLN A 461 19.94 64.21 -9.53
N VAL A 462 18.84 63.58 -9.14
CA VAL A 462 18.50 63.64 -7.72
C VAL A 462 19.37 62.67 -6.94
N LEU A 463 19.76 61.55 -7.57
CA LEU A 463 20.64 60.61 -6.88
C LEU A 463 21.96 61.28 -6.50
N LEU A 464 22.70 61.78 -7.50
CA LEU A 464 23.94 62.48 -7.21
C LEU A 464 23.67 63.73 -6.41
N GLU A 465 22.47 64.29 -6.54
CA GLU A 465 22.09 65.47 -5.77
C GLU A 465 22.20 65.18 -4.29
N GLN A 466 21.47 64.17 -3.82
CA GLN A 466 21.56 63.81 -2.40
C GLN A 466 22.98 63.39 -2.06
N LEU A 467 23.67 62.71 -2.97
CA LEU A 467 25.05 62.33 -2.71
C LEU A 467 25.90 63.55 -2.34
N LEU A 468 25.85 64.59 -3.17
CA LEU A 468 26.62 65.78 -2.86
C LEU A 468 26.07 66.49 -1.63
N ARG A 469 24.80 66.25 -1.29
CA ARG A 469 24.27 66.81 -0.06
C ARG A 469 24.97 66.17 1.13
N TRP A 470 25.08 64.84 1.10
CA TRP A 470 25.78 64.12 2.15
C TRP A 470 27.22 64.62 2.24
N LEU A 471 27.98 64.47 1.14
CA LEU A 471 29.34 65.01 1.09
C LEU A 471 29.35 66.41 1.70
N GLY A 472 28.27 67.14 1.47
CA GLY A 472 28.05 68.44 2.06
C GLY A 472 28.20 68.33 3.56
N THR A 473 27.38 67.50 4.20
CA THR A 473 27.50 67.40 5.64
C THR A 473 28.79 66.70 6.07
N LEU A 474 29.60 66.21 5.14
CA LEU A 474 30.87 65.59 5.48
C LEU A 474 32.02 66.54 5.25
N ASP A 475 31.72 67.83 5.07
CA ASP A 475 32.69 68.90 4.91
C ASP A 475 33.79 68.58 3.92
N VAL A 476 33.40 68.14 2.72
CA VAL A 476 34.35 67.86 1.65
C VAL A 476 34.01 68.71 0.43
N PRO A 477 34.92 69.56 -0.03
CA PRO A 477 34.61 70.41 -1.19
C PRO A 477 34.64 69.60 -2.48
N VAL A 478 33.89 70.07 -3.48
CA VAL A 478 33.78 69.36 -4.75
C VAL A 478 33.74 70.35 -5.92
N VAL A 479 33.99 69.81 -7.12
CA VAL A 479 33.96 70.61 -8.35
C VAL A 479 33.26 69.83 -9.47
N LEU A 480 32.56 70.57 -10.32
CA LEU A 480 31.79 70.02 -11.43
C LEU A 480 32.06 70.74 -12.75
N LEU A 481 32.27 69.95 -13.80
CA LEU A 481 32.47 70.45 -15.15
C LEU A 481 31.21 70.15 -15.94
N SER A 482 30.71 71.13 -16.68
CA SER A 482 29.51 70.85 -17.47
C SER A 482 29.33 71.90 -18.55
N ALA A 483 28.45 71.58 -19.50
CA ALA A 483 28.06 72.52 -20.54
C ALA A 483 26.95 73.38 -19.94
N THR A 484 26.31 74.22 -20.76
CA THR A 484 25.25 75.09 -20.27
C THR A 484 24.17 74.28 -19.57
N LEU A 485 23.65 74.84 -18.48
CA LEU A 485 22.68 74.15 -17.66
C LEU A 485 21.57 75.12 -17.26
N HIS A 486 20.33 74.62 -17.26
CA HIS A 486 19.20 75.43 -16.86
C HIS A 486 19.35 75.83 -15.39
N HIS A 487 18.57 76.84 -15.00
CA HIS A 487 18.65 77.36 -13.64
C HIS A 487 18.20 76.32 -12.63
N SER A 488 17.31 75.42 -13.03
CA SER A 488 16.84 74.39 -12.12
C SER A 488 17.97 73.46 -11.70
N ILE A 489 18.80 73.04 -12.67
CA ILE A 489 19.90 72.13 -12.36
C ILE A 489 20.87 72.76 -11.36
N ALA A 490 21.50 73.86 -11.74
CA ALA A 490 22.43 74.54 -10.85
C ALA A 490 21.79 74.87 -9.51
N ASN A 491 20.61 75.48 -9.57
CA ASN A 491 19.87 75.83 -8.36
C ASN A 491 19.72 74.66 -7.42
N SER A 492 19.21 73.54 -7.92
CA SER A 492 18.99 72.37 -7.09
C SER A 492 20.29 71.75 -6.59
N LEU A 493 21.38 71.80 -7.37
CA LEU A 493 22.60 71.16 -6.90
C LEU A 493 23.30 72.00 -5.83
N VAL A 494 23.56 73.27 -6.12
CA VAL A 494 24.20 74.11 -5.12
C VAL A 494 23.29 74.23 -3.91
N LYS A 495 21.97 74.14 -4.13
CA LYS A 495 21.04 74.18 -3.02
C LYS A 495 21.22 72.95 -2.15
N ALA A 496 21.35 71.77 -2.76
CA ALA A 496 21.57 70.55 -1.99
C ALA A 496 22.84 70.64 -1.17
N TYR A 497 23.96 70.99 -1.81
CA TYR A 497 25.21 71.09 -1.07
C TYR A 497 25.13 72.12 0.04
N LEU A 498 24.43 73.23 -0.20
CA LEU A 498 24.30 74.21 0.85
C LEU A 498 23.51 73.62 2.01
N GLU A 499 22.51 72.81 1.67
CA GLU A 499 21.72 72.13 2.70
C GLU A 499 22.61 71.23 3.52
N GLY A 500 23.58 70.57 2.87
CA GLY A 500 24.51 69.74 3.61
C GLY A 500 25.41 70.57 4.50
N ALA A 501 25.74 71.79 4.06
CA ALA A 501 26.56 72.67 4.88
C ALA A 501 25.82 73.09 6.14
N ARG A 502 24.56 73.47 6.01
CA ARG A 502 23.75 73.89 7.14
C ARG A 502 23.10 72.71 7.87
N GLY A 503 23.12 71.52 7.29
CA GLY A 503 22.52 70.36 7.92
C GLY A 503 21.01 70.37 8.04
N ARG A 504 20.32 71.06 7.13
CA ARG A 504 18.87 71.13 7.07
C ARG A 504 18.52 71.85 5.78
N ARG A 505 17.38 71.53 5.20
CA ARG A 505 17.04 72.18 3.94
C ARG A 505 16.12 73.37 4.16
N TRP A 506 16.07 74.22 3.14
CA TRP A 506 15.38 75.49 3.21
C TRP A 506 13.90 75.38 3.56
N ASN A 507 13.35 76.53 3.95
CA ASN A 507 11.99 76.77 4.36
C ASN A 507 11.21 77.52 3.28
N ARG A 508 9.95 77.81 3.62
CA ARG A 508 9.01 78.54 2.77
C ARG A 508 9.59 79.74 2.04
N SER A 509 10.26 80.64 2.77
CA SER A 509 10.71 81.92 2.23
C SER A 509 12.16 81.99 1.78
N GLU A 510 12.98 80.98 2.03
CA GLU A 510 14.38 81.06 1.62
C GLU A 510 14.50 81.27 0.11
N PRO A 511 15.17 82.34 -0.33
CA PRO A 511 15.30 82.59 -1.77
C PRO A 511 16.35 81.69 -2.42
N GLN A 512 16.04 81.27 -3.64
CA GLN A 512 16.93 80.37 -4.37
C GLN A 512 18.31 80.99 -4.52
N PRO A 513 19.38 80.20 -4.47
CA PRO A 513 20.74 80.77 -4.55
C PRO A 513 21.21 81.02 -5.97
N VAL A 514 20.71 80.26 -6.93
CA VAL A 514 21.11 80.39 -8.33
C VAL A 514 19.87 80.40 -9.20
N SER A 515 19.41 81.59 -9.58
CA SER A 515 18.29 81.74 -10.49
C SER A 515 18.75 82.37 -11.79
N GLU A 516 20.06 82.50 -11.97
CA GLU A 516 20.67 83.12 -13.15
C GLU A 516 22.09 82.59 -13.28
N VAL A 517 22.45 82.15 -14.47
CA VAL A 517 23.78 81.59 -14.72
C VAL A 517 24.23 81.94 -16.13
N SER A 518 25.49 82.35 -16.25
CA SER A 518 26.07 82.72 -17.54
C SER A 518 26.84 81.57 -18.17
N TYR A 519 27.26 81.78 -19.41
CA TYR A 519 28.01 80.83 -20.22
C TYR A 519 28.91 81.56 -21.22
N PRO A 520 30.23 81.45 -21.09
CA PRO A 520 30.92 80.73 -20.03
C PRO A 520 30.82 81.43 -18.69
N GLY A 521 30.59 80.66 -17.63
CA GLY A 521 30.47 81.24 -16.31
C GLY A 521 30.69 80.26 -15.20
N TRP A 522 31.51 80.67 -14.24
CA TRP A 522 31.83 79.86 -13.08
C TRP A 522 30.90 80.20 -11.93
N LEU A 523 30.93 79.34 -10.91
CA LEU A 523 30.09 79.55 -9.74
C LEU A 523 30.78 78.92 -8.54
N HIS A 524 30.97 79.70 -7.49
CA HIS A 524 31.62 79.20 -6.29
C HIS A 524 30.75 79.45 -5.08
N VAL A 525 30.48 78.40 -4.32
CA VAL A 525 29.71 78.52 -3.09
C VAL A 525 30.52 77.91 -1.96
N ASP A 526 30.51 78.57 -0.81
CA ASP A 526 31.24 78.11 0.36
C ASP A 526 30.26 77.56 1.40
N ALA A 527 30.78 76.72 2.29
CA ALA A 527 29.93 76.04 3.27
C ALA A 527 29.61 76.90 4.48
N ARG A 528 30.64 77.31 5.22
CA ARG A 528 30.43 78.04 6.46
C ARG A 528 29.89 79.45 6.27
N ILE A 529 30.03 80.03 5.07
CA ILE A 529 29.50 81.34 4.80
C ILE A 529 28.20 81.26 4.00
N GLY A 530 28.20 80.44 2.95
CA GLY A 530 27.02 80.23 2.14
C GLY A 530 26.82 81.20 1.00
N LYS A 531 27.62 82.26 0.91
CA LYS A 531 27.43 83.20 -0.18
C LYS A 531 27.86 82.60 -1.51
N VAL A 532 27.00 82.76 -2.51
CA VAL A 532 27.23 82.23 -3.85
C VAL A 532 27.78 83.35 -4.72
N THR A 533 28.87 83.07 -5.43
CA THR A 533 29.50 84.09 -6.26
C THR A 533 29.65 83.58 -7.69
N ARG A 534 29.57 84.53 -8.63
CA ARG A 534 29.68 84.20 -10.05
C ARG A 534 30.64 85.15 -10.75
N SER A 535 30.73 85.05 -12.07
CA SER A 535 31.61 85.91 -12.84
C SER A 535 31.18 87.37 -12.79
N SER A 536 29.87 87.61 -12.85
CA SER A 536 29.34 88.97 -12.95
C SER A 536 29.56 89.82 -11.70
N ASP A 537 29.68 89.20 -10.52
CA ASP A 537 29.77 89.99 -9.29
C ASP A 537 30.96 90.95 -9.28
N VAL A 538 32.17 90.42 -9.36
CA VAL A 538 33.36 91.26 -9.31
C VAL A 538 33.80 91.75 -10.69
N ASP A 539 33.61 90.94 -11.73
CA ASP A 539 34.06 91.34 -13.05
C ASP A 539 32.87 91.64 -13.94
N PRO A 540 32.61 92.90 -14.26
CA PRO A 540 31.49 93.22 -15.16
C PRO A 540 31.89 92.89 -16.59
N LEU A 541 33.18 93.08 -16.87
CA LEU A 541 33.70 92.83 -18.20
C LEU A 541 33.52 91.35 -18.53
N PRO A 542 33.05 91.02 -19.73
CA PRO A 542 32.86 89.61 -20.06
C PRO A 542 34.19 88.90 -20.19
N ILE A 543 34.13 87.58 -20.08
CA ILE A 543 35.33 86.75 -20.18
C ILE A 543 35.47 86.29 -21.62
N ALA A 544 36.68 86.39 -22.16
CA ALA A 544 36.92 86.01 -23.54
C ALA A 544 37.13 84.51 -23.67
N THR A 545 36.77 84.00 -24.85
CA THR A 545 36.89 82.59 -25.17
C THR A 545 37.27 82.51 -26.64
N THR A 546 37.17 81.32 -27.24
CA THR A 546 37.51 81.15 -28.65
C THR A 546 36.51 81.90 -29.52
N PRO A 547 36.97 82.78 -30.41
CA PRO A 547 36.05 83.52 -31.27
C PRO A 547 35.51 82.65 -32.39
N ARG A 548 34.33 83.02 -32.87
CA ARG A 548 33.69 82.28 -33.95
C ARG A 548 32.61 83.16 -34.56
N LYS A 549 32.12 82.74 -35.73
CA LYS A 549 31.07 83.34 -36.53
C LYS A 549 29.72 82.85 -36.05
N PRO A 550 28.72 83.74 -35.92
CA PRO A 550 27.41 83.29 -35.42
C PRO A 550 26.81 82.21 -36.31
N LEU A 551 26.35 81.14 -35.67
CA LEU A 551 25.76 80.00 -36.35
C LEU A 551 24.34 80.33 -36.84
N GLU A 552 23.95 79.73 -37.95
CA GLU A 552 22.61 79.86 -38.50
C GLU A 552 21.97 78.49 -38.65
N VAL A 553 20.69 78.40 -38.29
CA VAL A 553 19.93 77.16 -38.39
C VAL A 553 18.78 77.38 -39.37
N ARG A 554 18.54 76.38 -40.22
CA ARG A 554 17.48 76.46 -41.23
C ARG A 554 16.72 75.15 -41.29
N LEU A 555 15.44 75.19 -40.89
CA LEU A 555 14.60 74.00 -40.94
C LEU A 555 14.20 73.71 -42.39
N VAL A 556 14.44 72.48 -42.83
CA VAL A 556 14.10 72.07 -44.19
C VAL A 556 12.95 71.08 -44.13
N ASP A 557 12.15 71.10 -45.19
CA ASP A 557 10.98 70.24 -45.27
C ASP A 557 11.41 68.89 -45.82
N VAL A 558 11.19 67.84 -45.03
CA VAL A 558 11.58 66.47 -45.38
C VAL A 558 10.30 65.66 -45.52
N PRO A 559 10.07 64.99 -46.64
CA PRO A 559 8.86 64.19 -46.78
C PRO A 559 8.88 62.97 -45.87
N VAL A 560 7.69 62.54 -45.48
CA VAL A 560 7.48 61.42 -44.56
C VAL A 560 6.95 60.23 -45.32
N LYS A 561 7.61 59.08 -45.18
CA LYS A 561 7.19 57.84 -45.83
C LYS A 561 7.07 56.73 -44.80
N GLU A 562 5.86 56.17 -44.68
CA GLU A 562 5.57 55.07 -43.75
C GLU A 562 5.97 55.44 -42.34
N GLY A 563 5.73 56.69 -41.95
CA GLY A 563 6.12 57.18 -40.65
C GLY A 563 7.57 57.62 -40.57
N ALA A 564 8.43 57.09 -41.43
CA ALA A 564 9.83 57.44 -41.49
C ALA A 564 10.02 58.69 -42.36
N LEU A 565 11.27 59.09 -42.53
CA LEU A 565 11.62 60.26 -43.31
C LEU A 565 12.33 59.85 -44.59
N ASN A 566 12.16 60.66 -45.63
CA ASN A 566 12.76 60.42 -46.94
C ASN A 566 14.04 61.25 -47.08
N ARG A 567 15.16 60.64 -46.67
CA ARG A 567 16.44 61.33 -46.70
C ARG A 567 16.87 61.66 -48.14
N SER A 568 16.42 60.85 -49.10
CA SER A 568 16.73 61.04 -50.51
C SER A 568 16.65 62.50 -50.94
N THR A 569 15.49 63.11 -50.69
CA THR A 569 15.29 64.53 -50.99
C THR A 569 16.44 65.40 -50.52
N VAL A 570 16.74 65.37 -49.22
CA VAL A 570 17.81 66.20 -48.67
C VAL A 570 19.14 65.83 -49.30
N LEU A 571 19.41 64.53 -49.43
CA LEU A 571 20.61 64.04 -50.11
C LEU A 571 20.82 64.73 -51.45
N ALA A 572 19.82 64.69 -52.32
CA ALA A 572 19.94 65.30 -53.64
C ALA A 572 19.69 66.80 -53.64
N LYS A 573 19.39 67.41 -52.50
CA LYS A 573 19.19 68.86 -52.48
C LYS A 573 20.39 69.61 -51.94
N GLU A 574 20.92 69.21 -50.79
CA GLU A 574 22.04 69.95 -50.21
C GLU A 574 23.40 69.28 -50.41
N LEU A 575 23.45 67.97 -50.63
CA LEU A 575 24.71 67.28 -50.79
C LEU A 575 25.21 67.27 -52.24
N THR A 576 24.72 68.17 -53.08
CA THR A 576 25.16 68.25 -54.47
C THR A 576 26.54 68.90 -54.66
N PRO A 577 26.88 70.00 -53.97
CA PRO A 577 28.20 70.60 -54.18
C PRO A 577 29.33 69.92 -53.43
N LEU A 578 29.08 68.77 -52.83
CA LEU A 578 30.12 68.07 -52.10
C LEU A 578 30.97 67.22 -53.01
N VAL A 579 30.37 66.64 -54.06
CA VAL A 579 31.13 65.77 -54.97
C VAL A 579 32.21 66.57 -55.68
N LYS A 580 31.98 67.86 -55.89
CA LYS A 580 33.00 68.70 -56.51
C LYS A 580 34.01 69.17 -55.48
N GLN A 581 33.69 69.06 -54.20
CA GLN A 581 34.57 69.48 -53.12
C GLN A 581 35.22 68.28 -52.44
N ALA A 585 31.86 66.76 -43.69
CA ALA A 585 30.43 66.47 -43.64
C ALA A 585 30.09 65.60 -42.44
N ALA A 586 29.04 65.96 -41.72
CA ALA A 586 28.59 65.22 -40.54
C ALA A 586 27.10 64.93 -40.65
N ILE A 587 26.72 63.67 -40.46
CA ILE A 587 25.33 63.24 -40.52
C ILE A 587 25.01 62.59 -39.18
N ILE A 588 24.22 63.28 -38.36
CA ILE A 588 23.84 62.80 -37.04
C ILE A 588 22.41 62.30 -37.12
N CYS A 589 22.19 61.07 -36.69
CA CYS A 589 20.89 60.44 -36.73
C CYS A 589 20.26 60.39 -35.35
N THR A 590 18.99 60.01 -35.31
CA THR A 590 18.26 59.88 -34.06
C THR A 590 18.60 58.57 -33.37
N THR A 591 18.59 57.47 -34.10
CA THR A 591 18.89 56.16 -33.54
C THR A 591 19.52 55.29 -34.63
N VAL A 592 19.64 53.99 -34.33
CA VAL A 592 20.29 53.06 -35.26
C VAL A 592 19.51 52.98 -36.58
N ALA A 593 18.19 53.17 -36.52
CA ALA A 593 17.32 53.10 -37.69
C ALA A 593 17.92 53.86 -38.87
N GLU A 594 18.23 55.14 -38.67
CA GLU A 594 18.84 55.94 -39.71
C GLU A 594 20.34 56.10 -39.52
N ALA A 595 20.94 55.28 -38.65
CA ALA A 595 22.39 55.25 -38.52
C ALA A 595 22.87 54.24 -39.55
N GLN A 596 22.42 52.99 -39.41
CA GLN A 596 22.70 51.99 -40.41
C GLN A 596 21.76 52.20 -41.59
N GLY A 597 20.65 52.90 -41.33
CA GLY A 597 19.67 53.24 -42.34
C GLY A 597 20.26 54.28 -43.26
N VAL A 598 20.68 55.43 -42.72
CA VAL A 598 21.27 56.44 -43.60
C VAL A 598 22.63 55.98 -44.14
N TYR A 599 23.37 55.16 -43.39
CA TYR A 599 24.66 54.70 -43.91
C TYR A 599 24.48 53.72 -45.06
N ASP A 600 23.40 52.95 -45.05
CA ASP A 600 23.16 52.06 -46.18
C ASP A 600 22.51 52.83 -47.31
N LEU A 601 21.53 53.67 -46.95
CA LEU A 601 20.87 54.56 -47.89
C LEU A 601 21.89 55.41 -48.64
N LEU A 602 23.08 55.58 -48.07
CA LEU A 602 24.17 56.31 -48.69
C LEU A 602 25.29 55.40 -49.18
N SER A 603 25.18 54.10 -48.95
CA SER A 603 26.24 53.23 -49.43
C SER A 603 26.08 53.03 -50.94
N GLN A 604 24.84 52.86 -51.39
CA GLN A 604 24.56 52.80 -52.81
C GLN A 604 25.14 54.02 -53.52
N TRP A 605 24.69 55.21 -53.08
CA TRP A 605 25.26 56.47 -53.56
C TRP A 605 26.79 56.41 -53.58
N PHE A 606 27.39 56.01 -52.45
CA PHE A 606 28.84 55.92 -52.37
C PHE A 606 29.43 54.98 -53.41
N ALA A 607 28.64 54.01 -53.90
CA ALA A 607 29.14 53.10 -54.93
C ALA A 607 29.26 53.78 -56.29
N THR A 608 28.60 54.92 -56.49
CA THR A 608 28.69 55.61 -57.78
C THR A 608 30.08 56.21 -57.99
N LEU A 609 30.47 57.14 -57.11
CA LEU A 609 31.78 57.82 -57.12
C LEU A 609 32.67 57.66 -58.36
N PRO A 614 33.97 62.53 -52.77
CA PRO A 614 33.95 62.42 -51.30
C PRO A 614 34.08 60.98 -50.79
N ASP A 615 34.12 60.82 -49.47
CA ASP A 615 34.27 59.53 -48.81
C ASP A 615 33.17 59.32 -47.78
N LEU A 616 32.65 58.10 -47.71
CA LEU A 616 31.58 57.72 -46.78
C LEU A 616 32.09 56.73 -45.75
N TYR A 617 32.39 57.23 -44.54
CA TYR A 617 32.83 56.37 -43.44
C TYR A 617 31.81 56.44 -42.32
N LEU A 618 31.67 55.31 -41.61
CA LEU A 618 30.72 55.18 -40.52
C LEU A 618 31.41 55.11 -39.17
N LEU A 619 30.83 55.83 -38.20
CA LEU A 619 31.30 55.89 -36.82
C LEU A 619 30.06 56.14 -35.99
N HIS A 620 29.59 55.17 -35.22
CA HIS A 620 28.36 55.43 -34.48
C HIS A 620 28.30 54.65 -33.17
N SER A 621 27.17 54.86 -32.49
CA SER A 621 26.84 54.29 -31.18
C SER A 621 27.27 52.84 -30.95
N ARG A 622 27.01 51.96 -31.92
CA ARG A 622 27.23 50.53 -31.69
C ARG A 622 28.20 49.98 -32.73
N PHE A 623 29.48 50.05 -32.39
CA PHE A 623 30.61 49.53 -33.11
C PHE A 623 31.54 48.88 -32.10
N PRO A 624 32.35 47.91 -32.53
CA PRO A 624 33.33 47.33 -31.60
C PRO A 624 34.30 48.42 -31.18
N ASN A 625 34.51 48.53 -29.87
CA ASN A 625 35.40 49.53 -29.29
C ASN A 625 36.67 49.67 -30.12
N ARG A 626 37.26 48.54 -30.52
CA ARG A 626 38.48 48.61 -31.31
C ARG A 626 38.19 49.14 -32.71
N GLN A 627 37.13 48.64 -33.36
CA GLN A 627 36.76 49.09 -34.70
C GLN A 627 36.48 50.59 -34.71
N ARG A 628 35.69 51.07 -33.77
CA ARG A 628 35.44 52.50 -33.75
C ARG A 628 36.59 53.27 -33.13
N THR A 629 37.56 52.56 -32.54
CA THR A 629 38.75 53.23 -32.04
C THR A 629 39.69 53.49 -33.20
N GLU A 630 39.61 52.64 -34.23
CA GLU A 630 40.38 52.86 -35.45
C GLU A 630 39.70 53.92 -36.30
N ILE A 631 38.36 53.87 -36.34
CA ILE A 631 37.61 54.87 -37.09
C ILE A 631 37.80 56.22 -36.41
N THR A 632 37.68 56.24 -35.08
CA THR A 632 37.86 57.49 -34.35
C THR A 632 39.29 57.98 -34.49
N ALA A 633 40.27 57.07 -34.58
CA ALA A 633 41.64 57.52 -34.80
C ALA A 633 41.74 58.22 -36.15
N THR A 634 41.22 57.56 -37.19
CA THR A 634 41.21 58.09 -38.55
C THR A 634 40.26 59.26 -38.73
N ILE A 635 39.61 59.72 -37.66
CA ILE A 635 38.71 60.86 -37.71
C ILE A 635 39.24 62.00 -36.83
N VAL A 636 39.67 61.67 -35.63
CA VAL A 636 40.28 62.69 -34.77
C VAL A 636 41.52 63.22 -35.44
N ASP A 637 42.15 62.40 -36.29
CA ASP A 637 43.31 62.84 -37.05
C ASP A 637 42.91 63.53 -38.35
N LEU A 638 41.65 63.38 -38.77
CA LEU A 638 41.17 63.97 -40.03
C LEU A 638 40.49 65.33 -39.83
N PHE A 639 39.43 65.36 -39.01
CA PHE A 639 38.64 66.56 -38.75
C PHE A 639 38.97 67.19 -37.42
N GLY A 640 40.13 66.87 -36.85
CA GLY A 640 40.49 67.37 -35.54
C GLY A 640 41.84 68.06 -35.51
N LYS A 641 42.39 68.18 -34.31
CA LYS A 641 43.67 68.85 -34.09
C LYS A 641 44.70 68.58 -35.18
N GLU A 642 45.01 67.32 -35.41
CA GLU A 642 45.95 66.93 -36.46
C GLU A 642 45.35 66.98 -37.85
N GLY A 643 44.11 67.44 -38.00
CA GLY A 643 43.51 67.53 -39.32
C GLY A 643 44.02 68.83 -39.89
N ALA A 644 43.83 69.91 -39.15
CA ALA A 644 44.34 71.20 -39.60
C ALA A 644 45.85 71.22 -39.42
N GLN A 645 46.32 70.77 -38.26
CA GLN A 645 47.72 70.83 -37.90
C GLN A 645 48.60 69.91 -38.74
N SER A 646 48.06 68.83 -39.33
CA SER A 646 48.95 67.96 -40.10
C SER A 646 49.11 68.42 -41.54
N GLY A 647 48.06 68.96 -42.15
CA GLY A 647 48.14 69.50 -43.49
C GLY A 647 47.49 68.67 -44.59
N ARG A 648 47.06 67.44 -44.31
CA ARG A 648 46.41 66.63 -45.36
C ARG A 648 44.90 66.66 -45.22
N ARG A 649 44.36 67.83 -44.84
CA ARG A 649 42.92 68.05 -44.69
C ARG A 649 42.20 67.66 -45.98
N PRO A 650 40.96 67.16 -45.87
CA PRO A 650 40.25 66.68 -47.07
C PRO A 650 40.00 67.78 -48.08
N THR A 651 39.66 67.36 -49.29
CA THR A 651 39.40 68.25 -50.39
C THR A 651 37.90 68.29 -50.71
N VAL A 655 32.39 62.18 -45.91
CA VAL A 655 31.09 62.25 -45.26
C VAL A 655 31.11 61.43 -43.98
N LEU A 656 30.63 62.01 -42.88
CA LEU A 656 30.58 61.30 -41.60
C LEU A 656 29.14 61.12 -41.19
N VAL A 657 28.72 59.86 -41.06
CA VAL A 657 27.41 59.49 -40.57
C VAL A 657 27.61 58.97 -39.16
N ALA A 658 27.02 59.65 -38.18
CA ALA A 658 27.27 59.28 -36.79
C ALA A 658 26.01 59.38 -35.95
N THR A 659 26.17 58.94 -34.70
CA THR A 659 25.18 58.94 -33.63
C THR A 659 25.61 59.93 -32.57
N GLN A 660 24.93 59.91 -31.43
CA GLN A 660 25.22 60.88 -30.38
C GLN A 660 26.57 60.66 -29.72
N VAL A 661 27.44 59.86 -30.34
CA VAL A 661 28.77 59.68 -29.77
C VAL A 661 29.57 60.96 -29.92
N VAL A 662 29.17 61.80 -30.88
CA VAL A 662 29.78 63.12 -31.07
C VAL A 662 29.55 63.94 -29.81
N GLU A 663 28.50 63.60 -29.07
CA GLU A 663 28.16 64.28 -27.82
C GLU A 663 29.31 64.30 -26.81
N GLN A 664 30.23 63.34 -26.88
CA GLN A 664 31.26 63.24 -25.83
C GLN A 664 32.68 63.57 -26.31
N SER A 665 33.10 64.80 -26.00
CA SER A 665 34.45 65.33 -26.17
C SER A 665 35.19 64.98 -27.46
N LEU A 666 34.48 64.86 -28.58
CA LEU A 666 35.20 64.57 -29.80
C LEU A 666 35.79 65.85 -30.38
N ASP A 667 36.85 65.68 -31.17
CA ASP A 667 37.52 66.79 -31.84
C ASP A 667 36.99 66.82 -33.26
N LEU A 668 36.11 67.78 -33.56
CA LEU A 668 35.50 67.86 -34.87
C LEU A 668 35.33 69.31 -35.29
N ASP A 669 35.50 69.55 -36.59
CA ASP A 669 35.31 70.87 -37.20
C ASP A 669 34.92 70.64 -38.65
N VAL A 670 33.63 70.71 -38.93
CA VAL A 670 33.13 70.55 -40.29
C VAL A 670 32.40 71.81 -40.71
N ASP A 671 32.33 72.02 -42.02
CA ASP A 671 31.56 73.12 -42.56
C ASP A 671 30.14 72.67 -42.83
N LEU A 672 29.99 71.46 -43.34
CA LEU A 672 28.70 70.86 -43.62
C LEU A 672 28.41 69.85 -42.52
N MET A 673 27.29 70.03 -41.83
CA MET A 673 26.84 69.04 -40.86
C MET A 673 25.33 69.03 -40.89
N ILE A 674 24.75 67.83 -40.90
CA ILE A 674 23.32 67.66 -41.02
C ILE A 674 22.85 66.73 -39.90
N SER A 675 21.93 67.23 -39.09
CA SER A 675 21.41 66.46 -37.97
C SER A 675 19.89 66.60 -37.92
N ASP A 676 19.28 65.71 -37.15
CA ASP A 676 17.84 65.64 -36.98
C ASP A 676 17.34 66.57 -35.89
N LEU A 677 16.03 66.57 -35.69
CA LEU A 677 15.44 67.39 -34.64
C LEU A 677 15.83 66.78 -33.30
N ALA A 678 16.10 67.64 -32.31
CA ALA A 678 16.58 67.15 -31.03
C ALA A 678 16.43 68.25 -29.99
N PRO A 679 16.68 67.95 -28.72
CA PRO A 679 16.63 68.99 -27.69
C PRO A 679 17.59 70.14 -27.96
N VAL A 680 17.21 71.32 -27.47
CA VAL A 680 18.06 72.50 -27.64
C VAL A 680 19.43 72.24 -27.03
N SER A 681 19.45 71.48 -25.92
CA SER A 681 20.72 71.11 -25.31
C SER A 681 21.54 70.25 -26.26
N LEU A 682 20.87 69.27 -26.89
CA LEU A 682 21.59 68.39 -27.81
C LEU A 682 22.10 69.19 -28.99
N LEU A 683 21.30 70.12 -29.50
CA LEU A 683 21.76 70.99 -30.57
C LEU A 683 22.96 71.81 -30.11
N LEU A 684 23.01 72.14 -28.82
CA LEU A 684 24.14 72.88 -28.28
C LEU A 684 25.42 72.04 -28.30
N GLN A 685 25.34 70.81 -27.78
CA GLN A 685 26.51 69.94 -27.77
C GLN A 685 26.96 69.59 -29.17
N ARG A 686 26.08 68.96 -29.96
CA ARG A 686 26.43 68.59 -31.33
C ARG A 686 26.83 69.80 -32.15
N ALA A 687 26.11 70.91 -31.99
CA ALA A 687 26.36 72.12 -32.75
C ALA A 687 27.54 72.92 -32.23
N GLY A 688 28.17 72.46 -31.15
CA GLY A 688 29.35 73.12 -30.64
C GLY A 688 30.57 72.76 -31.47
N ARG A 689 30.31 72.27 -32.70
CA ARG A 689 31.36 71.85 -33.61
C ARG A 689 31.36 72.61 -34.93
N CYS A 690 30.30 73.37 -35.23
CA CYS A 690 30.27 74.15 -36.47
C CYS A 690 31.38 75.18 -36.45
N TRP A 691 32.33 75.03 -37.37
CA TRP A 691 33.49 75.91 -37.46
C TRP A 691 34.16 76.00 -36.09
N ARG A 692 34.40 74.82 -35.51
CA ARG A 692 34.94 74.70 -34.16
C ARG A 692 36.23 75.50 -33.94
N HIS A 693 37.26 75.25 -34.73
CA HIS A 693 38.55 75.91 -34.52
C HIS A 693 38.89 76.93 -35.60
N GLU A 694 37.91 77.74 -36.02
CA GLU A 694 38.21 78.85 -36.92
C GLU A 694 39.26 79.77 -36.31
N HIS A 695 39.36 79.77 -34.98
CA HIS A 695 40.42 80.45 -34.25
C HIS A 695 41.77 80.27 -34.93
N LEU A 696 42.09 79.03 -35.30
CA LEU A 696 43.37 78.76 -35.94
C LEU A 696 43.35 79.22 -37.40
N GLY A 697 42.22 79.08 -38.08
CA GLY A 697 42.08 79.59 -39.44
C GLY A 697 43.06 79.10 -40.47
N ILE A 698 43.71 77.96 -40.25
CA ILE A 698 44.71 77.48 -41.20
C ILE A 698 44.13 76.57 -42.27
N ILE A 699 42.85 76.25 -42.22
CA ILE A 699 42.23 75.39 -43.23
C ILE A 699 41.60 76.26 -44.30
N ASN A 700 42.04 76.08 -45.55
CA ASN A 700 41.48 76.82 -46.68
C ASN A 700 40.46 75.94 -47.38
N ARG A 701 39.19 76.30 -47.27
CA ARG A 701 38.11 75.56 -47.88
C ARG A 701 37.37 76.46 -48.86
N PRO A 702 36.70 75.89 -49.86
CA PRO A 702 36.12 76.69 -50.95
C PRO A 702 35.10 77.72 -50.49
N GLN A 703 34.82 78.63 -51.43
CA GLN A 703 33.86 79.71 -51.20
C GLN A 703 32.50 79.17 -50.82
N TRP A 704 32.19 77.94 -51.26
CA TRP A 704 30.90 77.30 -50.98
C TRP A 704 30.48 77.50 -49.53
N ALA A 705 31.38 77.23 -48.60
CA ALA A 705 31.07 77.46 -47.20
C ALA A 705 31.55 78.86 -46.84
N LYS A 706 30.62 79.72 -46.45
CA LYS A 706 30.94 81.09 -46.04
C LYS A 706 30.15 81.52 -44.81
N GLN A 707 29.15 80.75 -44.38
CA GLN A 707 28.29 81.06 -43.26
C GLN A 707 28.07 79.79 -42.45
N PRO A 708 28.10 79.86 -41.11
CA PRO A 708 27.87 78.66 -40.31
C PRO A 708 26.40 78.27 -40.36
N GLU A 709 26.06 77.19 -41.05
CA GLU A 709 24.67 76.82 -41.19
C GLU A 709 24.44 75.37 -40.80
N LEU A 710 23.62 75.18 -39.78
CA LEU A 710 23.18 73.86 -39.34
C LEU A 710 21.75 73.65 -39.82
N VAL A 711 21.46 72.45 -40.31
CA VAL A 711 20.12 72.11 -40.80
C VAL A 711 19.49 71.10 -39.85
N VAL A 712 18.30 71.41 -39.36
CA VAL A 712 17.57 70.57 -38.42
C VAL A 712 16.44 69.88 -39.17
N LEU A 713 16.54 68.56 -39.33
CA LEU A 713 15.47 67.81 -39.98
C LEU A 713 14.25 67.74 -39.09
N THR A 714 13.06 67.84 -39.68
CA THR A 714 11.83 67.81 -38.91
C THR A 714 10.66 67.46 -39.81
N PRO A 715 9.64 66.80 -39.28
CA PRO A 715 8.44 66.52 -40.08
C PRO A 715 7.60 67.78 -40.17
N GLU A 716 6.61 67.76 -41.05
CA GLU A 716 5.79 68.94 -41.25
C GLU A 716 4.31 68.67 -40.98
N GLN A 717 3.50 69.69 -41.25
CA GLN A 717 2.07 69.69 -40.98
C GLN A 717 1.33 68.81 -42.00
N ASN A 718 0.09 68.50 -41.66
CA ASN A 718 -0.77 67.68 -42.51
C ASN A 718 -1.97 68.50 -42.97
N ARG A 723 -3.81 71.55 -34.71
CA ARG A 723 -2.79 72.37 -35.37
C ARG A 723 -1.42 72.15 -34.76
N ALA A 724 -1.39 71.51 -33.59
CA ALA A 724 -0.13 71.24 -32.93
C ALA A 724 0.69 70.25 -33.75
N PRO A 725 2.02 70.27 -33.62
CA PRO A 725 2.86 69.35 -34.39
C PRO A 725 2.79 67.91 -33.92
N TRP A 726 3.54 67.04 -34.61
CA TRP A 726 3.63 65.63 -34.30
C TRP A 726 4.94 65.09 -34.85
N PHE A 727 5.55 64.15 -34.13
CA PHE A 727 6.85 63.64 -34.50
C PHE A 727 6.84 62.12 -34.66
N PRO A 728 7.88 61.51 -35.22
CA PRO A 728 7.89 60.05 -35.37
C PRO A 728 7.88 59.33 -34.02
N ARG A 729 7.33 58.12 -34.04
CA ARG A 729 7.23 57.32 -32.81
C ARG A 729 8.59 56.89 -32.29
N SER A 730 9.57 56.70 -33.18
CA SER A 730 10.88 56.23 -32.74
C SER A 730 11.78 57.38 -32.26
N TRP A 731 11.52 58.60 -32.71
CA TRP A 731 12.31 59.73 -32.26
C TRP A 731 11.91 60.13 -30.85
N THR A 732 10.62 60.09 -30.56
CA THR A 732 10.07 60.52 -29.29
C THR A 732 9.91 59.38 -28.29
N SER A 733 10.44 58.20 -28.61
CA SER A 733 10.38 57.11 -27.65
C SER A 733 11.55 57.18 -26.69
N VAL A 734 12.53 58.00 -27.01
CA VAL A 734 13.72 58.21 -26.18
C VAL A 734 13.83 59.65 -25.71
N TYR A 735 13.19 60.60 -26.38
CA TYR A 735 13.18 62.01 -26.04
C TYR A 735 11.78 62.43 -25.60
N PRO A 736 11.66 63.60 -24.96
CA PRO A 736 10.33 64.08 -24.55
C PRO A 736 9.60 64.69 -25.73
N LEU A 737 8.32 64.31 -25.88
CA LEU A 737 7.51 64.85 -26.97
C LEU A 737 7.31 66.34 -26.80
N ALA A 738 6.98 66.77 -25.58
CA ALA A 738 6.72 68.19 -25.34
C ALA A 738 8.00 69.00 -25.50
N LEU A 739 9.13 68.45 -25.08
CA LEU A 739 10.40 69.15 -25.23
C LEU A 739 10.68 69.40 -26.70
N LEU A 740 10.68 68.32 -27.50
CA LEU A 740 10.89 68.43 -28.93
C LEU A 740 9.91 69.41 -29.55
N GLN A 741 8.66 69.41 -29.05
CA GLN A 741 7.67 70.35 -29.56
C GLN A 741 8.08 71.78 -29.25
N ARG A 742 8.67 72.00 -28.07
CA ARG A 742 9.14 73.32 -27.72
C ARG A 742 10.32 73.72 -28.60
N THR A 743 11.18 72.77 -28.93
CA THR A 743 12.29 73.07 -29.83
C THR A 743 11.76 73.52 -31.17
N TYR A 744 10.85 72.73 -31.76
CA TYR A 744 10.21 73.10 -33.01
C TYR A 744 9.64 74.51 -32.97
N THR A 745 8.71 74.74 -32.02
CA THR A 745 8.05 76.04 -31.92
C THR A 745 9.05 77.18 -31.71
N LEU A 746 10.12 76.92 -30.97
CA LEU A 746 11.10 77.97 -30.71
C LEU A 746 11.92 78.27 -31.95
N LEU A 747 12.33 77.24 -32.68
CA LEU A 747 13.11 77.44 -33.88
C LEU A 747 12.28 78.08 -34.99
N ARG A 748 10.94 77.95 -34.93
CA ARG A 748 10.11 78.55 -35.96
C ARG A 748 10.10 80.08 -35.85
N ARG A 749 9.99 80.62 -34.64
CA ARG A 749 9.89 82.06 -34.48
C ARG A 749 11.22 82.78 -34.64
N ARG A 750 12.27 82.11 -35.10
CA ARG A 750 13.55 82.76 -35.31
C ARG A 750 13.62 83.46 -36.67
N ASN A 751 12.67 83.16 -37.57
CA ASN A 751 12.65 83.71 -38.92
C ASN A 751 13.98 83.50 -39.64
N GLY A 752 14.59 82.33 -39.41
CA GLY A 752 15.86 81.99 -40.00
C GLY A 752 16.95 83.00 -39.70
N ALA A 753 17.10 83.33 -38.44
CA ALA A 753 18.09 84.30 -38.01
C ALA A 753 19.29 83.60 -37.39
N PRO A 754 20.46 84.22 -37.41
CA PRO A 754 21.63 83.59 -36.81
C PRO A 754 21.52 83.55 -35.30
N VAL A 755 22.29 82.64 -34.70
CA VAL A 755 22.34 82.48 -33.26
C VAL A 755 23.81 82.49 -32.85
N GLN A 756 24.18 83.43 -31.99
CA GLN A 756 25.56 83.54 -31.56
C GLN A 756 25.89 82.53 -30.48
N ILE A 757 27.14 82.07 -30.52
CA ILE A 757 27.69 81.12 -29.55
C ILE A 757 28.95 81.78 -28.99
N PRO A 758 29.14 81.81 -27.67
CA PRO A 758 28.28 81.30 -26.60
C PRO A 758 27.38 82.35 -25.95
N GLU A 759 26.70 83.21 -26.69
CA GLU A 759 25.93 84.25 -26.03
C GLU A 759 24.43 84.21 -26.27
N ASP A 760 23.97 84.03 -27.51
CA ASP A 760 22.54 84.11 -27.77
C ASP A 760 21.77 82.82 -27.47
N VAL A 761 22.37 81.66 -27.73
CA VAL A 761 21.61 80.41 -27.62
C VAL A 761 21.36 79.99 -26.17
N GLN A 762 22.25 80.34 -25.24
CA GLN A 762 22.05 79.95 -23.85
C GLN A 762 20.75 80.51 -23.30
N GLN A 763 20.37 81.71 -23.73
CA GLN A 763 19.13 82.26 -23.24
C GLN A 763 17.94 81.59 -23.92
N LEU A 764 18.21 80.74 -24.90
CA LEU A 764 17.19 79.98 -25.60
C LEU A 764 17.05 78.59 -24.99
N VAL A 765 18.15 78.03 -24.49
CA VAL A 765 18.02 76.76 -23.78
C VAL A 765 17.35 77.05 -22.44
N ASP A 766 17.67 78.20 -21.83
CA ASP A 766 16.94 78.61 -20.63
C ASP A 766 15.50 78.95 -20.98
N ASP A 767 15.31 79.66 -22.10
CA ASP A 767 13.98 80.11 -22.51
C ASP A 767 13.05 78.93 -22.75
N VAL A 768 13.51 77.91 -23.46
CA VAL A 768 12.66 76.76 -23.76
C VAL A 768 12.07 76.17 -22.49
N TYR A 769 12.82 76.20 -21.40
CA TYR A 769 12.32 75.75 -20.12
C TYR A 769 11.59 76.85 -19.37
N ASP A 770 11.66 78.10 -19.85
CA ASP A 770 11.03 79.20 -19.14
C ASP A 770 9.61 79.48 -19.61
N ASP A 771 9.42 79.74 -20.91
CA ASP A 771 8.10 80.08 -21.42
C ASP A 771 7.32 78.87 -21.92
N ASP A 772 6.06 78.77 -21.49
CA ASP A 772 5.17 77.68 -21.87
C ASP A 772 4.59 77.85 -23.27
N SER A 773 4.73 79.04 -23.88
CA SER A 773 4.18 79.29 -25.19
C SER A 773 4.79 78.41 -26.27
N LEU A 774 5.95 77.81 -26.00
CA LEU A 774 6.63 76.94 -26.96
C LEU A 774 5.96 75.58 -27.09
N ALA A 775 4.98 75.29 -26.25
CA ALA A 775 4.27 74.01 -26.28
C ALA A 775 2.81 74.27 -25.95
N GLU A 776 1.93 73.93 -26.88
CA GLU A 776 0.50 74.09 -26.68
C GLU A 776 -0.19 72.79 -26.31
N ASP A 777 0.51 71.67 -26.43
CA ASP A 777 -0.03 70.35 -26.07
C ASP A 777 0.10 70.20 -24.56
N LEU A 778 -0.97 70.57 -23.84
CA LEU A 778 -0.95 70.46 -22.39
C LEU A 778 -0.79 69.02 -21.93
N GLU A 779 -1.43 68.09 -22.63
CA GLU A 779 -1.32 66.68 -22.26
C GLU A 779 0.14 66.22 -22.30
N ALA A 780 0.84 66.50 -23.39
CA ALA A 780 2.24 66.10 -23.50
C ALA A 780 3.11 66.88 -22.52
N ASP A 781 2.90 68.18 -22.42
CA ASP A 781 3.72 69.00 -21.52
C ASP A 781 3.64 68.47 -20.09
N MET A 782 2.43 68.42 -19.54
CA MET A 782 2.28 67.91 -18.18
C MET A 782 2.49 66.42 -18.12
N GLU A 783 2.60 65.76 -19.28
CA GLU A 783 2.89 64.33 -19.31
C GLU A 783 4.37 64.10 -19.00
N ARG A 784 5.26 64.75 -19.76
CA ARG A 784 6.67 64.60 -19.49
C ARG A 784 7.04 65.24 -18.17
N MET A 785 6.37 66.34 -17.81
CA MET A 785 6.62 66.94 -16.49
C MET A 785 6.15 65.97 -15.41
N GLY A 786 4.99 65.36 -15.63
CA GLY A 786 4.48 64.35 -14.73
C GLY A 786 5.45 63.22 -14.51
N GLU A 787 6.02 62.71 -15.61
CA GLU A 787 6.91 61.56 -15.51
C GLU A 787 8.28 61.94 -15.02
N GLU A 788 8.69 63.19 -15.16
CA GLU A 788 9.97 63.56 -14.59
C GLU A 788 9.84 63.65 -13.07
N LEU A 789 8.74 64.24 -12.60
CA LEU A 789 8.54 64.28 -11.16
C LEU A 789 8.29 62.89 -10.60
N ALA A 790 7.63 62.03 -11.38
CA ALA A 790 7.40 60.66 -10.92
C ALA A 790 8.69 59.86 -10.93
N GLN A 791 9.61 60.16 -11.83
CA GLN A 791 10.89 59.46 -11.83
C GLN A 791 11.73 59.91 -10.66
N ARG A 792 11.75 61.22 -10.40
CA ARG A 792 12.47 61.73 -9.25
C ARG A 792 11.92 61.14 -7.96
N GLY A 793 10.59 61.00 -7.89
CA GLY A 793 10.00 60.36 -6.74
C GLY A 793 10.41 58.90 -6.66
N LEU A 794 10.47 58.23 -7.82
CA LEU A 794 10.89 56.84 -7.85
C LEU A 794 12.34 56.70 -7.44
N ALA A 795 13.08 57.81 -7.46
CA ALA A 795 14.47 57.81 -7.01
C ALA A 795 14.59 58.04 -5.52
N ARG A 796 13.93 59.07 -5.00
CA ARG A 796 14.06 59.45 -3.61
C ARG A 796 13.52 58.40 -2.63
N ASN A 797 13.01 57.28 -3.10
CA ASN A 797 12.53 56.23 -2.21
C ASN A 797 13.51 55.07 -2.14
N ALA A 798 14.57 55.11 -2.95
CA ALA A 798 15.59 54.08 -2.99
C ALA A 798 16.97 54.62 -2.63
N VAL A 799 17.03 55.78 -1.99
CA VAL A 799 18.29 56.40 -1.60
C VAL A 799 18.30 56.63 -0.10
N ILE A 800 19.51 56.67 0.47
CA ILE A 800 19.77 56.88 1.89
C ILE A 800 19.01 58.10 2.39
N PRO A 801 18.73 58.20 3.69
CA PRO A 801 18.06 59.40 4.19
C PRO A 801 18.96 60.62 4.15
N ASP A 802 18.52 61.68 4.80
CA ASP A 802 19.22 62.94 4.73
C ASP A 802 20.32 62.97 5.78
N PRO A 803 21.16 64.01 5.76
CA PRO A 803 22.27 64.06 6.73
C PRO A 803 21.83 63.90 8.17
N ASP A 804 20.89 64.71 8.63
CA ASP A 804 20.46 64.58 10.01
C ASP A 804 19.39 63.53 10.22
N ASP A 805 18.59 63.22 9.19
CA ASP A 805 17.57 62.20 9.37
C ASP A 805 18.16 60.89 9.84
N ALA A 806 19.46 60.68 9.60
CA ALA A 806 20.19 59.48 9.98
C ALA A 806 21.27 59.80 11.00
N GLU A 807 21.20 60.97 11.63
CA GLU A 807 22.20 61.35 12.62
C GLU A 807 22.14 60.43 13.83
N ASP A 808 20.98 60.36 14.49
CA ASP A 808 20.88 59.53 15.69
C ASP A 808 20.84 58.03 15.37
N ASN A 809 20.44 57.64 14.16
CA ASN A 809 20.33 56.23 13.82
C ASN A 809 20.87 55.93 12.44
N LEU A 810 21.57 54.80 12.30
CA LEU A 810 22.12 54.41 11.01
C LEU A 810 21.44 53.19 10.44
N ASN A 811 20.31 52.76 11.01
CA ASN A 811 19.61 51.61 10.44
C ASN A 811 19.00 51.95 9.10
N GLY A 812 18.54 53.18 8.93
CA GLY A 812 17.91 53.59 7.69
C GLY A 812 18.93 53.75 6.60
N LEU A 813 20.10 53.16 6.82
CA LEU A 813 21.17 53.19 5.88
C LEU A 813 21.30 51.88 5.13
N THR A 814 20.53 50.85 5.52
CA THR A 814 20.57 49.61 4.75
C THR A 814 19.27 48.83 4.91
N GLU A 815 18.40 48.95 3.91
CA GLU A 815 17.15 48.18 3.86
C GLU A 815 17.19 47.25 2.65
N PHE A 816 18.40 46.84 2.28
CA PHE A 816 18.66 46.01 1.11
C PHE A 816 18.19 46.70 -0.16
N ALA A 826 20.67 41.72 -5.84
CA ALA A 826 21.69 42.56 -6.46
C ALA A 826 21.04 43.66 -7.29
N THR A 827 20.79 44.81 -6.66
CA THR A 827 20.18 45.93 -7.36
C THR A 827 21.22 46.69 -8.17
N ARG A 828 20.75 47.57 -9.05
CA ARG A 828 21.57 48.45 -9.88
C ARG A 828 20.64 49.52 -10.45
N PHE A 829 21.08 50.22 -11.48
CA PHE A 829 20.28 51.26 -12.11
C PHE A 829 19.87 50.85 -13.52
N GLY A 830 18.70 51.32 -13.92
CA GLY A 830 18.11 50.98 -15.20
C GLY A 830 18.15 52.04 -16.28
N ALA A 831 19.05 53.00 -16.18
CA ALA A 831 19.13 54.08 -17.17
C ALA A 831 20.55 54.61 -17.25
N GLY A 832 21.14 54.56 -18.43
CA GLY A 832 20.49 53.98 -19.59
C GLY A 832 21.37 53.16 -20.53
N SER A 833 22.67 53.08 -20.23
CA SER A 833 23.59 52.32 -21.08
C SER A 833 24.34 51.28 -20.26
N VAL A 834 24.73 50.20 -20.94
CA VAL A 834 25.48 49.11 -20.34
C VAL A 834 26.56 48.63 -21.32
N ARG A 835 27.68 48.18 -20.78
CA ARG A 835 28.78 47.67 -21.59
C ARG A 835 28.49 46.19 -21.85
N VAL A 836 28.54 45.77 -23.12
CA VAL A 836 28.25 44.39 -23.47
C VAL A 836 29.44 43.76 -24.22
N LEU A 837 29.48 42.43 -24.18
CA LEU A 837 30.49 41.62 -24.84
C LEU A 837 29.79 40.65 -25.78
N CYS A 838 30.18 40.64 -27.05
CA CYS A 838 29.59 39.75 -28.04
C CYS A 838 30.61 38.69 -28.45
N TYR A 839 30.46 37.47 -27.92
CA TYR A 839 31.37 36.40 -28.28
C TYR A 839 30.77 35.60 -29.45
N TYR A 840 31.62 34.82 -30.10
CA TYR A 840 31.22 34.03 -31.26
C TYR A 840 31.23 32.55 -30.89
N VAL A 841 30.08 31.89 -31.09
CA VAL A 841 29.93 30.47 -30.81
C VAL A 841 29.53 29.73 -32.06
N GLY A 845 29.30 24.47 -33.17
CA GLY A 845 30.04 25.70 -32.93
C GLY A 845 30.87 25.65 -31.66
N ASN A 846 31.96 26.41 -31.64
CA ASN A 846 32.85 26.47 -30.48
C ASN A 846 33.01 27.93 -30.07
N ARG A 847 33.66 28.14 -28.92
CA ARG A 847 33.86 29.49 -28.41
C ARG A 847 35.19 30.04 -28.91
N TRP A 848 35.12 31.12 -29.69
CA TRP A 848 36.29 31.81 -30.20
C TRP A 848 36.03 33.31 -30.14
N LEU A 849 37.09 34.07 -29.88
CA LEU A 849 36.97 35.51 -29.66
C LEU A 849 37.06 36.32 -30.95
N ASP A 850 37.68 35.80 -32.00
CA ASP A 850 37.81 36.52 -33.25
C ASP A 850 36.86 35.95 -34.31
N PRO A 851 36.54 36.72 -35.35
CA PRO A 851 35.67 36.20 -36.41
C PRO A 851 36.28 35.05 -37.19
N GLU A 852 37.60 34.87 -37.14
CA GLU A 852 38.28 33.82 -37.88
C GLU A 852 38.53 32.57 -37.04
N CYS A 853 37.75 32.41 -35.97
CA CYS A 853 37.82 31.27 -35.05
C CYS A 853 39.24 30.86 -34.66
N THR A 854 40.11 31.86 -34.44
CA THR A 854 41.48 31.57 -34.06
C THR A 854 41.70 31.66 -32.55
N VAL A 855 41.39 32.81 -31.96
CA VAL A 855 41.54 32.98 -30.51
C VAL A 855 40.31 32.43 -29.81
N GLU A 856 40.52 31.38 -29.01
CA GLU A 856 39.42 30.75 -28.27
C GLU A 856 38.90 31.69 -27.19
N PHE A 857 37.59 31.64 -26.95
CA PHE A 857 37.02 32.45 -25.89
C PHE A 857 37.35 31.75 -24.59
N PRO A 858 38.19 32.36 -23.74
CA PRO A 858 38.64 31.68 -22.53
C PRO A 858 37.59 31.59 -21.43
N GLU A 859 37.63 30.46 -20.71
CA GLU A 859 36.77 30.27 -19.54
C GLU A 859 37.32 31.06 -18.36
N GLN A 860 38.65 31.14 -18.28
CA GLN A 860 39.37 31.91 -17.27
C GLN A 860 40.71 32.28 -17.92
N GLY A 861 41.49 33.11 -17.23
CA GLY A 861 42.71 33.54 -17.89
C GLY A 861 44.07 33.13 -17.36
N THR A 862 45.06 33.97 -17.68
CA THR A 862 46.45 33.76 -17.32
C THR A 862 46.75 34.43 -15.99
N GLY A 863 46.74 33.65 -14.92
CA GLY A 863 47.02 34.18 -13.60
C GLY A 863 46.93 33.06 -12.57
N ARG A 864 47.34 33.39 -11.35
CA ARG A 864 47.28 32.42 -10.27
C ARG A 864 45.83 32.05 -10.00
N GLU A 865 45.52 30.75 -10.08
CA GLU A 865 44.17 30.26 -9.87
C GLU A 865 43.18 30.93 -10.83
N GLY A 866 43.63 31.24 -12.03
CA GLY A 866 42.79 31.91 -13.00
C GLY A 866 42.62 33.39 -12.78
N ARG A 867 43.47 33.99 -11.95
CA ARG A 867 43.39 35.43 -11.67
C ARG A 867 43.60 36.22 -12.94
N PHE A 868 42.76 37.24 -13.12
CA PHE A 868 42.83 38.10 -14.29
C PHE A 868 43.81 39.24 -14.03
N THR A 869 44.80 39.35 -14.89
CA THR A 869 45.79 40.41 -14.77
C THR A 869 45.16 41.73 -15.19
N MET A 870 45.81 42.83 -14.81
CA MET A 870 45.33 44.13 -15.27
C MET A 870 45.30 44.19 -16.79
N ALA A 871 46.25 43.50 -17.44
CA ALA A 871 46.23 43.45 -18.90
C ALA A 871 45.09 42.57 -19.38
N ASP A 872 44.65 41.62 -18.55
CA ASP A 872 43.46 40.86 -18.89
C ASP A 872 42.26 41.79 -18.88
N CYS A 873 42.24 42.70 -17.90
CA CYS A 873 41.17 43.70 -17.83
C CYS A 873 41.20 44.59 -19.07
N ARG A 874 42.39 45.03 -19.47
CA ARG A 874 42.46 45.91 -20.63
C ARG A 874 42.11 45.16 -21.91
N ASP A 875 42.31 43.85 -21.96
CA ASP A 875 41.99 43.08 -23.15
C ASP A 875 40.49 42.79 -23.23
N LEU A 876 39.93 42.18 -22.17
CA LEU A 876 38.51 41.87 -22.17
C LEU A 876 37.68 43.15 -22.28
N VAL A 877 38.14 44.21 -21.63
CA VAL A 877 37.48 45.51 -21.77
C VAL A 877 37.72 46.04 -23.18
N ALA A 878 38.90 45.78 -23.73
CA ALA A 878 39.22 46.14 -25.10
C ALA A 878 38.41 45.33 -26.10
N ARG A 879 37.55 44.43 -25.64
CA ARG A 879 36.70 43.62 -26.50
C ARG A 879 35.21 43.96 -26.37
N THR A 880 34.86 44.98 -25.57
CA THR A 880 33.48 45.33 -25.32
C THR A 880 32.88 46.17 -26.47
N ILE A 881 31.64 46.59 -26.24
CA ILE A 881 30.85 47.43 -27.13
C ILE A 881 29.68 47.94 -26.31
N PRO A 882 29.29 49.22 -26.41
CA PRO A 882 28.20 49.73 -25.58
C PRO A 882 26.80 49.52 -26.15
N VAL A 883 25.93 48.85 -25.41
CA VAL A 883 24.54 48.67 -25.83
C VAL A 883 23.66 49.40 -24.83
N ARG A 884 22.65 50.08 -25.33
CA ARG A 884 21.72 50.82 -24.49
C ARG A 884 20.62 49.92 -23.95
N MET A 885 20.12 50.28 -22.77
CA MET A 885 19.04 49.55 -22.13
C MET A 885 17.80 49.52 -23.02
N GLY A 886 17.28 48.31 -23.25
CA GLY A 886 16.12 48.12 -24.09
C GLY A 886 15.24 46.98 -23.62
N PRO A 887 14.12 46.75 -24.32
CA PRO A 887 13.21 45.67 -23.92
C PRO A 887 13.83 44.30 -24.03
N TRP A 888 14.94 44.17 -24.75
CA TRP A 888 15.62 42.88 -24.87
C TRP A 888 16.26 42.49 -23.55
N ALA A 889 16.67 43.48 -22.75
CA ALA A 889 17.26 43.21 -21.44
C ALA A 889 16.25 42.53 -20.52
N SER A 890 14.96 42.80 -20.72
CA SER A 890 13.94 42.15 -19.89
C SER A 890 13.95 40.64 -20.09
N GLN A 891 14.26 40.18 -21.30
CA GLN A 891 14.33 38.76 -21.64
C GLN A 891 15.78 38.38 -21.88
N LEU A 892 16.45 37.93 -20.83
CA LEU A 892 17.83 37.51 -20.92
C LEU A 892 17.88 35.98 -20.88
N THR A 893 18.85 35.41 -21.60
CA THR A 893 18.99 33.96 -21.68
C THR A 893 20.16 33.47 -20.82
N GLU A 894 20.40 32.16 -20.88
CA GLU A 894 21.46 31.55 -20.09
C GLU A 894 22.84 31.81 -20.70
N ASP A 895 22.92 31.79 -22.03
CA ASP A 895 24.21 32.03 -22.69
C ASP A 895 24.74 33.41 -22.36
N ASN A 896 23.86 34.35 -22.02
CA ASN A 896 24.28 35.70 -21.66
C ASN A 896 24.87 35.76 -20.25
N HIS A 897 24.70 34.71 -19.45
CA HIS A 897 25.16 34.72 -18.06
C HIS A 897 26.65 34.40 -18.00
N PRO A 898 27.46 35.21 -17.32
CA PRO A 898 28.88 34.91 -17.19
C PRO A 898 29.09 33.85 -16.12
N PRO A 899 30.16 33.05 -16.22
CA PRO A 899 30.40 32.03 -15.20
C PRO A 899 30.76 32.67 -13.87
N GLU A 900 30.56 31.88 -12.80
CA GLU A 900 30.83 32.33 -11.45
C GLU A 900 32.26 32.86 -11.29
N ALA A 901 33.23 32.18 -11.92
CA ALA A 901 34.63 32.57 -11.81
C ALA A 901 34.88 33.99 -12.31
N TRP A 902 33.97 34.53 -13.11
CA TRP A 902 34.14 35.88 -13.61
C TRP A 902 33.50 36.94 -12.73
N ARG A 903 32.50 36.57 -11.91
CA ARG A 903 31.78 37.59 -11.15
C ARG A 903 32.64 38.29 -10.10
N GLU A 904 33.70 37.66 -9.63
CA GLU A 904 34.45 38.38 -8.60
C GLU A 904 35.27 39.54 -9.14
N SER A 905 35.13 39.96 -10.39
CA SER A 905 35.85 41.10 -10.93
C SER A 905 34.86 42.21 -11.22
N PHE A 906 35.19 43.44 -10.81
CA PHE A 906 34.27 44.55 -10.97
C PHE A 906 34.08 44.93 -12.44
N TYR A 907 35.16 45.09 -13.16
CA TYR A 907 35.08 45.49 -14.55
C TYR A 907 34.53 44.44 -15.45
N LEU A 908 34.06 43.28 -15.00
CA LEU A 908 33.63 42.27 -15.95
C LEU A 908 32.24 41.71 -15.69
N ARG A 909 31.71 41.81 -14.46
CA ARG A 909 30.37 41.31 -14.21
C ARG A 909 29.33 41.97 -15.11
N ASP A 910 29.28 43.30 -15.13
CA ASP A 910 28.30 44.00 -15.97
C ASP A 910 28.73 43.95 -17.44
N LEU A 911 28.84 42.72 -17.93
CA LEU A 911 29.20 42.43 -19.31
C LEU A 911 28.47 41.12 -19.64
N VAL A 912 27.34 41.23 -20.31
CA VAL A 912 26.56 40.05 -20.67
C VAL A 912 27.06 39.59 -22.03
N LEU A 913 27.09 38.28 -22.23
CA LEU A 913 27.63 37.72 -23.46
C LEU A 913 26.53 37.61 -24.51
N ILE A 914 26.74 38.26 -25.65
CA ILE A 914 25.79 38.18 -26.76
C ILE A 914 26.42 37.19 -27.74
N PRO A 915 26.02 35.94 -27.73
CA PRO A 915 26.63 34.96 -28.63
C PRO A 915 26.17 35.17 -30.07
N GLN A 916 27.02 34.71 -30.97
CA GLN A 916 26.76 34.71 -32.39
C GLN A 916 27.34 33.41 -32.93
N ARG A 917 26.76 32.89 -34.00
CA ARG A 917 27.19 31.61 -34.52
C ARG A 917 27.84 31.79 -35.89
N VAL A 918 29.12 31.45 -35.96
CA VAL A 918 29.89 31.48 -37.18
C VAL A 918 29.85 30.06 -37.74
N THR A 919 29.73 29.95 -39.07
CA THR A 919 29.60 28.63 -39.66
C THR A 919 30.97 28.00 -39.90
N ASP A 920 30.96 26.85 -40.57
CA ASP A 920 32.18 26.11 -40.86
C ASP A 920 33.17 26.92 -41.70
N GLU A 921 32.65 27.71 -42.65
CA GLU A 921 33.52 28.46 -43.55
C GLU A 921 33.81 29.87 -43.08
N GLY A 922 33.15 30.34 -42.03
CA GLY A 922 33.40 31.68 -41.51
C GLY A 922 32.23 32.65 -41.60
N ALA A 923 31.07 32.25 -42.13
CA ALA A 923 29.96 33.17 -42.26
C ALA A 923 29.39 33.48 -40.88
N VAL A 924 29.16 34.77 -40.62
CA VAL A 924 28.60 35.20 -39.34
C VAL A 924 27.08 35.22 -39.45
N LEU A 925 26.42 34.69 -38.42
CA LEU A 925 24.97 34.60 -38.43
C LEU A 925 24.37 35.45 -37.32
N PRO A 926 23.32 36.20 -37.60
CA PRO A 926 22.69 37.00 -36.53
C PRO A 926 21.95 36.08 -35.58
N THR A 927 22.49 35.93 -34.37
CA THR A 927 21.92 35.06 -33.37
C THR A 927 20.93 35.83 -32.51
N GLU A 928 19.76 35.25 -32.29
CA GLU A 928 18.74 35.90 -31.47
C GLU A 928 19.17 35.94 -30.01
N THR A 929 18.95 37.09 -29.37
CA THR A 929 19.27 37.26 -27.96
C THR A 929 18.30 38.30 -27.42
N GLY A 930 17.27 37.83 -26.71
CA GLY A 930 16.25 38.71 -26.17
C GLY A 930 15.31 39.22 -27.23
N GLY A 931 14.78 38.31 -28.05
CA GLY A 931 13.86 38.66 -29.10
C GLY A 931 14.45 39.34 -30.32
N ARG A 932 15.76 39.59 -30.34
CA ARG A 932 16.38 40.26 -31.47
C ARG A 932 17.68 39.55 -31.83
N GLU A 933 18.05 39.64 -33.10
CA GLU A 933 19.24 38.99 -33.63
C GLU A 933 20.36 40.00 -33.82
N TRP A 934 21.51 39.71 -33.25
CA TRP A 934 22.68 40.58 -33.30
C TRP A 934 23.70 40.02 -34.28
N LEU A 935 24.29 40.90 -35.09
CA LEU A 935 25.28 40.47 -36.09
C LEU A 935 26.40 41.49 -36.14
N LEU A 936 27.62 41.06 -35.80
CA LEU A 936 28.78 41.94 -35.80
C LEU A 936 29.47 41.92 -37.16
N ASP A 937 29.16 42.92 -38.01
CA ASP A 937 29.84 43.07 -39.29
C ASP A 937 30.95 44.10 -39.18
N PRO A 938 32.03 43.94 -39.95
CA PRO A 938 33.14 44.90 -39.86
C PRO A 938 32.87 46.26 -40.49
N CYS A 939 31.72 46.45 -41.13
CA CYS A 939 31.42 47.73 -41.76
C CYS A 939 30.39 48.53 -40.98
N LYS A 940 29.25 47.92 -40.66
CA LYS A 940 28.19 48.57 -39.90
C LYS A 940 28.20 48.18 -38.43
N GLY A 941 29.18 47.40 -37.97
CA GLY A 941 29.22 47.02 -36.58
C GLY A 941 28.11 46.05 -36.22
N LEU A 942 27.63 46.17 -34.99
CA LEU A 942 26.58 45.29 -34.49
C LEU A 942 25.24 45.70 -35.07
N ILE A 943 24.49 44.71 -35.54
CA ILE A 943 23.20 44.94 -36.19
C ILE A 943 22.12 44.21 -35.41
N PHE A 944 21.03 44.91 -35.10
CA PHE A 944 19.89 44.31 -34.44
C PHE A 944 18.62 45.02 -34.90
N PRO B 17 -29.28 76.41 7.62
CA PRO B 17 -28.64 75.50 6.67
C PRO B 17 -28.01 74.31 7.38
N PRO B 18 -27.98 73.16 6.71
CA PRO B 18 -27.36 71.98 7.33
C PRO B 18 -25.86 72.19 7.44
N SER B 19 -25.32 71.83 8.60
CA SER B 19 -23.91 71.98 8.87
C SER B 19 -23.50 70.93 9.88
N PHE B 20 -22.27 70.44 9.74
CA PHE B 20 -21.76 69.41 10.64
C PHE B 20 -20.25 69.55 10.67
N ASP B 21 -19.72 70.05 11.78
CA ASP B 21 -18.29 70.25 11.95
C ASP B 21 -17.74 69.20 12.87
N VAL B 22 -16.61 68.61 12.48
CA VAL B 22 -15.97 67.58 13.28
C VAL B 22 -15.42 68.12 14.60
N THR B 23 -15.34 69.44 14.74
CA THR B 23 -14.84 70.03 15.97
C THR B 23 -15.64 69.56 17.19
N ILE B 24 -16.93 69.89 17.23
CA ILE B 24 -17.76 69.57 18.38
C ILE B 24 -18.77 68.45 18.13
N ALA B 25 -19.04 68.07 16.89
CA ALA B 25 -20.04 67.03 16.68
C ALA B 25 -19.45 65.68 17.06
N PRO B 26 -20.18 64.85 17.81
CA PRO B 26 -19.62 63.56 18.26
C PRO B 26 -19.67 62.50 17.17
N TRP B 27 -18.51 62.04 16.74
CA TRP B 27 -18.45 60.95 15.77
C TRP B 27 -17.38 59.91 16.08
N LEU B 28 -16.56 60.09 17.11
CA LEU B 28 -15.51 59.15 17.45
C LEU B 28 -15.88 58.37 18.70
N ILE B 29 -15.84 57.05 18.63
CA ILE B 29 -16.15 56.25 19.82
C ILE B 29 -14.96 56.34 20.74
N ALA B 30 -15.13 56.96 21.91
CA ALA B 30 -14.03 57.13 22.83
C ALA B 30 -14.33 56.54 24.19
N ARG B 31 -13.27 56.02 24.84
CA ARG B 31 -13.39 55.47 26.18
C ARG B 31 -12.19 55.87 27.02
N SER B 32 -12.47 56.21 28.28
CA SER B 32 -11.45 56.66 29.20
C SER B 32 -10.68 55.50 29.83
N ARG B 33 -9.60 55.85 30.50
CA ARG B 33 -8.72 54.93 31.21
C ARG B 33 -9.28 54.51 32.56
N ASP B 34 -10.47 54.98 32.88
CA ASP B 34 -11.18 54.70 34.13
C ASP B 34 -11.85 53.33 34.08
N VAL B 35 -12.97 53.21 34.79
CA VAL B 35 -13.77 51.99 34.96
C VAL B 35 -13.84 51.12 33.70
N LEU B 36 -13.93 51.73 32.53
CA LEU B 36 -14.12 51.06 31.24
C LEU B 36 -15.57 50.60 31.10
N ALA B 37 -16.49 51.51 31.38
CA ALA B 37 -17.90 51.24 31.24
C ALA B 37 -18.56 52.44 30.57
N ALA B 38 -19.52 52.15 29.70
CA ALA B 38 -20.29 53.11 28.92
C ALA B 38 -19.41 54.09 28.15
N PRO B 39 -18.66 53.65 27.14
CA PRO B 39 -17.89 54.60 26.34
C PRO B 39 -18.85 55.42 25.51
N GLU B 40 -18.44 56.60 25.08
CA GLU B 40 -19.39 57.40 24.34
C GLU B 40 -18.72 58.22 23.24
N MET B 41 -19.56 58.88 22.46
CA MET B 41 -19.12 59.62 21.28
C MET B 41 -18.54 60.97 21.61
N LEU B 42 -17.43 61.31 20.95
CA LEU B 42 -16.77 62.58 21.15
C LEU B 42 -16.35 63.15 19.81
N GLY B 43 -16.25 64.48 19.77
CA GLY B 43 -15.81 65.16 18.57
C GLY B 43 -14.30 65.10 18.48
N LEU B 44 -13.77 65.87 17.55
CA LEU B 44 -12.32 65.89 17.37
C LEU B 44 -11.64 66.76 18.42
N ARG B 45 -12.07 68.01 18.56
CA ARG B 45 -11.48 68.89 19.56
C ARG B 45 -11.68 68.35 20.96
N ASP B 46 -12.81 67.71 21.23
CA ASP B 46 -13.06 67.22 22.58
C ASP B 46 -12.22 66.00 22.91
N VAL B 47 -11.99 65.12 21.95
CA VAL B 47 -11.16 63.97 22.28
C VAL B 47 -9.70 64.40 22.34
N LEU B 48 -9.35 65.47 21.64
CA LEU B 48 -7.99 65.94 21.66
C LEU B 48 -7.67 66.65 22.97
N ILE B 49 -8.43 67.70 23.28
CA ILE B 49 -8.21 68.49 24.50
C ILE B 49 -8.09 67.63 25.74
N ARG B 50 -9.04 66.73 25.97
CA ARG B 50 -9.00 65.90 27.18
C ARG B 50 -8.47 64.50 26.90
N SER B 51 -7.58 64.37 25.93
CA SER B 51 -6.96 63.09 25.63
C SER B 51 -6.34 62.49 26.89
N HIS B 52 -5.81 63.34 27.77
CA HIS B 52 -5.19 62.86 28.99
C HIS B 52 -6.19 62.12 29.87
N GLU B 53 -7.47 62.43 29.74
CA GLU B 53 -8.50 61.74 30.50
C GLU B 53 -9.02 60.49 29.80
N LEU B 54 -8.91 60.42 28.48
CA LEU B 54 -9.43 59.30 27.71
C LEU B 54 -8.36 58.24 27.46
N SER B 55 -8.73 56.98 27.61
CA SER B 55 -7.79 55.90 27.32
C SER B 55 -7.48 55.86 25.84
N ASP B 56 -8.51 55.66 25.01
CA ASP B 56 -8.26 55.60 23.58
C ASP B 56 -9.54 55.92 22.82
N VAL B 57 -9.36 56.19 21.53
CA VAL B 57 -10.44 56.52 20.62
C VAL B 57 -10.38 55.55 19.45
N GLU B 58 -11.54 55.20 18.93
CA GLU B 58 -11.64 54.22 17.86
C GLU B 58 -12.92 54.42 17.07
N ILE B 59 -12.88 53.92 15.84
CA ILE B 59 -14.02 53.89 14.92
C ILE B 59 -14.04 52.47 14.34
N PRO B 60 -15.22 51.88 14.15
CA PRO B 60 -15.31 50.49 13.71
C PRO B 60 -14.55 50.10 12.45
N LEU B 61 -14.33 51.01 11.50
CA LEU B 61 -13.63 50.62 10.28
C LEU B 61 -12.13 50.74 10.43
N PRO B 62 -11.38 49.66 10.25
CA PRO B 62 -9.92 49.74 10.36
C PRO B 62 -9.29 50.59 9.27
N PRO B 63 -9.87 50.68 8.05
CA PRO B 63 -9.30 51.64 7.10
C PRO B 63 -9.52 53.06 7.60
N GLY B 64 -10.76 53.34 7.97
CA GLY B 64 -11.08 54.64 8.52
C GLY B 64 -10.26 54.93 9.75
N ALA B 65 -9.86 53.90 10.48
CA ALA B 65 -9.01 54.10 11.63
C ALA B 65 -7.58 54.39 11.18
N ALA B 66 -7.13 53.74 10.12
CA ALA B 66 -5.77 53.97 9.63
C ALA B 66 -5.60 55.38 9.11
N VAL B 67 -6.65 56.00 8.59
CA VAL B 67 -6.50 57.38 8.16
C VAL B 67 -6.83 58.32 9.31
N LEU B 68 -7.80 57.95 10.14
CA LEU B 68 -8.16 58.78 11.28
C LEU B 68 -6.98 59.00 12.19
N TRP B 69 -6.19 57.95 12.40
CA TRP B 69 -5.08 58.07 13.30
C TRP B 69 -3.97 58.91 12.65
N ARG B 70 -3.96 58.98 11.32
CA ARG B 70 -3.00 59.83 10.63
C ARG B 70 -3.36 61.30 10.76
N ILE B 71 -4.65 61.63 10.64
CA ILE B 71 -5.01 63.04 10.79
C ILE B 71 -4.90 63.46 12.25
N LEU B 72 -5.22 62.55 13.17
CA LEU B 72 -5.06 62.88 14.58
C LEU B 72 -3.60 63.13 14.90
N ALA B 73 -2.72 62.24 14.45
CA ALA B 73 -1.30 62.46 14.68
C ALA B 73 -0.82 63.74 14.00
N LEU B 74 -1.37 64.06 12.84
CA LEU B 74 -0.94 65.30 12.19
C LEU B 74 -1.41 66.52 12.95
N ILE B 75 -2.58 66.45 13.59
CA ILE B 75 -3.10 67.59 14.35
C ILE B 75 -2.25 67.79 15.60
N THR B 76 -2.16 66.72 16.40
CA THR B 76 -1.34 66.78 17.60
C THR B 76 0.07 67.21 17.25
N ALA B 77 0.50 66.95 16.02
CA ALA B 77 1.82 67.43 15.67
C ALA B 77 1.75 68.86 15.18
N ARG B 78 0.56 69.36 14.86
CA ARG B 78 0.45 70.74 14.44
C ARG B 78 0.62 71.64 15.65
N ILE B 79 0.14 71.21 16.81
CA ILE B 79 0.25 72.01 18.04
C ILE B 79 1.26 71.43 19.03
N THR B 80 1.02 70.23 19.54
CA THR B 80 1.91 69.63 20.52
C THR B 80 3.35 69.46 20.04
N GLY B 81 3.56 68.59 19.05
CA GLY B 81 4.87 68.38 18.48
C GLY B 81 5.49 69.61 17.86
N LEU B 82 4.66 70.59 17.50
CA LEU B 82 5.06 71.83 16.82
C LEU B 82 5.46 71.52 15.38
N ASP B 83 5.53 70.23 15.03
CA ASP B 83 5.89 69.68 13.73
C ASP B 83 6.93 70.51 12.99
N GLN B 84 7.86 71.08 13.71
CA GLN B 84 8.89 71.87 13.06
C GLN B 84 10.19 71.69 13.84
N PRO B 85 11.21 71.17 13.20
CA PRO B 85 12.49 70.99 13.86
C PRO B 85 13.22 72.31 14.00
N PRO B 86 13.96 72.48 15.08
CA PRO B 86 14.76 73.69 15.29
C PRO B 86 16.06 73.54 14.52
N ASN B 87 17.03 74.44 14.66
CA ASN B 87 18.26 74.24 13.90
C ASN B 87 19.45 74.41 14.85
N LYS B 88 19.71 73.32 15.55
CA LYS B 88 20.94 73.07 16.30
C LYS B 88 20.84 71.58 16.58
N ASN B 89 21.53 70.76 15.78
CA ASN B 89 21.39 69.31 15.87
C ASN B 89 19.89 69.05 15.92
N PRO B 90 19.17 69.32 14.83
CA PRO B 90 17.71 69.27 14.84
C PRO B 90 17.06 67.98 15.32
N LYS B 91 17.35 66.84 14.71
CA LYS B 91 16.72 65.58 15.12
C LYS B 91 16.78 65.38 16.63
N ARG B 92 17.99 65.34 17.19
CA ARG B 92 18.21 65.17 18.62
C ARG B 92 17.40 66.16 19.45
N LYS B 93 17.61 67.46 19.21
CA LYS B 93 16.89 68.48 19.96
C LYS B 93 15.38 68.26 19.87
N TRP B 94 14.89 67.83 18.71
CA TRP B 94 13.48 67.54 18.54
C TRP B 94 13.03 66.41 19.45
N GLN B 95 13.81 65.34 19.50
CA GLN B 95 13.46 64.24 20.39
C GLN B 95 13.42 64.72 21.83
N ALA B 96 14.37 65.58 22.20
CA ALA B 96 14.36 66.15 23.53
C ALA B 96 13.05 66.90 23.78
N ARG B 97 12.76 67.90 22.95
CA ARG B 97 11.53 68.67 23.03
C ARG B 97 10.31 67.80 23.24
N ARG B 98 10.04 66.88 22.29
CA ARG B 98 8.85 66.05 22.44
C ARG B 98 8.92 65.24 23.73
N SER B 99 10.12 64.89 24.18
CA SER B 99 10.21 64.18 25.45
C SER B 99 9.77 65.09 26.58
N GLN B 100 9.97 66.41 26.42
CA GLN B 100 9.51 67.34 27.43
C GLN B 100 7.99 67.47 27.40
N ILE B 101 7.39 67.53 26.21
CA ILE B 101 5.92 67.59 26.16
C ILE B 101 5.35 66.33 26.78
N LEU B 102 5.96 65.18 26.51
CA LEU B 102 5.52 63.95 27.13
C LEU B 102 5.67 64.02 28.64
N SER B 103 6.78 64.60 29.10
CA SER B 103 7.02 64.74 30.54
C SER B 103 5.93 65.58 31.19
N LYS B 104 5.41 66.60 30.49
CA LYS B 104 4.38 67.44 31.08
C LYS B 104 3.14 66.61 31.38
N GLY B 105 2.64 65.87 30.39
CA GLY B 105 1.50 64.97 30.58
C GLY B 105 0.29 65.24 29.69
N ARG B 106 0.05 66.47 29.27
CA ARG B 106 -1.17 66.66 28.50
C ARG B 106 -1.05 67.83 27.53
N LEU B 107 -2.19 68.16 26.93
CA LEU B 107 -2.38 69.21 25.94
C LEU B 107 -2.71 70.56 26.58
N ASP B 108 -2.35 71.63 25.88
CA ASP B 108 -2.68 72.99 26.31
C ASP B 108 -3.97 73.40 25.63
N PRO B 109 -5.07 73.60 26.38
CA PRO B 109 -6.33 73.96 25.72
C PRO B 109 -6.27 75.25 24.90
N GLU B 110 -5.49 76.24 25.35
CA GLU B 110 -5.41 77.46 24.56
C GLU B 110 -4.61 77.20 23.29
N ALA B 111 -3.86 76.11 23.24
CA ALA B 111 -3.16 75.76 22.02
C ALA B 111 -4.13 75.10 21.06
N VAL B 112 -5.03 74.28 21.59
CA VAL B 112 -6.05 73.64 20.75
C VAL B 112 -6.92 74.72 20.12
N ASP B 113 -7.51 75.58 20.95
CA ASP B 113 -8.32 76.65 20.41
C ASP B 113 -7.47 77.61 19.60
N ALA B 114 -6.16 77.64 19.86
CA ALA B 114 -5.28 78.52 19.12
C ALA B 114 -5.04 77.97 17.72
N TYR B 115 -5.19 76.66 17.55
CA TYR B 115 -5.01 76.06 16.24
C TYR B 115 -6.32 76.06 15.46
N PHE B 116 -7.44 75.90 16.14
CA PHE B 116 -8.69 75.98 15.42
C PHE B 116 -9.04 77.42 15.09
N ALA B 117 -8.53 78.38 15.86
CA ALA B 117 -8.79 79.78 15.59
C ALA B 117 -8.38 80.14 14.17
N ASP B 118 -7.28 79.55 13.70
CA ASP B 118 -6.83 79.77 12.33
C ASP B 118 -7.65 78.98 11.33
N TYR B 119 -8.39 77.95 11.76
CA TYR B 119 -9.11 77.13 10.81
C TYR B 119 -10.52 76.80 11.27
N SER B 120 -11.12 77.64 12.11
CA SER B 120 -12.46 77.35 12.62
C SER B 120 -13.50 77.26 11.51
N GLU B 121 -13.18 77.76 10.33
CA GLU B 121 -14.08 77.75 9.20
C GLU B 121 -13.84 76.59 8.24
N ARG B 122 -12.82 75.77 8.51
CA ARG B 122 -12.46 74.70 7.57
C ARG B 122 -13.16 73.37 7.83
N PHE B 123 -13.33 72.99 9.09
CA PHE B 123 -13.81 71.64 9.41
C PHE B 123 -15.27 71.36 9.16
N ASP B 124 -16.10 72.14 8.48
CA ASP B 124 -17.48 71.76 8.26
C ASP B 124 -17.58 70.80 7.10
N LEU B 125 -18.21 69.64 7.32
CA LEU B 125 -18.34 68.68 6.22
C LEU B 125 -19.25 69.23 5.14
N PHE B 126 -20.31 69.92 5.51
CA PHE B 126 -21.30 70.42 4.57
C PHE B 126 -21.18 71.92 4.40
N HIS B 127 -19.97 72.45 4.43
CA HIS B 127 -19.81 73.88 4.25
C HIS B 127 -20.22 74.21 2.81
N PRO B 128 -21.04 75.23 2.60
CA PRO B 128 -21.45 75.53 1.22
C PRO B 128 -20.32 76.01 0.35
N GLU B 129 -19.19 76.38 0.93
CA GLU B 129 -18.03 76.84 0.17
C GLU B 129 -16.80 76.19 0.74
N ARG B 130 -16.10 75.41 -0.08
CA ARG B 130 -14.86 74.79 0.36
C ARG B 130 -15.07 73.93 1.61
N PRO B 131 -15.66 72.74 1.48
CA PRO B 131 -15.94 71.91 2.64
C PRO B 131 -14.66 71.23 3.12
N TRP B 132 -14.82 70.38 4.14
CA TRP B 132 -13.69 69.71 4.76
C TRP B 132 -13.21 68.53 3.91
N LEU B 133 -12.06 68.70 3.28
CA LEU B 133 -11.41 67.68 2.44
C LEU B 133 -12.36 67.06 1.42
N GLN B 134 -13.19 67.90 0.81
CA GLN B 134 -14.03 67.51 -0.31
C GLN B 134 -13.79 68.52 -1.42
N ASP B 135 -14.34 68.25 -2.61
CA ASP B 135 -14.18 69.19 -3.71
C ASP B 135 -15.50 69.91 -3.96
N PRO B 136 -15.64 71.18 -3.54
CA PRO B 136 -16.92 71.87 -3.75
C PRO B 136 -17.27 72.06 -5.20
N ARG B 137 -16.27 72.27 -6.06
CA ARG B 137 -16.54 72.43 -7.48
C ARG B 137 -17.14 71.18 -8.09
N LEU B 138 -16.91 70.04 -7.47
CA LEU B 138 -17.42 68.80 -8.01
C LEU B 138 -18.93 68.70 -7.82
N ARG B 139 -19.53 69.65 -7.10
CA ARG B 139 -20.98 69.67 -6.93
C ARG B 139 -21.65 69.68 -8.30
N GLU B 140 -21.37 70.70 -9.09
CA GLU B 140 -21.76 70.72 -10.49
C GLU B 140 -20.61 70.04 -11.24
N GLU B 141 -20.60 70.13 -12.57
CA GLU B 141 -19.54 69.58 -13.42
C GLU B 141 -19.57 68.06 -13.48
N CYS B 142 -20.45 67.40 -12.72
CA CYS B 142 -20.60 65.96 -12.76
C CYS B 142 -21.97 65.64 -13.31
N PRO B 143 -22.09 64.89 -14.39
CA PRO B 143 -23.43 64.61 -14.92
C PRO B 143 -24.24 63.73 -13.99
N LYS B 144 -23.66 62.64 -13.52
CA LYS B 144 -24.37 61.73 -12.62
C LYS B 144 -23.70 61.71 -11.25
N THR B 145 -24.45 61.21 -10.28
CA THR B 145 -23.98 61.07 -8.90
C THR B 145 -23.54 59.64 -8.67
N SER B 146 -22.42 59.49 -7.96
CA SER B 146 -21.88 58.16 -7.71
C SER B 146 -22.73 57.35 -6.75
N GLY B 147 -23.56 58.01 -5.94
CA GLY B 147 -24.40 57.30 -5.00
C GLY B 147 -23.71 56.98 -3.70
N VAL B 148 -24.47 56.94 -2.61
CA VAL B 148 -23.89 56.66 -1.31
C VAL B 148 -23.35 55.24 -1.24
N ASN B 149 -23.96 54.30 -1.96
CA ASN B 149 -23.49 52.92 -1.93
C ASN B 149 -21.99 52.82 -2.23
N LYS B 150 -21.54 53.52 -3.28
CA LYS B 150 -20.13 53.47 -3.60
C LYS B 150 -19.28 54.13 -2.53
N LEU B 151 -19.85 55.05 -1.76
CA LEU B 151 -19.06 55.66 -0.70
C LEU B 151 -18.94 54.73 0.48
N ALA B 152 -20.04 54.07 0.84
CA ALA B 152 -20.03 53.15 1.97
C ALA B 152 -19.28 51.88 1.60
N TRP B 153 -18.54 51.34 2.57
CA TRP B 153 -17.80 50.11 2.33
C TRP B 153 -18.66 48.92 2.72
N GLY B 154 -18.39 47.78 2.10
CA GLY B 154 -19.19 46.60 2.36
C GLY B 154 -20.64 46.80 2.01
N ARG B 155 -20.91 47.61 0.99
CA ARG B 155 -22.26 47.91 0.53
C ARG B 155 -22.28 47.79 -0.98
N THR B 156 -23.28 47.08 -1.49
CA THR B 156 -23.41 46.77 -2.91
C THR B 156 -23.60 47.97 -3.84
N ALA B 157 -22.60 48.21 -4.67
CA ALA B 157 -22.62 49.30 -5.64
C ALA B 157 -23.41 48.90 -6.87
N GLY B 158 -23.36 49.73 -7.91
CA GLY B 158 -24.17 49.49 -9.09
C GLY B 158 -23.94 48.16 -9.77
N GLU B 159 -22.68 47.81 -10.01
CA GLU B 159 -22.38 46.55 -10.71
C GLU B 159 -22.26 45.36 -9.80
N ASN B 160 -21.99 45.57 -8.51
CA ASN B 160 -21.90 44.46 -7.59
C ASN B 160 -23.23 43.71 -7.52
N GLN B 161 -23.19 42.52 -6.94
CA GLN B 161 -24.37 41.70 -6.78
C GLN B 161 -24.89 41.84 -5.36
N VAL B 162 -26.21 41.84 -5.23
CA VAL B 162 -26.84 42.15 -3.94
C VAL B 162 -26.97 40.84 -3.17
N TRP B 163 -25.87 40.48 -2.50
CA TRP B 163 -25.96 39.30 -1.65
C TRP B 163 -25.46 39.56 -0.23
N LEU B 164 -24.29 40.17 -0.12
CA LEU B 164 -23.59 40.38 1.13
C LEU B 164 -23.70 41.80 1.66
N GLY B 165 -23.23 41.97 2.90
CA GLY B 165 -23.17 43.25 3.59
C GLY B 165 -24.48 44.00 3.67
N GLY B 166 -25.56 43.25 3.66
CA GLY B 166 -26.88 43.82 3.76
C GLY B 166 -27.30 44.32 2.40
N HIS B 167 -28.48 43.89 1.98
CA HIS B 167 -29.01 44.27 0.68
C HIS B 167 -29.19 45.77 0.54
N HIS B 168 -28.74 46.30 -0.60
CA HIS B 168 -28.87 47.71 -0.93
C HIS B 168 -29.06 47.75 -2.44
N HIS B 169 -30.32 47.84 -2.86
CA HIS B 169 -30.70 47.80 -4.28
C HIS B 169 -30.54 49.10 -5.04
N ASP B 170 -29.40 49.79 -4.92
CA ASP B 170 -29.08 50.96 -5.75
C ASP B 170 -30.13 52.05 -5.63
N LEU B 171 -31.21 51.72 -4.96
CA LEU B 171 -32.36 52.59 -4.82
C LEU B 171 -32.61 52.62 -3.34
N ASP B 172 -33.71 53.23 -2.90
CA ASP B 172 -34.10 53.40 -1.50
C ASP B 172 -32.80 53.52 -0.71
N PRO B 173 -31.91 54.45 -1.07
CA PRO B 173 -30.61 54.47 -0.42
C PRO B 173 -30.75 54.81 1.04
N HIS B 174 -30.45 53.83 1.88
CA HIS B 174 -30.49 54.08 3.31
C HIS B 174 -29.55 55.23 3.63
N PRO B 175 -30.09 56.36 4.08
CA PRO B 175 -29.22 57.49 4.41
C PRO B 175 -28.29 57.12 5.55
N LEU B 176 -27.05 57.52 5.44
CA LEU B 176 -26.06 57.18 6.46
C LEU B 176 -25.92 58.32 7.46
N ASP B 177 -25.67 57.93 8.70
CA ASP B 177 -25.38 58.91 9.74
C ASP B 177 -24.17 59.72 9.34
N SER B 178 -24.14 60.99 9.74
CA SER B 178 -23.01 61.81 9.38
C SER B 178 -21.71 61.23 9.96
N ALA B 179 -21.81 60.53 11.08
CA ALA B 179 -20.65 59.83 11.63
C ALA B 179 -20.17 58.74 10.68
N GLU B 180 -21.08 57.84 10.31
CA GLU B 180 -20.72 56.80 9.35
C GLU B 180 -20.26 57.42 8.05
N ALA B 181 -20.76 58.60 7.72
CA ALA B 181 -20.38 59.25 6.48
C ALA B 181 -18.95 59.73 6.55
N VAL B 182 -18.52 60.23 7.72
CA VAL B 182 -17.13 60.68 7.78
C VAL B 182 -16.22 59.48 7.95
N TRP B 183 -16.74 58.36 8.47
CA TRP B 183 -15.91 57.16 8.57
C TRP B 183 -15.64 56.58 7.19
N HIS B 184 -16.71 56.22 6.49
CA HIS B 184 -16.57 55.68 5.14
C HIS B 184 -15.89 56.69 4.24
N LEU B 185 -16.21 57.96 4.41
CA LEU B 185 -15.58 58.99 3.62
C LEU B 185 -14.07 59.00 3.83
N LEU B 186 -13.65 59.09 5.10
CA LEU B 186 -12.23 59.14 5.40
C LEU B 186 -11.53 57.87 4.94
N ALA B 187 -12.23 56.73 4.94
CA ALA B 187 -11.62 55.49 4.50
C ALA B 187 -11.47 55.44 2.98
N THR B 188 -12.57 55.74 2.27
CA THR B 188 -12.53 55.75 0.81
C THR B 188 -11.54 56.77 0.29
N LEU B 189 -11.42 57.88 0.98
CA LEU B 189 -10.45 58.89 0.61
C LEU B 189 -9.03 58.36 0.76
N GLY B 190 -8.87 57.32 1.55
CA GLY B 190 -7.62 56.63 1.77
C GLY B 190 -7.68 55.47 0.80
N TYR B 191 -7.97 54.27 1.30
CA TYR B 191 -8.08 53.11 0.42
C TYR B 191 -9.15 53.40 -0.63
N GLY B 192 -8.82 53.22 -1.90
CA GLY B 192 -9.78 53.51 -2.93
C GLY B 192 -9.58 52.69 -4.18
N PRO B 193 -10.68 52.19 -4.75
CA PRO B 193 -10.57 51.40 -5.97
C PRO B 193 -10.05 52.26 -7.11
N SER B 194 -9.55 51.59 -8.15
CA SER B 194 -8.99 52.25 -9.32
C SER B 194 -9.72 51.81 -10.58
N GLY B 195 -10.36 52.74 -11.26
CA GLY B 195 -11.01 52.41 -12.51
C GLY B 195 -12.50 52.65 -12.67
N MET B 196 -12.85 53.40 -13.71
CA MET B 196 -14.22 53.63 -14.14
C MET B 196 -15.12 54.20 -13.02
N CYS B 197 -14.80 55.41 -12.61
CA CYS B 197 -15.63 56.11 -11.64
C CYS B 197 -16.46 57.17 -12.37
N THR B 198 -17.20 57.96 -11.61
CA THR B 198 -18.04 58.99 -12.19
C THR B 198 -17.18 59.96 -13.00
N ALA B 199 -17.66 60.34 -14.18
CA ALA B 199 -16.89 61.22 -15.05
C ALA B 199 -17.06 62.69 -14.66
N ARG B 200 -16.01 63.47 -14.89
CA ARG B 200 -16.00 64.90 -14.64
C ARG B 200 -15.62 65.63 -15.91
N VAL B 201 -16.20 66.81 -16.11
CA VAL B 201 -15.87 67.62 -17.28
C VAL B 201 -15.01 68.80 -16.83
N VAL B 202 -13.70 68.61 -16.83
CA VAL B 202 -12.76 69.65 -16.43
C VAL B 202 -12.37 70.50 -17.62
N ARG B 203 -12.62 71.82 -17.52
CA ARG B 203 -12.31 72.77 -18.58
C ARG B 203 -12.81 72.25 -19.93
N GLY B 204 -13.96 71.59 -19.92
CA GLY B 204 -14.51 71.03 -21.12
C GLY B 204 -13.96 69.66 -21.45
N ARG B 205 -12.98 69.19 -20.69
CA ARG B 205 -12.35 67.89 -20.88
C ARG B 205 -12.95 66.90 -19.89
N SER B 206 -13.35 65.74 -20.39
CA SER B 206 -13.94 64.69 -19.58
C SER B 206 -13.04 63.46 -19.58
N GLU B 207 -12.83 62.88 -18.40
CA GLU B 207 -11.96 61.72 -18.28
C GLU B 207 -12.51 60.86 -17.14
N ARG B 208 -13.21 59.79 -17.52
CA ARG B 208 -13.94 58.85 -16.68
C ARG B 208 -13.08 57.98 -15.77
N ASN B 209 -11.77 57.96 -15.91
CA ASN B 209 -10.95 57.04 -15.12
C ASN B 209 -10.36 57.69 -13.86
N VAL B 210 -9.94 56.81 -12.93
CA VAL B 210 -9.39 57.21 -11.63
C VAL B 210 -8.26 56.28 -11.24
N THR B 211 -7.36 56.78 -10.39
CA THR B 211 -6.20 56.05 -9.90
C THR B 211 -6.58 55.35 -8.60
N ALA B 212 -5.68 54.50 -8.10
CA ALA B 212 -5.94 53.75 -6.87
C ALA B 212 -5.61 54.59 -5.64
N GLY B 213 -6.00 54.07 -4.47
CA GLY B 213 -5.75 54.73 -3.23
C GLY B 213 -4.28 54.65 -2.87
N PRO B 214 -3.82 55.51 -2.00
CA PRO B 214 -2.39 55.50 -1.66
C PRO B 214 -2.01 54.38 -0.72
N LEU B 215 -2.93 54.02 0.17
CA LEU B 215 -2.69 52.98 1.16
C LEU B 215 -3.38 51.67 0.81
N ARG B 216 -4.00 51.57 -0.35
CA ARG B 216 -4.75 50.39 -0.76
C ARG B 216 -3.98 49.09 -0.64
N GLY B 217 -4.55 48.15 0.11
CA GLY B 217 -3.95 46.83 0.25
C GLY B 217 -2.73 46.73 1.12
N THR B 218 -2.64 47.53 2.18
CA THR B 218 -1.47 47.52 3.04
C THR B 218 -1.87 47.52 4.49
N VAL B 219 -1.03 46.93 5.33
CA VAL B 219 -1.26 46.90 6.76
C VAL B 219 -0.52 48.07 7.39
N SER B 220 -1.20 48.80 8.28
CA SER B 220 -0.62 49.94 8.97
C SER B 220 -0.31 49.56 10.42
N TYR B 221 0.77 50.15 10.95
CA TYR B 221 1.25 49.87 12.30
C TYR B 221 1.30 51.15 13.11
N HIS B 222 0.42 51.25 14.09
CA HIS B 222 0.33 52.41 14.96
C HIS B 222 0.59 52.02 16.41
N PRO B 223 1.56 52.63 17.07
CA PRO B 223 1.79 52.33 18.48
C PRO B 223 0.77 53.06 19.35
N LEU B 224 0.40 52.41 20.44
CA LEU B 224 -0.60 52.90 21.36
C LEU B 224 -0.17 52.55 22.78
N GLY B 225 -0.39 53.49 23.70
CA GLY B 225 0.00 53.31 25.08
C GLY B 225 -1.15 53.29 26.06
N ARG B 226 -0.85 53.61 27.32
CA ARG B 226 -1.86 53.63 28.35
C ARG B 226 -2.88 54.74 28.10
N THR B 227 -2.40 55.96 27.95
CA THR B 227 -3.26 57.12 27.73
C THR B 227 -3.17 57.54 26.28
N LEU B 228 -4.28 58.08 25.77
CA LEU B 228 -4.31 58.49 24.38
C LEU B 228 -3.24 59.53 24.07
N PHE B 229 -2.86 60.34 25.05
CA PHE B 229 -1.86 61.39 24.83
C PHE B 229 -0.53 60.82 24.33
N GLU B 230 0.10 59.97 25.13
CA GLU B 230 1.38 59.42 24.72
C GLU B 230 1.24 58.63 23.41
N SER B 231 0.07 58.06 23.15
CA SER B 231 -0.10 57.38 21.88
C SER B 231 -0.02 58.37 20.73
N LEU B 232 -0.68 59.52 20.90
CA LEU B 232 -0.63 60.54 19.86
C LEU B 232 0.78 61.02 19.62
N ILE B 233 1.51 61.36 20.68
CA ILE B 233 2.83 61.89 20.40
C ILE B 233 3.79 60.79 19.97
N LEU B 234 3.50 59.54 20.29
CA LEU B 234 4.36 58.48 19.81
C LEU B 234 4.09 58.20 18.34
N ASN B 235 2.92 58.56 17.84
CA ASN B 235 2.56 58.42 16.45
C ASN B 235 3.01 59.60 15.62
N ILE B 236 3.98 60.37 16.10
CA ILE B 236 4.49 61.53 15.40
C ILE B 236 5.79 61.14 14.71
N PRO B 237 5.81 60.98 13.39
CA PRO B 237 7.06 60.64 12.73
C PRO B 237 7.89 61.91 12.60
N TYR B 238 9.21 61.73 12.70
CA TYR B 238 10.10 62.87 12.60
C TYR B 238 9.82 63.68 11.35
N PRO B 239 9.29 64.90 11.49
CA PRO B 239 9.01 65.70 10.30
C PRO B 239 10.29 65.93 9.51
N GLY B 240 10.32 65.37 8.31
CA GLY B 240 11.46 65.57 7.46
C GLY B 240 11.69 67.06 7.27
N THR B 241 12.88 67.54 7.64
CA THR B 241 13.14 68.97 7.48
C THR B 241 13.01 69.32 6.01
N GLY B 242 12.26 70.37 5.73
CA GLY B 242 12.03 70.76 4.35
C GLY B 242 11.05 71.90 4.28
N ALA B 243 10.60 72.17 3.06
CA ALA B 243 9.64 73.25 2.89
C ALA B 243 8.39 72.90 3.68
N ALA B 244 8.10 73.68 4.71
CA ALA B 244 6.93 73.46 5.53
C ALA B 244 5.68 73.49 4.68
N ASP B 245 4.90 72.43 4.71
CA ASP B 245 3.68 72.38 3.92
C ASP B 245 2.49 72.17 4.85
N LEU B 246 1.32 72.05 4.26
CA LEU B 246 0.09 71.96 5.01
C LEU B 246 -0.68 70.74 4.59
N ALA B 247 -1.63 70.34 5.43
CA ALA B 247 -2.47 69.19 5.12
C ALA B 247 -3.50 69.63 4.07
N PHE B 248 -4.44 68.75 3.76
CA PHE B 248 -5.39 69.05 2.70
C PHE B 248 -6.35 70.18 3.09
N TRP B 249 -6.80 70.22 4.33
CA TRP B 249 -7.75 71.24 4.74
C TRP B 249 -7.14 72.59 5.06
N GLU B 250 -5.83 72.76 4.95
CA GLU B 250 -5.22 74.05 5.27
C GLU B 250 -4.95 74.90 4.04
N GLN B 251 -4.67 74.26 2.90
CA GLN B 251 -4.37 74.93 1.64
C GLN B 251 -5.34 76.07 1.41
N PRO B 252 -4.86 77.28 1.10
CA PRO B 252 -5.79 78.39 0.93
C PRO B 252 -6.63 78.30 -0.32
N GLU B 253 -6.11 77.74 -1.40
CA GLU B 253 -6.81 77.66 -2.67
C GLU B 253 -7.02 76.22 -3.07
N LEU B 254 -8.18 75.93 -3.65
CA LEU B 254 -8.53 74.57 -4.04
C LEU B 254 -7.64 74.11 -5.18
N ASN B 255 -7.24 72.84 -5.13
CA ASN B 255 -6.33 72.26 -6.12
C ASN B 255 -6.92 72.26 -7.53
N ASP B 256 -6.01 72.14 -8.49
CA ASP B 256 -6.30 72.08 -9.90
C ASP B 256 -6.37 70.62 -10.31
N PRO B 257 -7.48 70.13 -10.90
CA PRO B 257 -7.50 68.72 -11.31
C PRO B 257 -6.41 68.41 -12.31
N LEU B 258 -6.10 69.33 -13.20
CA LEU B 258 -4.98 69.10 -14.09
C LEU B 258 -3.74 69.70 -13.44
N GLY B 259 -2.58 69.31 -13.93
CA GLY B 259 -1.37 69.83 -13.32
C GLY B 259 -0.78 68.86 -12.33
N LEU B 260 0.47 69.06 -12.02
CA LEU B 260 1.10 68.14 -11.10
C LEU B 260 0.77 68.52 -9.66
N PRO B 261 0.40 67.57 -8.82
CA PRO B 261 0.10 67.88 -7.43
C PRO B 261 1.31 68.51 -6.74
N GLU B 262 1.03 69.42 -5.83
CA GLU B 262 2.09 70.09 -5.09
C GLU B 262 2.97 69.08 -4.38
N GLU B 263 4.27 69.37 -4.35
CA GLU B 263 5.24 68.51 -3.70
C GLU B 263 5.46 68.99 -2.27
N SER B 264 5.69 68.05 -1.35
CA SER B 264 5.82 68.40 0.06
C SER B 264 6.77 67.49 0.79
N ALA B 265 7.92 68.04 1.20
CA ALA B 265 8.87 67.29 1.99
C ALA B 265 8.42 67.18 3.44
N GLY B 266 7.63 68.12 3.91
CA GLY B 266 7.16 68.10 5.29
C GLY B 266 6.30 66.90 5.58
N LEU B 267 6.02 66.70 6.88
CA LEU B 267 5.22 65.55 7.27
C LEU B 267 3.85 65.54 6.62
N ALA B 268 3.31 66.72 6.31
CA ALA B 268 2.00 66.76 5.68
C ALA B 268 2.04 66.12 4.30
N GLY B 269 3.22 65.90 3.75
CA GLY B 269 3.35 65.27 2.45
C GLY B 269 3.85 63.84 2.55
N ILE B 270 4.13 63.39 3.77
CA ILE B 270 4.60 62.03 3.99
C ILE B 270 3.57 61.22 4.75
N LEU B 271 2.55 61.86 5.31
CA LEU B 271 1.44 61.18 5.94
C LEU B 271 0.31 60.99 4.95
N ARG B 272 0.56 61.34 3.70
CA ARG B 272 -0.42 61.21 2.62
C ARG B 272 -1.67 62.02 2.90
N LEU B 273 -1.49 63.26 3.38
CA LEU B 273 -2.61 64.13 3.68
C LEU B 273 -2.52 65.45 2.93
N ASP B 274 -1.60 65.56 1.97
CA ASP B 274 -1.49 66.80 1.21
C ASP B 274 -2.38 66.80 -0.01
N HIS B 275 -2.50 65.65 -0.68
CA HIS B 275 -3.34 65.53 -1.87
C HIS B 275 -3.76 64.08 -2.00
N PHE B 276 -5.05 63.86 -2.23
CA PHE B 276 -5.59 62.53 -2.33
C PHE B 276 -5.91 62.19 -3.78
N ARG B 277 -5.91 60.90 -4.09
CA ARG B 277 -6.19 60.47 -5.46
C ARG B 277 -7.67 60.47 -5.78
N HIS B 278 -8.53 60.59 -4.78
CA HIS B 278 -9.96 60.61 -4.99
C HIS B 278 -10.54 61.96 -4.59
N ALA B 279 -11.83 62.13 -4.87
CA ALA B 279 -12.55 63.36 -4.59
C ALA B 279 -14.00 62.97 -4.35
N VAL B 280 -14.39 62.97 -3.08
CA VAL B 280 -15.74 62.64 -2.66
C VAL B 280 -16.43 63.90 -2.17
N LEU B 281 -17.76 63.82 -2.09
CA LEU B 281 -18.61 64.89 -1.61
C LEU B 281 -19.86 64.27 -1.01
N LEU B 282 -20.39 64.93 0.01
CA LEU B 282 -21.59 64.49 0.68
C LEU B 282 -22.70 65.47 0.38
N HIS B 283 -23.86 64.94 0.00
CA HIS B 283 -25.02 65.79 -0.24
C HIS B 283 -25.79 65.82 1.07
N PRO B 284 -25.88 66.95 1.74
CA PRO B 284 -26.55 67.00 3.04
C PRO B 284 -28.06 66.86 2.90
N SER B 285 -28.64 66.42 3.97
CA SER B 285 -30.08 66.32 4.09
C SER B 285 -30.57 67.58 4.79
N PRO B 286 -31.85 67.94 4.66
CA PRO B 286 -32.32 69.15 5.33
C PRO B 286 -32.17 69.07 6.84
N ASP B 287 -32.22 67.87 7.40
CA ASP B 287 -32.03 67.71 8.83
C ASP B 287 -30.63 68.10 9.26
N GLY B 288 -29.63 67.75 8.46
CA GLY B 288 -28.25 68.06 8.76
C GLY B 288 -27.47 66.97 9.44
N SER B 289 -28.13 65.86 9.81
CA SER B 289 -27.44 64.74 10.46
C SER B 289 -27.50 63.48 9.61
N HIS B 290 -27.77 63.60 8.32
CA HIS B 290 -27.84 62.46 7.43
C HIS B 290 -27.33 62.83 6.05
N VAL B 291 -26.72 61.86 5.40
CA VAL B 291 -26.24 62.00 4.03
C VAL B 291 -27.21 61.22 3.16
N VAL B 292 -27.60 61.82 2.03
CA VAL B 292 -28.55 61.21 1.13
C VAL B 292 -27.90 60.78 -0.18
N ASP B 293 -26.97 61.57 -0.68
CA ASP B 293 -26.27 61.24 -1.91
C ASP B 293 -24.80 61.57 -1.71
N ALA B 294 -23.96 61.07 -2.61
CA ALA B 294 -22.53 61.30 -2.50
C ALA B 294 -21.93 61.31 -3.90
N TRP B 295 -20.69 61.77 -3.98
CA TRP B 295 -19.94 61.79 -5.23
C TRP B 295 -18.55 61.25 -4.97
N VAL B 296 -18.12 60.31 -5.81
CA VAL B 296 -16.82 59.68 -5.70
C VAL B 296 -16.20 59.66 -7.08
N THR B 297 -15.11 60.39 -7.28
CA THR B 297 -14.51 60.38 -8.60
C THR B 297 -13.08 60.91 -8.54
N TRP B 298 -12.41 60.87 -9.68
CA TRP B 298 -11.02 61.27 -9.76
C TRP B 298 -10.82 62.75 -9.46
N ALA B 299 -9.77 63.02 -8.68
CA ALA B 299 -9.36 64.37 -8.32
C ALA B 299 -8.06 64.79 -8.97
N TRP B 300 -7.22 63.83 -9.34
CA TRP B 300 -5.93 64.08 -9.98
C TRP B 300 -5.74 63.03 -11.05
N ARG B 301 -5.38 63.44 -12.26
CA ARG B 301 -5.23 62.46 -13.31
C ARG B 301 -3.79 62.16 -13.68
N GLU B 302 -2.85 63.01 -13.33
CA GLU B 302 -1.46 62.75 -13.65
C GLU B 302 -0.76 62.07 -12.48
N ARG B 303 -0.15 60.92 -12.76
CA ARG B 303 0.51 60.09 -11.76
C ARG B 303 1.57 60.86 -10.99
N ASN B 304 1.76 60.45 -9.74
CA ASN B 304 2.76 61.04 -8.85
C ASN B 304 2.98 60.10 -7.67
N ILE B 305 4.23 59.66 -7.50
CA ILE B 305 4.59 58.79 -6.39
C ILE B 305 5.09 59.69 -5.26
N SER B 306 4.71 59.36 -4.04
CA SER B 306 5.06 60.21 -2.91
C SER B 306 6.49 59.98 -2.45
N PRO B 307 7.33 61.01 -2.43
CA PRO B 307 8.69 60.87 -1.91
C PRO B 307 8.65 60.73 -0.40
N GLU B 308 9.78 60.30 0.17
CA GLU B 308 9.89 60.11 1.61
C GLU B 308 8.81 59.13 2.10
N LEU B 309 9.05 57.87 1.72
CA LEU B 309 8.14 56.75 1.95
C LEU B 309 7.50 56.71 3.34
N ASP B 310 6.24 56.24 3.37
CA ASP B 310 5.36 56.17 4.53
C ASP B 310 6.00 55.47 5.73
N PRO B 311 6.11 56.12 6.88
CA PRO B 311 6.72 55.47 8.04
C PRO B 311 5.88 54.39 8.69
N TYR B 312 4.56 54.36 8.46
CA TYR B 312 3.74 53.36 9.13
C TYR B 312 3.90 51.97 8.53
N LEU B 313 3.92 51.87 7.20
CA LEU B 313 3.95 50.60 6.50
C LEU B 313 5.31 49.90 6.62
N ILE B 314 5.32 48.64 6.16
CA ILE B 314 6.53 47.84 6.02
C ILE B 314 6.84 47.75 4.54
N TYR B 315 8.06 48.09 4.16
CA TYR B 315 8.45 48.08 2.76
C TYR B 315 9.48 47.00 2.49
N GLN B 316 9.38 46.41 1.31
CA GLN B 316 10.27 45.36 0.87
C GLN B 316 10.65 45.65 -0.56
N THR B 317 11.89 45.33 -0.89
CA THR B 317 12.48 45.60 -2.18
C THR B 317 12.43 44.38 -3.08
N SER B 318 12.03 44.60 -4.33
CA SER B 318 12.00 43.56 -5.33
C SER B 318 13.17 43.79 -6.27
N LYS B 319 13.21 43.03 -7.36
CA LYS B 319 14.27 43.25 -8.31
C LYS B 319 13.99 44.50 -9.12
N GLU B 320 15.04 45.04 -9.72
CA GLU B 320 15.06 46.24 -10.55
C GLU B 320 15.11 47.54 -9.75
N GLY B 321 15.05 47.51 -8.41
CA GLY B 321 15.18 48.72 -7.64
C GLY B 321 13.90 49.30 -7.09
N ARG B 322 12.75 48.73 -7.42
CA ARG B 322 11.50 49.28 -6.91
C ARG B 322 11.26 48.81 -5.48
N VAL B 323 10.71 49.70 -4.67
CA VAL B 323 10.37 49.43 -3.28
C VAL B 323 8.86 49.47 -3.16
N TYR B 324 8.29 48.43 -2.57
CA TYR B 324 6.84 48.34 -2.48
C TYR B 324 6.41 47.89 -1.09
N PRO B 325 5.24 48.32 -0.64
CA PRO B 325 4.75 47.89 0.67
C PRO B 325 4.39 46.42 0.66
N ARG B 326 4.65 45.75 1.76
CA ARG B 326 4.32 44.34 1.82
C ARG B 326 2.80 44.27 1.88
N PRO B 327 2.16 43.58 0.95
CA PRO B 327 0.70 43.54 0.94
C PRO B 327 0.13 42.78 2.14
N ALA B 328 -1.13 43.07 2.41
CA ALA B 328 -1.82 42.42 3.51
C ALA B 328 -2.17 41.00 3.13
N GLU B 329 -2.51 40.20 4.14
CA GLU B 329 -2.84 38.80 3.90
C GLU B 329 -3.87 38.35 4.92
N ALA B 330 -5.07 38.02 4.46
CA ALA B 330 -6.08 37.50 5.38
C ALA B 330 -5.58 36.26 6.07
N GLU B 331 -4.69 35.53 5.40
CA GLU B 331 -4.12 34.30 5.93
C GLU B 331 -3.35 34.56 7.22
N ARG B 332 -2.87 35.78 7.42
CA ARG B 332 -2.16 36.12 8.64
C ARG B 332 -3.13 36.52 9.73
N ALA B 333 -4.34 36.93 9.36
CA ALA B 333 -5.37 37.31 10.29
C ALA B 333 -6.21 36.11 10.70
N ILE B 334 -5.85 34.91 10.23
CA ILE B 334 -6.59 33.72 10.59
C ILE B 334 -6.53 33.55 12.09
N TRP B 335 -5.42 33.95 12.69
CA TRP B 335 -5.26 34.00 14.13
C TRP B 335 -5.35 35.47 14.49
N ARG B 336 -5.90 35.78 15.65
CA ARG B 336 -6.02 37.18 15.98
C ARG B 336 -4.63 37.77 16.20
N ASP B 337 -4.56 39.10 16.20
CA ASP B 337 -3.38 39.90 16.52
C ASP B 337 -2.03 39.27 16.18
N LEU B 338 -1.84 38.84 14.93
CA LEU B 338 -0.57 38.22 14.55
C LEU B 338 0.50 39.25 14.29
N ASP B 339 0.21 40.26 13.48
CA ASP B 339 1.23 41.27 13.21
C ASP B 339 1.45 42.18 14.40
N ALA B 340 0.47 42.29 15.29
CA ALA B 340 0.61 43.10 16.49
C ALA B 340 1.92 42.83 17.22
N LEU B 341 2.34 41.58 17.28
CA LEU B 341 3.54 41.15 17.98
C LEU B 341 4.83 41.61 17.33
N LEU B 342 4.81 42.43 16.27
CA LEU B 342 6.08 42.86 15.70
C LEU B 342 6.92 43.68 16.67
N HIS B 343 6.39 43.99 17.85
CA HIS B 343 7.14 44.76 18.82
C HIS B 343 8.32 43.94 19.32
N TYR B 344 8.26 42.63 19.15
CA TYR B 344 9.36 41.71 19.45
C TYR B 344 10.23 41.70 18.19
N GLY B 345 11.20 40.80 18.07
CA GLY B 345 12.04 40.87 16.88
C GLY B 345 13.36 41.59 17.14
N GLU B 346 13.88 42.42 16.24
CA GLU B 346 13.21 42.95 15.05
C GLU B 346 14.06 43.09 13.79
N ASP B 347 13.74 42.42 12.67
CA ASP B 347 13.05 41.15 12.52
C ASP B 347 13.78 40.67 11.28
N GLY B 348 14.45 41.67 10.71
CA GLY B 348 15.22 41.68 9.49
C GLY B 348 14.45 42.44 8.43
N ASN B 349 14.74 43.74 8.31
CA ASN B 349 14.15 44.64 7.32
C ASN B 349 12.63 44.80 7.47
N TYR B 350 12.00 44.00 8.32
CA TYR B 350 10.55 44.06 8.52
C TYR B 350 10.16 44.97 9.68
N ARG B 351 10.41 46.27 9.51
CA ARG B 351 10.03 47.14 10.61
C ARG B 351 9.75 48.58 10.17
N PRO B 352 8.58 49.11 10.50
CA PRO B 352 8.26 50.49 10.12
C PRO B 352 9.25 51.47 10.72
N THR B 353 9.46 52.58 10.00
CA THR B 353 10.40 53.57 10.50
C THR B 353 9.84 54.32 11.69
N ILE B 354 8.52 54.54 11.75
CA ILE B 354 7.96 55.23 12.91
C ILE B 354 8.29 54.47 14.18
N LEU B 355 8.26 53.16 14.10
CA LEU B 355 8.65 52.38 15.27
C LEU B 355 10.13 52.50 15.48
N ASP B 356 10.89 52.56 14.38
CA ASP B 356 12.33 52.66 14.46
C ASP B 356 12.78 53.98 14.88
N ASN B 357 11.85 54.87 15.22
CA ASN B 357 12.25 56.18 15.69
C ASN B 357 11.39 56.60 16.87
N CYS B 358 10.64 55.68 17.47
CA CYS B 358 9.84 56.03 18.63
C CYS B 358 9.80 54.93 19.69
N THR B 359 9.87 53.67 19.31
CA THR B 359 9.88 52.55 20.24
C THR B 359 11.22 52.29 20.92
N PRO B 360 12.38 52.44 20.24
CA PRO B 360 13.65 52.11 20.91
C PRO B 360 14.10 53.10 21.97
N LEU B 361 15.30 52.87 22.46
CA LEU B 361 15.91 53.64 23.53
C LEU B 361 16.73 54.81 23.03
N ALA B 362 16.99 54.89 21.74
CA ALA B 362 17.73 56.03 21.21
C ALA B 362 16.91 57.30 21.20
N GLN B 363 15.72 57.20 21.78
CA GLN B 363 14.78 58.30 21.94
C GLN B 363 14.77 58.65 23.41
N VAL B 364 13.95 59.62 23.80
CA VAL B 364 14.01 59.96 25.22
C VAL B 364 12.69 59.71 25.96
N PRO B 365 12.04 58.55 25.82
CA PRO B 365 10.89 58.28 26.69
C PRO B 365 11.45 57.48 27.86
N GLN B 366 10.80 57.59 29.02
CA GLN B 366 11.37 56.91 30.17
C GLN B 366 10.55 55.76 30.71
N GLU B 367 9.25 55.93 30.93
CA GLU B 367 8.46 54.84 31.47
C GLU B 367 7.22 54.50 30.68
N VAL B 368 6.82 55.32 29.71
CA VAL B 368 5.69 54.93 28.90
C VAL B 368 6.13 53.84 27.95
N LEU B 369 7.43 53.82 27.63
CA LEU B 369 7.97 52.79 26.75
C LEU B 369 7.81 51.42 27.36
N ASP B 370 7.72 51.34 28.69
CA ASP B 370 7.60 50.05 29.36
C ASP B 370 6.17 49.56 29.37
N SER B 371 5.28 50.26 28.66
CA SER B 371 3.87 49.90 28.57
C SER B 371 3.38 50.06 27.14
N LEU B 372 4.28 50.25 26.19
CA LEU B 372 3.93 50.46 24.80
C LEU B 372 3.33 49.19 24.19
N ARG B 373 2.35 49.37 23.32
CA ARG B 373 1.63 48.29 22.66
C ARG B 373 1.46 48.64 21.19
N LEU B 374 1.55 47.65 20.31
CA LEU B 374 1.39 47.90 18.89
C LEU B 374 -0.01 47.57 18.41
N ARG B 375 -0.45 48.25 17.37
CA ARG B 375 -1.75 47.99 16.77
C ARG B 375 -1.59 48.01 15.26
N ALA B 376 -2.44 47.25 14.57
CA ALA B 376 -2.32 47.12 13.13
C ALA B 376 -3.67 47.13 12.46
N PHE B 377 -3.83 48.00 11.46
CA PHE B 377 -5.06 48.10 10.70
C PHE B 377 -4.75 47.59 9.31
N GLY B 378 -5.28 46.44 8.94
CA GLY B 378 -5.01 45.84 7.65
C GLY B 378 -6.28 45.62 6.85
N PHE B 379 -6.20 45.89 5.55
CA PHE B 379 -7.34 45.66 4.68
C PHE B 379 -6.80 45.08 3.38
N ASP B 380 -6.74 43.76 3.30
CA ASP B 380 -6.24 43.15 2.08
C ASP B 380 -7.25 43.31 0.96
N GLN B 381 -6.71 43.51 -0.24
CA GLN B 381 -7.41 43.90 -1.45
C GLN B 381 -6.51 43.65 -2.63
N ASP B 382 -7.12 43.61 -3.79
CA ASP B 382 -6.34 43.53 -5.01
C ASP B 382 -6.01 44.96 -5.38
N GLY B 383 -4.90 45.14 -6.08
CA GLY B 383 -4.49 46.49 -6.38
C GLY B 383 -5.37 47.24 -7.36
N GLN B 384 -6.28 46.56 -8.04
CA GLN B 384 -7.11 47.26 -9.03
C GLN B 384 -8.44 47.78 -8.48
N ALA B 385 -9.35 46.88 -8.11
CA ALA B 385 -10.64 47.32 -7.62
C ALA B 385 -11.40 46.30 -6.79
N ARG B 386 -10.77 45.18 -6.42
CA ARG B 386 -11.47 44.13 -5.70
C ARG B 386 -10.93 44.03 -4.28
N ASP B 387 -11.86 44.00 -3.32
CA ASP B 387 -11.57 43.98 -1.90
C ASP B 387 -11.86 42.62 -1.30
N LYS B 388 -11.04 42.21 -0.34
CA LYS B 388 -11.21 40.91 0.30
C LYS B 388 -11.52 40.99 1.78
N GLN B 389 -10.73 41.69 2.60
CA GLN B 389 -11.08 41.67 4.02
C GLN B 389 -10.35 42.74 4.82
N TRP B 390 -10.93 43.12 5.96
CA TRP B 390 -10.25 44.02 6.88
C TRP B 390 -10.11 43.33 8.23
N PHE B 391 -9.20 43.86 9.05
CA PHE B 391 -8.96 43.30 10.37
C PHE B 391 -8.02 44.20 11.15
N THR B 392 -8.25 44.26 12.45
CA THR B 392 -7.41 45.01 13.39
C THR B 392 -6.59 44.01 14.19
N ALA B 393 -5.52 44.49 14.80
CA ALA B 393 -4.65 43.59 15.56
C ALA B 393 -3.97 44.39 16.67
N THR B 394 -4.45 44.21 17.90
CA THR B 394 -3.86 44.85 19.07
C THR B 394 -3.10 43.78 19.84
N THR B 395 -1.85 44.08 20.20
CA THR B 395 -1.03 43.07 20.84
C THR B 395 -1.63 42.62 22.18
N PRO B 396 -1.42 41.35 22.54
CA PRO B 396 -1.95 40.80 23.80
C PRO B 396 -1.21 41.34 25.02
N ALA B 397 -1.93 42.04 25.88
CA ALA B 397 -1.29 42.53 27.10
C ALA B 397 -0.84 41.39 27.99
N VAL B 398 -1.36 40.18 27.77
CA VAL B 398 -0.97 39.05 28.59
C VAL B 398 0.51 38.77 28.43
N LEU B 399 1.04 38.99 27.22
CA LEU B 399 2.48 38.77 27.03
C LEU B 399 3.29 39.75 27.87
N ARG B 400 2.68 40.84 28.31
CA ARG B 400 3.37 41.74 29.22
C ARG B 400 3.20 41.21 30.63
N TRP B 401 1.97 40.77 30.93
CA TRP B 401 1.67 40.22 32.25
C TRP B 401 2.64 39.12 32.64
N LEU B 402 2.87 38.17 31.74
CA LEU B 402 3.82 37.09 32.04
C LEU B 402 5.21 37.62 32.37
N ALA B 403 5.66 38.64 31.65
CA ALA B 403 6.99 39.15 31.94
C ALA B 403 7.05 39.91 33.26
N ASP B 404 5.94 40.50 33.70
CA ASP B 404 5.95 41.28 34.93
C ASP B 404 5.63 40.48 36.18
N ARG B 405 4.74 39.50 36.06
CA ARG B 405 4.24 38.74 37.20
C ARG B 405 5.32 37.98 37.97
N GLU B 406 6.41 37.57 37.31
CA GLU B 406 7.39 36.75 38.02
C GLU B 406 8.35 37.56 38.88
N THR B 407 8.70 38.78 38.47
CA THR B 407 9.60 39.66 39.23
C THR B 407 10.98 39.04 39.47
N ASP B 408 11.47 38.24 38.53
CA ASP B 408 12.81 37.69 38.57
C ASP B 408 13.53 38.16 37.32
N ASP B 409 14.71 38.74 37.49
CA ASP B 409 15.42 39.30 36.34
C ASP B 409 15.78 38.24 35.32
N ASN B 410 16.35 37.13 35.77
CA ASN B 410 16.73 36.10 34.81
C ASN B 410 15.51 35.46 34.18
N GLU B 411 14.41 35.35 34.94
CA GLU B 411 13.22 34.75 34.36
C GLU B 411 12.46 35.79 33.54
N ASN B 412 12.53 37.06 33.95
CA ASN B 412 11.90 38.10 33.16
C ASN B 412 12.57 38.19 31.80
N ALA B 413 13.86 37.84 31.74
CA ALA B 413 14.55 37.86 30.45
C ALA B 413 14.39 36.55 29.70
N ARG B 414 14.22 35.44 30.41
CA ARG B 414 14.05 34.17 29.71
C ARG B 414 12.68 34.09 29.07
N ILE B 415 11.67 34.69 29.68
CA ILE B 415 10.33 34.64 29.10
C ILE B 415 10.30 35.43 27.81
N VAL B 416 10.69 36.71 27.87
CA VAL B 416 10.66 37.52 26.66
C VAL B 416 11.58 36.91 25.61
N ARG B 417 12.66 36.26 26.03
CA ARG B 417 13.51 35.63 25.04
C ARG B 417 12.73 34.50 24.37
N ARG B 418 11.87 33.83 25.12
CA ARG B 418 11.10 32.74 24.52
C ARG B 418 10.02 33.27 23.58
N ILE B 419 9.39 34.39 23.90
CA ILE B 419 8.42 34.96 22.95
C ILE B 419 9.12 35.45 21.70
N THR B 420 10.20 36.21 21.86
CA THR B 420 10.92 36.69 20.69
C THR B 420 11.33 35.53 19.79
N LEU B 421 11.95 34.50 20.37
CA LEU B 421 12.37 33.35 19.61
C LEU B 421 11.21 32.70 18.87
N ALA B 422 10.15 32.35 19.60
CA ALA B 422 9.02 31.69 18.97
C ALA B 422 8.40 32.52 17.87
N ARG B 423 8.36 33.85 18.01
CA ARG B 423 7.73 34.65 16.98
C ARG B 423 8.62 34.70 15.74
N LYS B 424 9.87 35.08 15.92
CA LYS B 424 10.80 35.12 14.78
C LYS B 424 10.77 33.83 13.99
N ALA B 425 11.01 32.71 14.67
CA ALA B 425 11.02 31.44 13.95
C ALA B 425 9.67 31.12 13.34
N ALA B 426 8.58 31.49 14.03
CA ALA B 426 7.25 31.23 13.49
C ALA B 426 7.08 31.86 12.11
N GLU B 427 7.28 33.17 12.02
CA GLU B 427 7.12 33.80 10.71
C GLU B 427 8.18 33.33 9.73
N ALA B 428 9.37 32.99 10.22
CA ALA B 428 10.40 32.49 9.32
C ALA B 428 9.92 31.26 8.57
N LEU B 429 9.39 30.29 9.31
CA LEU B 429 8.85 29.12 8.64
C LEU B 429 7.59 29.43 7.87
N GLY B 430 6.87 30.49 8.24
CA GLY B 430 5.70 30.85 7.46
C GLY B 430 6.09 31.25 6.05
N ARG B 431 7.10 32.10 5.92
CA ARG B 431 7.49 32.52 4.58
C ARG B 431 8.24 31.42 3.86
N ARG B 432 8.98 30.60 4.62
CA ARG B 432 9.69 29.51 3.97
C ARG B 432 8.69 28.51 3.41
N LEU B 433 7.56 28.38 4.08
CA LEU B 433 6.51 27.50 3.59
C LEU B 433 5.84 28.12 2.39
N GLU B 434 5.68 29.45 2.38
CA GLU B 434 5.08 30.08 1.22
C GLU B 434 5.91 29.80 -0.02
N LYS B 435 7.23 30.02 0.05
CA LYS B 435 7.99 29.76 -1.17
C LYS B 435 7.98 28.27 -1.46
N ALA B 436 7.86 27.43 -0.43
CA ALA B 436 7.80 25.99 -0.66
C ALA B 436 6.59 25.63 -1.51
N CYS B 437 5.42 26.18 -1.15
CA CYS B 437 4.21 25.90 -1.92
C CYS B 437 4.21 26.58 -3.28
N LYS B 438 4.80 27.77 -3.38
CA LYS B 438 4.82 28.45 -4.67
C LYS B 438 5.68 27.68 -5.66
N GLU B 439 6.83 27.19 -5.21
CA GLU B 439 7.67 26.42 -6.12
C GLU B 439 7.08 25.04 -6.36
N ALA B 440 6.42 24.46 -5.36
CA ALA B 440 5.81 23.14 -5.53
C ALA B 440 4.72 23.17 -6.58
N TRP B 441 3.83 24.15 -6.50
CA TRP B 441 2.76 24.21 -7.49
C TRP B 441 3.24 24.75 -8.83
N LYS B 442 4.18 25.70 -8.82
CA LYS B 442 4.64 26.25 -10.08
C LYS B 442 5.48 25.24 -10.84
N GLU B 443 6.06 24.27 -10.14
CA GLU B 443 6.90 23.27 -10.78
C GLU B 443 6.15 21.97 -11.05
N SER B 444 5.09 21.72 -10.30
CA SER B 444 4.30 20.50 -10.51
C SER B 444 3.72 20.46 -11.91
N ASN B 445 3.20 21.58 -12.39
CA ASN B 445 2.59 21.63 -13.71
C ASN B 445 3.61 21.80 -14.83
N SER B 446 4.70 22.50 -14.56
CA SER B 446 5.74 22.75 -15.55
C SER B 446 5.17 23.39 -16.81
N GLY B 463 -0.28 30.37 -7.23
CA GLY B 463 -0.87 29.04 -7.20
C GLY B 463 -1.99 28.89 -6.20
N PRO B 464 -2.74 27.79 -6.30
CA PRO B 464 -3.86 27.56 -5.37
C PRO B 464 -3.47 26.87 -4.08
N TRP B 465 -2.27 26.33 -3.95
CA TRP B 465 -1.89 25.67 -2.72
C TRP B 465 -1.46 26.63 -1.62
N VAL B 466 -1.04 27.84 -1.98
CA VAL B 466 -0.56 28.78 -0.97
C VAL B 466 -1.69 29.19 -0.03
N GLN B 467 -2.88 29.42 -0.56
CA GLN B 467 -4.00 29.85 0.28
C GLN B 467 -4.31 28.81 1.36
N HIS B 468 -4.53 27.56 0.95
CA HIS B 468 -4.85 26.51 1.92
C HIS B 468 -3.68 26.25 2.84
N GLY B 469 -2.49 26.07 2.29
CA GLY B 469 -1.32 25.79 3.11
C GLY B 469 -1.11 26.85 4.18
N MET B 470 -1.10 28.12 3.79
CA MET B 470 -0.88 29.18 4.77
C MET B 470 -2.02 29.27 5.77
N SER B 471 -3.26 29.31 5.28
CA SER B 471 -4.38 29.42 6.20
C SER B 471 -4.33 28.35 7.27
N ARG B 472 -4.24 27.10 6.84
CA ARG B 472 -4.16 26.01 7.80
C ARG B 472 -2.89 26.06 8.63
N TYR B 473 -1.81 26.63 8.07
CA TYR B 473 -0.56 26.70 8.82
C TYR B 473 -0.60 27.68 9.97
N TRP B 474 -1.10 28.89 9.75
CA TRP B 474 -1.18 29.80 10.89
C TRP B 474 -2.28 29.38 11.84
N ALA B 475 -3.46 29.07 11.30
CA ALA B 475 -4.55 28.62 12.15
C ALA B 475 -4.09 27.51 13.09
N LYS B 476 -3.33 26.56 12.56
CA LYS B 476 -2.86 25.46 13.39
C LYS B 476 -1.67 25.84 14.26
N ALA B 477 -0.76 26.66 13.75
CA ALA B 477 0.47 26.97 14.47
C ALA B 477 0.33 28.03 15.56
N GLU B 478 -0.77 28.74 15.67
CA GLU B 478 -0.81 29.70 16.78
C GLU B 478 -1.11 29.10 18.16
N PRO B 479 -1.98 28.10 18.28
CA PRO B 479 -2.14 27.48 19.60
C PRO B 479 -0.85 26.89 20.09
N VAL B 480 0.05 26.51 19.18
CA VAL B 480 1.35 26.04 19.60
C VAL B 480 2.12 27.20 20.21
N PHE B 481 2.02 28.38 19.60
CA PHE B 481 2.68 29.55 20.17
C PHE B 481 2.22 29.79 21.59
N TRP B 482 0.91 29.87 21.79
CA TRP B 482 0.44 30.05 23.16
C TRP B 482 0.80 28.86 24.03
N ASN B 483 1.11 27.73 23.42
CA ASN B 483 1.51 26.57 24.19
C ASN B 483 2.94 26.73 24.67
N ILE B 484 3.79 27.36 23.86
CA ILE B 484 5.18 27.58 24.22
C ILE B 484 5.33 28.73 25.19
N VAL B 485 4.44 29.73 25.13
CA VAL B 485 4.62 30.87 26.01
C VAL B 485 4.33 30.49 27.46
N TYR B 486 3.43 29.54 27.68
CA TYR B 486 3.11 29.08 29.02
C TYR B 486 3.90 27.84 29.40
N ASP B 487 5.04 27.61 28.73
CA ASP B 487 5.93 26.46 28.93
C ASP B 487 5.16 25.19 29.26
N ARG B 488 4.17 24.89 28.44
CA ARG B 488 3.38 23.68 28.54
C ARG B 488 3.86 22.68 27.51
N PRO B 489 3.60 21.40 27.69
CA PRO B 489 4.08 20.42 26.72
C PRO B 489 3.44 20.62 25.36
N ALA B 490 4.24 21.05 24.40
CA ALA B 490 3.80 21.28 23.03
C ALA B 490 4.16 20.11 22.14
N GLN B 491 3.58 20.12 20.95
CA GLN B 491 3.89 19.08 19.99
C GLN B 491 5.35 19.15 19.60
N GLY B 492 5.97 18.00 19.44
CA GLY B 492 7.36 18.01 19.06
C GLY B 492 8.28 18.23 20.23
N TYR B 493 8.13 19.34 20.97
CA TYR B 493 9.05 19.62 22.05
C TYR B 493 8.37 20.05 23.34
N THR B 494 8.85 19.47 24.45
CA THR B 494 8.47 19.57 25.85
C THR B 494 9.09 20.82 26.48
N PRO B 495 8.48 21.36 27.54
CA PRO B 495 9.01 22.59 28.14
C PRO B 495 10.38 22.36 28.74
N GLY B 496 11.00 23.45 29.14
CA GLY B 496 12.29 23.32 29.77
C GLY B 496 13.46 23.83 28.98
N MET B 497 13.43 23.63 27.67
CA MET B 497 14.56 24.03 26.83
C MET B 497 14.61 25.54 26.66
N ALA B 498 15.66 25.99 25.95
CA ALA B 498 15.93 27.42 25.80
C ALA B 498 14.85 28.16 25.03
N GLY B 499 14.65 27.82 23.76
CA GLY B 499 13.74 28.58 22.94
C GLY B 499 12.48 27.88 22.47
N PRO B 500 12.13 28.11 21.19
CA PRO B 500 10.93 27.48 20.63
C PRO B 500 11.07 26.00 20.55
N GLY B 501 12.28 25.49 20.73
CA GLY B 501 12.51 24.07 20.64
C GLY B 501 12.20 23.44 19.31
N ASN B 502 12.07 24.21 18.24
CA ASN B 502 11.85 23.63 16.91
C ASN B 502 10.57 22.78 16.85
N ALA B 503 9.44 23.39 17.20
CA ALA B 503 8.16 22.68 17.22
C ALA B 503 7.23 23.09 16.09
N PHE B 504 6.96 24.38 15.94
CA PHE B 504 6.10 24.77 14.84
C PHE B 504 6.71 24.40 13.50
N ASN B 505 8.00 24.08 13.46
CA ASN B 505 8.56 23.60 12.22
C ASN B 505 7.86 22.31 11.86
N LEU B 506 7.58 21.51 12.87
CA LEU B 506 6.86 20.27 12.69
C LEU B 506 5.42 20.59 12.34
N VAL B 507 4.93 21.73 12.84
CA VAL B 507 3.57 22.12 12.46
C VAL B 507 3.53 22.49 10.98
N ALA B 508 4.60 23.10 10.47
CA ALA B 508 4.68 23.43 9.06
C ALA B 508 4.77 22.17 8.23
N LEU B 509 5.46 21.16 8.73
CA LEU B 509 5.50 19.88 8.02
C LEU B 509 4.12 19.27 7.97
N ALA B 510 3.34 19.45 9.04
CA ALA B 510 1.99 18.91 9.06
C ALA B 510 1.12 19.59 8.02
N ALA B 511 1.04 20.92 8.08
CA ALA B 511 0.20 21.65 7.13
C ALA B 511 0.62 21.40 5.69
N TYR B 512 1.90 21.58 5.39
CA TYR B 512 2.39 21.32 4.04
C TYR B 512 2.15 19.90 3.60
N ASP B 513 2.39 18.93 4.49
CA ASP B 513 2.26 17.55 4.10
C ASP B 513 0.81 17.17 3.84
N GLU B 514 -0.15 17.81 4.50
CA GLU B 514 -1.54 17.46 4.28
C GLU B 514 -2.20 18.26 3.17
N VAL B 515 -1.76 19.50 2.93
CA VAL B 515 -2.40 20.28 1.87
C VAL B 515 -2.09 19.69 0.50
N THR B 516 -0.91 19.09 0.34
CA THR B 516 -0.49 18.50 -0.92
C THR B 516 -0.41 16.98 -0.89
N GLY B 517 -0.81 16.35 0.21
CA GLY B 517 -0.74 14.92 0.37
C GLY B 517 -1.50 14.10 -0.63
N PRO B 518 -2.81 14.34 -0.77
CA PRO B 518 -3.61 13.58 -1.74
C PRO B 518 -3.21 13.77 -3.18
N TYR B 519 -2.30 14.70 -3.48
CA TYR B 519 -1.94 14.97 -4.86
C TYR B 519 -0.55 14.51 -5.23
N CYS B 520 0.22 13.97 -4.27
CA CYS B 520 1.59 13.52 -4.50
C CYS B 520 1.64 12.02 -4.73
N GLU B 521 0.64 11.47 -5.40
CA GLU B 521 0.58 10.02 -5.58
C GLU B 521 1.50 9.55 -6.71
N ARG B 522 1.33 10.10 -7.91
CA ARG B 522 2.18 9.68 -9.00
C ARG B 522 3.61 10.19 -8.79
N PRO B 523 4.61 9.45 -9.27
CA PRO B 523 6.01 9.82 -9.00
C PRO B 523 6.43 11.22 -9.43
N ARG B 524 5.80 11.80 -10.44
CA ARG B 524 6.18 13.16 -10.84
C ARG B 524 5.95 14.15 -9.71
N VAL B 525 4.69 14.29 -9.31
CA VAL B 525 4.33 15.19 -8.22
C VAL B 525 5.03 14.80 -6.94
N ALA B 526 5.22 13.50 -6.74
CA ALA B 526 5.89 13.04 -5.52
C ALA B 526 7.32 13.55 -5.44
N LYS B 527 8.08 13.39 -6.52
CA LYS B 527 9.48 13.82 -6.43
C LYS B 527 9.60 15.33 -6.40
N VAL B 528 8.76 16.06 -7.14
CA VAL B 528 8.90 17.51 -7.06
C VAL B 528 8.46 18.02 -5.68
N VAL B 529 7.29 17.58 -5.22
CA VAL B 529 6.79 17.99 -3.91
C VAL B 529 7.80 17.66 -2.83
N GLU B 530 8.44 16.50 -2.92
CA GLU B 530 9.43 16.13 -1.93
C GLU B 530 10.66 17.02 -2.02
N ARG B 531 11.17 17.22 -3.25
CA ARG B 531 12.35 18.06 -3.43
C ARG B 531 12.14 19.43 -2.81
N HIS B 532 10.92 19.96 -2.89
CA HIS B 532 10.69 21.24 -2.22
C HIS B 532 10.35 21.04 -0.76
N ARG B 533 10.01 19.83 -0.35
CA ARG B 533 9.68 19.54 1.03
C ARG B 533 10.91 19.33 1.88
N SER B 534 12.10 19.26 1.27
CA SER B 534 13.32 19.04 2.03
C SER B 534 13.96 20.35 2.44
N THR B 535 13.18 21.40 2.57
CA THR B 535 13.64 22.70 3.01
C THR B 535 13.16 23.05 4.39
N LEU B 536 11.95 22.61 4.73
CA LEU B 536 11.39 22.87 6.05
C LEU B 536 12.28 22.32 7.15
N PHE B 537 13.10 21.35 6.84
CA PHE B 537 14.04 20.70 7.74
C PHE B 537 15.18 21.60 8.13
N SER B 538 15.11 22.90 7.81
CA SER B 538 16.12 23.88 8.17
C SER B 538 15.39 25.15 8.58
N ASN B 539 15.86 25.86 9.61
CA ASN B 539 17.01 25.59 10.47
C ASN B 539 17.12 24.20 11.10
N TRP B 540 16.12 23.82 11.89
CA TRP B 540 16.05 22.49 12.52
C TRP B 540 17.29 22.20 13.37
N THR B 541 17.41 22.92 14.48
CA THR B 541 18.53 22.70 15.39
C THR B 541 18.17 21.55 16.31
N PRO B 542 18.99 20.49 16.37
CA PRO B 542 18.63 19.31 17.17
C PRO B 542 18.63 19.53 18.67
N LYS B 543 18.33 18.47 19.42
CA LYS B 543 18.28 18.52 20.87
C LYS B 543 19.68 18.61 21.48
N THR C 2 -44.25 20.88 16.52
CA THR C 2 -44.46 21.72 15.34
C THR C 2 -43.19 21.80 14.51
N PHE C 3 -42.26 20.89 14.79
CA PHE C 3 -40.98 20.79 14.11
C PHE C 3 -40.88 19.41 13.48
N VAL C 4 -40.88 19.37 12.15
CA VAL C 4 -40.76 18.12 11.40
C VAL C 4 -39.28 17.88 11.14
N ASP C 5 -38.69 16.95 11.87
CA ASP C 5 -37.29 16.59 11.72
C ASP C 5 -37.23 15.37 10.81
N ILE C 6 -36.22 15.33 9.95
CA ILE C 6 -36.07 14.21 9.04
C ILE C 6 -34.62 13.77 8.97
N HIS C 7 -34.40 12.48 9.17
CA HIS C 7 -33.09 11.85 9.15
C HIS C 7 -33.08 10.79 8.05
N ALA C 8 -31.93 10.58 7.43
CA ALA C 8 -31.90 9.56 6.38
C ALA C 8 -30.49 9.07 6.12
N ILE C 9 -30.34 7.75 6.09
CA ILE C 9 -29.08 7.10 5.76
C ILE C 9 -29.13 6.72 4.29
N GLN C 10 -28.21 7.26 3.50
CA GLN C 10 -28.13 7.03 2.05
C GLN C 10 -26.70 6.72 1.64
N THR C 11 -26.48 5.55 1.05
CA THR C 11 -25.14 5.13 0.65
C THR C 11 -24.86 5.50 -0.81
N LEU C 12 -23.94 6.40 -1.01
CA LEU C 12 -23.56 6.79 -2.36
C LEU C 12 -22.34 6.03 -2.81
N PRO C 13 -22.37 5.49 -4.02
CA PRO C 13 -21.24 4.73 -4.56
C PRO C 13 -20.08 5.63 -4.95
N TYR C 14 -19.12 5.04 -5.65
CA TYR C 14 -17.89 5.71 -6.06
C TYR C 14 -18.21 6.85 -7.01
N SER C 15 -18.22 8.08 -6.48
CA SER C 15 -18.52 9.25 -7.28
C SER C 15 -17.90 10.46 -6.62
N ASN C 16 -18.28 11.65 -7.07
CA ASN C 16 -17.83 12.91 -6.48
C ASN C 16 -18.97 13.90 -6.67
N ILE C 17 -19.81 14.03 -5.65
CA ILE C 17 -20.98 14.90 -5.71
C ILE C 17 -20.67 16.38 -5.89
N ASN C 18 -20.03 17.01 -4.91
CA ASN C 18 -19.65 18.42 -5.03
C ASN C 18 -18.19 18.54 -4.65
N ARG C 19 -17.36 18.90 -5.60
CA ARG C 19 -15.94 18.94 -5.31
C ARG C 19 -15.57 20.25 -4.61
N ASP C 20 -14.34 20.27 -4.09
CA ASP C 20 -13.78 21.42 -3.40
C ASP C 20 -13.16 22.40 -4.39
N ASP C 21 -12.35 23.30 -3.87
CA ASP C 21 -11.66 24.30 -4.65
C ASP C 21 -10.53 23.71 -5.47
N LEU C 22 -10.23 22.42 -5.28
CA LEU C 22 -9.14 21.83 -6.04
C LEU C 22 -9.46 20.46 -6.62
N GLY C 23 -10.72 20.03 -6.60
CA GLY C 23 -11.13 18.76 -7.17
C GLY C 23 -11.60 17.76 -6.15
N SER C 24 -10.99 17.75 -4.97
CA SER C 24 -11.37 16.82 -3.93
C SER C 24 -12.79 17.08 -3.47
N PRO C 25 -13.44 16.07 -2.92
CA PRO C 25 -14.79 16.27 -2.37
C PRO C 25 -14.67 16.90 -1.00
N LYS C 26 -15.67 17.72 -0.67
CA LYS C 26 -15.64 18.45 0.60
C LYS C 26 -15.64 17.47 1.77
N THR C 27 -14.77 17.71 2.75
CA THR C 27 -14.63 16.83 3.89
C THR C 27 -14.57 17.57 5.22
N VAL C 28 -15.22 17.01 6.24
CA VAL C 28 -15.14 17.49 7.61
C VAL C 28 -14.35 16.45 8.37
N VAL C 29 -13.74 16.87 9.47
CA VAL C 29 -13.04 15.92 10.33
C VAL C 29 -13.80 15.83 11.64
N TYR C 30 -14.68 14.85 11.75
CA TYR C 30 -15.53 14.69 12.92
C TYR C 30 -15.09 13.50 13.75
N GLY C 31 -15.12 13.67 15.07
CA GLY C 31 -14.68 12.66 15.99
C GLY C 31 -13.25 12.22 15.70
N GLY C 32 -12.45 13.15 15.24
CA GLY C 32 -11.06 12.88 14.95
C GLY C 32 -10.77 12.35 13.57
N LYS C 33 -11.78 11.85 12.85
CA LYS C 33 -11.50 11.23 11.56
C LYS C 33 -12.10 12.00 10.39
N GLU C 34 -11.39 11.92 9.25
CA GLU C 34 -11.83 12.52 8.00
C GLU C 34 -13.14 11.91 7.56
N ARG C 35 -14.01 12.72 6.97
CA ARG C 35 -15.33 12.27 6.53
C ARG C 35 -15.78 13.11 5.35
N THR C 36 -15.93 12.51 4.18
CA THR C 36 -16.38 13.30 3.03
C THR C 36 -17.77 13.83 3.31
N ARG C 37 -18.08 15.00 2.76
CA ARG C 37 -19.38 15.57 3.02
C ARG C 37 -19.91 16.25 1.78
N VAL C 38 -21.23 16.38 1.76
CA VAL C 38 -21.95 17.12 0.73
C VAL C 38 -22.50 18.36 1.40
N SER C 39 -22.16 19.52 0.87
CA SER C 39 -22.60 20.77 1.45
C SER C 39 -24.12 20.86 1.51
N SER C 40 -24.62 21.67 2.45
CA SER C 40 -26.06 21.81 2.60
C SER C 40 -26.64 22.54 1.40
N GLN C 41 -25.92 23.52 0.87
CA GLN C 41 -26.41 24.20 -0.31
C GLN C 41 -26.65 23.20 -1.42
N SER C 42 -25.68 22.34 -1.71
CA SER C 42 -25.84 21.32 -2.73
C SER C 42 -27.18 20.61 -2.58
N TRP C 43 -27.35 19.88 -1.48
CA TRP C 43 -28.60 19.16 -1.24
C TRP C 43 -29.77 20.10 -1.04
N LYS C 44 -29.60 21.41 -1.23
CA LYS C 44 -30.72 22.34 -1.13
C LYS C 44 -31.08 22.68 -2.57
N ARG C 45 -30.19 23.33 -3.29
CA ARG C 45 -30.48 23.63 -4.69
C ARG C 45 -30.90 22.37 -5.45
N ALA C 46 -30.59 21.19 -4.90
CA ALA C 46 -30.98 19.96 -5.56
C ALA C 46 -32.37 19.55 -5.17
N VAL C 47 -32.81 19.92 -3.97
CA VAL C 47 -34.18 19.62 -3.58
C VAL C 47 -35.11 20.67 -4.17
N ARG C 48 -34.78 21.95 -3.96
CA ARG C 48 -35.57 23.04 -4.49
C ARG C 48 -35.77 22.89 -5.99
N HIS C 49 -34.66 22.80 -6.71
CA HIS C 49 -34.72 22.66 -8.17
C HIS C 49 -35.61 21.50 -8.57
N GLU C 50 -36.01 20.67 -7.61
CA GLU C 50 -36.89 19.55 -7.92
C GLU C 50 -38.29 19.81 -7.44
N VAL C 51 -38.43 20.58 -6.35
CA VAL C 51 -39.71 20.93 -5.78
C VAL C 51 -40.44 21.73 -6.83
N GLU C 52 -39.96 22.95 -7.11
CA GLU C 52 -40.64 23.76 -8.12
C GLU C 52 -41.02 22.94 -9.34
N ALA C 53 -40.08 22.11 -9.80
CA ALA C 53 -40.32 21.22 -10.94
C ALA C 53 -41.60 20.42 -10.83
N ARG C 54 -42.16 20.28 -9.62
CA ARG C 54 -43.40 19.55 -9.43
C ARG C 54 -44.44 20.44 -8.75
N LEU C 55 -44.19 20.93 -7.53
CA LEU C 55 -45.13 21.82 -6.86
C LEU C 55 -45.56 22.93 -7.80
N GLY C 56 -44.59 23.66 -8.35
CA GLY C 56 -44.89 24.71 -9.31
C GLY C 56 -45.41 24.13 -10.60
N ASP C 57 -45.78 22.85 -10.57
CA ASP C 57 -46.32 22.14 -11.71
C ASP C 57 -47.33 21.08 -11.27
N LYS C 58 -48.07 21.37 -10.18
CA LYS C 58 -49.09 20.48 -9.63
C LYS C 58 -50.38 21.26 -9.39
N ALA C 59 -50.92 21.95 -10.41
CA ALA C 59 -50.42 22.01 -11.80
C ALA C 59 -51.20 22.93 -12.69
N VAL C 60 -50.46 23.68 -13.50
CA VAL C 60 -51.06 24.59 -14.48
C VAL C 60 -52.09 23.83 -15.30
N ARG C 61 -52.06 22.50 -15.25
CA ARG C 61 -53.01 21.65 -15.93
C ARG C 61 -53.88 20.87 -14.95
N THR C 62 -53.83 21.19 -13.66
CA THR C 62 -54.64 20.49 -12.66
C THR C 62 -55.38 21.48 -11.76
N ARG C 63 -54.65 22.17 -10.88
CA ARG C 63 -55.30 23.13 -9.99
C ARG C 63 -55.46 24.50 -10.64
N ARG C 64 -54.45 24.95 -11.37
CA ARG C 64 -54.46 26.23 -12.09
C ARG C 64 -54.65 27.45 -11.20
N ILE C 65 -54.17 28.60 -11.67
CA ILE C 65 -54.29 29.85 -10.93
C ILE C 65 -55.49 30.66 -11.43
N ILE C 66 -55.69 30.71 -12.75
CA ILE C 66 -56.82 31.42 -13.32
C ILE C 66 -58.12 30.87 -12.78
N SER C 67 -58.15 29.59 -12.42
CA SER C 67 -59.35 28.96 -11.86
C SER C 67 -59.66 29.55 -10.49
N GLU C 68 -60.04 30.82 -10.48
CA GLU C 68 -60.37 31.55 -9.28
C GLU C 68 -61.76 32.14 -9.47
N ILE C 69 -61.94 33.42 -9.11
CA ILE C 69 -63.21 34.13 -9.18
C ILE C 69 -64.19 33.62 -8.14
N ALA C 70 -64.24 32.31 -7.93
CA ALA C 70 -65.11 31.66 -6.96
C ALA C 70 -65.13 32.34 -5.58
N LYS C 71 -64.39 33.44 -5.41
CA LYS C 71 -64.37 34.12 -4.12
C LYS C 71 -63.88 35.57 -4.22
N ARG C 72 -64.30 36.30 -5.26
CA ARG C 72 -63.92 37.69 -5.49
C ARG C 72 -64.33 38.19 -6.88
N LEU C 73 -64.46 37.29 -7.84
CA LEU C 73 -64.88 37.66 -9.18
C LEU C 73 -66.20 37.01 -9.58
N ARG C 74 -66.51 35.85 -9.01
CA ARG C 74 -67.73 35.08 -9.26
C ARG C 74 -68.74 35.50 -8.20
N GLU C 75 -68.72 34.85 -7.03
CA GLU C 75 -69.62 35.21 -5.94
C GLU C 75 -69.33 36.62 -5.42
N ARG C 76 -69.18 37.56 -6.32
CA ARG C 76 -68.93 38.97 -6.04
C ARG C 76 -69.74 39.90 -6.94
N GLY C 77 -70.10 39.46 -8.16
CA GLY C 77 -70.87 40.25 -9.10
C GLY C 77 -70.10 40.65 -10.34
N TRP C 78 -68.78 40.76 -10.25
CA TRP C 78 -67.99 41.16 -11.41
C TRP C 78 -68.14 40.16 -12.56
N ASP C 79 -69.12 40.42 -13.44
CA ASP C 79 -69.44 39.63 -14.62
C ASP C 79 -69.31 38.13 -14.43
N ALA C 80 -70.20 37.55 -13.61
CA ALA C 80 -70.22 36.12 -13.30
C ALA C 80 -70.01 35.21 -14.52
N ASP C 81 -70.20 35.74 -15.72
CA ASP C 81 -70.00 34.98 -16.95
C ASP C 81 -68.74 35.39 -17.68
N LEU C 82 -68.40 36.68 -17.64
CA LEU C 82 -67.19 37.20 -18.26
C LEU C 82 -65.99 37.01 -17.37
N ALA C 83 -66.13 36.17 -16.33
CA ALA C 83 -65.09 35.84 -15.35
C ALA C 83 -63.68 35.83 -15.92
N ASP C 84 -63.52 35.44 -17.19
CA ASP C 84 -62.19 35.41 -17.79
C ASP C 84 -61.55 36.79 -17.79
N ALA C 85 -62.28 37.77 -17.23
CA ALA C 85 -61.91 39.16 -17.06
C ALA C 85 -60.48 39.33 -16.55
N GLY C 86 -59.93 38.28 -15.96
CA GLY C 86 -58.58 38.32 -15.44
C GLY C 86 -58.29 37.53 -14.18
N ALA C 87 -57.98 36.23 -14.27
CA ALA C 87 -57.92 35.43 -15.51
C ALA C 87 -57.00 36.00 -16.60
N ARG C 88 -57.51 36.07 -17.83
CA ARG C 88 -56.70 36.58 -18.94
C ARG C 88 -55.98 37.89 -18.59
N GLN C 89 -56.51 38.65 -17.64
CA GLN C 89 -55.89 39.89 -17.13
C GLN C 89 -55.34 39.57 -15.75
N VAL C 90 -54.11 39.04 -15.71
CA VAL C 90 -53.28 38.58 -14.58
C VAL C 90 -52.20 37.72 -15.23
N VAL C 91 -51.87 38.00 -16.48
CA VAL C 91 -50.83 37.23 -17.16
C VAL C 91 -50.01 38.18 -18.01
N LEU C 92 -50.67 39.15 -18.62
CA LEU C 92 -50.00 40.14 -19.44
C LEU C 92 -50.20 41.54 -18.87
N PHE C 117 -44.35 33.58 -9.52
CA PHE C 117 -44.29 32.17 -9.85
C PHE C 117 -45.65 31.53 -9.60
N TYR C 118 -45.83 30.96 -8.41
CA TYR C 118 -47.08 30.31 -8.01
C TYR C 118 -47.35 30.74 -6.57
N LEU C 119 -48.57 31.18 -6.30
CA LEU C 119 -48.91 31.67 -4.97
C LEU C 119 -49.75 30.67 -4.17
N PRO C 120 -50.19 31.00 -2.92
CA PRO C 120 -51.01 30.04 -2.17
C PRO C 120 -52.51 30.28 -2.26
N VAL C 121 -53.05 31.07 -1.34
CA VAL C 121 -54.49 31.42 -1.27
C VAL C 121 -54.64 32.81 -0.65
N PRO C 122 -54.19 33.05 0.59
CA PRO C 122 -54.36 34.41 1.14
C PRO C 122 -53.75 35.42 0.20
N ALA C 123 -52.50 35.23 -0.21
CA ALA C 123 -51.92 36.14 -1.17
C ALA C 123 -52.61 36.07 -2.52
N ILE C 124 -53.54 35.12 -2.69
CA ILE C 124 -54.31 35.03 -3.93
C ILE C 124 -55.54 35.93 -3.81
N ASP C 125 -55.98 36.21 -2.58
CA ASP C 125 -57.09 37.13 -2.42
C ASP C 125 -56.77 38.41 -3.18
N GLU C 126 -55.50 38.81 -3.18
CA GLU C 126 -55.08 39.96 -3.96
C GLU C 126 -55.16 39.64 -5.45
N LEU C 127 -54.88 38.38 -5.80
CA LEU C 127 -54.91 37.91 -7.19
C LEU C 127 -56.29 38.12 -7.81
N ALA C 128 -57.36 37.87 -7.06
CA ALA C 128 -58.70 38.08 -7.57
C ALA C 128 -59.27 39.41 -7.11
N ALA C 129 -58.62 40.03 -6.13
CA ALA C 129 -58.91 41.31 -5.52
C ALA C 129 -58.53 42.41 -6.50
N ILE C 130 -57.28 42.88 -6.40
CA ILE C 130 -56.76 43.97 -7.23
C ILE C 130 -56.81 43.58 -8.72
N ALA C 131 -57.62 42.58 -9.05
CA ALA C 131 -57.84 42.11 -10.41
C ALA C 131 -59.17 42.61 -10.94
N ASP C 132 -59.98 43.21 -10.07
CA ASP C 132 -61.27 43.80 -10.34
C ASP C 132 -61.06 45.31 -10.35
N GLU C 133 -62.16 46.05 -10.46
CA GLU C 133 -62.22 47.51 -10.52
C GLU C 133 -61.65 47.92 -11.88
N HIS C 134 -61.18 49.16 -11.97
CA HIS C 134 -60.58 49.73 -13.18
C HIS C 134 -61.70 50.12 -14.13
N ARG C 135 -61.99 49.26 -15.11
CA ARG C 135 -63.07 49.56 -16.06
C ARG C 135 -64.05 48.38 -16.17
N ASP C 136 -63.69 47.21 -16.74
CA ASP C 136 -62.37 46.84 -17.26
C ASP C 136 -62.29 47.12 -18.76
N ALA C 137 -61.23 46.59 -19.39
CA ALA C 137 -61.01 46.82 -20.81
C ALA C 137 -61.08 45.52 -21.61
N VAL C 138 -61.82 44.53 -21.10
CA VAL C 138 -61.96 43.27 -21.84
C VAL C 138 -62.77 43.47 -23.11
N ALA C 139 -63.40 44.63 -23.25
CA ALA C 139 -64.21 45.00 -24.41
C ALA C 139 -63.51 44.73 -25.74
N LYS C 140 -62.20 44.50 -25.71
CA LYS C 140 -61.43 44.24 -26.92
C LYS C 140 -61.13 42.76 -27.08
N ILE C 150 -55.53 46.65 -18.84
CA ILE C 150 -54.96 45.30 -18.79
C ILE C 150 -53.46 45.36 -18.56
N LEU C 151 -52.97 46.55 -18.23
CA LEU C 151 -51.55 46.77 -17.98
C LEU C 151 -51.14 47.14 -16.55
N PRO C 152 -52.00 47.01 -15.49
CA PRO C 152 -51.51 47.37 -14.15
C PRO C 152 -51.01 46.15 -13.41
N ALA C 153 -49.69 45.94 -13.43
CA ALA C 153 -49.09 44.79 -12.78
C ALA C 153 -48.18 45.10 -11.62
N ASP C 154 -47.71 46.35 -11.47
CA ASP C 154 -46.87 46.72 -10.33
C ASP C 154 -47.52 46.36 -8.99
N ARG C 155 -48.82 46.05 -9.02
CA ARG C 155 -49.59 45.68 -7.84
C ARG C 155 -49.77 44.19 -7.67
N ILE C 156 -49.84 43.43 -8.76
CA ILE C 156 -49.99 41.98 -8.67
C ILE C 156 -48.62 41.30 -8.61
N THR C 157 -47.62 41.85 -9.30
CA THR C 157 -46.24 41.37 -9.37
C THR C 157 -45.73 40.98 -8.00
N GLU C 158 -46.26 41.59 -6.95
CA GLU C 158 -45.85 41.29 -5.59
C GLU C 158 -46.27 39.88 -5.16
N VAL C 159 -46.18 38.91 -6.08
CA VAL C 159 -46.53 37.54 -5.75
C VAL C 159 -45.53 36.98 -4.77
N LEU C 160 -44.24 37.26 -4.99
CA LEU C 160 -43.21 36.76 -4.09
C LEU C 160 -43.17 37.54 -2.79
N LYS C 161 -43.38 38.86 -2.85
CA LYS C 161 -43.42 39.68 -1.64
C LYS C 161 -44.31 39.08 -0.57
N SER C 162 -45.23 38.20 -0.95
CA SER C 162 -46.14 37.54 -0.03
C SER C 162 -46.42 36.11 -0.45
N ARG C 163 -45.43 35.45 -1.04
CA ARG C 163 -45.49 34.08 -1.53
C ARG C 163 -46.39 33.87 -2.73
N ASN C 164 -45.99 32.99 -3.67
CA ASN C 164 -44.75 32.18 -3.72
C ASN C 164 -44.39 31.34 -2.49
N VAL C 165 -45.21 30.33 -2.17
CA VAL C 165 -44.94 29.47 -1.02
C VAL C 165 -43.49 28.99 -1.04
N SER C 166 -42.92 28.85 -2.24
CA SER C 166 -41.54 28.43 -2.39
C SER C 166 -40.58 29.45 -1.79
N VAL C 167 -41.14 30.47 -1.15
CA VAL C 167 -40.35 31.47 -0.46
C VAL C 167 -40.57 31.36 1.05
N ASN C 168 -41.65 30.72 1.48
CA ASN C 168 -41.86 30.51 2.90
C ASN C 168 -41.25 29.19 3.32
N LEU C 169 -41.21 28.23 2.41
CA LEU C 169 -40.58 26.96 2.73
C LEU C 169 -39.08 27.17 2.85
N PHE C 170 -38.47 27.63 1.77
CA PHE C 170 -37.07 27.96 1.66
C PHE C 170 -36.98 29.47 1.66
N GLY C 171 -35.82 29.99 2.01
CA GLY C 171 -35.61 31.43 2.02
C GLY C 171 -35.91 32.09 0.69
N ARG C 172 -35.71 33.42 0.61
CA ARG C 172 -35.96 34.20 -0.60
C ARG C 172 -35.58 33.47 -1.87
N MET C 173 -35.93 34.02 -3.02
CA MET C 173 -35.55 33.38 -4.27
C MET C 173 -34.06 33.60 -4.46
N LEU C 174 -33.56 33.35 -5.65
CA LEU C 174 -32.16 33.57 -5.88
C LEU C 174 -31.95 34.63 -6.94
N ALA C 175 -33.02 35.11 -7.58
CA ALA C 175 -32.94 36.11 -8.62
C ALA C 175 -33.80 37.34 -8.36
N GLU C 176 -34.38 37.46 -7.17
CA GLU C 176 -35.22 38.60 -6.83
C GLU C 176 -34.65 39.27 -5.58
N LEU C 177 -34.72 40.61 -5.53
CA LEU C 177 -34.25 41.37 -4.39
C LEU C 177 -34.89 40.81 -3.13
N PRO C 178 -34.44 41.15 -1.92
CA PRO C 178 -35.08 40.60 -0.72
C PRO C 178 -36.58 40.89 -0.72
N SER C 179 -37.29 40.25 0.20
CA SER C 179 -38.73 40.47 0.20
C SER C 179 -39.31 40.28 1.60
N THR C 180 -38.94 41.16 2.52
CA THR C 180 -39.45 41.16 3.89
C THR C 180 -39.22 39.84 4.63
N GLU C 181 -39.21 38.71 3.91
CA GLU C 181 -39.01 37.40 4.51
C GLU C 181 -37.78 36.74 3.86
N VAL C 182 -36.60 37.17 4.29
CA VAL C 182 -35.35 36.62 3.78
C VAL C 182 -35.25 35.12 4.12
N ASP C 183 -35.64 34.76 5.34
CA ASP C 183 -35.59 33.38 5.79
C ASP C 183 -36.62 32.56 5.02
N GLY C 184 -36.68 31.23 5.24
CA GLY C 184 -35.91 30.43 6.17
C GLY C 184 -36.77 29.24 6.52
N ALA C 185 -36.93 28.94 7.82
CA ALA C 185 -37.77 27.85 8.30
C ALA C 185 -37.15 26.47 8.13
N VAL C 186 -36.84 26.09 6.89
CA VAL C 186 -36.31 24.77 6.59
C VAL C 186 -34.81 24.65 6.90
N GLN C 187 -34.48 24.48 8.18
CA GLN C 187 -33.07 24.31 8.50
C GLN C 187 -32.56 23.08 7.77
N PHE C 188 -31.39 23.20 7.17
CA PHE C 188 -30.82 22.09 6.42
C PHE C 188 -29.42 21.81 6.95
N ALA C 189 -29.11 20.56 7.24
CA ALA C 189 -27.79 20.28 7.77
C ALA C 189 -26.88 19.65 6.72
N HIS C 190 -25.58 19.82 6.93
CA HIS C 190 -24.58 19.23 6.06
C HIS C 190 -24.61 17.72 6.22
N ALA C 191 -24.26 17.00 5.15
CA ALA C 191 -24.30 15.55 5.17
C ALA C 191 -22.88 15.00 5.19
N PHE C 192 -22.47 14.44 6.32
CA PHE C 192 -21.16 13.83 6.49
C PHE C 192 -21.30 12.31 6.58
N THR C 193 -20.23 11.60 6.23
CA THR C 193 -20.24 10.16 6.29
C THR C 193 -20.31 9.65 7.73
N VAL C 194 -20.71 8.39 7.87
CA VAL C 194 -20.79 7.76 9.17
C VAL C 194 -19.54 6.96 9.46
N HIS C 195 -18.55 7.00 8.58
CA HIS C 195 -17.31 6.25 8.75
C HIS C 195 -16.21 6.97 7.98
N GLY C 196 -15.00 6.97 8.54
CA GLY C 196 -13.89 7.64 7.92
C GLY C 196 -13.59 7.14 6.53
N THR C 197 -13.64 8.04 5.55
CA THR C 197 -13.40 7.71 4.15
C THR C 197 -12.34 8.64 3.58
N THR C 198 -11.28 8.08 3.03
CA THR C 198 -10.24 8.88 2.41
C THR C 198 -10.47 8.96 0.91
N VAL C 199 -10.15 10.12 0.33
CA VAL C 199 -10.29 10.32 -1.09
C VAL C 199 -9.41 9.31 -1.81
N GLU C 200 -9.81 8.96 -3.03
CA GLU C 200 -9.01 8.05 -3.83
C GLU C 200 -8.83 8.62 -5.22
N VAL C 201 -7.59 8.63 -5.67
CA VAL C 201 -7.18 9.24 -6.92
C VAL C 201 -7.56 8.35 -8.09
N ASP C 202 -8.33 8.89 -9.01
CA ASP C 202 -8.72 8.18 -10.23
C ASP C 202 -7.89 8.74 -11.37
N PHE C 203 -6.82 8.03 -11.71
CA PHE C 203 -5.98 8.44 -12.81
C PHE C 203 -6.78 8.29 -14.10
N PHE C 204 -6.92 9.36 -14.87
CA PHE C 204 -7.67 9.25 -16.11
C PHE C 204 -6.91 9.94 -17.22
N THR C 205 -7.31 9.63 -18.46
CA THR C 205 -6.59 10.17 -19.59
C THR C 205 -7.52 10.36 -20.77
N ALA C 206 -7.22 11.37 -21.58
CA ALA C 206 -7.98 11.64 -22.80
C ALA C 206 -7.19 11.11 -23.98
N VAL C 207 -7.86 10.44 -24.91
CA VAL C 207 -7.24 9.86 -26.09
C VAL C 207 -7.70 10.56 -27.36
N ASP C 208 -6.74 11.13 -28.10
CA ASP C 208 -7.07 11.78 -29.36
C ASP C 208 -7.24 10.71 -30.43
N ASP C 209 -8.21 10.89 -31.30
CA ASP C 209 -8.52 9.93 -32.34
C ASP C 209 -7.73 10.11 -33.64
N ILE C 210 -6.87 11.12 -33.74
CA ILE C 210 -6.11 11.29 -34.97
C ILE C 210 -4.67 10.94 -34.68
N PRO C 211 -4.22 9.75 -35.08
CA PRO C 211 -2.84 9.33 -34.76
C PRO C 211 -1.80 9.71 -35.79
N LYS C 212 -0.68 10.18 -35.27
CA LYS C 212 0.51 10.52 -36.05
C LYS C 212 1.37 9.26 -36.13
N GLU C 213 2.59 9.38 -36.65
CA GLU C 213 3.47 8.23 -36.77
C GLU C 213 4.24 7.97 -35.49
N ASN C 214 3.76 8.50 -34.36
CA ASN C 214 4.30 8.25 -33.03
C ASN C 214 3.05 8.08 -32.17
N ASP C 215 2.62 6.84 -32.04
CA ASP C 215 1.36 6.52 -31.38
C ASP C 215 1.49 6.64 -29.87
N HIS C 216 0.36 6.41 -29.20
CA HIS C 216 0.21 6.43 -27.75
C HIS C 216 0.28 7.83 -27.18
N GLY C 217 0.33 8.83 -28.04
CA GLY C 217 0.35 10.22 -27.62
C GLY C 217 -1.06 10.61 -27.21
N SER C 218 -1.52 10.09 -26.08
CA SER C 218 -2.89 10.31 -25.65
C SER C 218 -3.20 11.80 -25.52
N GLY C 219 -4.49 12.09 -25.34
CA GLY C 219 -4.94 13.47 -25.30
C GLY C 219 -4.40 14.24 -24.12
N HIS C 220 -4.81 13.91 -22.90
CA HIS C 220 -4.21 14.62 -21.77
C HIS C 220 -4.34 13.76 -20.53
N MET C 221 -3.20 13.40 -19.97
CA MET C 221 -3.16 12.67 -18.73
C MET C 221 -3.61 13.58 -17.59
N ASN C 222 -4.23 13.02 -16.56
CA ASN C 222 -4.71 13.83 -15.44
C ASN C 222 -5.19 12.90 -14.32
N ALA C 223 -5.58 13.49 -13.20
CA ALA C 223 -6.04 12.73 -12.04
C ALA C 223 -7.25 13.38 -11.40
N GLY C 224 -8.35 12.63 -11.29
CA GLY C 224 -9.58 13.11 -10.69
C GLY C 224 -9.93 12.36 -9.43
N GLN C 225 -10.14 13.05 -8.31
CA GLN C 225 -10.39 12.40 -7.03
C GLN C 225 -11.87 12.06 -6.83
N PHE C 226 -12.13 10.84 -6.37
CA PHE C 226 -13.48 10.37 -6.08
C PHE C 226 -13.48 9.75 -4.68
N SER C 227 -14.68 9.52 -4.15
CA SER C 227 -14.84 8.90 -2.85
C SER C 227 -16.25 8.33 -2.75
N ALA C 228 -16.37 7.22 -2.06
CA ALA C 228 -17.66 6.58 -1.85
C ALA C 228 -17.95 6.49 -0.36
N GLY C 229 -19.19 6.18 -0.01
CA GLY C 229 -19.52 6.06 1.40
C GLY C 229 -20.99 6.23 1.65
N THR C 230 -21.36 6.01 2.91
CA THR C 230 -22.75 6.05 3.38
C THR C 230 -23.00 7.32 4.20
N PHE C 231 -23.58 8.31 3.54
CA PHE C 231 -23.88 9.61 4.12
C PHE C 231 -25.10 9.59 5.03
N TYR C 232 -25.04 10.43 6.06
CA TYR C 232 -26.13 10.68 6.98
C TYR C 232 -26.66 12.07 6.68
N ARG C 233 -27.99 12.23 6.62
CA ARG C 233 -28.56 13.53 6.26
C ARG C 233 -29.69 13.92 7.21
N TYR C 234 -29.88 15.23 7.39
CA TYR C 234 -30.86 15.72 8.35
C TYR C 234 -31.40 17.10 7.97
N ALA C 235 -32.68 17.34 8.27
CA ALA C 235 -33.31 18.63 7.97
C ALA C 235 -34.54 18.86 8.84
N ASN C 236 -34.85 20.14 9.10
CA ASN C 236 -35.99 20.52 9.93
C ASN C 236 -36.94 21.45 9.20
N VAL C 237 -38.23 21.30 9.47
CA VAL C 237 -39.31 22.12 8.90
C VAL C 237 -40.19 22.65 10.04
N ASN C 238 -40.13 23.96 10.30
CA ASN C 238 -40.84 24.60 11.41
C ASN C 238 -42.20 25.15 10.97
N LEU C 239 -43.18 24.24 10.89
CA LEU C 239 -44.50 24.68 10.45
C LEU C 239 -45.08 25.72 11.39
N ASP C 240 -44.72 25.66 12.68
CA ASP C 240 -45.17 26.65 13.66
C ASP C 240 -45.03 28.03 13.06
N ARG C 241 -43.81 28.58 13.11
CA ARG C 241 -43.57 29.87 12.50
C ARG C 241 -43.59 29.78 10.97
N LEU C 242 -44.23 28.76 10.41
CA LEU C 242 -44.30 28.69 8.95
C LEU C 242 -45.68 29.10 8.50
N VAL C 243 -46.67 28.21 8.68
CA VAL C 243 -48.06 28.45 8.27
C VAL C 243 -48.48 29.92 8.36
N GLU C 244 -48.00 30.64 9.37
CA GLU C 244 -48.33 32.05 9.52
C GLU C 244 -48.09 32.79 8.21
N ASN C 245 -46.81 32.88 7.81
CA ASN C 245 -46.38 33.54 6.58
C ASN C 245 -47.24 33.18 5.37
N THR C 246 -47.97 32.07 5.46
CA THR C 246 -48.85 31.60 4.41
C THR C 246 -50.27 31.68 4.93
N GLY C 247 -50.87 30.52 5.19
CA GLY C 247 -52.22 30.45 5.73
C GLY C 247 -52.82 29.09 5.56
N ASP C 248 -53.62 28.87 4.51
CA ASP C 248 -54.25 27.58 4.27
C ASP C 248 -53.40 26.37 4.65
N ALA C 249 -53.64 25.89 5.88
CA ALA C 249 -52.92 24.75 6.41
C ALA C 249 -52.88 23.62 5.40
N GLN C 250 -53.77 23.63 4.42
CA GLN C 250 -53.76 22.60 3.40
C GLN C 250 -52.67 22.89 2.39
N THR C 251 -52.52 24.15 2.00
CA THR C 251 -51.42 24.50 1.11
C THR C 251 -50.09 24.23 1.79
N ALA C 252 -49.98 24.64 3.06
CA ALA C 252 -48.77 24.36 3.81
C ALA C 252 -48.51 22.86 3.87
N ARG C 253 -49.57 22.08 4.11
CA ARG C 253 -49.45 20.64 4.18
C ARG C 253 -48.92 20.08 2.87
N THR C 254 -49.37 20.63 1.75
CA THR C 254 -48.87 20.14 0.48
C THR C 254 -47.41 20.51 0.30
N ALA C 255 -47.04 21.71 0.75
CA ALA C 255 -45.65 22.12 0.57
C ALA C 255 -44.70 21.28 1.40
N VAL C 256 -45.08 20.94 2.62
CA VAL C 256 -44.16 20.15 3.43
C VAL C 256 -44.13 18.70 2.94
N ALA C 257 -45.28 18.16 2.51
CA ALA C 257 -45.26 16.79 2.02
C ALA C 257 -44.38 16.66 0.78
N GLU C 258 -44.54 17.57 -0.17
CA GLU C 258 -43.70 17.49 -1.37
C GLU C 258 -42.26 17.79 -1.01
N PHE C 259 -42.04 18.58 0.03
CA PHE C 259 -40.67 18.84 0.46
C PHE C 259 -40.02 17.56 0.94
N LEU C 260 -40.68 16.82 1.82
CA LEU C 260 -40.08 15.58 2.30
C LEU C 260 -39.83 14.62 1.14
N ARG C 261 -40.80 14.50 0.23
CA ARG C 261 -40.58 13.60 -0.89
C ARG C 261 -39.41 14.05 -1.75
N ALA C 262 -39.22 15.35 -1.87
CA ALA C 262 -38.08 15.84 -2.64
C ALA C 262 -36.79 15.66 -1.88
N PHE C 263 -36.85 15.68 -0.55
CA PHE C 263 -35.64 15.52 0.24
C PHE C 263 -35.11 14.11 0.11
N LEU C 264 -35.99 13.13 0.09
CA LEU C 264 -35.51 11.76 -0.11
C LEU C 264 -35.17 11.51 -1.58
N SER C 265 -36.08 11.93 -2.46
CA SER C 265 -35.95 11.70 -3.88
C SER C 265 -34.69 12.31 -4.48
N THR C 266 -34.51 13.62 -4.33
CA THR C 266 -33.41 14.28 -5.02
C THR C 266 -32.05 13.75 -4.58
N VAL C 267 -31.07 14.03 -5.45
CA VAL C 267 -29.66 13.70 -5.34
C VAL C 267 -29.00 14.82 -6.12
N PRO C 268 -27.85 15.36 -5.71
CA PRO C 268 -27.29 16.49 -6.46
C PRO C 268 -26.98 16.10 -7.90
N SER C 269 -26.59 17.11 -8.66
CA SER C 269 -26.30 16.95 -10.07
C SER C 269 -24.83 17.19 -10.37
N GLY C 270 -23.95 16.78 -9.46
CA GLY C 270 -22.53 16.95 -9.65
C GLY C 270 -21.87 15.71 -10.22
N LYS C 271 -21.34 15.84 -11.42
CA LYS C 271 -20.64 14.76 -12.12
C LYS C 271 -21.45 13.47 -12.15
N GLN C 272 -22.77 13.59 -12.31
CA GLN C 272 -23.56 12.37 -12.33
C GLN C 272 -23.49 11.71 -13.69
N ASN C 273 -23.31 12.52 -14.74
CA ASN C 273 -23.20 12.05 -16.12
C ASN C 273 -21.90 11.30 -16.35
N ALA C 274 -21.00 11.33 -15.38
CA ALA C 274 -19.76 10.59 -15.47
C ALA C 274 -19.65 9.55 -14.37
N THR C 275 -20.41 9.68 -13.30
CA THR C 275 -20.45 8.69 -12.22
C THR C 275 -21.92 8.71 -11.81
N ALA C 276 -22.70 7.81 -12.39
CA ALA C 276 -24.11 7.75 -12.06
C ALA C 276 -24.24 7.25 -10.63
N ALA C 277 -24.59 8.16 -9.72
CA ALA C 277 -24.72 7.84 -8.31
C ALA C 277 -26.14 8.10 -7.80
N MET C 278 -27.13 7.87 -8.64
CA MET C 278 -28.52 8.09 -8.21
C MET C 278 -28.94 6.97 -7.28
N THR C 279 -29.48 7.32 -6.11
CA THR C 279 -29.81 6.33 -5.10
C THR C 279 -30.97 6.86 -4.26
N LEU C 280 -31.45 6.03 -3.33
CA LEU C 280 -32.47 6.34 -2.35
C LEU C 280 -31.95 6.02 -0.96
N PRO C 281 -32.40 6.75 0.04
CA PRO C 281 -31.90 6.54 1.40
C PRO C 281 -32.24 5.16 1.92
N ASP C 282 -31.24 4.48 2.48
CA ASP C 282 -31.48 3.16 3.02
C ASP C 282 -32.24 3.21 4.33
N LEU C 283 -32.40 4.38 4.92
CA LEU C 283 -33.18 4.49 6.15
C LEU C 283 -33.79 5.87 6.17
N VAL C 284 -35.09 5.95 6.47
CA VAL C 284 -35.76 7.24 6.50
C VAL C 284 -36.54 7.36 7.80
N HIS C 285 -36.23 8.38 8.59
CA HIS C 285 -36.86 8.61 9.88
C HIS C 285 -37.41 10.03 9.99
N ILE C 286 -38.72 10.18 9.88
CA ILE C 286 -39.38 11.47 10.08
C ILE C 286 -39.96 11.47 11.47
N ALA C 287 -39.71 12.52 12.23
CA ALA C 287 -40.27 12.65 13.56
C ALA C 287 -40.89 14.02 13.68
N VAL C 288 -42.02 14.09 14.37
CA VAL C 288 -42.73 15.34 14.59
C VAL C 288 -42.58 15.65 16.06
N ARG C 289 -41.88 16.73 16.37
CA ARG C 289 -41.64 17.12 17.75
C ARG C 289 -42.38 18.42 18.02
N PHE C 290 -42.98 18.52 19.21
CA PHE C 290 -43.76 19.68 19.54
C PHE C 290 -42.99 20.66 20.41
N ASP C 291 -41.75 20.37 20.75
CA ASP C 291 -40.96 21.28 21.56
C ASP C 291 -39.76 21.87 20.84
N ARG C 292 -38.90 21.04 20.27
CA ARG C 292 -37.71 21.55 19.60
C ARG C 292 -37.17 20.50 18.66
N PRO C 293 -36.56 20.90 17.55
CA PRO C 293 -35.98 19.91 16.65
C PRO C 293 -34.70 19.35 17.23
N ILE C 294 -34.39 18.12 16.84
CA ILE C 294 -33.20 17.47 17.36
C ILE C 294 -32.57 16.62 16.26
N SER C 295 -31.26 16.67 16.19
CA SER C 295 -30.50 15.92 15.20
C SER C 295 -29.85 14.72 15.86
N PHE C 296 -29.51 13.73 15.06
CA PHE C 296 -28.85 12.54 15.55
C PHE C 296 -27.39 12.48 15.11
N ALA C 297 -26.84 13.61 14.71
CA ALA C 297 -25.45 13.62 14.23
C ALA C 297 -24.47 13.07 15.26
N PRO C 298 -24.52 13.45 16.54
CA PRO C 298 -23.53 12.92 17.48
C PRO C 298 -23.57 11.41 17.61
N ALA C 299 -24.64 10.76 17.18
CA ALA C 299 -24.67 9.29 17.20
C ALA C 299 -23.53 8.73 16.38
N PHE C 300 -23.15 9.43 15.32
CA PHE C 300 -22.10 9.04 14.41
C PHE C 300 -20.80 9.74 14.71
N GLU C 301 -20.57 10.11 15.98
CA GLU C 301 -19.35 10.79 16.34
C GLU C 301 -18.17 9.82 16.28
N THR C 302 -18.24 8.74 17.04
CA THR C 302 -17.19 7.72 16.96
C THR C 302 -17.32 7.06 15.60
N ALA C 303 -16.34 7.28 14.72
CA ALA C 303 -16.41 6.72 13.38
C ALA C 303 -16.53 5.20 13.45
N LEU C 304 -17.08 4.64 12.39
CA LEU C 304 -17.30 3.20 12.34
C LEU C 304 -16.21 2.51 11.53
N TYR C 305 -15.56 1.54 12.15
CA TYR C 305 -14.57 0.78 11.40
C TYR C 305 -15.32 -0.29 10.62
N GLY C 306 -14.73 -0.73 9.52
CA GLY C 306 -15.46 -1.63 8.65
C GLY C 306 -15.05 -3.05 8.33
N SER C 307 -14.76 -3.23 7.04
CA SER C 307 -14.48 -4.49 6.35
C SER C 307 -15.78 -5.25 6.14
N ASP C 308 -16.85 -4.77 6.77
CA ASP C 308 -18.22 -5.24 6.58
C ASP C 308 -19.04 -4.10 5.99
N GLY C 309 -20.33 -4.33 5.87
CA GLY C 309 -21.20 -3.28 5.40
C GLY C 309 -21.40 -2.23 6.48
N TYR C 310 -21.96 -1.09 6.09
CA TYR C 310 -22.21 -0.02 7.04
C TYR C 310 -23.67 0.33 7.23
N THR C 311 -24.57 -0.19 6.38
CA THR C 311 -25.96 0.22 6.53
C THR C 311 -26.59 -0.39 7.77
N LEU C 312 -26.43 -1.69 7.97
CA LEU C 312 -27.06 -2.31 9.13
C LEU C 312 -26.47 -1.76 10.43
N ARG C 313 -25.14 -1.66 10.49
CA ARG C 313 -24.52 -1.13 11.69
C ARG C 313 -24.99 0.29 11.96
N ALA C 314 -25.08 1.09 10.90
CA ALA C 314 -25.55 2.47 11.09
C ALA C 314 -26.99 2.51 11.55
N CYS C 315 -27.83 1.64 11.02
CA CYS C 315 -29.23 1.62 11.43
C CYS C 315 -29.36 1.27 12.91
N GLN C 316 -28.78 0.14 13.32
CA GLN C 316 -28.91 -0.26 14.73
C GLN C 316 -28.21 0.71 15.65
N GLU C 317 -27.18 1.42 15.18
CA GLU C 317 -26.52 2.36 16.06
C GLU C 317 -27.33 3.64 16.20
N LEU C 318 -28.00 4.05 15.14
CA LEU C 318 -28.87 5.20 15.25
C LEU C 318 -30.02 4.88 16.17
N ASN C 319 -30.48 3.63 16.12
CA ASN C 319 -31.52 3.17 17.02
C ASN C 319 -31.04 3.32 18.46
N ASN C 320 -29.89 2.72 18.77
CA ASN C 320 -29.34 2.81 20.12
C ASN C 320 -29.25 4.24 20.62
N TYR C 321 -28.74 5.14 19.78
CA TYR C 321 -28.63 6.53 20.21
C TYR C 321 -30.00 7.14 20.45
N ALA C 322 -30.98 6.76 19.63
CA ALA C 322 -32.32 7.27 19.83
C ALA C 322 -32.92 6.73 21.12
N GLU C 323 -32.51 5.54 21.51
CA GLU C 323 -33.02 4.94 22.74
C GLU C 323 -32.48 5.66 23.95
N ARG C 324 -31.15 5.77 24.08
CA ARG C 324 -30.62 6.47 25.25
C ARG C 324 -31.05 7.93 25.28
N LEU C 325 -31.06 8.60 24.12
CA LEU C 325 -31.50 9.99 24.14
C LEU C 325 -32.97 10.10 24.48
N ARG C 326 -33.77 9.13 24.04
CA ARG C 326 -35.20 9.17 24.34
C ARG C 326 -35.47 8.90 25.80
N GLU C 327 -34.66 8.04 26.42
CA GLU C 327 -34.87 7.71 27.83
C GLU C 327 -34.13 8.66 28.74
N VAL C 328 -33.44 9.66 28.19
CA VAL C 328 -32.81 10.67 29.00
C VAL C 328 -33.53 12.00 28.88
N TRP C 329 -34.15 12.27 27.74
CA TRP C 329 -34.93 13.49 27.53
C TRP C 329 -36.33 13.03 27.14
N PRO C 330 -37.11 12.52 28.09
CA PRO C 330 -38.44 12.00 27.75
C PRO C 330 -39.37 13.05 27.20
N ASP C 331 -40.12 12.67 26.17
CA ASP C 331 -41.04 13.61 25.52
C ASP C 331 -42.10 12.85 24.75
N ASP C 332 -43.27 13.45 24.64
CA ASP C 332 -44.40 12.89 23.90
C ASP C 332 -44.34 13.41 22.48
N ALA C 333 -43.58 12.71 21.65
CA ALA C 333 -43.40 13.07 20.24
C ALA C 333 -43.81 11.90 19.37
N ILE C 334 -43.89 12.15 18.07
CA ILE C 334 -44.29 11.14 17.10
C ILE C 334 -43.06 10.72 16.32
N ARG C 335 -42.92 9.42 16.09
CA ARG C 335 -41.77 8.87 15.39
C ARG C 335 -42.18 7.79 14.39
N GLY C 336 -41.61 7.84 13.20
CA GLY C 336 -41.90 6.84 12.18
C GLY C 336 -40.69 6.65 11.29
N TYR C 337 -40.55 5.46 10.72
CA TYR C 337 -39.38 5.21 9.90
C TYR C 337 -39.64 4.08 8.92
N ALA C 338 -39.01 4.19 7.76
CA ALA C 338 -39.03 3.15 6.75
C ALA C 338 -37.60 2.67 6.54
N THR C 339 -37.46 1.43 6.08
CA THR C 339 -36.15 0.82 5.94
C THR C 339 -36.21 -0.22 4.83
N VAL C 340 -35.11 -0.35 4.09
CA VAL C 340 -35.03 -1.27 2.98
C VAL C 340 -34.38 -2.59 3.42
N GLU C 341 -34.40 -2.88 4.72
CA GLU C 341 -33.83 -4.10 5.25
C GLU C 341 -34.71 -4.59 6.39
N ASN C 342 -35.28 -5.78 6.23
CA ASN C 342 -36.19 -6.32 7.23
C ASN C 342 -35.48 -7.15 8.29
N LYS C 343 -34.15 -7.07 8.36
CA LYS C 343 -33.43 -7.86 9.35
C LYS C 343 -33.65 -7.35 10.76
N THR C 344 -33.21 -6.12 11.05
CA THR C 344 -33.38 -5.58 12.38
C THR C 344 -34.77 -5.00 12.59
N ASP C 345 -35.08 -4.78 13.87
CA ASP C 345 -36.30 -4.13 14.32
C ASP C 345 -35.88 -2.88 15.11
N LEU C 346 -36.22 -1.72 14.57
CA LEU C 346 -35.84 -0.44 15.18
C LEU C 346 -36.96 0.00 16.10
N ALA C 347 -36.74 -0.13 17.41
CA ALA C 347 -37.78 0.20 18.38
C ALA C 347 -37.87 1.70 18.61
N ALA C 348 -36.75 2.32 18.97
CA ALA C 348 -36.77 3.74 19.32
C ALA C 348 -37.20 4.64 18.17
N LEU C 349 -37.22 4.16 16.94
CA LEU C 349 -37.59 5.02 15.83
C LEU C 349 -39.10 5.11 15.61
N GLY C 350 -39.93 4.55 16.48
CA GLY C 350 -41.36 4.66 16.28
C GLY C 350 -42.04 3.42 15.74
N GLU C 351 -43.05 3.62 14.90
CA GLU C 351 -43.77 2.52 14.27
C GLU C 351 -43.29 2.40 12.84
N ARG C 352 -42.75 1.25 12.50
CA ARG C 352 -42.18 1.01 11.17
C ARG C 352 -43.26 1.01 10.11
N TYR C 353 -43.34 2.09 9.34
CA TYR C 353 -44.30 2.12 8.26
C TYR C 353 -43.80 1.25 7.12
N ASP C 354 -44.65 1.06 6.12
CA ASP C 354 -44.27 0.16 5.04
C ASP C 354 -43.42 0.84 3.99
N SER C 355 -43.75 2.07 3.60
CA SER C 355 -42.99 2.71 2.53
C SER C 355 -42.86 4.20 2.78
N TYR C 356 -41.90 4.80 2.10
CA TYR C 356 -41.62 6.23 2.16
C TYR C 356 -42.86 7.10 1.98
N PRO C 357 -43.63 6.95 0.89
CA PRO C 357 -44.79 7.83 0.75
C PRO C 357 -45.87 7.57 1.78
N ALA C 358 -45.98 6.34 2.27
CA ALA C 358 -46.95 6.09 3.34
C ALA C 358 -46.50 6.76 4.61
N LEU C 359 -45.22 6.62 4.93
CA LEU C 359 -44.64 7.29 6.10
C LEU C 359 -44.86 8.79 6.02
N ILE C 360 -44.58 9.39 4.87
CA ILE C 360 -44.73 10.82 4.72
C ILE C 360 -46.18 11.22 4.88
N ASP C 361 -47.10 10.46 4.30
CA ASP C 361 -48.52 10.79 4.41
C ASP C 361 -49.00 10.71 5.85
N ALA C 362 -48.68 9.61 6.54
CA ALA C 362 -49.13 9.45 7.91
C ALA C 362 -48.48 10.46 8.85
N MET C 363 -47.26 10.91 8.52
CA MET C 363 -46.61 11.87 9.40
C MET C 363 -47.10 13.28 9.15
N VAL C 364 -47.28 13.66 7.89
CA VAL C 364 -47.82 14.99 7.62
C VAL C 364 -49.22 15.08 8.18
N ALA C 365 -49.98 14.00 8.09
CA ALA C 365 -51.31 14.00 8.69
C ALA C 365 -51.22 14.10 10.20
N ALA C 366 -50.35 13.29 10.81
CA ALA C 366 -50.16 13.32 12.25
C ALA C 366 -49.58 14.63 12.74
N ALA C 367 -49.09 15.48 11.84
CA ALA C 367 -48.50 16.74 12.23
C ALA C 367 -49.55 17.78 12.58
N PHE C 368 -50.82 17.48 12.35
CA PHE C 368 -51.95 18.35 12.67
C PHE C 368 -53.26 17.78 12.13
N THR D 2 19.61 -66.36 -8.69
CA THR D 2 20.21 -66.36 -7.36
C THR D 2 19.22 -65.80 -6.34
N PHE D 3 17.94 -65.84 -6.70
CA PHE D 3 16.85 -65.37 -5.84
C PHE D 3 15.93 -66.56 -5.62
N VAL D 4 15.88 -67.05 -4.39
CA VAL D 4 15.02 -68.17 -4.03
C VAL D 4 13.69 -67.60 -3.58
N ASP D 5 12.68 -67.71 -4.42
CA ASP D 5 11.35 -67.23 -4.11
C ASP D 5 10.53 -68.37 -3.55
N ILE D 6 9.69 -68.06 -2.57
CA ILE D 6 8.84 -69.06 -1.95
C ILE D 6 7.44 -68.46 -1.78
N HIS D 7 6.45 -69.20 -2.27
CA HIS D 7 5.04 -68.85 -2.22
C HIS D 7 4.32 -69.95 -1.48
N ALA D 8 3.28 -69.61 -0.74
CA ALA D 8 2.58 -70.66 -0.04
C ALA D 8 1.17 -70.23 0.32
N ILE D 9 0.20 -71.08 0.03
CA ILE D 9 -1.19 -70.86 0.38
C ILE D 9 -1.46 -71.63 1.66
N GLN D 10 -1.77 -70.92 2.73
CA GLN D 10 -2.06 -71.50 4.04
C GLN D 10 -3.36 -70.96 4.61
N THR D 11 -4.27 -71.85 4.98
CA THR D 11 -5.58 -71.49 5.53
C THR D 11 -5.59 -71.56 7.06
N LEU D 12 -5.72 -70.42 7.70
CA LEU D 12 -5.80 -70.36 9.16
C LEU D 12 -7.25 -70.28 9.61
N PRO D 13 -7.62 -71.09 10.61
CA PRO D 13 -9.01 -71.11 11.11
C PRO D 13 -9.38 -69.89 11.92
N TYR D 14 -10.54 -69.95 12.56
CA TYR D 14 -11.08 -68.82 13.33
C TYR D 14 -10.17 -68.54 14.50
N SER D 15 -9.35 -67.51 14.35
CA SER D 15 -8.38 -67.10 15.36
C SER D 15 -8.08 -65.63 15.17
N ASN D 16 -7.01 -65.17 15.83
CA ASN D 16 -6.52 -63.81 15.71
C ASN D 16 -5.01 -63.91 15.88
N ILE D 17 -4.29 -64.01 14.75
CA ILE D 17 -2.84 -64.19 14.80
C ILE D 17 -2.12 -63.03 15.46
N ASN D 18 -2.14 -61.85 14.85
CA ASN D 18 -1.49 -60.70 15.47
C ASN D 18 -2.49 -59.56 15.45
N ARG D 19 -2.92 -59.15 16.62
CA ARG D 19 -3.91 -58.10 16.70
C ARG D 19 -3.26 -56.75 16.45
N ASP D 20 -4.10 -55.76 16.23
CA ASP D 20 -3.65 -54.39 16.02
C ASP D 20 -3.44 -53.75 17.38
N ASP D 21 -3.34 -52.44 17.42
CA ASP D 21 -3.15 -51.72 18.68
C ASP D 21 -4.43 -51.64 19.50
N LEU D 22 -5.52 -52.24 19.02
CA LEU D 22 -6.76 -52.19 19.78
C LEU D 22 -7.48 -53.53 19.84
N GLY D 23 -6.86 -54.62 19.41
CA GLY D 23 -7.52 -55.90 19.50
C GLY D 23 -7.88 -56.43 18.14
N SER D 24 -8.28 -55.52 17.25
CA SER D 24 -8.68 -55.93 15.92
C SER D 24 -7.51 -56.54 15.15
N PRO D 25 -7.77 -57.41 14.20
CA PRO D 25 -6.69 -57.96 13.38
C PRO D 25 -6.31 -56.97 12.31
N LYS D 26 -5.03 -56.95 11.97
CA LYS D 26 -4.57 -56.01 10.96
C LYS D 26 -5.24 -56.32 9.62
N THR D 27 -5.69 -55.27 8.93
CA THR D 27 -6.39 -55.45 7.68
C THR D 27 -5.86 -54.56 6.57
N VAL D 28 -5.83 -55.10 5.36
CA VAL D 28 -5.42 -54.41 4.16
C VAL D 28 -6.67 -54.04 3.38
N VAL D 29 -6.54 -53.04 2.52
CA VAL D 29 -7.60 -52.74 1.57
C VAL D 29 -6.97 -53.00 0.21
N TYR D 30 -7.11 -54.23 -0.26
CA TYR D 30 -6.51 -54.70 -1.50
C TYR D 30 -7.60 -55.05 -2.48
N GLY D 31 -7.44 -54.60 -3.71
CA GLY D 31 -8.43 -54.83 -4.73
C GLY D 31 -9.81 -54.38 -4.30
N GLY D 32 -9.87 -53.33 -3.50
CA GLY D 32 -11.12 -52.78 -3.03
C GLY D 32 -11.73 -53.42 -1.80
N LYS D 33 -11.33 -54.62 -1.41
CA LYS D 33 -11.96 -55.28 -0.27
C LYS D 33 -11.01 -55.46 0.91
N GLU D 34 -11.58 -55.41 2.11
CA GLU D 34 -10.81 -55.62 3.32
C GLU D 34 -10.24 -57.03 3.34
N ARG D 35 -9.05 -57.18 3.88
CA ARG D 35 -8.40 -58.48 3.92
C ARG D 35 -7.52 -58.56 5.15
N THR D 36 -7.86 -59.41 6.10
CA THR D 36 -7.04 -59.52 7.31
C THR D 36 -5.64 -59.93 6.92
N ARG D 37 -4.65 -59.45 7.68
CA ARG D 37 -3.28 -59.76 7.32
C ARG D 37 -2.44 -60.04 8.56
N VAL D 38 -1.36 -60.75 8.33
CA VAL D 38 -0.36 -61.05 9.34
C VAL D 38 0.85 -60.23 8.99
N SER D 39 1.27 -59.37 9.91
CA SER D 39 2.39 -58.51 9.61
C SER D 39 3.63 -59.32 9.30
N SER D 40 4.53 -58.71 8.53
CA SER D 40 5.73 -59.42 8.14
C SER D 40 6.64 -59.62 9.34
N GLN D 41 6.75 -58.62 10.21
CA GLN D 41 7.62 -58.76 11.36
C GLN D 41 7.20 -59.91 12.28
N SER D 42 5.91 -60.22 12.36
CA SER D 42 5.49 -61.32 13.21
C SER D 42 6.03 -62.65 12.71
N TRP D 43 5.74 -62.97 11.44
CA TRP D 43 6.33 -64.18 10.86
C TRP D 43 7.84 -64.16 10.91
N LYS D 44 8.47 -63.04 10.60
CA LYS D 44 9.93 -63.00 10.71
C LYS D 44 10.36 -63.34 12.12
N ARG D 45 9.64 -62.87 13.13
CA ARG D 45 10.03 -63.21 14.49
C ARG D 45 9.88 -64.68 14.77
N ALA D 46 8.76 -65.28 14.35
CA ALA D 46 8.59 -66.71 14.58
C ALA D 46 9.67 -67.49 13.85
N VAL D 47 9.91 -67.12 12.60
CA VAL D 47 10.93 -67.79 11.80
C VAL D 47 12.28 -67.72 12.48
N ARG D 48 12.75 -66.52 12.81
CA ARG D 48 14.06 -66.42 13.44
C ARG D 48 14.11 -67.26 14.70
N HIS D 49 13.13 -67.13 15.59
CA HIS D 49 13.15 -67.95 16.79
C HIS D 49 13.20 -69.44 16.47
N GLU D 50 12.69 -69.86 15.31
CA GLU D 50 12.75 -71.28 14.98
C GLU D 50 14.11 -71.65 14.42
N VAL D 51 14.62 -70.85 13.49
CA VAL D 51 15.93 -71.08 12.89
C VAL D 51 16.98 -71.13 13.99
N GLU D 52 17.06 -70.06 14.77
CA GLU D 52 18.01 -70.04 15.87
C GLU D 52 17.68 -71.13 16.88
N ALA D 53 16.41 -71.51 17.00
CA ALA D 53 16.08 -72.63 17.86
C ALA D 53 16.89 -73.86 17.48
N ARG D 54 16.70 -74.36 16.25
CA ARG D 54 17.52 -75.48 15.79
C ARG D 54 19.00 -75.15 15.85
N LEU D 55 19.42 -74.17 15.07
CA LEU D 55 20.79 -73.66 15.02
C LEU D 55 20.97 -72.75 16.23
N GLY D 56 21.32 -73.34 17.36
CA GLY D 56 21.31 -72.60 18.60
C GLY D 56 22.30 -71.46 18.73
N ASP D 57 22.05 -70.39 17.96
CA ASP D 57 22.89 -69.20 18.01
C ASP D 57 22.34 -68.13 18.92
N LYS D 58 21.03 -68.11 19.17
CA LYS D 58 20.40 -67.16 20.09
C LYS D 58 20.79 -65.71 19.80
N ALA D 59 20.38 -65.22 18.63
CA ALA D 59 20.70 -63.85 18.21
C ALA D 59 19.81 -62.85 18.93
N VAL D 60 19.99 -62.78 20.25
CA VAL D 60 19.22 -61.91 21.12
C VAL D 60 19.23 -60.42 20.76
N ARG D 61 18.02 -59.88 20.53
CA ARG D 61 17.80 -58.47 20.29
C ARG D 61 17.48 -57.84 21.65
N THR D 62 18.27 -56.87 22.07
CA THR D 62 18.00 -56.31 23.39
C THR D 62 18.42 -54.87 23.52
N ARG D 63 18.05 -54.29 24.64
CA ARG D 63 18.42 -52.95 25.04
C ARG D 63 19.31 -52.96 26.26
N ARG D 64 19.00 -53.82 27.22
CA ARG D 64 19.72 -53.93 28.48
C ARG D 64 21.01 -54.73 28.32
N ILE D 65 21.93 -54.24 27.49
CA ILE D 65 23.17 -55.00 27.40
C ILE D 65 24.01 -54.73 28.64
N ILE D 66 23.86 -53.54 29.23
CA ILE D 66 24.60 -53.23 30.44
C ILE D 66 24.25 -54.25 31.52
N SER D 67 22.98 -54.62 31.60
CA SER D 67 22.54 -55.58 32.60
C SER D 67 23.23 -56.92 32.43
N GLU D 68 23.34 -57.42 31.19
CA GLU D 68 24.00 -58.70 31.04
C GLU D 68 25.52 -58.61 31.13
N ILE D 69 26.13 -57.53 30.67
CA ILE D 69 27.58 -57.45 30.83
C ILE D 69 27.90 -57.42 32.31
N ALA D 70 27.12 -56.66 33.07
CA ALA D 70 27.33 -56.63 34.51
C ALA D 70 27.06 -57.98 35.13
N LYS D 71 26.10 -58.73 34.57
CA LYS D 71 25.82 -60.04 35.13
C LYS D 71 26.98 -60.99 34.88
N ARG D 72 27.58 -60.93 33.69
CA ARG D 72 28.72 -61.79 33.41
C ARG D 72 29.90 -61.40 34.30
N LEU D 73 30.06 -60.10 34.55
CA LEU D 73 31.15 -59.67 35.40
C LEU D 73 30.91 -60.03 36.85
N ARG D 74 29.64 -60.12 37.27
CA ARG D 74 29.41 -60.55 38.63
C ARG D 74 29.61 -62.04 38.74
N GLU D 75 29.38 -62.77 37.64
CA GLU D 75 29.65 -64.20 37.66
C GLU D 75 31.15 -64.46 37.70
N ARG D 76 31.94 -63.56 37.11
CA ARG D 76 33.38 -63.76 37.02
C ARG D 76 34.15 -63.07 38.14
N GLY D 77 33.51 -62.76 39.27
CA GLY D 77 34.20 -62.25 40.42
C GLY D 77 34.09 -60.77 40.71
N TRP D 78 33.60 -59.95 39.79
CA TRP D 78 33.55 -58.53 40.09
C TRP D 78 32.42 -58.21 41.06
N ASP D 79 32.61 -57.15 41.84
CA ASP D 79 31.58 -56.71 42.75
C ASP D 79 30.43 -56.08 41.95
N ALA D 80 29.30 -55.89 42.61
CA ALA D 80 28.14 -55.32 41.92
C ALA D 80 28.44 -53.96 41.32
N ASP D 81 29.05 -53.07 42.11
CA ASP D 81 29.31 -51.73 41.60
C ASP D 81 30.42 -51.72 40.56
N LEU D 82 31.43 -52.58 40.73
CA LEU D 82 32.50 -52.65 39.75
C LEU D 82 32.01 -53.25 38.44
N ALA D 83 31.07 -54.18 38.53
CA ALA D 83 30.53 -54.79 37.32
C ALA D 83 29.66 -53.80 36.59
N ASP D 84 28.77 -53.12 37.31
CA ASP D 84 27.90 -52.13 36.69
C ASP D 84 28.72 -51.03 36.02
N ALA D 85 29.65 -50.44 36.77
CA ALA D 85 30.48 -49.39 36.18
C ALA D 85 31.28 -49.94 35.01
N GLY D 86 31.69 -51.20 35.08
CA GLY D 86 32.43 -51.79 33.98
C GLY D 86 31.60 -51.82 32.71
N ALA D 87 30.42 -52.42 32.79
CA ALA D 87 29.53 -52.48 31.65
C ALA D 87 29.27 -51.09 31.10
N ARG D 88 29.00 -50.13 31.99
CA ARG D 88 28.76 -48.78 31.51
C ARG D 88 29.99 -48.25 30.78
N GLN D 89 31.18 -48.72 31.13
CA GLN D 89 32.36 -48.30 30.37
C GLN D 89 32.37 -48.96 29.00
N VAL D 90 31.93 -50.21 28.91
CA VAL D 90 31.93 -50.89 27.62
C VAL D 90 30.94 -50.22 26.69
N VAL D 91 29.81 -49.73 27.21
CA VAL D 91 28.84 -49.09 26.34
C VAL D 91 29.26 -47.67 26.04
N LEU D 92 29.84 -46.98 27.02
CA LEU D 92 30.27 -45.60 26.86
C LEU D 92 31.55 -45.46 26.05
N SER D 93 32.25 -46.56 25.74
CA SER D 93 33.51 -46.45 25.03
C SER D 93 33.41 -46.73 23.53
N VAL D 94 32.21 -46.73 22.95
CA VAL D 94 32.03 -46.95 21.52
C VAL D 94 31.38 -45.77 20.83
N GLY D 95 30.38 -45.16 21.47
CA GLY D 95 29.65 -44.06 20.88
C GLY D 95 30.52 -42.87 20.52
N LYS D 96 30.50 -42.51 19.24
CA LYS D 96 31.33 -41.41 18.76
C LYS D 96 30.86 -40.08 19.36
N LYS D 97 31.83 -39.32 19.85
CA LYS D 97 31.70 -37.96 20.38
C LYS D 97 31.00 -37.87 21.74
N SER D 98 30.31 -38.92 22.18
CA SER D 98 29.68 -38.82 23.49
C SER D 98 29.33 -40.16 24.11
N GLY D 99 29.74 -41.26 23.49
CA GLY D 99 29.34 -42.56 23.96
C GLY D 99 27.93 -42.88 23.51
N ILE D 100 27.52 -44.12 23.74
CA ILE D 100 26.16 -44.53 23.37
C ILE D 100 25.15 -43.81 24.23
N LYS D 101 24.23 -43.10 23.58
CA LYS D 101 23.19 -42.38 24.30
C LYS D 101 22.38 -43.36 25.14
N LEU D 102 21.98 -42.92 26.32
CA LEU D 102 21.23 -43.75 27.25
C LEU D 102 20.01 -42.99 27.70
N GLU D 103 18.89 -43.71 27.82
CA GLU D 103 17.67 -43.05 28.28
C GLU D 103 17.85 -42.61 29.71
N LYS D 104 17.23 -41.49 30.06
CA LYS D 104 17.35 -40.98 31.42
C LYS D 104 17.08 -42.10 32.39
N GLU D 105 18.08 -42.42 33.19
CA GLU D 105 18.02 -43.54 34.11
C GLU D 105 17.75 -43.05 35.51
N LYS D 106 16.60 -43.42 36.06
CA LYS D 106 16.32 -43.19 37.47
C LYS D 106 15.70 -44.49 37.92
N ASP D 107 16.49 -45.25 38.69
CA ASP D 107 16.16 -46.56 39.24
C ASP D 107 17.40 -47.09 39.93
N SER D 108 17.30 -48.24 40.57
CA SER D 108 18.49 -48.88 41.12
C SER D 108 19.14 -49.82 40.14
N GLU D 109 18.47 -50.09 39.01
CA GLU D 109 18.93 -50.96 37.95
C GLU D 109 19.77 -50.20 36.93
N ALA D 110 20.56 -50.97 36.19
CA ALA D 110 21.41 -50.38 35.16
C ALA D 110 20.57 -49.73 34.07
N PRO D 111 21.10 -48.70 33.41
CA PRO D 111 20.35 -48.02 32.36
C PRO D 111 20.21 -48.87 31.10
N ALA D 112 19.15 -48.60 30.36
CA ALA D 112 18.87 -49.29 29.11
C ALA D 112 19.24 -48.39 27.94
N THR D 113 20.06 -48.90 27.03
CA THR D 113 20.49 -48.11 25.88
C THR D 113 19.29 -47.62 25.09
N SER D 114 19.40 -46.41 24.55
CA SER D 114 18.29 -45.86 23.79
C SER D 114 18.18 -46.44 22.39
N VAL D 115 19.08 -47.31 21.99
CA VAL D 115 19.04 -47.94 20.68
C VAL D 115 19.06 -49.44 20.92
N LEU D 116 18.32 -50.18 20.10
CA LEU D 116 18.21 -51.62 20.28
C LEU D 116 19.35 -52.33 19.55
N PHE D 117 20.10 -53.14 20.30
CA PHE D 117 21.18 -53.95 19.77
C PHE D 117 20.63 -55.30 19.31
N TYR D 118 21.45 -55.99 18.53
CA TYR D 118 21.06 -57.28 17.96
C TYR D 118 22.36 -58.08 17.90
N LEU D 119 22.57 -58.94 18.88
CA LEU D 119 23.83 -59.67 18.93
C LEU D 119 23.61 -61.10 19.39
N PRO D 120 24.57 -61.97 19.16
CA PRO D 120 24.49 -63.33 19.68
C PRO D 120 25.03 -63.33 21.10
N VAL D 121 24.81 -64.45 21.80
CA VAL D 121 25.31 -64.56 23.18
C VAL D 121 26.82 -64.56 23.26
N PRO D 122 27.58 -65.23 22.37
CA PRO D 122 29.04 -65.17 22.52
C PRO D 122 29.60 -63.78 22.36
N ALA D 123 28.90 -62.89 21.65
CA ALA D 123 29.38 -61.52 21.53
C ALA D 123 29.33 -60.83 22.89
N ILE D 124 28.23 -61.01 23.62
CA ILE D 124 28.13 -60.42 24.95
C ILE D 124 29.23 -61.01 25.82
N ASP D 125 29.45 -62.32 25.71
CA ASP D 125 30.53 -62.94 26.46
C ASP D 125 31.87 -62.28 26.16
N GLU D 126 32.16 -62.05 24.88
CA GLU D 126 33.43 -61.44 24.53
C GLU D 126 33.52 -60.01 25.05
N LEU D 127 32.40 -59.30 25.11
CA LEU D 127 32.43 -57.96 25.69
C LEU D 127 32.79 -58.04 27.16
N ALA D 128 32.22 -59.01 27.87
CA ALA D 128 32.58 -59.18 29.27
C ALA D 128 34.05 -59.56 29.40
N ALA D 129 34.60 -60.24 28.39
CA ALA D 129 36.01 -60.61 28.46
C ALA D 129 36.90 -59.38 28.34
N ILE D 130 36.62 -58.53 27.34
CA ILE D 130 37.41 -57.32 27.20
C ILE D 130 37.23 -56.42 28.42
N ALA D 131 36.05 -56.45 29.03
CA ALA D 131 35.86 -55.66 30.24
C ALA D 131 36.62 -56.24 31.41
N ASP D 132 36.76 -57.57 31.44
CA ASP D 132 37.48 -58.20 32.54
C ASP D 132 38.98 -58.01 32.43
N GLU D 133 39.50 -57.87 31.22
CA GLU D 133 40.94 -57.68 31.10
C GLU D 133 41.43 -56.33 31.60
N HIS D 134 40.54 -55.39 31.91
CA HIS D 134 40.96 -54.05 32.35
C HIS D 134 40.30 -53.68 33.69
N ARG D 135 40.33 -54.62 34.64
CA ARG D 135 39.75 -54.41 35.96
C ARG D 135 40.20 -53.10 36.60
N ASP D 136 41.51 -52.96 36.81
CA ASP D 136 42.08 -51.78 37.46
C ASP D 136 41.67 -50.48 36.77
N ALA D 137 41.73 -50.45 35.44
CA ALA D 137 41.35 -49.24 34.73
C ALA D 137 39.90 -48.88 35.02
N VAL D 138 39.03 -49.89 35.02
CA VAL D 138 37.61 -49.68 35.27
C VAL D 138 37.43 -49.09 36.66
N ALA D 139 38.13 -49.64 37.65
CA ALA D 139 38.03 -49.09 39.00
C ALA D 139 38.50 -47.64 39.02
N LYS D 140 39.55 -47.34 38.23
CA LYS D 140 40.07 -45.99 38.20
C LYS D 140 39.05 -45.02 37.63
N GLU D 141 38.25 -45.47 36.66
CA GLU D 141 37.22 -44.57 36.13
C GLU D 141 36.07 -44.44 37.11
N ALA D 142 35.72 -45.54 37.79
CA ALA D 142 34.66 -45.47 38.78
C ALA D 142 35.01 -44.54 39.92
N ALA D 143 36.31 -44.31 40.14
CA ALA D 143 36.72 -43.43 41.24
C ALA D 143 36.33 -41.98 40.98
N LYS D 144 36.23 -41.58 39.71
CA LYS D 144 35.89 -40.21 39.35
C LYS D 144 34.40 -39.97 39.55
N LYS D 145 33.95 -38.76 39.17
CA LYS D 145 32.54 -38.44 39.27
C LYS D 145 31.83 -38.61 37.94
N THR D 146 32.48 -38.24 36.83
CA THR D 146 31.95 -38.40 35.48
C THR D 146 33.04 -39.11 34.71
N PRO D 147 32.96 -40.43 34.63
CA PRO D 147 34.00 -41.19 33.92
C PRO D 147 33.83 -41.11 32.40
N LYS D 148 34.84 -41.61 31.71
CA LYS D 148 34.84 -41.63 30.25
C LYS D 148 35.29 -43.00 29.74
N GLY D 149 35.46 -43.13 28.43
CA GLY D 149 35.86 -44.41 27.85
C GLY D 149 37.33 -44.71 28.05
N ILE D 150 37.61 -45.98 28.37
CA ILE D 150 38.98 -46.44 28.57
C ILE D 150 39.22 -47.73 27.81
N LEU D 151 38.21 -48.25 27.27
CA LEU D 151 38.38 -49.52 26.58
C LEU D 151 38.84 -49.30 25.14
N PRO D 152 39.57 -50.27 24.59
CA PRO D 152 40.04 -50.14 23.20
C PRO D 152 38.93 -50.36 22.18
N ALA D 153 38.21 -49.28 21.89
CA ALA D 153 37.06 -49.27 21.00
C ALA D 153 37.21 -50.08 19.73
N ASP D 154 38.44 -50.29 19.26
CA ASP D 154 38.63 -51.04 18.03
C ASP D 154 38.20 -52.50 18.18
N ARG D 155 38.69 -53.19 19.21
CA ARG D 155 38.33 -54.60 19.33
C ARG D 155 36.90 -54.79 19.82
N ILE D 156 36.44 -53.98 20.77
CA ILE D 156 35.05 -54.12 21.18
C ILE D 156 34.15 -53.80 20.00
N THR D 157 34.56 -52.85 19.16
CA THR D 157 33.81 -52.55 17.95
C THR D 157 33.86 -53.74 17.02
N GLU D 158 34.92 -54.53 17.09
CA GLU D 158 35.02 -55.71 16.26
C GLU D 158 34.14 -56.83 16.80
N VAL D 159 33.81 -56.79 18.09
CA VAL D 159 32.93 -57.80 18.66
C VAL D 159 31.48 -57.48 18.34
N LEU D 160 31.12 -56.20 18.28
CA LEU D 160 29.76 -55.83 17.95
C LEU D 160 29.41 -56.15 16.51
N LYS D 161 30.40 -56.23 15.63
CA LYS D 161 30.15 -56.56 14.24
C LYS D 161 29.97 -58.06 14.01
N SER D 162 30.01 -58.86 15.06
CA SER D 162 29.88 -60.31 14.91
C SER D 162 28.51 -60.66 14.36
N ARG D 163 28.49 -61.29 13.20
CA ARG D 163 27.25 -61.63 12.54
C ARG D 163 26.68 -62.90 13.15
N ASN D 164 25.64 -63.44 12.53
CA ASN D 164 24.93 -64.62 13.00
C ASN D 164 23.94 -65.02 11.92
N VAL D 165 23.36 -66.21 12.07
CA VAL D 165 22.41 -66.69 11.07
C VAL D 165 21.23 -65.74 10.93
N SER D 166 20.65 -65.31 12.06
CA SER D 166 19.55 -64.37 11.98
C SER D 166 20.06 -63.00 11.56
N VAL D 167 21.28 -62.65 11.97
CA VAL D 167 21.87 -61.38 11.57
C VAL D 167 22.21 -61.40 10.09
N ASN D 168 22.68 -62.54 9.59
CA ASN D 168 23.04 -62.65 8.18
C ASN D 168 21.81 -62.55 7.31
N LEU D 169 20.79 -63.35 7.61
CA LEU D 169 19.57 -63.33 6.81
C LEU D 169 18.80 -62.02 6.99
N PHE D 170 18.41 -61.70 8.21
CA PHE D 170 17.54 -60.56 8.46
C PHE D 170 18.22 -59.20 8.51
N GLY D 171 19.52 -59.12 8.74
CA GLY D 171 20.18 -57.83 8.75
C GLY D 171 20.07 -57.11 10.08
N ARG D 172 20.91 -56.08 10.23
CA ARG D 172 20.98 -55.28 11.44
C ARG D 172 21.10 -53.81 11.10
N MET D 173 20.71 -52.97 12.06
CA MET D 173 20.84 -51.52 11.94
C MET D 173 21.38 -50.97 13.26
N LEU D 174 22.30 -50.01 13.16
CA LEU D 174 22.82 -49.35 14.34
C LEU D 174 23.32 -47.99 13.90
N ALA D 175 22.59 -46.94 14.27
CA ALA D 175 22.93 -45.60 13.82
C ALA D 175 24.24 -45.10 14.42
N GLU D 176 24.46 -45.33 15.72
CA GLU D 176 25.68 -44.84 16.34
C GLU D 176 26.94 -45.57 15.88
N LEU D 177 26.82 -46.65 15.14
CA LEU D 177 27.98 -47.41 14.67
C LEU D 177 27.72 -47.91 13.27
N PRO D 178 27.81 -47.04 12.28
CA PRO D 178 27.55 -47.48 10.90
C PRO D 178 28.49 -48.55 10.41
N SER D 179 29.56 -48.86 11.15
CA SER D 179 30.48 -49.91 10.72
C SER D 179 29.94 -51.30 11.00
N THR D 180 28.96 -51.44 11.89
CA THR D 180 28.39 -52.73 12.22
C THR D 180 27.09 -53.02 11.50
N GLU D 181 26.53 -52.06 10.77
CA GLU D 181 25.27 -52.28 10.07
C GLU D 181 25.46 -53.32 8.98
N VAL D 182 24.73 -54.42 9.10
CA VAL D 182 24.77 -55.49 8.12
C VAL D 182 23.44 -55.46 7.39
N ASP D 183 23.48 -55.68 6.08
CA ASP D 183 22.28 -55.62 5.26
C ASP D 183 21.57 -56.97 5.17
N GLY D 184 20.25 -56.92 5.28
CA GLY D 184 19.45 -58.13 5.19
C GLY D 184 19.49 -58.74 3.80
N ALA D 185 19.26 -60.04 3.74
CA ALA D 185 19.27 -60.77 2.49
C ALA D 185 17.94 -61.44 2.16
N VAL D 186 16.94 -61.33 3.00
CA VAL D 186 15.65 -61.98 2.79
C VAL D 186 14.54 -60.95 2.80
N GLN D 187 13.82 -60.85 1.69
CA GLN D 187 12.69 -59.95 1.56
C GLN D 187 11.46 -60.70 2.05
N PHE D 188 10.87 -60.25 3.13
CA PHE D 188 9.72 -60.91 3.69
C PHE D 188 8.50 -60.05 3.43
N ALA D 189 7.43 -60.66 2.93
CA ALA D 189 6.22 -59.94 2.57
C ALA D 189 5.09 -60.19 3.55
N HIS D 190 4.16 -59.23 3.61
CA HIS D 190 2.97 -59.38 4.43
C HIS D 190 2.06 -60.44 3.82
N ALA D 191 1.30 -61.12 4.68
CA ALA D 191 0.41 -62.19 4.25
C ALA D 191 -1.03 -61.72 4.37
N PHE D 192 -1.66 -61.50 3.22
CA PHE D 192 -3.05 -61.08 3.14
C PHE D 192 -3.94 -62.19 2.63
N THR D 193 -5.21 -62.13 2.98
CA THR D 193 -6.15 -63.16 2.54
C THR D 193 -6.34 -63.06 1.03
N VAL D 194 -6.80 -64.15 0.44
CA VAL D 194 -7.07 -64.17 -0.99
C VAL D 194 -8.54 -63.87 -1.20
N HIS D 195 -9.25 -63.54 -0.13
CA HIS D 195 -10.67 -63.30 -0.21
C HIS D 195 -11.10 -62.33 0.87
N GLY D 196 -12.01 -61.43 0.53
CA GLY D 196 -12.46 -60.44 1.47
C GLY D 196 -13.08 -61.01 2.71
N THR D 197 -12.55 -60.64 3.87
CA THR D 197 -13.03 -61.14 5.15
C THR D 197 -13.39 -59.99 6.07
N THR D 198 -14.59 -60.04 6.62
CA THR D 198 -15.04 -59.06 7.59
C THR D 198 -14.63 -59.55 8.97
N VAL D 199 -14.42 -58.60 9.88
CA VAL D 199 -13.99 -58.96 11.23
C VAL D 199 -15.21 -59.27 12.08
N GLU D 200 -15.26 -60.47 12.64
CA GLU D 200 -16.37 -60.87 13.50
C GLU D 200 -16.04 -60.58 14.96
N VAL D 201 -16.80 -59.64 15.55
CA VAL D 201 -16.61 -59.29 16.95
C VAL D 201 -17.05 -60.48 17.79
N ASP D 202 -16.22 -60.86 18.76
CA ASP D 202 -16.51 -62.00 19.62
C ASP D 202 -16.73 -61.54 21.06
N PHE D 203 -17.97 -61.64 21.52
CA PHE D 203 -18.31 -61.30 22.88
C PHE D 203 -17.87 -62.40 23.83
N PHE D 204 -17.31 -62.03 24.97
CA PHE D 204 -16.90 -63.05 25.92
C PHE D 204 -16.84 -62.46 27.31
N THR D 205 -17.20 -63.28 28.30
CA THR D 205 -17.25 -62.90 29.69
C THR D 205 -16.36 -63.79 30.54
N ALA D 206 -16.00 -63.27 31.70
CA ALA D 206 -15.22 -64.00 32.70
C ALA D 206 -16.15 -64.19 33.90
N VAL D 207 -16.51 -65.45 34.17
CA VAL D 207 -17.45 -65.71 35.26
C VAL D 207 -16.69 -65.76 36.58
N ASP D 208 -17.36 -65.30 37.63
CA ASP D 208 -16.80 -65.34 38.96
C ASP D 208 -17.19 -66.66 39.61
N ASP D 209 -16.34 -67.14 40.50
CA ASP D 209 -16.57 -68.41 41.18
C ASP D 209 -17.22 -68.25 42.55
N ILE D 210 -17.58 -67.03 42.94
CA ILE D 210 -18.21 -66.78 44.23
C ILE D 210 -19.48 -66.00 43.94
N PRO D 211 -20.64 -66.65 43.90
CA PRO D 211 -21.87 -65.93 43.55
C PRO D 211 -22.52 -65.23 44.72
N LYS D 212 -23.34 -64.24 44.36
CA LYS D 212 -24.14 -63.43 45.27
C LYS D 212 -25.57 -63.37 44.74
N GLU D 213 -26.55 -63.68 45.58
CA GLU D 213 -27.94 -63.62 45.17
C GLU D 213 -28.28 -62.25 44.59
N ASN D 214 -29.30 -62.22 43.73
CA ASN D 214 -29.78 -61.08 42.94
C ASN D 214 -28.86 -60.87 41.75
N ASP D 215 -27.89 -61.74 41.53
CA ASP D 215 -26.96 -61.60 40.42
C ASP D 215 -26.47 -62.97 39.98
N HIS D 216 -26.37 -63.15 38.66
CA HIS D 216 -25.85 -64.40 38.14
C HIS D 216 -24.35 -64.45 38.37
N GLY D 217 -23.74 -63.30 38.61
CA GLY D 217 -22.32 -63.17 38.92
C GLY D 217 -21.30 -63.28 37.82
N SER D 218 -21.34 -62.39 36.84
CA SER D 218 -20.35 -62.38 35.79
C SER D 218 -19.24 -61.44 36.23
N GLY D 219 -18.00 -61.93 36.21
CA GLY D 219 -16.91 -61.12 36.68
C GLY D 219 -16.28 -60.17 35.70
N HIS D 220 -16.56 -60.30 34.41
CA HIS D 220 -15.96 -59.41 33.43
C HIS D 220 -16.61 -59.63 32.08
N MET D 221 -16.51 -58.61 31.22
CA MET D 221 -17.02 -58.72 29.87
C MET D 221 -16.14 -57.92 28.93
N ASN D 222 -15.96 -58.44 27.72
CA ASN D 222 -15.22 -57.76 26.67
C ASN D 222 -15.66 -58.37 25.34
N ALA D 223 -14.95 -57.99 24.28
CA ALA D 223 -15.26 -58.50 22.96
C ALA D 223 -13.99 -58.39 22.12
N GLY D 224 -13.39 -59.53 21.80
CA GLY D 224 -12.18 -59.56 21.00
C GLY D 224 -12.54 -59.85 19.55
N GLN D 225 -11.91 -59.10 18.64
CA GLN D 225 -12.22 -59.22 17.24
C GLN D 225 -11.44 -60.37 16.61
N PHE D 226 -12.16 -61.30 15.98
CA PHE D 226 -11.53 -62.46 15.36
C PHE D 226 -11.83 -62.51 13.87
N SER D 227 -11.10 -63.37 13.18
CA SER D 227 -11.24 -63.56 11.74
C SER D 227 -10.48 -64.80 11.32
N ALA D 228 -11.02 -65.48 10.32
CA ALA D 228 -10.45 -66.68 9.72
C ALA D 228 -10.26 -66.46 8.23
N GLY D 229 -9.53 -67.35 7.58
CA GLY D 229 -9.36 -67.18 6.15
C GLY D 229 -8.16 -67.93 5.63
N THR D 230 -8.01 -67.88 4.31
CA THR D 230 -6.93 -68.54 3.60
C THR D 230 -5.88 -67.52 3.15
N PHE D 231 -4.84 -67.38 3.95
CA PHE D 231 -3.77 -66.43 3.71
C PHE D 231 -2.80 -66.90 2.64
N TYR D 232 -2.29 -65.93 1.90
CA TYR D 232 -1.25 -66.14 0.90
C TYR D 232 0.03 -65.57 1.49
N ARG D 233 1.13 -66.29 1.35
CA ARG D 233 2.38 -65.83 1.94
C ARG D 233 3.52 -65.94 0.93
N TYR D 234 4.50 -65.04 1.07
CA TYR D 234 5.56 -64.95 0.09
C TYR D 234 6.83 -64.41 0.73
N ALA D 235 7.97 -64.88 0.24
CA ALA D 235 9.27 -64.44 0.76
C ALA D 235 10.34 -64.73 -0.29
N ASN D 236 11.38 -63.90 -0.31
CA ASN D 236 12.48 -64.02 -1.23
C ASN D 236 13.79 -64.12 -0.48
N VAL D 237 14.74 -64.87 -1.02
CA VAL D 237 16.05 -65.03 -0.40
C VAL D 237 17.09 -64.68 -1.43
N ASN D 238 17.76 -63.54 -1.23
CA ASN D 238 18.81 -63.08 -2.12
C ASN D 238 20.08 -63.84 -1.78
N LEU D 239 20.28 -64.95 -2.49
CA LEU D 239 21.44 -65.80 -2.26
C LEU D 239 22.75 -65.01 -2.25
N ASP D 240 22.98 -64.23 -3.31
CA ASP D 240 24.21 -63.45 -3.42
C ASP D 240 24.57 -62.72 -2.13
N ARG D 241 23.68 -61.86 -1.65
CA ARG D 241 23.99 -61.11 -0.44
C ARG D 241 24.09 -62.02 0.77
N LEU D 242 23.43 -63.17 0.75
CA LEU D 242 23.51 -64.06 1.90
C LEU D 242 24.88 -64.70 1.95
N VAL D 243 25.40 -65.11 0.80
CA VAL D 243 26.74 -65.68 0.72
C VAL D 243 27.76 -64.61 1.04
N GLU D 244 27.40 -63.34 0.81
CA GLU D 244 28.30 -62.26 1.15
C GLU D 244 28.39 -62.11 2.67
N ASN D 245 27.24 -62.11 3.34
CA ASN D 245 27.20 -61.98 4.79
C ASN D 245 27.82 -63.17 5.48
N THR D 246 27.38 -64.38 5.13
CA THR D 246 27.91 -65.59 5.76
C THR D 246 29.37 -65.81 5.40
N GLY D 247 29.75 -65.50 4.16
CA GLY D 247 31.11 -65.69 3.71
C GLY D 247 31.29 -67.03 3.03
N ASP D 248 31.08 -68.12 3.76
CA ASP D 248 31.19 -69.43 3.15
C ASP D 248 29.93 -69.74 2.33
N ALA D 249 30.00 -70.81 1.56
CA ALA D 249 28.84 -71.20 0.76
C ALA D 249 28.12 -72.42 1.32
N GLN D 250 28.80 -73.24 2.12
CA GLN D 250 28.12 -74.40 2.69
C GLN D 250 27.30 -73.96 3.89
N THR D 251 27.87 -73.10 4.73
CA THR D 251 27.13 -72.57 5.86
C THR D 251 25.93 -71.80 5.35
N ALA D 252 26.15 -71.02 4.28
CA ALA D 252 25.07 -70.31 3.65
C ALA D 252 23.98 -71.27 3.20
N ARG D 253 24.38 -72.38 2.60
CA ARG D 253 23.42 -73.37 2.14
C ARG D 253 22.60 -73.93 3.28
N THR D 254 23.24 -74.18 4.42
CA THR D 254 22.49 -74.71 5.55
C THR D 254 21.53 -73.66 6.10
N ALA D 255 21.96 -72.40 6.10
CA ALA D 255 21.11 -71.35 6.63
C ALA D 255 19.88 -71.12 5.75
N VAL D 256 20.04 -71.19 4.44
CA VAL D 256 18.87 -70.96 3.59
C VAL D 256 17.94 -72.16 3.64
N ALA D 257 18.49 -73.37 3.71
CA ALA D 257 17.61 -74.54 3.79
C ALA D 257 16.80 -74.50 5.08
N GLU D 258 17.45 -74.18 6.19
CA GLU D 258 16.73 -74.12 7.45
C GLU D 258 15.76 -72.95 7.44
N PHE D 259 16.08 -71.89 6.69
CA PHE D 259 15.14 -70.78 6.59
C PHE D 259 13.85 -71.22 5.92
N LEU D 260 13.97 -71.84 4.75
CA LEU D 260 12.76 -72.26 4.05
C LEU D 260 11.94 -73.22 4.90
N ARG D 261 12.60 -74.19 5.54
CA ARG D 261 11.84 -75.11 6.38
C ARG D 261 11.17 -74.41 7.54
N ALA D 262 11.81 -73.38 8.10
CA ALA D 262 11.18 -72.66 9.19
C ALA D 262 10.06 -71.77 8.68
N PHE D 263 10.16 -71.31 7.44
CA PHE D 263 9.12 -70.46 6.88
C PHE D 263 7.86 -71.26 6.65
N LEU D 264 8.00 -72.51 6.23
CA LEU D 264 6.80 -73.31 6.06
C LEU D 264 6.26 -73.78 7.39
N SER D 265 7.14 -74.31 8.23
CA SER D 265 6.73 -74.90 9.50
C SER D 265 6.05 -73.92 10.44
N THR D 266 6.73 -72.84 10.81
CA THR D 266 6.25 -71.94 11.86
C THR D 266 4.91 -71.27 11.58
N VAL D 267 4.30 -70.81 12.66
CA VAL D 267 3.04 -70.09 12.78
C VAL D 267 3.20 -69.20 14.02
N PRO D 268 2.76 -67.95 14.02
CA PRO D 268 2.98 -67.08 15.17
C PRO D 268 2.30 -67.58 16.44
N SER D 269 2.61 -66.90 17.53
CA SER D 269 2.08 -67.21 18.85
C SER D 269 1.25 -66.05 19.38
N GLY D 270 0.48 -65.40 18.52
CA GLY D 270 -0.32 -64.29 18.95
C GLY D 270 -1.75 -64.70 19.24
N LYS D 271 -2.10 -64.75 20.52
CA LYS D 271 -3.41 -65.19 20.97
C LYS D 271 -3.73 -66.52 20.32
N GLN D 272 -2.80 -67.46 20.45
CA GLN D 272 -3.02 -68.78 19.92
C GLN D 272 -3.32 -69.74 21.04
N ASN D 273 -2.98 -69.35 22.27
CA ASN D 273 -3.25 -70.18 23.43
C ASN D 273 -4.73 -70.45 23.56
N ALA D 274 -5.55 -69.42 23.34
CA ALA D 274 -6.99 -69.55 23.43
C ALA D 274 -7.62 -70.01 22.12
N THR D 275 -6.83 -70.10 21.05
CA THR D 275 -7.36 -70.60 19.77
C THR D 275 -6.18 -71.18 18.99
N ALA D 276 -6.12 -72.51 18.97
CA ALA D 276 -5.04 -73.20 18.29
C ALA D 276 -5.21 -73.07 16.79
N ALA D 277 -4.28 -72.38 16.14
CA ALA D 277 -4.33 -72.20 14.70
C ALA D 277 -3.13 -72.84 14.04
N MET D 278 -2.50 -73.81 14.68
CA MET D 278 -1.34 -74.46 14.08
C MET D 278 -1.79 -75.19 12.83
N THR D 279 -1.12 -74.89 11.72
CA THR D 279 -1.50 -75.45 10.43
C THR D 279 -0.26 -75.51 9.56
N LEU D 280 -0.41 -76.12 8.39
CA LEU D 280 0.62 -76.22 7.38
C LEU D 280 0.11 -75.64 6.08
N PRO D 281 0.98 -75.09 5.26
CA PRO D 281 0.52 -74.46 4.02
C PRO D 281 -0.09 -75.49 3.10
N ASP D 282 -1.27 -75.17 2.57
CA ASP D 282 -1.93 -76.10 1.68
C ASP D 282 -1.31 -76.14 0.30
N LEU D 283 -0.41 -75.21 -0.01
CA LEU D 283 0.26 -75.24 -1.30
C LEU D 283 1.63 -74.62 -1.09
N VAL D 284 2.67 -75.27 -1.58
CA VAL D 284 4.01 -74.73 -1.41
C VAL D 284 4.71 -74.71 -2.75
N HIS D 285 5.15 -73.53 -3.16
CA HIS D 285 5.83 -73.32 -4.43
C HIS D 285 7.16 -72.60 -4.28
N ILE D 286 8.25 -73.33 -4.40
CA ILE D 286 9.58 -72.72 -4.40
C ILE D 286 10.07 -72.65 -5.83
N ALA D 287 10.55 -71.48 -6.21
CA ALA D 287 11.13 -71.26 -7.53
C ALA D 287 12.46 -70.55 -7.35
N VAL D 288 13.43 -70.90 -8.16
CA VAL D 288 14.75 -70.28 -8.12
C VAL D 288 14.90 -69.50 -9.40
N ARG D 289 15.00 -68.18 -9.26
CA ARG D 289 15.12 -67.29 -10.41
C ARG D 289 16.48 -66.62 -10.42
N PHE D 290 17.05 -66.49 -11.61
CA PHE D 290 18.38 -65.92 -11.77
C PHE D 290 18.39 -64.47 -12.23
N ASP D 291 17.23 -63.84 -12.44
CA ASP D 291 17.22 -62.45 -12.89
C ASP D 291 16.69 -61.48 -11.86
N ARG D 292 15.51 -61.75 -11.30
CA ARG D 292 14.91 -60.86 -10.32
C ARG D 292 13.86 -61.65 -9.57
N PRO D 293 13.60 -61.34 -8.31
CA PRO D 293 12.54 -62.04 -7.60
C PRO D 293 11.21 -61.54 -8.11
N ILE D 294 10.20 -62.39 -7.99
CA ILE D 294 8.88 -62.03 -8.48
C ILE D 294 7.82 -62.61 -7.55
N SER D 295 6.81 -61.80 -7.27
CA SER D 295 5.71 -62.18 -6.40
C SER D 295 4.47 -62.48 -7.20
N PHE D 296 3.60 -63.32 -6.65
CA PHE D 296 2.34 -63.66 -7.29
C PHE D 296 1.17 -62.91 -6.68
N ALA D 297 1.45 -61.83 -5.96
CA ALA D 297 0.39 -61.05 -5.34
C ALA D 297 -0.68 -60.53 -6.30
N PRO D 298 -0.35 -59.97 -7.46
CA PRO D 298 -1.43 -59.46 -8.34
C PRO D 298 -2.46 -60.49 -8.72
N ALA D 299 -2.13 -61.78 -8.69
CA ALA D 299 -3.12 -62.80 -9.01
C ALA D 299 -4.31 -62.72 -8.08
N PHE D 300 -4.08 -62.28 -6.84
CA PHE D 300 -5.08 -62.22 -5.80
C PHE D 300 -5.66 -60.83 -5.60
N GLU D 301 -5.60 -59.96 -6.62
CA GLU D 301 -6.22 -58.66 -6.44
C GLU D 301 -7.73 -58.76 -6.51
N THR D 302 -8.25 -59.39 -7.55
CA THR D 302 -9.69 -59.60 -7.63
C THR D 302 -10.06 -60.55 -6.51
N ALA D 303 -10.77 -60.04 -5.51
CA ALA D 303 -11.14 -60.86 -4.37
C ALA D 303 -12.00 -62.03 -4.84
N LEU D 304 -11.99 -63.10 -4.04
CA LEU D 304 -12.73 -64.30 -4.37
C LEU D 304 -14.02 -64.36 -3.59
N TYR D 305 -15.12 -64.50 -4.30
CA TYR D 305 -16.42 -64.65 -3.67
C TYR D 305 -16.55 -66.11 -3.25
N GLY D 306 -17.34 -66.37 -2.23
CA GLY D 306 -17.37 -67.74 -1.77
C GLY D 306 -18.63 -68.57 -1.80
N SER D 307 -19.05 -68.98 -0.61
CA SER D 307 -20.13 -69.92 -0.31
C SER D 307 -19.65 -71.31 -0.66
N ASP D 308 -18.50 -71.38 -1.32
CA ASP D 308 -17.76 -72.59 -1.65
C ASP D 308 -16.44 -72.55 -0.89
N GLY D 309 -15.56 -73.46 -1.21
CA GLY D 309 -14.25 -73.45 -0.60
C GLY D 309 -13.37 -72.39 -1.26
N TYR D 310 -12.24 -72.12 -0.61
CA TYR D 310 -11.30 -71.16 -1.14
C TYR D 310 -9.95 -71.76 -1.45
N THR D 311 -9.68 -72.98 -1.02
CA THR D 311 -8.36 -73.56 -1.24
C THR D 311 -8.16 -73.95 -2.69
N LEU D 312 -9.11 -74.69 -3.26
CA LEU D 312 -8.94 -75.16 -4.63
C LEU D 312 -8.92 -73.99 -5.61
N ARG D 313 -9.88 -73.07 -5.46
CA ARG D 313 -9.94 -71.94 -6.37
C ARG D 313 -8.67 -71.10 -6.29
N ALA D 314 -8.18 -70.85 -5.08
CA ALA D 314 -6.96 -70.06 -4.95
C ALA D 314 -5.77 -70.79 -5.54
N CYS D 315 -5.68 -72.10 -5.32
CA CYS D 315 -4.56 -72.86 -5.86
C CYS D 315 -4.56 -72.82 -7.39
N GLN D 316 -5.68 -73.22 -8.00
CA GLN D 316 -5.71 -73.23 -9.46
C GLN D 316 -5.56 -71.83 -10.04
N GLU D 317 -5.96 -70.80 -9.28
CA GLU D 317 -5.83 -69.47 -9.82
C GLU D 317 -4.39 -69.01 -9.76
N LEU D 318 -3.67 -69.42 -8.72
CA LEU D 318 -2.25 -69.10 -8.68
C LEU D 318 -1.56 -69.83 -9.82
N ASN D 319 -2.02 -71.04 -10.12
CA ASN D 319 -1.48 -71.77 -11.26
C ASN D 319 -1.64 -70.96 -12.54
N ASN D 320 -2.89 -70.59 -12.85
CA ASN D 320 -3.14 -69.81 -14.07
C ASN D 320 -2.26 -68.58 -14.15
N TYR D 321 -2.18 -67.82 -13.05
CA TYR D 321 -1.37 -66.61 -13.09
C TYR D 321 0.11 -66.91 -13.26
N ALA D 322 0.59 -67.99 -12.68
CA ALA D 322 2.00 -68.32 -12.86
C ALA D 322 2.28 -68.77 -14.27
N GLU D 323 1.30 -69.40 -14.92
CA GLU D 323 1.49 -69.87 -16.28
C GLU D 323 1.54 -68.70 -17.24
N ARG D 324 0.51 -67.85 -17.23
CA ARG D 324 0.51 -66.70 -18.13
C ARG D 324 1.70 -65.78 -17.83
N LEU D 325 2.03 -65.60 -16.56
CA LEU D 325 3.17 -64.77 -16.23
C LEU D 325 4.45 -65.39 -16.72
N ARG D 326 4.53 -66.72 -16.70
CA ARG D 326 5.75 -67.36 -17.16
C ARG D 326 5.88 -67.22 -18.66
N GLU D 327 4.76 -67.22 -19.38
CA GLU D 327 4.82 -67.10 -20.82
C GLU D 327 4.81 -65.65 -21.28
N VAL D 328 4.78 -64.69 -20.36
CA VAL D 328 4.86 -63.29 -20.72
C VAL D 328 6.21 -62.70 -20.34
N TRP D 329 6.84 -63.25 -19.30
CA TRP D 329 8.17 -62.87 -18.85
C TRP D 329 8.98 -64.17 -18.89
N PRO D 330 9.36 -64.63 -20.08
CA PRO D 330 10.09 -65.88 -20.18
C PRO D 330 11.43 -65.77 -19.49
N ASP D 331 11.79 -66.84 -18.78
CA ASP D 331 13.04 -66.84 -18.03
C ASP D 331 13.42 -68.28 -17.73
N ASP D 332 14.72 -68.50 -17.59
CA ASP D 332 15.27 -69.82 -17.27
C ASP D 332 15.36 -69.95 -15.76
N ALA D 333 14.27 -70.41 -15.15
CA ALA D 333 14.20 -70.57 -13.71
C ALA D 333 13.83 -72.01 -13.38
N ILE D 334 13.96 -72.35 -12.10
CA ILE D 334 13.64 -73.69 -11.60
C ILE D 334 12.36 -73.58 -10.80
N ARG D 335 11.46 -74.55 -10.97
CA ARG D 335 10.18 -74.47 -10.28
C ARG D 335 9.76 -75.81 -9.70
N GLY D 336 9.28 -75.78 -8.47
CA GLY D 336 8.82 -77.00 -7.82
C GLY D 336 7.74 -76.68 -6.82
N TYR D 337 6.87 -77.65 -6.58
CA TYR D 337 5.76 -77.40 -5.68
C TYR D 337 5.25 -78.68 -5.07
N ALA D 338 4.79 -78.59 -3.83
CA ALA D 338 4.14 -79.65 -3.12
C ALA D 338 2.73 -79.18 -2.82
N THR D 339 1.80 -80.12 -2.66
CA THR D 339 0.43 -79.73 -2.48
C THR D 339 -0.31 -80.74 -1.63
N VAL D 340 -1.24 -80.25 -0.82
CA VAL D 340 -2.00 -81.08 0.09
C VAL D 340 -3.35 -81.45 -0.54
N GLU D 341 -3.45 -81.37 -1.86
CA GLU D 341 -4.67 -81.76 -2.58
C GLU D 341 -4.25 -82.38 -3.91
N ASN D 342 -4.58 -83.65 -4.10
CA ASN D 342 -4.20 -84.36 -5.32
C ASN D 342 -5.26 -84.31 -6.41
N LYS D 343 -6.26 -83.43 -6.29
CA LYS D 343 -7.31 -83.35 -7.29
C LYS D 343 -6.81 -82.71 -8.60
N THR D 344 -6.43 -81.45 -8.54
CA THR D 344 -5.96 -80.76 -9.74
C THR D 344 -4.50 -81.11 -10.04
N ASP D 345 -4.08 -80.76 -11.26
CA ASP D 345 -2.71 -80.96 -11.70
C ASP D 345 -2.15 -79.57 -11.98
N LEU D 346 -1.18 -79.15 -11.18
CA LEU D 346 -0.58 -77.83 -11.33
C LEU D 346 0.64 -77.98 -12.24
N ALA D 347 0.48 -77.56 -13.50
CA ALA D 347 1.55 -77.74 -14.47
C ALA D 347 2.61 -76.66 -14.36
N ALA D 348 2.18 -75.40 -14.40
CA ALA D 348 3.10 -74.26 -14.44
C ALA D 348 4.02 -74.14 -13.24
N LEU D 349 3.77 -74.84 -12.15
CA LEU D 349 4.64 -74.69 -11.00
C LEU D 349 5.89 -75.57 -11.06
N GLY D 350 6.15 -76.25 -12.15
CA GLY D 350 7.35 -77.07 -12.20
C GLY D 350 7.07 -78.54 -12.03
N GLU D 351 7.96 -79.24 -11.35
CA GLU D 351 7.81 -80.67 -11.09
C GLU D 351 7.31 -80.89 -9.67
N ARG D 352 6.16 -81.53 -9.55
CA ARG D 352 5.53 -81.75 -8.25
C ARG D 352 6.33 -82.73 -7.41
N TYR D 353 7.04 -82.22 -6.41
CA TYR D 353 7.75 -83.10 -5.51
C TYR D 353 6.76 -83.80 -4.59
N ASP D 354 7.26 -84.75 -3.81
CA ASP D 354 6.35 -85.51 -2.96
C ASP D 354 6.08 -84.81 -1.63
N SER D 355 7.10 -84.23 -1.00
CA SER D 355 6.89 -83.64 0.32
C SER D 355 7.72 -82.38 0.49
N TYR D 356 7.29 -81.57 1.44
CA TYR D 356 7.94 -80.28 1.75
C TYR D 356 9.45 -80.38 1.96
N PRO D 357 9.97 -81.24 2.83
CA PRO D 357 11.43 -81.29 2.97
C PRO D 357 12.12 -81.79 1.72
N ALA D 358 11.46 -82.61 0.92
CA ALA D 358 12.07 -83.05 -0.33
C ALA D 358 12.16 -81.88 -1.30
N LEU D 359 11.06 -81.14 -1.44
CA LEU D 359 11.06 -79.95 -2.28
C LEU D 359 12.15 -78.98 -1.85
N ILE D 360 12.25 -78.74 -0.54
CA ILE D 360 13.25 -77.80 -0.04
C ILE D 360 14.65 -78.31 -0.34
N ASP D 361 14.88 -79.62 -0.18
CA ASP D 361 16.21 -80.15 -0.46
C ASP D 361 16.58 -80.00 -1.94
N ALA D 362 15.66 -80.38 -2.83
CA ALA D 362 15.96 -80.30 -4.25
C ALA D 362 16.09 -78.86 -4.72
N MET D 363 15.38 -77.92 -4.09
CA MET D 363 15.49 -76.54 -4.56
C MET D 363 16.71 -75.85 -3.98
N VAL D 364 17.03 -76.05 -2.71
CA VAL D 364 18.22 -75.43 -2.17
C VAL D 364 19.45 -76.00 -2.87
N ALA D 365 19.43 -77.31 -3.17
CA ALA D 365 20.53 -77.89 -3.90
C ALA D 365 20.59 -77.32 -5.32
N ALA D 366 19.44 -77.31 -5.99
CA ALA D 366 19.36 -76.80 -7.35
C ALA D 366 19.67 -75.31 -7.45
N ALA D 367 19.71 -74.58 -6.35
CA ALA D 367 19.96 -73.16 -6.44
C ALA D 367 21.43 -72.82 -6.64
N PHE D 368 22.31 -73.82 -6.61
CA PHE D 368 23.74 -73.66 -6.85
C PHE D 368 24.49 -74.96 -6.61
N THR E 2 9.35 -40.50 -33.67
CA THR E 2 10.63 -40.54 -32.95
C THR E 2 10.41 -40.37 -31.45
N PHE E 3 9.19 -40.61 -31.00
CA PHE E 3 8.82 -40.54 -29.59
C PHE E 3 8.31 -41.91 -29.19
N VAL E 4 9.07 -42.60 -28.35
CA VAL E 4 8.71 -43.92 -27.88
C VAL E 4 7.92 -43.78 -26.58
N ASP E 5 6.62 -44.00 -26.65
CA ASP E 5 5.77 -43.93 -25.48
C ASP E 5 5.63 -45.32 -24.89
N ILE E 6 5.59 -45.40 -23.57
CA ILE E 6 5.42 -46.66 -22.87
C ILE E 6 4.45 -46.45 -21.73
N HIS E 7 3.44 -47.31 -21.68
CA HIS E 7 2.40 -47.31 -20.65
C HIS E 7 2.46 -48.65 -19.95
N ALA E 8 2.15 -48.67 -18.66
CA ALA E 8 2.16 -49.95 -17.98
C ALA E 8 1.34 -49.89 -16.70
N ILE E 9 0.47 -50.87 -16.53
CA ILE E 9 -0.33 -51.01 -15.32
C ILE E 9 0.34 -52.07 -14.46
N GLN E 10 0.76 -51.67 -13.25
CA GLN E 10 1.46 -52.53 -12.32
C GLN E 10 0.82 -52.41 -10.93
N THR E 11 0.31 -53.52 -10.41
CA THR E 11 -0.37 -53.53 -9.10
C THR E 11 0.58 -53.92 -7.99
N LEU E 12 0.85 -53.01 -7.11
CA LEU E 12 1.73 -53.23 -5.98
C LEU E 12 0.95 -53.62 -4.73
N PRO E 13 1.39 -54.66 -4.04
CA PRO E 13 0.72 -55.12 -2.82
C PRO E 13 0.96 -54.17 -1.66
N TYR E 14 0.59 -54.60 -0.47
CA TYR E 14 0.69 -53.78 0.74
C TYR E 14 2.15 -53.48 1.01
N SER E 15 2.58 -52.28 0.66
CA SER E 15 3.96 -51.89 0.86
C SER E 15 4.06 -50.36 0.93
N ASN E 16 5.28 -49.85 0.86
CA ASN E 16 5.51 -48.40 0.85
C ASN E 16 6.76 -48.15 0.01
N ILE E 17 6.58 -47.84 -1.28
CA ILE E 17 7.71 -47.65 -2.16
C ILE E 17 8.62 -46.50 -1.75
N ASN E 18 8.12 -45.26 -1.81
CA ASN E 18 8.90 -44.10 -1.39
C ASN E 18 8.02 -43.25 -0.49
N ARG E 19 8.40 -43.16 0.77
CA ARG E 19 7.65 -42.42 1.77
C ARG E 19 7.92 -40.93 1.64
N ASP E 20 7.12 -40.16 2.36
CA ASP E 20 7.22 -38.70 2.39
C ASP E 20 8.28 -38.30 3.40
N ASP E 21 8.28 -37.04 3.80
CA ASP E 21 9.25 -36.53 4.75
C ASP E 21 8.92 -36.94 6.18
N LEU E 22 7.83 -37.67 6.39
CA LEU E 22 7.47 -38.09 7.74
C LEU E 22 7.04 -39.55 7.82
N GLY E 23 7.23 -40.33 6.77
CA GLY E 23 6.85 -41.71 6.82
C GLY E 23 5.70 -42.05 5.91
N SER E 24 4.73 -41.16 5.80
CA SER E 24 3.58 -41.44 4.97
C SER E 24 3.97 -41.56 3.50
N PRO E 25 3.18 -42.29 2.71
CA PRO E 25 3.46 -42.40 1.29
C PRO E 25 2.94 -41.19 0.53
N LYS E 26 3.68 -40.80 -0.50
CA LYS E 26 3.29 -39.63 -1.29
C LYS E 26 1.95 -39.82 -1.97
N THR E 27 1.11 -38.79 -1.92
CA THR E 27 -0.23 -38.85 -2.49
C THR E 27 -0.57 -37.64 -3.35
N VAL E 28 -1.35 -37.90 -4.40
CA VAL E 28 -1.85 -36.89 -5.30
C VAL E 28 -3.32 -36.68 -4.99
N VAL E 29 -3.84 -35.50 -5.37
CA VAL E 29 -5.26 -35.27 -5.30
C VAL E 29 -5.71 -35.13 -6.74
N TYR E 30 -6.09 -36.24 -7.34
CA TYR E 30 -6.47 -36.28 -8.74
C TYR E 30 -7.95 -36.60 -8.84
N GLY E 31 -8.66 -35.85 -9.65
CA GLY E 31 -10.09 -36.04 -9.78
C GLY E 31 -10.81 -36.00 -8.46
N GLY E 32 -10.32 -35.20 -7.52
CA GLY E 32 -10.94 -35.06 -6.23
C GLY E 32 -10.57 -36.08 -5.18
N LYS E 33 -10.00 -37.23 -5.56
CA LYS E 33 -9.72 -38.26 -4.58
C LYS E 33 -8.22 -38.47 -4.39
N GLU E 34 -7.86 -38.80 -3.16
CA GLU E 34 -6.48 -39.07 -2.80
C GLU E 34 -5.98 -40.31 -3.54
N ARG E 35 -4.71 -40.29 -3.92
CA ARG E 35 -4.15 -41.41 -4.66
C ARG E 35 -2.68 -41.57 -4.32
N THR E 36 -2.30 -42.68 -3.71
CA THR E 36 -0.89 -42.85 -3.39
C THR E 36 -0.08 -42.80 -4.66
N ARG E 37 1.13 -42.27 -4.58
CA ARG E 37 1.94 -42.15 -5.78
C ARG E 37 3.39 -42.46 -5.46
N VAL E 38 4.11 -42.85 -6.50
CA VAL E 38 5.53 -43.11 -6.46
C VAL E 38 6.20 -42.03 -7.27
N SER E 39 7.13 -41.30 -6.66
CA SER E 39 7.78 -40.21 -7.36
C SER E 39 8.52 -40.70 -8.59
N SER E 40 8.68 -39.80 -9.55
CA SER E 40 9.36 -40.16 -10.79
C SER E 40 10.84 -40.37 -10.57
N GLN E 41 11.47 -39.53 -9.74
CA GLN E 41 12.91 -39.68 -9.54
C GLN E 41 13.27 -41.04 -8.94
N SER E 42 12.36 -41.66 -8.18
CA SER E 42 12.68 -42.96 -7.62
C SER E 42 12.83 -44.00 -8.72
N TRP E 43 11.79 -44.18 -9.54
CA TRP E 43 11.90 -45.09 -10.68
C TRP E 43 13.05 -44.70 -11.59
N LYS E 44 13.22 -43.41 -11.88
CA LYS E 44 14.37 -43.04 -12.71
C LYS E 44 15.67 -43.52 -12.08
N ARG E 45 15.80 -43.43 -10.76
CA ARG E 45 17.04 -43.90 -10.14
C ARG E 45 17.18 -45.42 -10.24
N ALA E 46 16.09 -46.16 -9.98
CA ALA E 46 16.18 -47.61 -10.09
C ALA E 46 16.51 -48.00 -11.53
N VAL E 47 15.84 -47.36 -12.47
CA VAL E 47 16.09 -47.61 -13.88
C VAL E 47 17.55 -47.36 -14.21
N ARG E 48 18.05 -46.17 -13.89
CA ARG E 48 19.44 -45.88 -14.23
C ARG E 48 20.38 -46.92 -13.62
N HIS E 49 20.26 -47.19 -12.33
CA HIS E 49 21.13 -48.21 -11.76
C HIS E 49 20.99 -49.56 -12.45
N GLU E 50 19.84 -49.85 -13.05
CA GLU E 50 19.73 -51.13 -13.74
C GLU E 50 20.37 -51.05 -15.13
N VAL E 51 20.04 -50.02 -15.90
CA VAL E 51 20.62 -49.83 -17.23
C VAL E 51 22.13 -49.76 -17.14
N GLU E 52 22.65 -48.79 -16.39
CA GLU E 52 24.08 -48.68 -16.23
C GLU E 52 24.65 -49.89 -15.51
N ALA E 53 23.84 -50.55 -14.68
CA ALA E 53 24.29 -51.81 -14.08
C ALA E 53 24.72 -52.77 -15.16
N ARG E 54 23.79 -53.15 -16.05
CA ARG E 54 24.15 -53.99 -17.18
C ARG E 54 25.30 -53.39 -17.99
N LEU E 55 25.06 -52.22 -18.57
CA LEU E 55 26.05 -51.47 -19.33
C LEU E 55 26.94 -50.78 -18.33
N GLY E 56 27.99 -51.47 -17.87
CA GLY E 56 28.77 -50.98 -16.75
C GLY E 56 29.51 -49.68 -16.99
N ASP E 57 28.74 -48.60 -17.06
CA ASP E 57 29.27 -47.26 -17.27
C ASP E 57 29.49 -46.46 -15.99
N LYS E 58 28.82 -46.78 -14.90
CA LYS E 58 29.02 -46.12 -13.59
C LYS E 58 28.95 -44.59 -13.65
N ALA E 59 27.78 -44.07 -14.00
CA ALA E 59 27.57 -42.61 -14.07
C ALA E 59 27.42 -42.01 -12.67
N VAL E 60 28.51 -42.05 -11.91
CA VAL E 60 28.54 -41.54 -10.54
C VAL E 60 28.10 -40.08 -10.34
N ARG E 61 27.05 -39.89 -9.53
CA ARG E 61 26.56 -38.58 -9.10
C ARG E 61 27.06 -38.31 -7.69
N THR E 62 27.84 -37.25 -7.50
CA THR E 62 28.36 -37.01 -6.15
C THR E 62 28.68 -35.55 -5.92
N ARG E 63 29.08 -35.27 -4.67
CA ARG E 63 29.53 -33.97 -4.23
C ARG E 63 31.01 -33.99 -3.88
N ARG E 64 31.44 -35.09 -3.24
CA ARG E 64 32.81 -35.26 -2.79
C ARG E 64 33.73 -35.66 -3.95
N ILE E 65 33.79 -34.81 -4.97
CA ILE E 65 34.71 -35.16 -6.05
C ILE E 65 36.13 -34.88 -5.63
N ILE E 66 36.33 -33.88 -4.78
CA ILE E 66 37.67 -33.58 -4.29
C ILE E 66 38.24 -34.79 -3.55
N SER E 67 37.40 -35.45 -2.76
CA SER E 67 37.87 -36.59 -2.00
C SER E 67 38.34 -37.72 -2.92
N GLU E 68 37.58 -38.03 -3.97
CA GLU E 68 38.02 -39.11 -4.84
C GLU E 68 39.14 -38.71 -5.79
N ILE E 69 39.18 -37.47 -6.26
CA ILE E 69 40.31 -37.09 -7.08
C ILE E 69 41.58 -37.16 -6.25
N ALA E 70 41.50 -36.71 -5.00
CA ALA E 70 42.63 -36.84 -4.11
C ALA E 70 42.97 -38.30 -3.86
N LYS E 71 41.95 -39.16 -3.85
CA LYS E 71 42.20 -40.58 -3.64
C LYS E 71 42.95 -41.17 -4.82
N ARG E 72 42.59 -40.75 -6.03
CA ARG E 72 43.30 -41.25 -7.20
C ARG E 72 44.72 -40.73 -7.22
N LEU E 73 44.92 -39.50 -6.76
CA LEU E 73 46.27 -38.94 -6.76
C LEU E 73 47.14 -39.58 -5.70
N ARG E 74 46.56 -40.05 -4.59
CA ARG E 74 47.39 -40.74 -3.60
C ARG E 74 47.75 -42.14 -4.07
N GLU E 75 46.89 -42.74 -4.89
CA GLU E 75 47.20 -44.05 -5.43
C GLU E 75 48.33 -43.96 -6.46
N ARG E 76 48.44 -42.83 -7.13
CA ARG E 76 49.45 -42.66 -8.18
C ARG E 76 50.72 -42.01 -7.67
N GLY E 77 50.98 -42.06 -6.36
CA GLY E 77 52.22 -41.59 -5.81
C GLY E 77 52.20 -40.26 -5.09
N TRP E 78 51.16 -39.46 -5.19
CA TRP E 78 51.21 -38.16 -4.53
C TRP E 78 51.04 -38.27 -3.01
N ASP E 79 51.64 -37.32 -2.32
CA ASP E 79 51.55 -37.23 -0.87
C ASP E 79 50.15 -36.78 -0.49
N ALA E 80 49.81 -36.94 0.80
CA ALA E 80 48.46 -36.59 1.25
C ALA E 80 48.15 -35.11 1.01
N ASP E 81 49.06 -34.21 1.40
CA ASP E 81 48.78 -32.80 1.22
C ASP E 81 48.86 -32.38 -0.25
N LEU E 82 49.78 -33.00 -1.00
CA LEU E 82 49.89 -32.67 -2.42
C LEU E 82 48.66 -33.15 -3.15
N ALA E 83 48.08 -34.26 -2.71
CA ALA E 83 46.88 -34.77 -3.33
C ALA E 83 45.69 -33.90 -2.99
N ASP E 84 45.54 -33.55 -1.72
CA ASP E 84 44.43 -32.71 -1.31
C ASP E 84 44.47 -31.37 -2.02
N ALA E 85 45.60 -30.67 -1.91
CA ALA E 85 45.71 -29.39 -2.59
C ALA E 85 45.56 -29.54 -4.09
N GLY E 86 46.03 -30.67 -4.64
CA GLY E 86 45.91 -30.91 -6.06
C GLY E 86 44.46 -30.98 -6.50
N ALA E 87 43.69 -31.88 -5.88
CA ALA E 87 42.27 -31.99 -6.22
C ALA E 87 41.55 -30.67 -6.02
N ARG E 88 41.81 -29.99 -4.90
CA ARG E 88 41.16 -28.70 -4.70
C ARG E 88 41.54 -27.73 -5.79
N GLN E 89 42.75 -27.86 -6.34
CA GLN E 89 43.14 -27.00 -7.45
C GLN E 89 42.40 -27.38 -8.72
N VAL E 90 42.22 -28.68 -8.94
CA VAL E 90 41.54 -29.15 -10.15
C VAL E 90 40.11 -28.68 -10.17
N VAL E 91 39.45 -28.67 -9.02
CA VAL E 91 38.08 -28.21 -9.02
C VAL E 91 38.04 -26.69 -9.03
N LEU E 92 38.98 -26.06 -8.31
CA LEU E 92 39.03 -24.62 -8.22
C LEU E 92 39.68 -23.96 -9.44
N SER E 93 40.22 -24.73 -10.38
CA SER E 93 40.91 -24.15 -11.53
C SER E 93 40.00 -23.95 -12.72
N VAL E 94 38.69 -23.85 -12.50
CA VAL E 94 37.82 -23.57 -13.63
C VAL E 94 37.62 -22.07 -13.73
N GLY E 95 37.60 -21.37 -12.59
CA GLY E 95 37.60 -19.93 -12.54
C GLY E 95 36.48 -19.14 -13.18
N LYS E 96 35.24 -19.54 -12.96
CA LYS E 96 34.14 -18.78 -13.54
C LYS E 96 34.02 -17.47 -12.80
N LYS E 97 33.64 -17.58 -11.54
CA LYS E 97 33.47 -16.48 -10.60
C LYS E 97 34.35 -16.83 -9.41
N SER E 98 35.62 -16.44 -9.48
CA SER E 98 36.58 -16.74 -8.43
C SER E 98 36.63 -18.24 -8.14
N GLY E 99 36.61 -19.03 -9.21
CA GLY E 99 36.63 -20.47 -9.08
C GLY E 99 35.29 -21.08 -8.73
N ILE E 100 35.30 -22.41 -8.66
CA ILE E 100 34.11 -23.17 -8.34
C ILE E 100 33.57 -22.79 -6.96
N LYS E 101 32.26 -22.90 -6.80
CA LYS E 101 31.60 -22.58 -5.54
C LYS E 101 31.64 -23.82 -4.66
N LEU E 102 32.02 -23.65 -3.40
CA LEU E 102 32.19 -24.78 -2.51
C LEU E 102 31.58 -24.50 -1.14
N GLU E 103 31.19 -25.57 -0.45
CA GLU E 103 30.54 -25.49 0.86
C GLU E 103 31.51 -24.95 1.90
N LYS E 104 30.97 -24.61 3.06
CA LYS E 104 31.84 -24.12 4.12
C LYS E 104 32.83 -25.24 4.44
N GLU E 105 34.11 -24.89 4.45
CA GLU E 105 35.13 -25.91 4.63
C GLU E 105 34.96 -26.57 6.00
N LYS E 106 35.26 -27.86 6.05
CA LYS E 106 35.12 -28.62 7.27
C LYS E 106 36.46 -28.69 7.99
N ASP E 107 36.41 -29.07 9.27
CA ASP E 107 37.57 -29.12 10.15
C ASP E 107 38.83 -29.71 9.51
N SER E 108 38.76 -30.96 9.08
CA SER E 108 39.95 -31.58 8.48
C SER E 108 39.69 -32.44 7.27
N GLU E 109 38.45 -32.72 6.89
CA GLU E 109 38.19 -33.55 5.73
C GLU E 109 38.14 -32.69 4.47
N ALA E 110 38.24 -33.35 3.32
CA ALA E 110 38.15 -32.65 2.05
C ALA E 110 36.74 -32.13 1.87
N PRO E 111 36.53 -30.84 1.65
CA PRO E 111 35.17 -30.32 1.54
C PRO E 111 34.46 -30.83 0.30
N ALA E 112 33.13 -30.77 0.35
CA ALA E 112 32.28 -31.20 -0.73
C ALA E 112 31.77 -29.99 -1.50
N THR E 113 31.88 -30.03 -2.81
CA THR E 113 31.42 -28.92 -3.63
C THR E 113 29.95 -28.63 -3.36
N SER E 114 29.58 -27.37 -3.52
CA SER E 114 28.20 -26.94 -3.27
C SER E 114 27.24 -27.32 -4.38
N VAL E 115 27.69 -28.02 -5.42
CA VAL E 115 26.84 -28.43 -6.52
C VAL E 115 27.10 -29.90 -6.78
N LEU E 116 26.06 -30.64 -7.10
CA LEU E 116 26.20 -32.08 -7.30
C LEU E 116 26.63 -32.37 -8.73
N PHE E 117 27.81 -32.96 -8.88
CA PHE E 117 28.31 -33.35 -10.18
C PHE E 117 27.72 -34.68 -10.61
N TYR E 118 27.86 -34.98 -11.89
CA TYR E 118 27.33 -36.20 -12.47
C TYR E 118 28.29 -36.57 -13.60
N LEU E 119 29.20 -37.48 -13.31
CA LEU E 119 30.23 -37.87 -14.26
C LEU E 119 30.46 -39.36 -14.18
N PRO E 120 31.09 -39.97 -15.18
CA PRO E 120 31.44 -41.38 -15.07
C PRO E 120 32.76 -41.49 -14.30
N VAL E 121 33.09 -42.71 -13.90
CA VAL E 121 34.35 -42.92 -13.18
C VAL E 121 35.57 -42.63 -14.03
N PRO E 122 35.64 -43.00 -15.32
CA PRO E 122 36.85 -42.65 -16.08
C PRO E 122 37.05 -41.16 -16.17
N ALA E 123 35.98 -40.37 -16.02
CA ALA E 123 36.16 -38.93 -16.02
C ALA E 123 36.95 -38.50 -14.80
N ILE E 124 36.62 -39.06 -13.63
CA ILE E 124 37.39 -38.74 -12.43
C ILE E 124 38.84 -39.16 -12.62
N ASP E 125 39.05 -40.35 -13.17
CA ASP E 125 40.42 -40.79 -13.41
C ASP E 125 41.17 -39.81 -14.28
N GLU E 126 40.53 -39.37 -15.38
CA GLU E 126 41.20 -38.44 -16.28
C GLU E 126 41.45 -37.10 -15.61
N LEU E 127 40.57 -36.68 -14.71
CA LEU E 127 40.82 -35.45 -13.99
C LEU E 127 42.07 -35.60 -13.15
N ALA E 128 42.22 -36.76 -12.51
CA ALA E 128 43.43 -37.01 -11.75
C ALA E 128 44.64 -37.05 -12.68
N ALA E 129 44.44 -37.44 -13.93
CA ALA E 129 45.55 -37.47 -14.88
C ALA E 129 46.02 -36.06 -15.19
N ILE E 130 45.07 -35.16 -15.47
CA ILE E 130 45.46 -33.78 -15.74
C ILE E 130 46.10 -33.18 -14.50
N ALA E 131 45.67 -33.62 -13.32
CA ALA E 131 46.30 -33.12 -12.11
C ALA E 131 47.71 -33.66 -11.96
N ASP E 132 47.95 -34.90 -12.39
CA ASP E 132 49.28 -35.49 -12.25
C ASP E 132 50.26 -34.89 -13.24
N GLU E 133 49.77 -34.41 -14.38
CA GLU E 133 50.66 -33.81 -15.37
C GLU E 133 51.25 -32.50 -14.91
N HIS E 134 50.79 -31.94 -13.79
CA HIS E 134 51.29 -30.66 -13.29
C HIS E 134 51.77 -30.78 -11.85
N ARG E 135 52.54 -31.83 -11.55
CA ARG E 135 53.05 -32.03 -10.19
C ARG E 135 53.70 -30.77 -9.62
N ASP E 136 54.75 -30.30 -10.30
CA ASP E 136 55.48 -29.12 -9.86
C ASP E 136 54.57 -27.90 -9.69
N ALA E 137 53.67 -27.67 -10.63
CA ALA E 137 52.76 -26.52 -10.54
C ALA E 137 51.90 -26.60 -9.29
N VAL E 138 51.35 -27.77 -9.00
CA VAL E 138 50.50 -27.93 -7.84
C VAL E 138 51.27 -27.66 -6.56
N ALA E 139 52.49 -28.20 -6.46
CA ALA E 139 53.30 -27.96 -5.29
C ALA E 139 53.64 -26.48 -5.16
N LYS E 140 53.92 -25.83 -6.29
CA LYS E 140 54.28 -24.42 -6.26
C LYS E 140 53.13 -23.55 -5.77
N GLU E 141 51.90 -23.89 -6.16
CA GLU E 141 50.78 -23.10 -5.65
C GLU E 141 50.46 -23.47 -4.21
N ALA E 142 50.59 -24.76 -3.87
CA ALA E 142 50.33 -25.20 -2.51
C ALA E 142 51.31 -24.57 -1.53
N ALA E 143 52.47 -24.13 -2.02
CA ALA E 143 53.43 -23.50 -1.14
C ALA E 143 52.91 -22.15 -0.65
N LYS E 144 52.01 -21.52 -1.42
CA LYS E 144 51.43 -20.24 -1.06
C LYS E 144 50.39 -20.43 0.03
N LYS E 145 49.72 -19.34 0.40
CA LYS E 145 48.67 -19.43 1.40
C LYS E 145 47.29 -19.52 0.78
N THR E 146 47.04 -18.77 -0.30
CA THR E 146 45.76 -18.79 -1.01
C THR E 146 46.07 -19.00 -2.49
N PRO E 147 46.08 -20.24 -2.95
CA PRO E 147 46.40 -20.52 -4.35
C PRO E 147 45.22 -20.20 -5.27
N LYS E 148 45.51 -20.25 -6.57
CA LYS E 148 44.51 -19.96 -7.60
C LYS E 148 44.54 -21.06 -8.65
N GLY E 149 43.80 -20.88 -9.74
CA GLY E 149 43.78 -21.92 -10.76
C GLY E 149 45.05 -21.92 -11.59
N ILE E 150 45.55 -23.12 -11.85
CA ILE E 150 46.75 -23.29 -12.65
C ILE E 150 46.55 -24.38 -13.70
N LEU E 151 45.48 -25.04 -13.60
CA LEU E 151 45.20 -26.15 -14.49
C LEU E 151 44.59 -25.64 -15.80
N PRO E 152 44.78 -26.37 -16.88
CA PRO E 152 44.21 -25.91 -18.16
C PRO E 152 42.72 -26.08 -18.23
N ALA E 153 42.01 -25.09 -17.68
CA ALA E 153 40.55 -25.09 -17.58
C ALA E 153 39.86 -25.54 -18.85
N ASP E 154 40.52 -25.38 -20.00
CA ASP E 154 39.90 -25.80 -21.25
C ASP E 154 39.74 -27.31 -21.34
N ARG E 155 40.81 -28.07 -21.08
CA ARG E 155 40.67 -29.51 -21.22
C ARG E 155 39.92 -30.13 -20.04
N ILE E 156 40.15 -29.66 -18.81
CA ILE E 156 39.36 -30.21 -17.71
C ILE E 156 37.90 -29.86 -17.93
N THR E 157 37.64 -28.68 -18.49
CA THR E 157 36.27 -28.32 -18.80
C THR E 157 35.74 -29.22 -19.90
N GLU E 158 36.63 -29.74 -20.75
CA GLU E 158 36.23 -30.68 -21.79
C GLU E 158 35.99 -32.08 -21.23
N VAL E 159 36.57 -32.39 -20.07
CA VAL E 159 36.36 -33.69 -19.43
C VAL E 159 35.01 -33.72 -18.72
N LEU E 160 34.56 -32.57 -18.23
CA LEU E 160 33.25 -32.51 -17.58
C LEU E 160 32.12 -32.73 -18.57
N LYS E 161 32.37 -32.50 -19.85
CA LYS E 161 31.35 -32.73 -20.85
C LYS E 161 31.21 -34.19 -21.22
N SER E 162 31.98 -35.08 -20.59
CA SER E 162 31.91 -36.50 -20.93
C SER E 162 30.55 -37.05 -20.56
N ARG E 163 29.80 -37.49 -21.57
CA ARG E 163 28.47 -38.03 -21.36
C ARG E 163 28.53 -39.49 -20.96
N ASN E 164 27.38 -40.14 -20.97
CA ASN E 164 27.23 -41.53 -20.58
C ASN E 164 25.81 -41.93 -20.91
N VAL E 165 25.53 -43.23 -20.82
CA VAL E 165 24.19 -43.71 -21.13
C VAL E 165 23.18 -43.06 -20.20
N SER E 166 23.48 -43.03 -18.90
CA SER E 166 22.56 -42.39 -17.97
C SER E 166 22.57 -40.88 -18.14
N VAL E 167 23.72 -40.32 -18.51
CA VAL E 167 23.81 -38.89 -18.74
C VAL E 167 23.04 -38.54 -20.01
N ASN E 168 23.12 -39.39 -21.03
CA ASN E 168 22.43 -39.11 -22.28
C ASN E 168 20.93 -39.17 -22.09
N LEU E 169 20.44 -40.27 -21.52
CA LEU E 169 19.00 -40.39 -21.33
C LEU E 169 18.46 -39.39 -20.33
N PHE E 170 18.97 -39.43 -19.11
CA PHE E 170 18.42 -38.63 -18.03
C PHE E 170 18.84 -37.16 -18.01
N GLY E 171 19.92 -36.79 -18.66
CA GLY E 171 20.32 -35.39 -18.67
C GLY E 171 21.13 -34.97 -17.45
N ARG E 172 21.78 -33.82 -17.58
CA ARG E 172 22.63 -33.28 -16.52
C ARG E 172 22.40 -31.79 -16.38
N MET E 173 22.71 -31.26 -15.19
CA MET E 173 22.69 -29.84 -14.93
C MET E 173 23.92 -29.44 -14.13
N LEU E 174 24.51 -28.30 -14.48
CA LEU E 174 25.63 -27.74 -13.73
C LEU E 174 25.57 -26.23 -13.91
N ALA E 175 25.17 -25.52 -12.86
CA ALA E 175 24.97 -24.08 -12.97
C ALA E 175 26.27 -23.34 -13.25
N GLU E 176 27.35 -23.67 -12.54
CA GLU E 176 28.60 -22.96 -12.78
C GLU E 176 29.27 -23.30 -14.11
N LEU E 177 28.79 -24.29 -14.85
CA LEU E 177 29.37 -24.64 -16.14
C LEU E 177 28.26 -25.00 -17.12
N PRO E 178 27.48 -24.02 -17.57
CA PRO E 178 26.40 -24.32 -18.51
C PRO E 178 26.90 -24.87 -19.84
N SER E 179 28.21 -24.91 -20.06
CA SER E 179 28.72 -25.47 -21.31
C SER E 179 28.67 -26.99 -21.33
N THR E 180 28.59 -27.64 -20.17
CA THR E 180 28.50 -29.08 -20.07
C THR E 180 27.09 -29.58 -19.86
N GLU E 181 26.14 -28.69 -19.64
CA GLU E 181 24.76 -29.08 -19.42
C GLU E 181 24.15 -29.77 -20.63
N VAL E 182 23.75 -31.03 -20.44
CA VAL E 182 23.09 -31.80 -21.48
C VAL E 182 21.64 -31.96 -21.08
N ASP E 183 20.74 -31.86 -22.04
CA ASP E 183 19.32 -31.96 -21.79
C ASP E 183 18.83 -33.40 -21.85
N GLY E 184 17.97 -33.76 -20.91
CA GLY E 184 17.44 -35.11 -20.87
C GLY E 184 16.61 -35.43 -22.09
N ALA E 185 16.52 -36.72 -22.38
CA ALA E 185 15.77 -37.19 -23.54
C ALA E 185 14.59 -38.09 -23.18
N VAL E 186 14.35 -38.33 -21.90
CA VAL E 186 13.27 -39.21 -21.47
C VAL E 186 12.36 -38.49 -20.48
N GLN E 187 11.10 -38.34 -20.84
CA GLN E 187 10.12 -37.73 -19.94
C GLN E 187 9.54 -38.85 -19.09
N PHE E 188 9.84 -38.82 -17.80
CA PHE E 188 9.40 -39.86 -16.89
C PHE E 188 8.30 -39.29 -16.00
N ALA E 189 7.16 -39.95 -15.93
CA ALA E 189 6.04 -39.42 -15.18
C ALA E 189 5.83 -40.12 -13.84
N HIS E 190 5.18 -39.40 -12.93
CA HIS E 190 4.84 -39.94 -11.63
C HIS E 190 3.80 -41.04 -11.79
N ALA E 191 3.81 -42.00 -10.89
CA ALA E 191 2.90 -43.13 -10.99
C ALA E 191 1.82 -43.00 -9.94
N PHE E 192 0.61 -42.71 -10.37
CA PHE E 192 -0.53 -42.58 -9.48
C PHE E 192 -1.48 -43.74 -9.66
N THR E 193 -2.22 -44.04 -8.60
CA THR E 193 -3.16 -45.15 -8.64
C THR E 193 -4.32 -44.83 -9.57
N VAL E 194 -5.03 -45.88 -10.00
CA VAL E 194 -6.19 -45.70 -10.83
C VAL E 194 -7.46 -45.72 -9.99
N HIS E 195 -7.32 -45.76 -8.68
CA HIS E 195 -8.45 -45.80 -7.76
C HIS E 195 -8.03 -45.18 -6.45
N GLY E 196 -8.94 -44.41 -5.85
CA GLY E 196 -8.65 -43.72 -4.60
C GLY E 196 -8.30 -44.64 -3.46
N THR E 197 -7.13 -44.43 -2.84
CA THR E 197 -6.70 -45.27 -1.74
C THR E 197 -6.32 -44.44 -0.53
N THR E 198 -6.87 -44.78 0.62
CA THR E 198 -6.50 -44.11 1.85
C THR E 198 -5.34 -44.87 2.49
N VAL E 199 -4.60 -44.19 3.33
CA VAL E 199 -3.43 -44.81 3.95
C VAL E 199 -3.87 -45.64 5.15
N GLU E 200 -3.22 -46.78 5.36
CA GLU E 200 -3.52 -47.60 6.53
C GLU E 200 -2.32 -47.58 7.47
N VAL E 201 -2.63 -47.28 8.73
CA VAL E 201 -1.67 -47.11 9.81
C VAL E 201 -1.30 -48.46 10.40
N ASP E 202 -0.08 -48.91 10.13
CA ASP E 202 0.41 -50.16 10.68
C ASP E 202 1.05 -49.89 12.04
N PHE E 203 0.52 -50.53 13.07
CA PHE E 203 1.09 -50.41 14.41
C PHE E 203 2.13 -51.51 14.58
N PHE E 204 3.40 -51.14 14.70
CA PHE E 204 4.43 -52.16 14.86
C PHE E 204 5.15 -51.96 16.19
N THR E 205 5.58 -53.07 16.76
CA THR E 205 6.27 -53.07 18.04
C THR E 205 7.62 -53.77 17.91
N ALA E 206 8.58 -53.33 18.72
CA ALA E 206 9.92 -53.90 18.75
C ALA E 206 10.13 -54.52 20.12
N VAL E 207 10.11 -55.84 20.19
CA VAL E 207 10.22 -56.58 21.45
C VAL E 207 11.68 -56.84 21.79
N ASP E 208 12.02 -56.73 23.07
CA ASP E 208 13.35 -57.03 23.55
C ASP E 208 13.40 -58.50 23.96
N ASP E 209 14.43 -59.21 23.51
CA ASP E 209 14.52 -60.64 23.77
C ASP E 209 15.12 -60.99 25.12
N ILE E 210 15.24 -60.07 26.07
CA ILE E 210 15.75 -60.38 27.40
C ILE E 210 14.78 -59.81 28.42
N PRO E 211 14.26 -60.61 29.32
CA PRO E 211 13.24 -60.11 30.25
C PRO E 211 13.72 -59.67 31.62
N LYS E 212 13.13 -58.58 32.11
CA LYS E 212 13.30 -58.14 33.48
C LYS E 212 11.97 -58.31 34.20
N GLU E 213 12.03 -58.47 35.51
CA GLU E 213 10.80 -58.56 36.26
C GLU E 213 10.16 -57.18 36.35
N ASN E 214 8.88 -57.17 36.74
CA ASN E 214 8.06 -55.97 36.89
C ASN E 214 7.79 -55.24 35.58
N ASP E 215 8.10 -55.82 34.43
CA ASP E 215 7.77 -55.13 33.19
C ASP E 215 7.85 -56.10 32.02
N HIS E 216 7.00 -55.85 31.02
CA HIS E 216 6.98 -56.62 29.79
C HIS E 216 6.91 -55.67 28.60
N GLY E 217 7.26 -54.40 28.84
CA GLY E 217 7.23 -53.42 27.78
C GLY E 217 8.19 -53.79 26.67
N SER E 218 7.78 -53.51 25.44
CA SER E 218 8.62 -53.85 24.33
C SER E 218 9.73 -52.82 24.12
N GLY E 219 10.64 -53.13 23.20
CA GLY E 219 11.75 -52.24 22.92
C GLY E 219 11.38 -50.96 22.22
N HIS E 220 10.22 -50.92 21.57
CA HIS E 220 9.80 -49.71 20.88
C HIS E 220 8.38 -49.90 20.40
N MET E 221 7.71 -48.80 20.06
CA MET E 221 6.33 -48.86 19.61
C MET E 221 6.05 -47.71 18.66
N ASN E 222 5.69 -48.00 17.42
CA ASN E 222 5.36 -46.92 16.49
C ASN E 222 4.25 -47.38 15.56
N ALA E 223 4.01 -46.59 14.52
CA ALA E 223 2.98 -46.91 13.54
C ALA E 223 3.46 -46.42 12.17
N GLY E 224 4.04 -47.32 11.39
CA GLY E 224 4.50 -46.99 10.06
C GLY E 224 3.32 -47.02 9.11
N GLN E 225 3.20 -46.00 8.27
CA GLN E 225 2.10 -45.97 7.31
C GLN E 225 2.41 -46.87 6.13
N PHE E 226 1.36 -47.45 5.55
CA PHE E 226 1.51 -48.30 4.39
C PHE E 226 0.29 -48.15 3.51
N SER E 227 0.41 -48.63 2.27
CA SER E 227 -0.68 -48.54 1.31
C SER E 227 -0.38 -49.44 0.11
N ALA E 228 -1.45 -50.02 -0.44
CA ALA E 228 -1.39 -50.91 -1.60
C ALA E 228 -2.25 -50.33 -2.71
N GLY E 229 -2.12 -50.87 -3.91
CA GLY E 229 -2.93 -50.38 -5.00
C GLY E 229 -2.33 -50.71 -6.35
N THR E 230 -3.09 -50.37 -7.39
CA THR E 230 -2.70 -50.63 -8.78
C THR E 230 -2.22 -49.35 -9.46
N PHE E 231 -0.91 -49.15 -9.47
CA PHE E 231 -0.29 -47.97 -10.03
C PHE E 231 -0.24 -48.00 -11.54
N TYR E 232 -0.39 -46.82 -12.14
CA TYR E 232 -0.28 -46.61 -13.57
C TYR E 232 1.02 -45.87 -13.82
N ARG E 233 1.79 -46.28 -14.83
CA ARG E 233 3.07 -45.65 -15.10
C ARG E 233 3.25 -45.37 -16.58
N TYR E 234 4.05 -44.34 -16.88
CA TYR E 234 4.25 -43.85 -18.24
C TYR E 234 5.59 -43.18 -18.43
N ALA E 235 6.14 -43.29 -19.64
CA ALA E 235 7.41 -42.65 -19.95
C ALA E 235 7.50 -42.44 -21.46
N ASN E 236 8.20 -41.38 -21.85
CA ASN E 236 8.39 -41.00 -23.25
C ASN E 236 9.87 -40.94 -23.54
N VAL E 237 10.26 -41.31 -24.74
CA VAL E 237 11.66 -41.28 -25.17
C VAL E 237 11.77 -40.49 -26.47
N ASN E 238 12.35 -39.30 -26.40
CA ASN E 238 12.54 -38.47 -27.60
C ASN E 238 13.76 -39.01 -28.34
N LEU E 239 13.51 -39.90 -29.29
CA LEU E 239 14.59 -40.54 -30.05
C LEU E 239 15.56 -39.53 -30.65
N ASP E 240 15.05 -38.56 -31.40
CA ASP E 240 15.89 -37.55 -32.02
C ASP E 240 16.93 -36.97 -31.06
N ARG E 241 16.47 -36.40 -29.94
CA ARG E 241 17.42 -35.82 -29.01
C ARG E 241 18.33 -36.86 -28.40
N LEU E 242 17.88 -38.10 -28.29
CA LEU E 242 18.75 -39.10 -27.69
C LEU E 242 19.88 -39.45 -28.65
N VAL E 243 19.55 -39.57 -29.93
CA VAL E 243 20.56 -39.83 -30.94
C VAL E 243 21.48 -38.63 -31.03
N GLU E 244 20.97 -37.45 -30.67
CA GLU E 244 21.81 -36.27 -30.67
C GLU E 244 22.82 -36.35 -29.55
N ASN E 245 22.37 -36.73 -28.35
CA ASN E 245 23.28 -36.85 -27.22
C ASN E 245 24.31 -37.95 -27.44
N THR E 246 23.85 -39.14 -27.80
CA THR E 246 24.77 -40.25 -28.04
C THR E 246 25.63 -40.00 -29.26
N GLY E 247 25.06 -39.39 -30.30
CA GLY E 247 25.78 -39.17 -31.52
C GLY E 247 25.53 -40.28 -32.51
N ASP E 248 25.91 -41.51 -32.16
CA ASP E 248 25.66 -42.64 -33.04
C ASP E 248 24.20 -43.05 -32.95
N ALA E 249 23.80 -43.94 -33.86
CA ALA E 249 22.44 -44.43 -33.87
C ALA E 249 22.32 -45.84 -33.32
N GLN E 250 23.41 -46.60 -33.34
CA GLN E 250 23.34 -47.96 -32.82
C GLN E 250 23.42 -47.93 -31.29
N THR E 251 24.31 -47.09 -30.77
CA THR E 251 24.39 -46.94 -29.32
C THR E 251 23.07 -46.41 -28.81
N ALA E 252 22.49 -45.46 -29.52
CA ALA E 252 21.18 -44.93 -29.13
C ALA E 252 20.14 -46.04 -29.10
N ARG E 253 20.13 -46.90 -30.12
CA ARG E 253 19.16 -47.99 -30.13
C ARG E 253 19.37 -48.93 -28.95
N THR E 254 20.62 -49.18 -28.58
CA THR E 254 20.87 -50.06 -27.45
C THR E 254 20.41 -49.41 -26.15
N ALA E 255 20.63 -48.10 -26.04
CA ALA E 255 20.26 -47.40 -24.82
C ALA E 255 18.74 -47.35 -24.65
N VAL E 256 17.99 -47.17 -25.74
CA VAL E 256 16.55 -47.13 -25.58
C VAL E 256 16.00 -48.52 -25.31
N ALA E 257 16.58 -49.55 -25.94
CA ALA E 257 16.10 -50.91 -25.68
C ALA E 257 16.34 -51.30 -24.23
N GLU E 258 17.54 -51.03 -23.72
CA GLU E 258 17.83 -51.36 -22.33
C GLU E 258 17.06 -50.46 -21.38
N PHE E 259 16.74 -49.24 -21.81
CA PHE E 259 15.94 -48.38 -20.97
C PHE E 259 14.55 -48.96 -20.79
N LEU E 260 13.90 -49.33 -21.89
CA LEU E 260 12.56 -49.89 -21.78
C LEU E 260 12.56 -51.16 -20.95
N ARG E 261 13.54 -52.05 -21.18
CA ARG E 261 13.56 -53.27 -20.37
C ARG E 261 13.77 -52.94 -18.90
N ALA E 262 14.55 -51.92 -18.59
CA ALA E 262 14.73 -51.57 -17.20
C ALA E 262 13.50 -50.89 -16.63
N PHE E 263 12.73 -50.21 -17.47
CA PHE E 263 11.53 -49.54 -16.99
C PHE E 263 10.50 -50.57 -16.58
N LEU E 264 10.38 -51.64 -17.34
CA LEU E 264 9.42 -52.67 -16.93
C LEU E 264 9.96 -53.52 -15.79
N SER E 265 11.21 -53.97 -15.93
CA SER E 265 11.81 -54.90 -14.98
C SER E 265 11.89 -54.34 -13.57
N THR E 266 12.60 -53.23 -13.39
CA THR E 266 12.90 -52.72 -12.06
C THR E 266 11.68 -52.32 -11.25
N VAL E 267 11.90 -52.24 -9.95
CA VAL E 267 10.99 -51.87 -8.88
C VAL E 267 11.92 -51.26 -7.84
N PRO E 268 11.57 -50.16 -7.17
CA PRO E 268 12.50 -49.54 -6.22
C PRO E 268 12.83 -50.45 -5.06
N SER E 269 13.76 -49.97 -4.25
CA SER E 269 14.25 -50.65 -3.07
C SER E 269 13.91 -49.83 -1.84
N GLY E 270 12.74 -49.22 -1.84
CA GLY E 270 12.30 -48.41 -0.74
C GLY E 270 11.33 -49.13 0.14
N LYS E 271 11.78 -49.52 1.34
CA LYS E 271 10.96 -50.25 2.30
C LYS E 271 10.50 -51.56 1.67
N GLN E 272 11.41 -52.21 0.96
CA GLN E 272 11.14 -53.47 0.30
C GLN E 272 11.70 -54.66 1.03
N ASN E 273 12.72 -54.47 1.85
CA ASN E 273 13.29 -55.58 2.58
C ASN E 273 12.30 -56.17 3.57
N ALA E 274 11.46 -55.33 4.17
CA ALA E 274 10.47 -55.81 5.14
C ALA E 274 9.10 -56.03 4.54
N THR E 275 8.83 -55.51 3.35
CA THR E 275 7.56 -55.71 2.64
C THR E 275 7.94 -56.01 1.19
N ALA E 276 8.11 -57.28 0.88
CA ALA E 276 8.50 -57.64 -0.48
C ALA E 276 7.36 -57.33 -1.43
N ALA E 277 7.56 -56.33 -2.29
CA ALA E 277 6.56 -55.90 -3.24
C ALA E 277 7.03 -56.07 -4.68
N MET E 278 8.02 -56.94 -4.89
CA MET E 278 8.53 -57.20 -6.23
C MET E 278 7.40 -57.69 -7.12
N THR E 279 7.16 -57.00 -8.23
CA THR E 279 6.04 -57.33 -9.08
C THR E 279 6.42 -57.04 -10.53
N LEU E 280 5.52 -57.39 -11.46
CA LEU E 280 5.62 -57.13 -12.88
C LEU E 280 4.40 -56.38 -13.38
N PRO E 281 4.57 -55.55 -14.40
CA PRO E 281 3.45 -54.77 -14.91
C PRO E 281 2.40 -55.68 -15.52
N ASP E 282 1.14 -55.45 -15.13
CA ASP E 282 0.06 -56.25 -15.68
C ASP E 282 -0.31 -55.85 -17.09
N LEU E 283 0.17 -54.70 -17.58
CA LEU E 283 -0.13 -54.33 -18.96
C LEU E 283 1.01 -53.48 -19.47
N VAL E 284 1.50 -53.79 -20.67
CA VAL E 284 2.59 -53.03 -21.25
C VAL E 284 2.22 -52.63 -22.65
N HIS E 285 2.17 -51.33 -22.91
CA HIS E 285 1.79 -50.79 -24.21
C HIS E 285 2.82 -49.79 -24.72
N ILE E 286 3.62 -50.18 -25.69
CA ILE E 286 4.60 -49.29 -26.30
C ILE E 286 4.01 -48.79 -27.62
N ALA E 287 4.09 -47.49 -27.84
CA ALA E 287 3.63 -46.90 -29.08
C ALA E 287 4.74 -46.01 -29.60
N VAL E 288 4.93 -45.99 -30.90
CA VAL E 288 5.95 -45.16 -31.52
C VAL E 288 5.21 -44.07 -32.27
N ARG E 289 5.37 -42.84 -31.82
CA ARG E 289 4.68 -41.72 -32.43
C ARG E 289 5.69 -40.80 -33.10
N PHE E 290 5.34 -40.32 -34.29
CA PHE E 290 6.23 -39.46 -35.05
C PHE E 290 5.88 -37.98 -34.97
N ASP E 291 4.84 -37.61 -34.25
CA ASP E 291 4.46 -36.20 -34.14
C ASP E 291 4.64 -35.64 -32.74
N ARG E 292 4.08 -36.30 -31.73
CA ARG E 292 4.21 -35.84 -30.35
C ARG E 292 3.91 -37.00 -29.43
N PRO E 293 4.51 -37.05 -28.25
CA PRO E 293 4.19 -38.11 -27.30
C PRO E 293 2.85 -37.82 -26.66
N ILE E 294 2.18 -38.86 -26.20
CA ILE E 294 0.86 -38.69 -25.59
C ILE E 294 0.71 -39.68 -24.46
N SER E 295 0.17 -39.21 -23.33
CA SER E 295 -0.06 -40.01 -22.15
C SER E 295 -1.55 -40.31 -22.00
N PHE E 296 -1.85 -41.42 -21.33
CA PHE E 296 -3.22 -41.82 -21.10
C PHE E 296 -3.72 -41.47 -19.70
N ALA E 297 -3.05 -40.56 -19.02
CA ALA E 297 -3.47 -40.17 -17.68
C ALA E 297 -4.91 -39.71 -17.59
N PRO E 298 -5.46 -38.90 -18.50
CA PRO E 298 -6.86 -38.49 -18.35
C PRO E 298 -7.83 -39.64 -18.28
N ALA E 299 -7.47 -40.80 -18.82
CA ALA E 299 -8.38 -41.94 -18.73
C ALA E 299 -8.67 -42.28 -17.29
N PHE E 300 -7.70 -42.03 -16.41
CA PHE E 300 -7.79 -42.35 -15.00
C PHE E 300 -8.13 -41.16 -14.13
N GLU E 301 -8.75 -40.12 -14.69
CA GLU E 301 -9.14 -39.01 -13.82
C GLU E 301 -10.35 -39.42 -13.01
N THR E 302 -11.37 -39.93 -13.66
CA THR E 302 -12.53 -40.40 -12.94
C THR E 302 -12.07 -41.60 -12.12
N ALA E 303 -12.01 -41.43 -10.81
CA ALA E 303 -11.55 -42.51 -9.97
C ALA E 303 -12.45 -43.73 -10.13
N LEU E 304 -11.90 -44.89 -9.86
CA LEU E 304 -12.65 -46.13 -9.99
C LEU E 304 -13.11 -46.61 -8.63
N TYR E 305 -14.41 -46.82 -8.49
CA TYR E 305 -14.91 -47.37 -7.25
C TYR E 305 -14.71 -48.89 -7.29
N GLY E 306 -14.61 -49.52 -6.14
CA GLY E 306 -14.29 -50.92 -6.20
C GLY E 306 -15.20 -52.03 -5.72
N SER E 307 -14.67 -52.77 -4.73
CA SER E 307 -15.22 -53.99 -4.14
C SER E 307 -15.03 -55.14 -5.13
N ASP E 308 -14.59 -54.82 -6.33
CA ASP E 308 -14.22 -55.77 -7.37
C ASP E 308 -12.74 -55.63 -7.64
N GLY E 309 -12.28 -56.27 -8.69
CA GLY E 309 -10.89 -56.11 -9.05
C GLY E 309 -10.66 -54.81 -9.77
N TYR E 310 -9.38 -54.46 -9.92
CA TYR E 310 -9.02 -53.26 -10.64
C TYR E 310 -8.14 -53.50 -11.85
N THR E 311 -7.60 -54.71 -12.04
CA THR E 311 -6.75 -54.93 -13.20
C THR E 311 -7.56 -54.96 -14.47
N LEU E 312 -8.64 -55.74 -14.48
CA LEU E 312 -9.43 -55.85 -15.70
C LEU E 312 -10.09 -54.52 -16.05
N ARG E 313 -10.70 -53.87 -15.06
CA ARG E 313 -11.35 -52.60 -15.32
C ARG E 313 -10.37 -51.56 -15.83
N ALA E 314 -9.18 -51.50 -15.24
CA ALA E 314 -8.18 -50.55 -15.72
C ALA E 314 -7.72 -50.88 -17.12
N CYS E 315 -7.52 -52.17 -17.41
CA CYS E 315 -7.07 -52.54 -18.74
C CYS E 315 -8.11 -52.17 -19.81
N GLN E 316 -9.33 -52.67 -19.66
CA GLN E 316 -10.34 -52.37 -20.68
C GLN E 316 -10.70 -50.88 -20.70
N GLU E 317 -10.53 -50.17 -19.59
CA GLU E 317 -10.88 -48.76 -19.65
C GLU E 317 -9.77 -47.99 -20.35
N LEU E 318 -8.53 -48.45 -20.17
CA LEU E 318 -7.42 -47.86 -20.91
C LEU E 318 -7.61 -48.14 -22.38
N ASN E 319 -8.14 -49.33 -22.69
CA ASN E 319 -8.44 -49.69 -24.06
C ASN E 319 -9.41 -48.70 -24.67
N ASN E 320 -10.58 -48.52 -24.04
CA ASN E 320 -11.56 -47.56 -24.57
C ASN E 320 -10.93 -46.19 -24.79
N TYR E 321 -10.17 -45.70 -23.81
CA TYR E 321 -9.60 -44.38 -23.99
C TYR E 321 -8.60 -44.34 -25.14
N ALA E 322 -7.87 -45.42 -25.36
CA ALA E 322 -6.95 -45.45 -26.49
C ALA E 322 -7.72 -45.51 -27.80
N GLU E 323 -8.89 -46.12 -27.80
CA GLU E 323 -9.69 -46.23 -29.01
C GLU E 323 -10.23 -44.88 -29.43
N ARG E 324 -10.98 -44.23 -28.54
CA ARG E 324 -11.52 -42.93 -28.87
C ARG E 324 -10.41 -41.91 -29.11
N LEU E 325 -9.34 -41.99 -28.33
CA LEU E 325 -8.25 -41.06 -28.58
C LEU E 325 -7.61 -41.34 -29.93
N ARG E 326 -7.57 -42.59 -30.35
CA ARG E 326 -6.97 -42.89 -31.65
C ARG E 326 -7.86 -42.39 -32.76
N GLU E 327 -9.17 -42.40 -32.58
CA GLU E 327 -10.03 -41.91 -33.66
C GLU E 327 -10.30 -40.43 -33.54
N VAL E 328 -9.72 -39.73 -32.57
CA VAL E 328 -9.90 -38.30 -32.46
C VAL E 328 -8.65 -37.54 -32.85
N TRP E 329 -7.47 -38.15 -32.68
CA TRP E 329 -6.20 -37.59 -33.10
C TRP E 329 -5.61 -38.62 -34.04
N PRO E 330 -6.12 -38.72 -35.26
CA PRO E 330 -5.63 -39.75 -36.18
C PRO E 330 -4.17 -39.54 -36.52
N ASP E 331 -3.43 -40.64 -36.55
CA ASP E 331 -2.01 -40.56 -36.88
C ASP E 331 -1.54 -41.95 -37.31
N ASP E 332 -0.53 -41.95 -38.17
CA ASP E 332 0.06 -43.20 -38.66
C ASP E 332 1.21 -43.55 -37.72
N ALA E 333 0.87 -44.28 -36.67
CA ALA E 333 1.82 -44.68 -35.64
C ALA E 333 1.83 -46.19 -35.52
N ILE E 334 2.79 -46.70 -34.75
CA ILE E 334 2.96 -48.13 -34.52
C ILE E 334 2.52 -48.44 -33.11
N ARG E 335 1.79 -49.54 -32.94
CA ARG E 335 1.26 -49.88 -31.62
C ARG E 335 1.43 -51.36 -31.33
N GLY E 336 1.88 -51.67 -30.13
CA GLY E 336 2.03 -53.06 -29.71
C GLY E 336 1.87 -53.15 -28.21
N TYR E 337 1.43 -54.32 -27.74
CA TYR E 337 1.21 -54.43 -26.31
C TYR E 337 1.25 -55.89 -25.87
N ALA E 338 1.72 -56.11 -24.65
CA ALA E 338 1.70 -57.40 -24.00
C ALA E 338 0.82 -57.31 -22.76
N THR E 339 0.28 -58.44 -22.34
CA THR E 339 -0.66 -58.44 -21.23
C THR E 339 -0.59 -59.76 -20.48
N VAL E 340 -0.75 -59.69 -19.16
CA VAL E 340 -0.67 -60.85 -18.30
C VAL E 340 -2.07 -61.39 -17.98
N GLU E 341 -3.05 -61.07 -18.82
CA GLU E 341 -4.41 -61.58 -18.63
C GLU E 341 -5.01 -61.85 -19.99
N ASN E 342 -5.34 -63.11 -20.24
CA ASN E 342 -5.85 -63.54 -21.53
C ASN E 342 -7.37 -63.50 -21.64
N LYS E 343 -8.07 -62.85 -20.71
CA LYS E 343 -9.52 -62.82 -20.83
C LYS E 343 -10.01 -61.91 -21.95
N THR E 344 -9.79 -60.61 -21.83
CA THR E 344 -10.21 -59.69 -22.87
C THR E 344 -9.18 -59.62 -24.00
N ASP E 345 -9.62 -59.06 -25.12
CA ASP E 345 -8.77 -58.78 -26.27
C ASP E 345 -8.78 -57.28 -26.48
N LEU E 346 -7.63 -56.65 -26.29
CA LEU E 346 -7.51 -55.20 -26.44
C LEU E 346 -7.13 -54.90 -27.88
N ALA E 347 -8.11 -54.41 -28.64
CA ALA E 347 -7.92 -54.16 -30.05
C ALA E 347 -7.16 -52.86 -30.29
N ALA E 348 -7.62 -51.75 -29.69
CA ALA E 348 -7.02 -50.46 -29.92
C ALA E 348 -5.57 -50.36 -29.51
N LEU E 349 -5.05 -51.30 -28.74
CA LEU E 349 -3.67 -51.23 -28.31
C LEU E 349 -2.68 -51.82 -29.31
N GLY E 350 -3.13 -52.20 -30.50
CA GLY E 350 -2.22 -52.72 -31.51
C GLY E 350 -2.25 -54.22 -31.69
N GLU E 351 -1.10 -54.81 -31.99
CA GLU E 351 -0.97 -56.25 -32.17
C GLU E 351 -0.36 -56.85 -30.92
N ARG E 352 -1.09 -57.76 -30.29
CA ARG E 352 -0.68 -58.35 -29.02
C ARG E 352 0.52 -59.25 -29.21
N TYR E 353 1.69 -58.77 -28.81
CA TYR E 353 2.87 -59.60 -28.90
C TYR E 353 2.80 -60.66 -27.81
N ASP E 354 3.75 -61.59 -27.84
CA ASP E 354 3.69 -62.69 -26.89
C ASP E 354 4.31 -62.36 -25.54
N SER E 355 5.45 -61.67 -25.51
CA SER E 355 6.10 -61.41 -24.23
C SER E 355 6.77 -60.04 -24.22
N TYR E 356 7.01 -59.55 -23.01
CA TYR E 356 7.63 -58.23 -22.83
C TYR E 356 8.92 -58.04 -23.60
N PRO E 357 9.93 -58.90 -23.51
CA PRO E 357 11.15 -58.64 -24.27
C PRO E 357 10.95 -58.74 -25.77
N ALA E 358 10.01 -59.56 -26.23
CA ALA E 358 9.74 -59.61 -27.66
C ALA E 358 9.11 -58.32 -28.11
N LEU E 359 8.12 -57.84 -27.37
CA LEU E 359 7.48 -56.57 -27.66
C LEU E 359 8.50 -55.44 -27.71
N ILE E 360 9.40 -55.39 -26.72
CA ILE E 360 10.39 -54.33 -26.69
C ILE E 360 11.30 -54.42 -27.90
N ASP E 361 11.71 -55.64 -28.26
CA ASP E 361 12.58 -55.80 -29.42
C ASP E 361 11.91 -55.35 -30.72
N ALA E 362 10.67 -55.80 -30.95
CA ALA E 362 9.99 -55.42 -32.18
C ALA E 362 9.66 -53.94 -32.22
N MET E 363 9.42 -53.31 -31.08
CA MET E 363 9.10 -51.89 -31.13
C MET E 363 10.36 -51.05 -31.29
N VAL E 364 11.43 -51.38 -30.58
CA VAL E 364 12.67 -50.64 -30.80
C VAL E 364 13.14 -50.85 -32.23
N ALA E 365 12.90 -52.04 -32.78
CA ALA E 365 13.27 -52.31 -34.16
C ALA E 365 12.47 -51.42 -35.10
N ALA E 366 11.16 -51.39 -34.93
CA ALA E 366 10.34 -50.55 -35.80
C ALA E 366 10.65 -49.07 -35.62
N ALA E 367 11.21 -48.68 -34.47
CA ALA E 367 11.54 -47.28 -34.23
C ALA E 367 12.91 -46.89 -34.74
N PHE E 368 13.71 -47.86 -35.20
CA PHE E 368 15.06 -47.61 -35.70
C PHE E 368 15.96 -46.95 -34.65
N THR F 2 -16.19 -13.15 -38.11
CA THR F 2 -14.78 -12.98 -38.42
C THR F 2 -13.92 -13.24 -37.19
N PHE F 3 -14.51 -13.92 -36.21
CA PHE F 3 -13.83 -14.28 -34.96
C PHE F 3 -13.85 -15.79 -34.83
N VAL F 4 -12.68 -16.40 -34.92
CA VAL F 4 -12.53 -17.84 -34.78
C VAL F 4 -12.24 -18.12 -33.31
N ASP F 5 -13.24 -18.61 -32.59
CA ASP F 5 -13.12 -18.95 -31.19
C ASP F 5 -12.79 -20.41 -31.02
N ILE F 6 -11.94 -20.73 -30.06
CA ILE F 6 -11.59 -22.11 -29.77
C ILE F 6 -11.54 -22.32 -28.27
N HIS F 7 -12.26 -23.35 -27.81
CA HIS F 7 -12.36 -23.73 -26.41
C HIS F 7 -11.84 -25.15 -26.28
N ALA F 8 -11.23 -25.47 -25.15
CA ALA F 8 -10.75 -26.84 -24.99
C ALA F 8 -10.56 -27.19 -23.52
N ILE F 9 -11.12 -28.33 -23.13
CA ILE F 9 -10.96 -28.86 -21.78
C ILE F 9 -9.85 -29.89 -21.87
N GLN F 10 -8.77 -29.66 -21.13
CA GLN F 10 -7.61 -30.54 -21.13
C GLN F 10 -7.20 -30.84 -19.70
N THR F 11 -7.24 -32.11 -19.31
CA THR F 11 -6.92 -32.52 -17.95
C THR F 11 -5.46 -32.91 -17.86
N LEU F 12 -4.70 -32.16 -17.09
CA LEU F 12 -3.29 -32.41 -16.89
C LEU F 12 -3.03 -33.18 -15.59
N PRO F 13 -2.21 -34.21 -15.65
CA PRO F 13 -1.88 -35.01 -14.47
C PRO F 13 -0.98 -34.27 -13.50
N TYR F 14 -0.45 -34.98 -12.51
CA TYR F 14 0.38 -34.39 -11.47
C TYR F 14 1.65 -33.86 -12.09
N SER F 15 1.72 -32.54 -12.26
CA SER F 15 2.87 -31.91 -12.87
C SER F 15 2.97 -30.48 -12.40
N ASN F 16 3.83 -29.71 -13.07
CA ASN F 16 4.00 -28.28 -12.80
C ASN F 16 4.38 -27.64 -14.12
N ILE F 17 3.38 -27.14 -14.84
CA ILE F 17 3.64 -26.56 -16.15
C ILE F 17 4.56 -25.37 -16.13
N ASN F 18 4.13 -24.26 -15.52
CA ASN F 18 4.98 -23.08 -15.42
C ASN F 18 4.93 -22.60 -13.98
N ARG F 19 6.06 -22.69 -13.30
CA ARG F 19 6.07 -22.28 -11.91
C ARG F 19 6.10 -20.77 -11.81
N ASP F 20 5.87 -20.28 -10.60
CA ASP F 20 5.93 -18.87 -10.27
C ASP F 20 7.38 -18.49 -10.00
N ASP F 21 7.61 -17.35 -9.38
CA ASP F 21 8.95 -16.94 -9.06
C ASP F 21 9.49 -17.64 -7.82
N LEU F 22 8.73 -18.56 -7.24
CA LEU F 22 9.21 -19.24 -6.05
C LEU F 22 8.98 -20.75 -6.11
N GLY F 23 8.59 -21.29 -7.26
CA GLY F 23 8.39 -22.71 -7.39
C GLY F 23 6.95 -23.14 -7.52
N SER F 24 6.05 -22.50 -6.79
CA SER F 24 4.65 -22.85 -6.84
C SER F 24 4.06 -22.55 -8.22
N PRO F 25 2.98 -23.23 -8.58
CA PRO F 25 2.32 -22.93 -9.85
C PRO F 25 1.42 -21.71 -9.71
N LYS F 26 1.34 -20.92 -10.77
CA LYS F 26 0.55 -19.70 -10.71
C LYS F 26 -0.90 -20.04 -10.45
N THR F 27 -1.54 -19.29 -9.56
CA THR F 27 -2.91 -19.55 -9.15
C THR F 27 -3.77 -18.30 -9.20
N VAL F 28 -5.03 -18.49 -9.56
CA VAL F 28 -6.02 -17.45 -9.59
C VAL F 28 -6.93 -17.59 -8.37
N VAL F 29 -7.61 -16.52 -8.03
CA VAL F 29 -8.64 -16.57 -7.00
C VAL F 29 -9.95 -16.34 -7.72
N TYR F 30 -10.57 -17.42 -8.16
CA TYR F 30 -11.78 -17.33 -8.95
C TYR F 30 -12.92 -17.94 -8.17
N GLY F 31 -14.05 -17.24 -8.16
CA GLY F 31 -15.20 -17.74 -7.43
C GLY F 31 -14.86 -18.10 -6.00
N GLY F 32 -13.95 -17.35 -5.39
CA GLY F 32 -13.58 -17.61 -4.03
C GLY F 32 -12.52 -18.66 -3.81
N LYS F 33 -12.28 -19.56 -4.77
CA LYS F 33 -11.32 -20.62 -4.56
C LYS F 33 -10.10 -20.47 -5.46
N GLU F 34 -8.96 -20.91 -4.93
CA GLU F 34 -7.72 -20.91 -5.68
C GLU F 34 -7.84 -21.87 -6.85
N ARG F 35 -7.19 -21.53 -7.95
CA ARG F 35 -7.24 -22.38 -9.13
C ARG F 35 -5.91 -22.25 -9.86
N THR F 36 -5.15 -23.33 -9.92
CA THR F 36 -3.86 -23.25 -10.60
C THR F 36 -4.07 -22.85 -12.05
N ARG F 37 -3.13 -22.11 -12.60
CA ARG F 37 -3.27 -21.63 -13.96
C ARG F 37 -1.94 -21.65 -14.68
N VAL F 38 -2.03 -21.69 -16.00
CA VAL F 38 -0.88 -21.63 -16.89
C VAL F 38 -0.95 -20.29 -17.59
N SER F 39 0.10 -19.50 -17.45
CA SER F 39 0.10 -18.18 -18.05
C SER F 39 -0.04 -18.27 -19.57
N SER F 40 -0.53 -17.18 -20.15
CA SER F 40 -0.74 -17.15 -21.59
C SER F 40 0.58 -17.11 -22.34
N GLN F 41 1.58 -16.37 -21.82
CA GLN F 41 2.87 -16.29 -22.50
C GLN F 41 3.49 -17.65 -22.72
N SER F 42 3.25 -18.61 -21.82
CA SER F 42 3.86 -19.93 -22.00
C SER F 42 3.24 -20.66 -23.18
N TRP F 43 1.93 -20.84 -23.16
CA TRP F 43 1.28 -21.48 -24.31
C TRP F 43 1.56 -20.70 -25.59
N LYS F 44 1.47 -19.38 -25.57
CA LYS F 44 1.80 -18.65 -26.78
C LYS F 44 3.22 -18.96 -27.24
N ARG F 45 4.16 -19.09 -26.30
CA ARG F 45 5.52 -19.40 -26.71
C ARG F 45 5.63 -20.80 -27.30
N ALA F 46 5.00 -21.79 -26.67
CA ALA F 46 5.04 -23.15 -27.19
C ALA F 46 4.38 -23.21 -28.56
N VAL F 47 3.22 -22.57 -28.67
CA VAL F 47 2.50 -22.52 -29.93
C VAL F 47 3.37 -21.90 -31.01
N ARG F 48 3.89 -20.70 -30.79
CA ARG F 48 4.68 -20.09 -31.84
C ARG F 48 5.84 -21.00 -32.23
N HIS F 49 6.60 -21.50 -31.24
CA HIS F 49 7.70 -22.38 -31.60
C HIS F 49 7.24 -23.57 -32.42
N GLU F 50 5.97 -23.97 -32.27
CA GLU F 50 5.50 -25.09 -33.07
C GLU F 50 5.11 -24.63 -34.48
N VAL F 51 4.35 -23.54 -34.56
CA VAL F 51 3.96 -23.00 -35.86
C VAL F 51 5.17 -22.68 -36.69
N GLU F 52 6.07 -21.84 -36.17
CA GLU F 52 7.26 -21.54 -36.95
C GLU F 52 8.10 -22.80 -37.15
N ALA F 53 8.02 -23.77 -36.24
CA ALA F 53 8.70 -25.03 -36.50
C ALA F 53 8.26 -25.63 -37.83
N ARG F 54 6.98 -25.96 -37.96
CA ARG F 54 6.46 -26.44 -39.24
C ARG F 54 6.73 -25.45 -40.38
N LEU F 55 6.15 -24.26 -40.27
CA LEU F 55 6.31 -23.15 -41.21
C LEU F 55 7.66 -22.53 -40.88
N GLY F 56 8.73 -23.06 -41.47
CA GLY F 56 10.06 -22.68 -41.06
C GLY F 56 10.40 -21.22 -41.30
N ASP F 57 9.74 -20.36 -40.51
CA ASP F 57 9.92 -18.91 -40.57
C ASP F 57 10.90 -18.36 -39.55
N LYS F 58 11.12 -19.06 -38.44
CA LYS F 58 12.10 -18.69 -37.42
C LYS F 58 12.00 -17.22 -36.95
N ALA F 59 10.88 -16.89 -36.32
CA ALA F 59 10.69 -15.53 -35.81
C ALA F 59 11.50 -15.23 -34.55
N VAL F 60 12.82 -15.20 -34.65
CA VAL F 60 13.71 -14.96 -33.51
C VAL F 60 13.45 -13.69 -32.70
N ARG F 61 13.19 -13.86 -31.40
CA ARG F 61 13.05 -12.76 -30.44
C ARG F 61 14.34 -12.63 -29.67
N THR F 62 15.02 -11.49 -29.76
CA THR F 62 16.27 -11.37 -29.05
C THR F 62 16.63 -9.94 -28.74
N ARG F 63 17.74 -9.80 -28.01
CA ARG F 63 18.36 -8.55 -27.63
C ARG F 63 19.68 -8.36 -28.32
N ARG F 64 20.47 -9.43 -28.41
CA ARG F 64 21.81 -9.40 -28.97
C ARG F 64 21.78 -9.37 -30.50
N ILE F 65 21.13 -8.35 -31.07
CA ILE F 65 21.16 -8.28 -32.52
C ILE F 65 22.51 -7.78 -32.99
N ILE F 66 23.18 -6.96 -32.19
CA ILE F 66 24.49 -6.48 -32.57
C ILE F 66 25.45 -7.65 -32.71
N SER F 67 25.37 -8.60 -31.78
CA SER F 67 26.26 -9.76 -31.83
C SER F 67 26.02 -10.61 -33.06
N GLU F 68 24.75 -10.84 -33.40
CA GLU F 68 24.51 -11.68 -34.56
C GLU F 68 24.78 -10.96 -35.87
N ILE F 69 24.53 -9.65 -35.94
CA ILE F 69 24.88 -8.93 -37.14
C ILE F 69 26.38 -8.97 -37.32
N ALA F 70 27.12 -8.84 -36.22
CA ALA F 70 28.57 -8.95 -36.28
C ALA F 70 28.97 -10.34 -36.75
N LYS F 71 28.17 -11.35 -36.38
CA LYS F 71 28.47 -12.70 -36.82
C LYS F 71 28.29 -12.82 -38.33
N ARG F 72 27.24 -12.18 -38.87
CA ARG F 72 27.01 -12.23 -40.31
C ARG F 72 28.12 -11.50 -41.04
N LEU F 73 28.61 -10.40 -40.46
CA LEU F 73 29.67 -9.65 -41.10
C LEU F 73 30.98 -10.40 -41.02
N ARG F 74 31.17 -11.21 -39.98
CA ARG F 74 32.39 -11.99 -39.94
C ARG F 74 32.31 -13.14 -40.92
N GLU F 75 31.10 -13.64 -41.18
CA GLU F 75 30.97 -14.68 -42.19
C GLU F 75 31.22 -14.10 -43.57
N ARG F 76 30.89 -12.83 -43.78
CA ARG F 76 31.02 -12.25 -45.11
C ARG F 76 32.33 -11.52 -45.35
N GLY F 77 33.38 -11.81 -44.57
CA GLY F 77 34.69 -11.26 -44.85
C GLY F 77 35.17 -10.13 -43.98
N TRP F 78 34.31 -9.48 -43.20
CA TRP F 78 34.77 -8.36 -42.41
C TRP F 78 35.60 -8.81 -41.22
N ASP F 79 36.53 -7.94 -40.80
CA ASP F 79 37.36 -8.19 -39.65
C ASP F 79 36.52 -8.08 -38.38
N ALA F 80 37.07 -8.55 -37.27
CA ALA F 80 36.32 -8.53 -36.01
C ALA F 80 35.90 -7.11 -35.62
N ASP F 81 36.83 -6.16 -35.65
CA ASP F 81 36.46 -4.82 -35.23
C ASP F 81 35.55 -4.15 -36.24
N LEU F 82 35.75 -4.44 -37.53
CA LEU F 82 34.88 -3.86 -38.55
C LEU F 82 33.48 -4.42 -38.42
N ALA F 83 33.36 -5.68 -37.99
CA ALA F 83 32.06 -6.28 -37.81
C ALA F 83 31.36 -5.67 -36.61
N ASP F 84 32.07 -5.58 -35.48
CA ASP F 84 31.46 -5.00 -34.28
C ASP F 84 31.02 -3.56 -34.52
N ALA F 85 31.95 -2.72 -34.98
CA ALA F 85 31.60 -1.33 -35.26
C ALA F 85 30.53 -1.23 -36.31
N GLY F 86 30.53 -2.14 -37.28
CA GLY F 86 29.53 -2.13 -38.32
C GLY F 86 28.14 -2.34 -37.74
N ALA F 87 27.98 -3.44 -37.00
CA ALA F 87 26.70 -3.72 -36.38
C ALA F 87 26.25 -2.58 -35.49
N ARG F 88 27.17 -2.02 -34.70
CA ARG F 88 26.79 -0.88 -33.87
C ARG F 88 26.35 0.29 -34.74
N GLN F 89 26.89 0.40 -35.95
CA GLN F 89 26.44 1.48 -36.83
C GLN F 89 25.04 1.20 -37.33
N VAL F 90 24.72 -0.06 -37.62
CA VAL F 90 23.39 -0.37 -38.10
C VAL F 90 22.37 -0.10 -37.02
N VAL F 91 22.73 -0.34 -35.76
CA VAL F 91 21.80 -0.12 -34.67
C VAL F 91 21.70 1.36 -34.31
N LEU F 92 22.82 2.08 -34.37
CA LEU F 92 22.85 3.47 -33.98
C LEU F 92 22.27 4.42 -35.03
N SER F 93 21.98 3.97 -36.24
CA SER F 93 21.47 4.87 -37.25
C SER F 93 19.95 4.91 -37.33
N VAL F 94 19.26 4.52 -36.26
CA VAL F 94 17.79 4.61 -36.22
C VAL F 94 17.40 5.38 -34.97
N GLY F 95 16.09 5.58 -34.81
CA GLY F 95 15.60 6.32 -33.67
C GLY F 95 15.72 7.80 -33.93
N LYS F 96 14.78 8.61 -33.44
CA LYS F 96 14.86 10.04 -33.71
C LYS F 96 15.87 10.74 -32.82
N LYS F 97 16.44 10.04 -31.87
CA LYS F 97 17.48 10.55 -31.00
C LYS F 97 18.79 9.96 -31.49
N SER F 98 19.87 10.14 -30.72
CA SER F 98 21.19 9.62 -31.11
C SER F 98 21.09 8.24 -31.74
N GLY F 99 20.45 7.31 -31.05
CA GLY F 99 20.23 5.99 -31.58
C GLY F 99 19.20 5.32 -30.71
N ILE F 100 18.95 4.03 -30.97
CA ILE F 100 18.04 3.36 -30.07
C ILE F 100 18.79 3.19 -28.76
N LYS F 101 18.05 3.15 -27.66
CA LYS F 101 18.70 3.09 -26.36
C LYS F 101 19.45 1.78 -26.19
N LEU F 102 20.73 1.91 -25.91
CA LEU F 102 21.66 0.83 -25.66
C LEU F 102 22.27 1.13 -24.31
N GLU F 103 22.60 0.10 -23.54
CA GLU F 103 23.14 0.42 -22.22
C GLU F 103 24.04 -0.69 -21.71
N LYS F 104 25.02 -0.29 -20.89
CA LYS F 104 26.02 -1.13 -20.24
C LYS F 104 26.43 -2.34 -21.06
N GLU F 105 27.53 -2.26 -21.76
CA GLU F 105 27.91 -3.43 -22.52
C GLU F 105 28.59 -4.44 -21.60
N LYS F 106 28.75 -5.65 -22.13
CA LYS F 106 29.38 -6.72 -21.38
C LYS F 106 30.88 -6.52 -21.41
N ASP F 107 31.63 -7.61 -21.38
CA ASP F 107 33.08 -7.59 -21.42
C ASP F 107 33.54 -8.40 -22.63
N SER F 108 34.07 -7.73 -23.63
CA SER F 108 34.55 -8.37 -24.86
C SER F 108 33.41 -9.17 -25.52
N GLU F 109 32.45 -8.41 -26.06
CA GLU F 109 31.26 -8.93 -26.73
C GLU F 109 30.26 -7.80 -26.95
N ALA F 110 29.62 -7.81 -28.12
CA ALA F 110 28.64 -6.80 -28.49
C ALA F 110 27.63 -6.55 -27.38
N PRO F 111 27.31 -5.30 -27.06
CA PRO F 111 26.33 -5.01 -26.01
C PRO F 111 24.94 -5.50 -26.37
N ALA F 112 24.00 -5.36 -25.45
CA ALA F 112 22.62 -5.77 -25.67
C ALA F 112 21.69 -4.57 -25.63
N THR F 113 20.84 -4.45 -26.64
CA THR F 113 19.88 -3.34 -26.67
C THR F 113 18.98 -3.44 -25.45
N SER F 114 18.54 -2.28 -24.95
CA SER F 114 17.67 -2.31 -23.79
C SER F 114 16.32 -2.90 -24.15
N VAL F 115 15.74 -2.48 -25.27
CA VAL F 115 14.45 -2.99 -25.71
C VAL F 115 14.66 -4.35 -26.34
N LEU F 116 13.58 -5.08 -26.57
CA LEU F 116 13.63 -6.43 -27.15
C LEU F 116 13.17 -6.39 -28.60
N PHE F 117 13.95 -7.04 -29.46
CA PHE F 117 13.64 -7.13 -30.87
C PHE F 117 12.96 -8.45 -31.17
N TYR F 118 12.27 -8.48 -32.29
CA TYR F 118 11.52 -9.65 -32.72
C TYR F 118 11.55 -9.62 -34.24
N LEU F 119 12.44 -10.39 -34.84
CA LEU F 119 12.64 -10.37 -36.28
C LEU F 119 12.87 -11.79 -36.79
N PRO F 120 12.72 -12.01 -38.08
CA PRO F 120 13.04 -13.32 -38.65
C PRO F 120 14.53 -13.37 -38.96
N VAL F 121 15.03 -14.57 -39.23
CA VAL F 121 16.45 -14.71 -39.56
C VAL F 121 16.81 -14.01 -40.87
N PRO F 122 16.02 -14.08 -41.94
CA PRO F 122 16.42 -13.35 -43.16
C PRO F 122 16.45 -11.85 -42.93
N ALA F 123 15.71 -11.35 -41.94
CA ALA F 123 15.77 -9.93 -41.66
C ALA F 123 17.13 -9.55 -41.11
N ILE F 124 17.66 -10.35 -40.18
CA ILE F 124 18.99 -10.07 -39.67
C ILE F 124 20.01 -10.17 -40.79
N ASP F 125 19.90 -11.19 -41.62
CA ASP F 125 20.83 -11.34 -42.73
C ASP F 125 20.80 -10.10 -43.62
N GLU F 126 19.60 -9.63 -43.97
CA GLU F 126 19.50 -8.46 -44.82
C GLU F 126 20.03 -7.21 -44.13
N LEU F 127 19.91 -7.15 -42.81
CA LEU F 127 20.51 -6.02 -42.11
C LEU F 127 22.01 -6.04 -42.32
N ALA F 128 22.60 -7.24 -42.24
CA ALA F 128 24.01 -7.36 -42.52
C ALA F 128 24.31 -7.01 -43.97
N ALA F 129 23.35 -7.21 -44.86
CA ALA F 129 23.57 -6.87 -46.26
C ALA F 129 23.67 -5.35 -46.44
N ILE F 130 22.73 -4.61 -45.86
CA ILE F 130 22.80 -3.15 -45.96
C ILE F 130 24.05 -2.66 -45.27
N ALA F 131 24.48 -3.35 -44.22
CA ALA F 131 25.71 -2.97 -43.56
C ALA F 131 26.91 -3.27 -44.44
N ASP F 132 26.82 -4.33 -45.23
CA ASP F 132 27.93 -4.73 -46.08
C ASP F 132 28.08 -3.79 -47.26
N GLU F 133 26.99 -3.17 -47.71
CA GLU F 133 27.07 -2.25 -48.83
C GLU F 133 27.80 -0.96 -48.49
N HIS F 134 28.11 -0.71 -47.22
CA HIS F 134 28.77 0.53 -46.85
C HIS F 134 30.07 0.29 -46.09
N ARG F 135 30.89 -0.64 -46.60
CA ARG F 135 32.17 -0.96 -45.97
C ARG F 135 33.00 0.28 -45.67
N ASP F 136 33.30 1.06 -46.71
CA ASP F 136 34.10 2.27 -46.55
C ASP F 136 33.54 3.23 -45.51
N ALA F 137 32.24 3.47 -45.53
CA ALA F 137 31.65 4.38 -44.55
C ALA F 137 31.87 3.87 -43.13
N VAL F 138 31.64 2.57 -42.91
CA VAL F 138 31.81 1.99 -41.58
C VAL F 138 33.26 2.11 -41.14
N ALA F 139 34.20 1.80 -42.02
CA ALA F 139 35.60 1.92 -41.67
C ALA F 139 35.97 3.36 -41.36
N LYS F 140 35.41 4.31 -42.12
CA LYS F 140 35.70 5.71 -41.89
C LYS F 140 35.16 6.19 -40.54
N GLU F 141 34.01 5.68 -40.14
CA GLU F 141 33.45 6.10 -38.85
C GLU F 141 34.19 5.47 -37.69
N ALA F 142 34.67 4.24 -37.86
CA ALA F 142 35.42 3.60 -36.79
C ALA F 142 36.69 4.35 -36.46
N ALA F 143 37.20 5.17 -37.38
CA ALA F 143 38.42 5.91 -37.11
C ALA F 143 38.21 7.00 -36.06
N LYS F 144 36.99 7.52 -35.92
CA LYS F 144 36.73 8.54 -34.93
C LYS F 144 36.62 7.94 -33.55
N LYS F 145 36.30 8.78 -32.56
CA LYS F 145 36.11 8.31 -31.19
C LYS F 145 34.65 8.09 -30.86
N THR F 146 33.76 8.95 -31.34
CA THR F 146 32.32 8.84 -31.12
C THR F 146 31.66 8.94 -32.49
N PRO F 147 31.40 7.82 -33.13
CA PRO F 147 30.78 7.85 -34.46
C PRO F 147 29.28 8.14 -34.36
N LYS F 148 28.68 8.35 -35.53
CA LYS F 148 27.25 8.62 -35.61
C LYS F 148 26.63 7.76 -36.70
N GLY F 149 25.34 7.98 -36.99
CA GLY F 149 24.67 7.16 -38.00
C GLY F 149 25.06 7.56 -39.42
N ILE F 150 25.28 6.54 -40.26
CA ILE F 150 25.65 6.75 -41.65
C ILE F 150 24.82 5.86 -42.56
N LEU F 151 24.07 4.98 -41.99
CA LEU F 151 23.31 4.02 -42.76
C LEU F 151 21.97 4.61 -43.20
N PRO F 152 21.44 4.15 -44.32
CA PRO F 152 20.16 4.67 -44.80
C PRO F 152 18.98 4.16 -43.99
N ALA F 153 18.71 4.84 -42.88
CA ALA F 153 17.65 4.50 -41.94
C ALA F 153 16.33 4.12 -42.60
N ASP F 154 16.11 4.59 -43.82
CA ASP F 154 14.86 4.28 -44.51
C ASP F 154 14.76 2.81 -44.85
N ARG F 155 15.78 2.25 -45.50
CA ARG F 155 15.66 0.85 -45.88
C ARG F 155 15.86 -0.10 -44.70
N ILE F 156 16.80 0.18 -43.80
CA ILE F 156 16.93 -0.70 -42.65
C ILE F 156 15.67 -0.61 -41.79
N THR F 157 15.06 0.56 -41.71
CA THR F 157 13.81 0.68 -40.98
C THR F 157 12.72 -0.09 -41.70
N GLU F 158 12.80 -0.20 -43.01
CA GLU F 158 11.80 -0.98 -43.73
C GLU F 158 12.07 -2.47 -43.57
N VAL F 159 13.32 -2.84 -43.27
CA VAL F 159 13.66 -4.23 -43.06
C VAL F 159 13.22 -4.66 -41.66
N LEU F 160 13.25 -3.75 -40.70
CA LEU F 160 12.81 -4.08 -39.35
C LEU F 160 11.31 -4.32 -39.31
N LYS F 161 10.57 -3.75 -40.27
CA LYS F 161 9.13 -3.96 -40.36
C LYS F 161 8.76 -5.27 -41.01
N SER F 162 9.73 -6.12 -41.37
CA SER F 162 9.41 -7.37 -42.01
C SER F 162 8.64 -8.26 -41.05
N ARG F 163 7.41 -8.57 -41.41
CA ARG F 163 6.53 -9.36 -40.56
C ARG F 163 6.85 -10.84 -40.72
N ASN F 164 5.98 -11.67 -40.15
CA ASN F 164 6.14 -13.12 -40.13
C ASN F 164 4.86 -13.72 -39.57
N VAL F 165 4.74 -15.03 -39.68
CA VAL F 165 3.54 -15.71 -39.19
C VAL F 165 3.38 -15.46 -37.71
N SER F 166 4.45 -15.61 -36.94
CA SER F 166 4.35 -15.36 -35.51
C SER F 166 4.20 -13.88 -35.24
N VAL F 167 4.83 -13.04 -36.08
CA VAL F 167 4.67 -11.60 -35.92
C VAL F 167 3.26 -11.19 -36.29
N ASN F 168 2.71 -11.84 -37.32
CA ASN F 168 1.36 -11.49 -37.76
C ASN F 168 0.34 -11.84 -36.69
N LEU F 169 0.38 -13.07 -36.20
CA LEU F 169 -0.57 -13.48 -35.18
C LEU F 169 -0.33 -12.77 -33.85
N PHE F 170 0.85 -12.93 -33.28
CA PHE F 170 1.12 -12.45 -31.93
C PHE F 170 1.44 -10.96 -31.80
N GLY F 171 1.87 -10.29 -32.86
CA GLY F 171 2.14 -8.86 -32.75
C GLY F 171 3.52 -8.55 -32.21
N ARG F 172 3.94 -7.30 -32.43
CA ARG F 172 5.25 -6.81 -32.02
C ARG F 172 5.12 -5.41 -31.42
N MET F 173 6.10 -5.04 -30.59
CA MET F 173 6.17 -3.71 -30.03
C MET F 173 7.61 -3.22 -30.08
N LEU F 174 7.79 -1.94 -30.37
CA LEU F 174 9.13 -1.34 -30.40
C LEU F 174 8.96 0.15 -30.17
N ALA F 175 9.38 0.61 -28.98
CA ALA F 175 9.19 2.01 -28.61
C ALA F 175 10.03 2.96 -29.45
N GLU F 176 11.29 2.63 -29.70
CA GLU F 176 12.11 3.54 -30.48
C GLU F 176 11.68 3.61 -31.94
N LEU F 177 10.80 2.72 -32.38
CA LEU F 177 10.31 2.71 -33.76
C LEU F 177 8.83 2.36 -33.76
N PRO F 178 7.98 3.30 -33.34
CA PRO F 178 6.55 3.00 -33.32
C PRO F 178 5.97 2.74 -34.70
N SER F 179 6.75 2.95 -35.76
CA SER F 179 6.27 2.69 -37.11
C SER F 179 6.30 1.21 -37.44
N THR F 180 7.09 0.42 -36.72
CA THR F 180 7.19 -1.01 -36.96
C THR F 180 6.32 -1.82 -36.01
N GLU F 181 5.69 -1.19 -35.03
CA GLU F 181 4.82 -1.89 -34.10
C GLU F 181 3.61 -2.45 -34.82
N VAL F 182 3.46 -3.76 -34.80
CA VAL F 182 2.34 -4.44 -35.41
C VAL F 182 1.44 -4.96 -34.29
N ASP F 183 0.14 -4.85 -34.50
CA ASP F 183 -0.84 -5.26 -33.51
C ASP F 183 -1.22 -6.72 -33.69
N GLY F 184 -1.29 -7.44 -32.57
CA GLY F 184 -1.65 -8.83 -32.62
C GLY F 184 -3.07 -9.03 -33.09
N ALA F 185 -3.33 -10.23 -33.62
CA ALA F 185 -4.65 -10.57 -34.11
C ALA F 185 -5.25 -11.77 -33.39
N VAL F 186 -4.55 -12.34 -32.41
CA VAL F 186 -5.02 -13.51 -31.69
C VAL F 186 -5.05 -13.22 -30.20
N GLN F 187 -6.22 -13.33 -29.61
CA GLN F 187 -6.41 -13.13 -28.19
C GLN F 187 -6.20 -14.45 -27.50
N PHE F 188 -5.15 -14.57 -26.70
CA PHE F 188 -4.85 -15.82 -26.03
C PHE F 188 -5.17 -15.67 -24.55
N ALA F 189 -5.90 -16.63 -24.00
CA ALA F 189 -6.36 -16.57 -22.61
C ALA F 189 -5.56 -17.47 -21.67
N HIS F 190 -5.55 -17.08 -20.40
CA HIS F 190 -4.92 -17.87 -19.36
C HIS F 190 -5.77 -19.12 -19.13
N ALA F 191 -5.13 -20.21 -18.72
CA ALA F 191 -5.81 -21.47 -18.52
C ALA F 191 -5.95 -21.77 -17.04
N PHE F 192 -7.15 -21.70 -16.51
CA PHE F 192 -7.43 -21.96 -15.11
C PHE F 192 -8.19 -23.27 -14.95
N THR F 193 -8.03 -23.89 -13.78
CA THR F 193 -8.73 -25.14 -13.51
C THR F 193 -10.21 -24.87 -13.39
N VAL F 194 -11.01 -25.92 -13.56
CA VAL F 194 -12.44 -25.75 -13.42
C VAL F 194 -12.86 -26.12 -12.00
N HIS F 195 -11.89 -26.38 -11.14
CA HIS F 195 -12.16 -26.76 -9.77
C HIS F 195 -10.98 -26.38 -8.89
N GLY F 196 -11.29 -25.91 -7.68
CA GLY F 196 -10.26 -25.44 -6.77
C GLY F 196 -9.23 -26.48 -6.44
N THR F 197 -7.96 -26.16 -6.69
CA THR F 197 -6.86 -27.08 -6.43
C THR F 197 -5.81 -26.42 -5.57
N THR F 198 -5.43 -27.09 -4.50
CA THR F 198 -4.36 -26.65 -3.61
C THR F 198 -3.05 -27.21 -4.12
N VAL F 199 -1.94 -26.64 -3.66
CA VAL F 199 -0.65 -27.10 -4.14
C VAL F 199 -0.21 -28.32 -3.36
N GLU F 200 0.53 -29.19 -4.01
CA GLU F 200 1.03 -30.41 -3.41
C GLU F 200 2.53 -30.32 -3.29
N VAL F 201 3.03 -30.32 -2.06
CA VAL F 201 4.46 -30.29 -1.81
C VAL F 201 5.01 -31.68 -1.98
N ASP F 202 6.10 -31.79 -2.72
CA ASP F 202 6.75 -33.07 -3.02
C ASP F 202 8.16 -33.04 -2.47
N PHE F 203 8.36 -33.67 -1.33
CA PHE F 203 9.70 -33.74 -0.75
C PHE F 203 10.56 -34.58 -1.67
N PHE F 204 11.78 -34.12 -1.95
CA PHE F 204 12.64 -34.94 -2.79
C PHE F 204 14.08 -34.86 -2.33
N THR F 205 14.86 -35.83 -2.79
CA THR F 205 16.22 -36.01 -2.35
C THR F 205 17.12 -36.37 -3.52
N ALA F 206 18.38 -35.97 -3.43
CA ALA F 206 19.39 -36.28 -4.43
C ALA F 206 20.47 -37.13 -3.76
N VAL F 207 20.36 -38.44 -3.86
CA VAL F 207 21.35 -39.32 -3.24
C VAL F 207 22.68 -39.14 -3.95
N ASP F 208 23.77 -39.23 -3.19
CA ASP F 208 25.12 -39.08 -3.75
C ASP F 208 25.90 -40.37 -3.55
N ASP F 209 26.55 -40.81 -4.62
CA ASP F 209 27.38 -42.00 -4.57
C ASP F 209 28.65 -41.69 -3.78
N ILE F 210 29.57 -42.65 -3.74
CA ILE F 210 30.82 -42.47 -3.00
C ILE F 210 30.53 -42.16 -1.54
N PRO F 211 30.11 -43.14 -0.75
CA PRO F 211 29.81 -42.85 0.66
C PRO F 211 31.09 -42.59 1.44
N LYS F 212 31.04 -41.56 2.30
CA LYS F 212 32.18 -41.14 3.11
C LYS F 212 32.18 -41.72 4.52
N GLU F 213 31.01 -41.89 5.12
CA GLU F 213 30.89 -42.40 6.48
C GLU F 213 29.99 -43.62 6.55
N ASN F 214 29.60 -44.16 5.40
CA ASN F 214 28.66 -45.27 5.30
C ASN F 214 27.30 -44.86 5.83
N ASP F 215 27.09 -43.56 5.97
CA ASP F 215 25.81 -43.03 6.40
C ASP F 215 24.83 -43.05 5.25
N HIS F 216 23.57 -42.90 5.58
CA HIS F 216 22.55 -42.81 4.57
C HIS F 216 22.32 -41.37 4.19
N GLY F 217 23.23 -40.49 4.58
CA GLY F 217 23.24 -39.08 4.29
C GLY F 217 23.27 -38.83 2.80
N SER F 218 22.35 -38.02 2.32
CA SER F 218 22.19 -37.75 0.91
C SER F 218 22.58 -36.33 0.55
N GLY F 219 23.25 -36.21 -0.60
CA GLY F 219 23.77 -34.95 -1.09
C GLY F 219 22.82 -33.76 -1.06
N HIS F 220 21.51 -34.00 -1.14
CA HIS F 220 20.63 -32.85 -1.14
C HIS F 220 19.17 -33.22 -0.94
N MET F 221 18.45 -32.34 -0.25
CA MET F 221 17.03 -32.51 0.02
C MET F 221 16.33 -31.20 -0.30
N ASN F 222 15.04 -31.28 -0.57
CA ASN F 222 14.22 -30.12 -0.91
C ASN F 222 12.75 -30.53 -0.92
N ALA F 223 11.92 -29.62 -1.42
CA ALA F 223 10.49 -29.86 -1.55
C ALA F 223 10.00 -29.04 -2.73
N GLY F 224 9.67 -29.69 -3.83
CA GLY F 224 9.19 -29.00 -5.02
C GLY F 224 7.68 -29.03 -5.07
N GLN F 225 7.08 -27.91 -5.47
CA GLN F 225 5.63 -27.80 -5.52
C GLN F 225 5.10 -28.27 -6.87
N PHE F 226 4.07 -29.10 -6.84
CA PHE F 226 3.42 -29.61 -8.04
C PHE F 226 1.91 -29.49 -7.87
N SER F 227 1.17 -29.78 -8.92
CA SER F 227 -0.29 -29.73 -8.87
C SER F 227 -0.87 -30.32 -10.14
N ALA F 228 -2.05 -30.92 -10.00
CA ALA F 228 -2.76 -31.54 -11.10
C ALA F 228 -4.16 -30.96 -11.20
N GLY F 229 -4.84 -31.25 -12.31
CA GLY F 229 -6.19 -30.74 -12.46
C GLY F 229 -6.61 -30.68 -13.90
N THR F 230 -7.87 -30.33 -14.10
CA THR F 230 -8.48 -30.24 -15.44
C THR F 230 -8.63 -28.79 -15.87
N PHE F 231 -7.67 -28.33 -16.65
CA PHE F 231 -7.62 -26.96 -17.13
C PHE F 231 -8.58 -26.70 -18.26
N TYR F 232 -9.12 -25.48 -18.27
CA TYR F 232 -9.96 -24.97 -19.33
C TYR F 232 -9.13 -23.95 -20.10
N ARG F 233 -9.18 -23.99 -21.42
CA ARG F 233 -8.38 -23.07 -22.22
C ARG F 233 -9.22 -22.46 -23.33
N TYR F 234 -8.86 -21.24 -23.73
CA TYR F 234 -9.66 -20.51 -24.69
C TYR F 234 -8.81 -19.52 -25.47
N ALA F 235 -9.18 -19.30 -26.74
CA ALA F 235 -8.43 -18.36 -27.57
C ALA F 235 -9.30 -17.87 -28.72
N ASN F 236 -9.04 -16.64 -29.16
CA ASN F 236 -9.78 -16.00 -30.25
C ASN F 236 -8.81 -15.59 -31.35
N VAL F 237 -9.30 -15.65 -32.59
CA VAL F 237 -8.52 -15.23 -33.75
C VAL F 237 -9.36 -14.22 -34.51
N ASN F 238 -8.96 -12.96 -34.46
CA ASN F 238 -9.64 -11.87 -35.16
C ASN F 238 -9.19 -11.92 -36.62
N LEU F 239 -9.98 -12.61 -37.44
CA LEU F 239 -9.67 -12.80 -38.86
C LEU F 239 -9.35 -11.49 -39.57
N ASP F 240 -10.23 -10.49 -39.43
CA ASP F 240 -10.03 -9.20 -40.07
C ASP F 240 -8.60 -8.66 -39.94
N ARG F 241 -8.16 -8.48 -38.69
CA ARG F 241 -6.82 -7.93 -38.48
C ARG F 241 -5.74 -8.87 -38.96
N LEU F 242 -6.02 -10.18 -38.97
CA LEU F 242 -5.00 -11.12 -39.40
C LEU F 242 -4.82 -11.02 -40.91
N VAL F 243 -5.93 -10.90 -41.65
CA VAL F 243 -5.85 -10.72 -43.09
C VAL F 243 -5.21 -9.39 -43.41
N GLU F 244 -5.35 -8.42 -42.51
CA GLU F 244 -4.70 -7.14 -42.73
C GLU F 244 -3.20 -7.27 -42.57
N ASN F 245 -2.75 -7.96 -41.52
CA ASN F 245 -1.32 -8.13 -41.29
C ASN F 245 -0.68 -8.97 -42.38
N THR F 246 -1.23 -10.14 -42.67
CA THR F 246 -0.67 -10.99 -43.71
C THR F 246 -0.82 -10.34 -45.07
N GLY F 247 -1.93 -9.64 -45.29
CA GLY F 247 -2.18 -9.02 -46.57
C GLY F 247 -3.01 -9.92 -47.45
N ASP F 248 -2.47 -11.09 -47.76
CA ASP F 248 -3.19 -12.06 -48.58
C ASP F 248 -4.26 -12.77 -47.76
N ALA F 249 -5.12 -13.49 -48.47
CA ALA F 249 -6.16 -14.28 -47.84
C ALA F 249 -5.81 -15.76 -47.82
N GLN F 250 -4.89 -16.18 -48.68
CA GLN F 250 -4.45 -17.57 -48.72
C GLN F 250 -3.41 -17.85 -47.64
N THR F 251 -2.45 -16.93 -47.46
CA THR F 251 -1.46 -17.10 -46.41
C THR F 251 -2.13 -17.09 -45.05
N ALA F 252 -3.11 -16.20 -44.88
CA ALA F 252 -3.84 -16.10 -43.63
C ALA F 252 -4.52 -17.42 -43.28
N ARG F 253 -5.16 -18.06 -44.25
CA ARG F 253 -5.85 -19.33 -43.96
C ARG F 253 -4.86 -20.38 -43.48
N THR F 254 -3.67 -20.40 -44.06
CA THR F 254 -2.69 -21.39 -43.61
C THR F 254 -2.22 -21.07 -42.20
N ALA F 255 -2.07 -19.78 -41.90
CA ALA F 255 -1.61 -19.40 -40.57
C ALA F 255 -2.65 -19.71 -39.50
N VAL F 256 -3.94 -19.52 -39.80
CA VAL F 256 -4.96 -19.81 -38.79
C VAL F 256 -5.16 -21.31 -38.64
N ALA F 257 -5.08 -22.07 -39.73
CA ALA F 257 -5.22 -23.52 -39.61
C ALA F 257 -4.09 -24.10 -38.78
N GLU F 258 -2.86 -23.66 -39.07
CA GLU F 258 -1.74 -24.15 -38.28
C GLU F 258 -1.81 -23.64 -36.86
N PHE F 259 -2.41 -22.47 -36.66
CA PHE F 259 -2.55 -21.96 -35.32
C PHE F 259 -3.44 -22.88 -34.49
N LEU F 260 -4.62 -23.19 -35.01
CA LEU F 260 -5.51 -24.06 -34.25
C LEU F 260 -4.88 -25.43 -34.00
N ARG F 261 -4.26 -26.03 -35.02
CA ARG F 261 -3.65 -27.34 -34.78
C ARG F 261 -2.53 -27.27 -33.76
N ALA F 262 -1.76 -26.18 -33.76
CA ALA F 262 -0.70 -26.09 -32.77
C ALA F 262 -1.27 -25.81 -31.40
N PHE F 263 -2.42 -25.15 -31.35
CA PHE F 263 -3.04 -24.85 -30.07
C PHE F 263 -3.53 -26.12 -29.41
N LEU F 264 -4.07 -27.05 -30.19
CA LEU F 264 -4.52 -28.29 -29.57
C LEU F 264 -3.34 -29.21 -29.25
N SER F 265 -2.45 -29.40 -30.22
CA SER F 265 -1.34 -30.32 -30.05
C SER F 265 -0.40 -29.92 -28.91
N THR F 266 0.18 -28.73 -28.98
CA THR F 266 1.24 -28.33 -28.06
C THR F 266 0.82 -28.30 -26.59
N VAL F 267 1.84 -28.37 -25.74
CA VAL F 267 1.83 -28.32 -24.27
C VAL F 267 3.19 -27.74 -23.90
N PRO F 268 3.31 -26.86 -22.89
CA PRO F 268 4.63 -26.28 -22.61
C PRO F 268 5.69 -27.29 -22.21
N SER F 269 6.91 -26.80 -22.05
CA SER F 269 8.06 -27.62 -21.68
C SER F 269 8.59 -27.20 -20.31
N GLY F 270 7.69 -26.80 -19.42
CA GLY F 270 8.09 -26.40 -18.10
C GLY F 270 7.96 -27.53 -17.11
N LYS F 271 9.07 -28.06 -16.64
CA LYS F 271 9.10 -29.21 -15.74
C LYS F 271 8.32 -30.37 -16.35
N GLN F 272 8.82 -30.81 -17.49
CA GLN F 272 8.27 -31.96 -18.20
C GLN F 272 9.21 -33.15 -18.14
N ASN F 273 10.51 -32.88 -18.10
CA ASN F 273 11.48 -33.96 -18.03
C ASN F 273 11.35 -34.76 -16.75
N ALA F 274 10.71 -34.22 -15.73
CA ALA F 274 10.52 -34.91 -14.48
C ALA F 274 9.08 -35.36 -14.27
N THR F 275 8.19 -34.94 -15.16
CA THR F 275 6.79 -35.36 -15.10
C THR F 275 6.22 -35.15 -16.49
N ALA F 276 5.97 -36.25 -17.19
CA ALA F 276 5.48 -36.20 -18.56
C ALA F 276 4.02 -35.82 -18.56
N ALA F 277 3.74 -34.51 -18.64
CA ALA F 277 2.38 -34.04 -18.67
C ALA F 277 1.88 -33.82 -20.09
N MET F 278 2.43 -34.55 -21.05
CA MET F 278 1.97 -34.41 -22.42
C MET F 278 0.58 -35.01 -22.52
N THR F 279 -0.37 -34.25 -23.08
CA THR F 279 -1.74 -34.70 -23.15
C THR F 279 -2.45 -33.97 -24.28
N LEU F 280 -3.68 -34.40 -24.57
CA LEU F 280 -4.52 -33.76 -25.57
C LEU F 280 -5.83 -33.31 -24.95
N PRO F 281 -6.41 -32.22 -25.45
CA PRO F 281 -7.63 -31.70 -24.85
C PRO F 281 -8.75 -32.71 -24.96
N ASP F 282 -9.45 -32.92 -23.85
CA ASP F 282 -10.55 -33.85 -23.87
C ASP F 282 -11.78 -33.27 -24.53
N LEU F 283 -11.81 -31.96 -24.80
CA LEU F 283 -12.97 -31.40 -25.50
C LEU F 283 -12.50 -30.20 -26.29
N VAL F 284 -12.90 -30.12 -27.56
CA VAL F 284 -12.49 -29.01 -28.41
C VAL F 284 -13.70 -28.45 -29.13
N HIS F 285 -13.95 -27.15 -28.94
CA HIS F 285 -15.10 -26.46 -29.52
C HIS F 285 -14.67 -25.22 -30.28
N ILE F 286 -14.69 -25.27 -31.61
CA ILE F 286 -14.39 -24.12 -32.43
C ILE F 286 -15.70 -23.52 -32.91
N ALA F 287 -15.83 -22.21 -32.79
CA ALA F 287 -17.02 -21.50 -33.24
C ALA F 287 -16.59 -20.33 -34.08
N VAL F 288 -17.34 -20.05 -35.13
CA VAL F 288 -17.06 -18.93 -36.01
C VAL F 288 -18.16 -17.92 -35.78
N ARG F 289 -17.80 -16.77 -35.22
CA ARG F 289 -18.79 -15.75 -34.93
C ARG F 289 -18.50 -14.53 -35.77
N PHE F 290 -19.55 -13.91 -36.29
CA PHE F 290 -19.38 -12.76 -37.16
C PHE F 290 -19.62 -11.43 -36.46
N ASP F 291 -19.94 -11.43 -35.16
CA ASP F 291 -20.16 -10.18 -34.46
C ASP F 291 -19.13 -9.90 -33.37
N ARG F 292 -18.88 -10.85 -32.47
CA ARG F 292 -17.92 -10.61 -31.40
C ARG F 292 -17.46 -11.95 -30.85
N PRO F 293 -16.24 -12.02 -30.34
CA PRO F 293 -15.77 -13.26 -29.71
C PRO F 293 -16.40 -13.41 -28.35
N ILE F 294 -16.51 -14.65 -27.90
CA ILE F 294 -17.14 -14.95 -26.62
C ILE F 294 -16.36 -16.06 -25.92
N SER F 295 -16.18 -15.89 -24.61
CA SER F 295 -15.48 -16.84 -23.76
C SER F 295 -16.49 -17.55 -22.86
N PHE F 296 -16.15 -18.77 -22.46
CA PHE F 296 -17.02 -19.54 -21.58
C PHE F 296 -16.52 -19.54 -20.14
N ALA F 297 -15.63 -18.62 -19.80
CA ALA F 297 -15.09 -18.57 -18.44
C ALA F 297 -16.16 -18.47 -17.36
N PRO F 298 -17.19 -17.62 -17.47
CA PRO F 298 -18.19 -17.55 -16.39
C PRO F 298 -18.84 -18.87 -16.08
N ALA F 299 -18.90 -19.80 -17.03
CA ALA F 299 -19.49 -21.10 -16.76
C ALA F 299 -18.77 -21.83 -15.64
N PHE F 300 -17.47 -21.61 -15.53
CA PHE F 300 -16.64 -22.30 -14.56
C PHE F 300 -16.36 -21.46 -13.33
N GLU F 301 -17.20 -20.49 -13.02
CA GLU F 301 -16.94 -19.68 -11.84
C GLU F 301 -17.23 -20.47 -10.57
N THR F 302 -18.43 -21.03 -10.46
CA THR F 302 -18.72 -21.85 -9.31
C THR F 302 -17.83 -23.07 -9.39
N ALA F 303 -16.88 -23.18 -8.47
CA ALA F 303 -15.95 -24.29 -8.49
C ALA F 303 -16.72 -25.59 -8.36
N LEU F 304 -16.14 -26.67 -8.87
CA LEU F 304 -16.80 -27.96 -8.85
C LEU F 304 -16.24 -28.80 -7.72
N TYR F 305 -17.11 -29.27 -6.84
CA TYR F 305 -16.63 -30.16 -5.79
C TYR F 305 -16.56 -31.56 -6.36
N GLY F 306 -15.68 -32.38 -5.81
CA GLY F 306 -15.49 -33.67 -6.42
C GLY F 306 -15.80 -35.00 -5.77
N SER F 307 -14.72 -35.78 -5.63
CA SER F 307 -14.68 -37.17 -5.19
C SER F 307 -15.18 -38.05 -6.33
N ASP F 308 -15.69 -37.43 -7.38
CA ASP F 308 -16.08 -38.08 -8.61
C ASP F 308 -15.15 -37.59 -9.71
N GLY F 309 -15.46 -37.91 -10.94
CA GLY F 309 -14.66 -37.41 -12.04
C GLY F 309 -14.99 -35.97 -12.35
N TYR F 310 -14.12 -35.35 -13.14
CA TYR F 310 -14.34 -33.97 -13.56
C TYR F 310 -14.47 -33.81 -15.07
N THR F 311 -14.14 -34.83 -15.85
CA THR F 311 -14.23 -34.66 -17.29
C THR F 311 -15.67 -34.61 -17.74
N LEU F 312 -16.48 -35.56 -17.30
CA LEU F 312 -17.88 -35.59 -17.72
C LEU F 312 -18.63 -34.38 -17.17
N ARG F 313 -18.43 -34.08 -15.89
CA ARG F 313 -19.11 -32.95 -15.30
C ARG F 313 -18.74 -31.65 -15.98
N ALA F 314 -17.45 -31.46 -16.28
CA ALA F 314 -17.04 -30.24 -16.95
C ALA F 314 -17.59 -30.16 -18.37
N CYS F 315 -17.59 -31.28 -19.08
CA CYS F 315 -18.11 -31.28 -20.44
C CYS F 315 -19.59 -30.94 -20.47
N GLN F 316 -20.41 -31.68 -19.73
CA GLN F 316 -21.84 -31.41 -19.76
C GLN F 316 -22.17 -30.04 -19.19
N GLU F 317 -21.35 -29.52 -18.30
CA GLU F 317 -21.69 -28.21 -17.77
C GLU F 317 -21.34 -27.13 -18.77
N LEU F 318 -20.27 -27.33 -19.53
CA LEU F 318 -19.96 -26.36 -20.57
C LEU F 318 -21.05 -26.40 -21.62
N ASN F 319 -21.58 -27.59 -21.90
CA ASN F 319 -22.68 -27.72 -22.83
C ASN F 319 -23.87 -26.90 -22.36
N ASN F 320 -24.34 -27.15 -21.15
CA ASN F 320 -25.49 -26.41 -20.62
C ASN F 320 -25.29 -24.91 -20.73
N TYR F 321 -24.10 -24.42 -20.33
CA TYR F 321 -23.88 -22.99 -20.41
C TYR F 321 -23.86 -22.50 -21.84
N ALA F 322 -23.37 -23.31 -22.77
CA ALA F 322 -23.41 -22.89 -24.17
C ALA F 322 -24.82 -22.86 -24.71
N GLU F 323 -25.69 -23.73 -24.21
CA GLU F 323 -27.07 -23.74 -24.68
C GLU F 323 -27.83 -22.53 -24.20
N ARG F 324 -27.88 -22.32 -22.88
CA ARG F 324 -28.59 -21.14 -22.38
C ARG F 324 -27.95 -19.86 -22.90
N LEU F 325 -26.63 -19.84 -22.99
CA LEU F 325 -25.98 -18.67 -23.54
C LEU F 325 -26.36 -18.48 -25.00
N ARG F 326 -26.57 -19.57 -25.73
CA ARG F 326 -26.93 -19.45 -27.12
C ARG F 326 -28.35 -18.95 -27.27
N GLU F 327 -29.24 -19.31 -26.35
CA GLU F 327 -30.61 -18.84 -26.48
C GLU F 327 -30.82 -17.50 -25.81
N VAL F 328 -29.77 -16.90 -25.26
CA VAL F 328 -29.89 -15.57 -24.67
C VAL F 328 -29.23 -14.51 -25.54
N TRP F 329 -28.23 -14.88 -26.33
CA TRP F 329 -27.54 -13.98 -27.25
C TRP F 329 -27.67 -14.63 -28.62
N PRO F 330 -28.83 -14.55 -29.25
CA PRO F 330 -29.02 -15.21 -30.54
C PRO F 330 -28.09 -14.63 -31.58
N ASP F 331 -27.51 -15.51 -32.39
CA ASP F 331 -26.54 -15.09 -33.39
C ASP F 331 -26.40 -16.14 -34.48
N ASP F 332 -26.05 -15.67 -35.68
CA ASP F 332 -25.85 -16.53 -36.83
C ASP F 332 -24.39 -16.97 -36.87
N ALA F 333 -24.08 -18.03 -36.15
CA ALA F 333 -22.72 -18.55 -36.11
C ALA F 333 -22.70 -20.01 -36.50
N ILE F 334 -21.49 -20.52 -36.74
CA ILE F 334 -21.25 -21.91 -37.08
C ILE F 334 -20.60 -22.56 -35.87
N ARG F 335 -21.02 -23.77 -35.53
CA ARG F 335 -20.47 -24.42 -34.36
C ARG F 335 -20.17 -25.89 -34.59
N GLY F 336 -19.01 -26.31 -34.14
CA GLY F 336 -18.58 -27.69 -34.28
C GLY F 336 -17.67 -28.06 -33.14
N TYR F 337 -17.61 -29.34 -32.81
CA TYR F 337 -16.80 -29.76 -31.69
C TYR F 337 -16.41 -31.22 -31.79
N ALA F 338 -15.24 -31.55 -31.28
CA ALA F 338 -14.80 -32.93 -31.18
C ALA F 338 -14.63 -33.25 -29.70
N THR F 339 -14.76 -34.54 -29.36
CA THR F 339 -14.73 -34.93 -27.96
C THR F 339 -14.17 -36.33 -27.82
N VAL F 340 -13.43 -36.54 -26.74
CA VAL F 340 -12.77 -37.80 -26.47
C VAL F 340 -13.63 -38.67 -25.52
N GLU F 341 -14.93 -38.41 -25.46
CA GLU F 341 -15.82 -39.20 -24.62
C GLU F 341 -17.17 -39.37 -25.31
N ASN F 342 -17.51 -40.62 -25.59
CA ASN F 342 -18.74 -40.96 -26.29
C ASN F 342 -19.92 -41.20 -25.34
N LYS F 343 -19.79 -40.82 -24.06
CA LYS F 343 -20.88 -41.05 -23.12
C LYS F 343 -22.06 -40.11 -23.35
N THR F 344 -21.85 -38.82 -23.10
CA THR F 344 -22.88 -37.80 -23.28
C THR F 344 -22.96 -37.32 -24.72
N ASP F 345 -24.04 -36.61 -25.01
CA ASP F 345 -24.24 -35.98 -26.32
C ASP F 345 -24.32 -34.48 -26.10
N LEU F 346 -23.33 -33.75 -26.61
CA LEU F 346 -23.28 -32.30 -26.46
C LEU F 346 -23.97 -31.69 -27.66
N ALA F 347 -25.20 -31.23 -27.46
CA ALA F 347 -26.00 -30.69 -28.56
C ALA F 347 -25.62 -29.26 -28.90
N ALA F 348 -25.65 -28.37 -27.91
CA ALA F 348 -25.42 -26.95 -28.15
C ALA F 348 -24.05 -26.63 -28.71
N LEU F 349 -23.10 -27.55 -28.67
CA LEU F 349 -21.79 -27.24 -29.19
C LEU F 349 -21.71 -27.42 -30.71
N GLY F 350 -22.83 -27.65 -31.38
CA GLY F 350 -22.84 -27.79 -32.82
C GLY F 350 -22.97 -29.19 -33.36
N GLU F 351 -22.30 -29.45 -34.48
CA GLU F 351 -22.31 -30.76 -35.12
C GLU F 351 -20.99 -31.46 -34.80
N ARG F 352 -21.09 -32.62 -34.17
CA ARG F 352 -19.91 -33.33 -33.72
C ARG F 352 -19.09 -33.85 -34.88
N TYR F 353 -17.97 -33.20 -35.15
CA TYR F 353 -17.11 -33.70 -36.21
C TYR F 353 -16.42 -34.95 -35.72
N ASP F 354 -15.69 -35.61 -36.60
CA ASP F 354 -15.10 -36.87 -36.18
C ASP F 354 -13.79 -36.69 -35.44
N SER F 355 -12.92 -35.79 -35.91
CA SER F 355 -11.62 -35.64 -35.28
C SER F 355 -11.19 -34.18 -35.30
N TYR F 356 -10.22 -33.88 -34.44
CA TYR F 356 -9.65 -32.54 -34.31
C TYR F 356 -9.24 -31.95 -35.65
N PRO F 357 -8.37 -32.60 -36.43
CA PRO F 357 -7.98 -31.98 -37.70
C PRO F 357 -9.15 -31.85 -38.67
N ALA F 358 -10.13 -32.75 -38.59
CA ALA F 358 -11.30 -32.60 -39.46
C ALA F 358 -12.11 -31.39 -39.04
N LEU F 359 -12.36 -31.26 -37.74
CA LEU F 359 -13.07 -30.09 -37.20
C LEU F 359 -12.36 -28.81 -37.61
N ILE F 360 -11.04 -28.77 -37.47
CA ILE F 360 -10.27 -27.59 -37.82
C ILE F 360 -10.39 -27.28 -39.30
N ASP F 361 -10.34 -28.30 -40.15
CA ASP F 361 -10.47 -28.06 -41.58
C ASP F 361 -11.85 -27.51 -41.91
N ALA F 362 -12.91 -28.13 -41.40
CA ALA F 362 -14.25 -27.64 -41.71
C ALA F 362 -14.52 -26.27 -41.13
N MET F 363 -13.88 -25.93 -40.00
CA MET F 363 -14.13 -24.62 -39.42
C MET F 363 -13.32 -23.52 -40.09
N VAL F 364 -12.04 -23.78 -40.39
CA VAL F 364 -11.27 -22.77 -41.10
C VAL F 364 -11.88 -22.54 -42.47
N ALA F 365 -12.45 -23.60 -43.06
CA ALA F 365 -13.11 -23.45 -44.35
C ALA F 365 -14.31 -22.54 -44.23
N ALA F 366 -15.14 -22.76 -43.20
CA ALA F 366 -16.31 -21.92 -43.01
C ALA F 366 -15.94 -20.48 -42.72
N ALA F 367 -14.71 -20.23 -42.26
CA ALA F 367 -14.26 -18.88 -41.98
C ALA F 367 -14.02 -18.12 -43.29
N THR G 2 -39.31 8.42 -18.13
CA THR G 2 -38.53 8.91 -19.24
C THR G 2 -37.06 8.64 -19.03
N PHE G 3 -36.76 7.73 -18.10
CA PHE G 3 -35.41 7.34 -17.76
C PHE G 3 -35.26 5.84 -17.98
N VAL G 4 -34.43 5.46 -18.94
CA VAL G 4 -34.18 4.06 -19.24
C VAL G 4 -32.98 3.61 -18.42
N ASP G 5 -33.23 2.85 -17.36
CA ASP G 5 -32.17 2.34 -16.49
C ASP G 5 -31.81 0.93 -16.95
N ILE G 6 -30.52 0.62 -16.91
CA ILE G 6 -30.03 -0.69 -17.29
C ILE G 6 -29.00 -1.16 -16.29
N HIS G 7 -29.18 -2.38 -15.79
CA HIS G 7 -28.33 -3.02 -14.81
C HIS G 7 -27.78 -4.29 -15.42
N ALA G 8 -26.56 -4.68 -15.05
CA ALA G 8 -26.04 -5.91 -15.63
C ALA G 8 -24.92 -6.49 -14.78
N ILE G 9 -25.03 -7.78 -14.48
CA ILE G 9 -24.01 -8.53 -13.74
C ILE G 9 -23.18 -9.27 -14.77
N GLN G 10 -21.88 -8.96 -14.83
CA GLN G 10 -20.95 -9.54 -15.79
C GLN G 10 -19.67 -9.97 -15.09
N THR G 11 -19.36 -11.26 -15.15
CA THR G 11 -18.18 -11.82 -14.49
C THR G 11 -17.00 -11.89 -15.44
N LEU G 12 -15.99 -11.14 -15.18
CA LEU G 12 -14.79 -11.15 -16.00
C LEU G 12 -13.75 -12.07 -15.39
N PRO G 13 -13.12 -12.91 -16.19
CA PRO G 13 -12.10 -13.83 -15.68
C PRO G 13 -10.81 -13.13 -15.33
N TYR G 14 -9.77 -13.91 -15.09
CA TYR G 14 -8.47 -13.39 -14.65
C TYR G 14 -7.90 -12.48 -15.71
N SER G 15 -8.01 -11.17 -15.51
CA SER G 15 -7.57 -10.21 -16.50
C SER G 15 -7.18 -8.91 -15.83
N ASN G 16 -6.96 -7.89 -16.66
CA ASN G 16 -6.68 -6.51 -16.22
C ASN G 16 -7.26 -5.59 -17.30
N ILE G 17 -8.50 -5.16 -17.09
CA ILE G 17 -9.17 -4.32 -18.07
C ILE G 17 -8.50 -2.98 -18.29
N ASN G 18 -8.49 -2.11 -17.27
CA ASN G 18 -7.84 -0.80 -17.41
C ASN G 18 -6.93 -0.61 -16.21
N ARG G 19 -5.63 -0.57 -16.46
CA ARG G 19 -4.68 -0.44 -15.39
C ARG G 19 -4.63 1.00 -14.88
N ASP G 20 -3.98 1.17 -13.74
CA ASP G 20 -3.77 2.47 -13.12
C ASP G 20 -2.55 3.10 -13.76
N ASP G 21 -1.98 4.11 -13.11
CA ASP G 21 -0.80 4.76 -13.64
C ASP G 21 0.44 3.90 -13.44
N LEU G 22 0.30 2.73 -12.84
CA LEU G 22 1.45 1.87 -12.61
C LEU G 22 1.18 0.41 -12.95
N GLY G 23 0.06 0.11 -13.61
CA GLY G 23 -0.15 -1.26 -13.99
C GLY G 23 -1.27 -1.93 -13.23
N SER G 24 -1.39 -1.61 -11.95
CA SER G 24 -2.40 -2.24 -11.13
C SER G 24 -3.80 -1.86 -11.62
N PRO G 25 -4.79 -2.70 -11.36
CA PRO G 25 -6.16 -2.36 -11.75
C PRO G 25 -6.77 -1.40 -10.74
N LYS G 26 -7.59 -0.49 -11.23
CA LYS G 26 -8.20 0.50 -10.36
C LYS G 26 -9.09 -0.18 -9.33
N THR G 27 -8.99 0.27 -8.08
CA THR G 27 -9.74 -0.33 -6.99
C THR G 27 -10.44 0.71 -6.14
N VAL G 28 -11.64 0.35 -5.69
CA VAL G 28 -12.45 1.17 -4.81
C VAL G 28 -12.34 0.60 -3.42
N VAL G 29 -12.64 1.41 -2.42
CA VAL G 29 -12.74 0.92 -1.05
C VAL G 29 -14.21 1.07 -0.69
N TYR G 30 -14.98 0.03 -0.96
CA TYR G 30 -16.42 0.08 -0.76
C TYR G 30 -16.83 -0.90 0.31
N GLY G 31 -17.73 -0.45 1.18
CA GLY G 31 -18.16 -1.28 2.28
C GLY G 31 -16.96 -1.78 3.05
N GLY G 32 -15.93 -0.95 3.14
CA GLY G 32 -14.73 -1.30 3.84
C GLY G 32 -13.72 -2.14 3.10
N LYS G 33 -14.09 -2.81 2.02
CA LYS G 33 -13.15 -3.71 1.36
C LYS G 33 -12.74 -3.24 -0.03
N GLU G 34 -11.52 -3.60 -0.40
CA GLU G 34 -10.96 -3.29 -1.70
C GLU G 34 -11.79 -3.98 -2.77
N ARG G 35 -11.97 -3.34 -3.91
CA ARG G 35 -12.76 -3.91 -4.99
C ARG G 35 -12.24 -3.42 -6.33
N THR G 36 -11.74 -4.32 -7.17
CA THR G 36 -11.26 -3.88 -8.46
C THR G 36 -12.41 -3.25 -9.24
N ARG G 37 -12.11 -2.25 -10.06
CA ARG G 37 -13.17 -1.59 -10.81
C ARG G 37 -12.69 -1.23 -12.20
N VAL G 38 -13.67 -1.05 -13.09
CA VAL G 38 -13.44 -0.56 -14.44
C VAL G 38 -14.02 0.83 -14.51
N SER G 39 -13.19 1.79 -14.88
CA SER G 39 -13.64 3.18 -14.94
C SER G 39 -14.78 3.33 -15.92
N SER G 40 -15.58 4.37 -15.69
CA SER G 40 -16.72 4.61 -16.56
C SER G 40 -16.29 5.09 -17.94
N GLN G 41 -15.28 5.94 -18.00
CA GLN G 41 -14.86 6.46 -19.29
C GLN G 41 -14.37 5.36 -20.23
N SER G 42 -13.80 4.28 -19.72
CA SER G 42 -13.35 3.21 -20.60
C SER G 42 -14.52 2.55 -21.30
N TRP G 43 -15.49 2.05 -20.52
CA TRP G 43 -16.69 1.49 -21.12
C TRP G 43 -17.40 2.50 -22.02
N LYS G 44 -17.54 3.75 -21.59
CA LYS G 44 -18.16 4.72 -22.47
C LYS G 44 -17.42 4.81 -23.80
N ARG G 45 -16.10 4.72 -23.77
CA ARG G 45 -15.37 4.77 -25.03
C ARG G 45 -15.65 3.55 -25.89
N ALA G 46 -15.67 2.36 -25.28
CA ALA G 46 -15.97 1.16 -26.06
C ALA G 46 -17.36 1.25 -26.65
N VAL G 47 -18.32 1.69 -25.83
CA VAL G 47 -19.69 1.85 -26.30
C VAL G 47 -19.74 2.79 -27.49
N ARG G 48 -19.22 4.01 -27.34
CA ARG G 48 -19.30 4.93 -28.47
C ARG G 48 -18.66 4.34 -29.71
N HIS G 49 -17.43 3.83 -29.60
CA HIS G 49 -16.81 3.24 -30.78
C HIS G 49 -17.65 2.14 -31.40
N GLU G 50 -18.46 1.44 -30.62
CA GLU G 50 -19.28 0.40 -31.22
C GLU G 50 -20.53 1.00 -31.87
N VAL G 51 -21.21 1.89 -31.16
CA VAL G 51 -22.39 2.55 -31.71
C VAL G 51 -22.03 3.27 -32.99
N GLU G 52 -21.05 4.17 -32.93
CA GLU G 52 -20.63 4.85 -34.13
C GLU G 52 -20.07 3.87 -35.15
N ALA G 53 -19.52 2.75 -34.69
CA ALA G 53 -19.10 1.72 -35.63
C ALA G 53 -20.26 1.35 -36.55
N ARG G 54 -21.35 0.83 -35.98
CA ARG G 54 -22.54 0.57 -36.80
C ARG G 54 -23.01 1.81 -37.54
N LEU G 55 -23.42 2.83 -36.80
CA LEU G 55 -23.85 4.10 -37.36
C LEU G 55 -22.59 4.86 -37.71
N GLY G 56 -22.07 4.62 -38.92
CA GLY G 56 -20.76 5.14 -39.26
C GLY G 56 -20.67 6.65 -39.30
N ASP G 57 -20.74 7.25 -38.11
CA ASP G 57 -20.68 8.69 -37.93
C ASP G 57 -19.28 9.22 -37.61
N LYS G 58 -18.41 8.40 -37.04
CA LYS G 58 -17.03 8.79 -36.73
C LYS G 58 -16.94 10.11 -35.96
N ALA G 59 -17.48 10.11 -34.74
CA ALA G 59 -17.46 11.31 -33.89
C ALA G 59 -16.06 11.53 -33.30
N VAL G 60 -15.12 11.85 -34.19
CA VAL G 60 -13.73 12.07 -33.84
C VAL G 60 -13.50 13.14 -32.77
N ARG G 61 -12.86 12.74 -31.67
CA ARG G 61 -12.40 13.63 -30.60
C ARG G 61 -10.90 13.83 -30.79
N THR G 62 -10.48 15.06 -31.06
CA THR G 62 -9.06 15.22 -31.30
C THR G 62 -8.58 16.62 -30.97
N ARG G 63 -7.27 16.77 -31.07
CA ARG G 63 -6.54 18.01 -30.85
C ARG G 63 -5.98 18.55 -32.15
N ARG G 64 -5.49 17.67 -33.00
CA ARG G 64 -4.88 18.04 -34.26
C ARG G 64 -5.94 18.39 -35.31
N ILE G 65 -6.76 19.38 -35.01
CA ILE G 65 -7.72 19.76 -36.03
C ILE G 65 -7.02 20.56 -37.10
N ILE G 66 -5.97 21.30 -36.72
CA ILE G 66 -5.20 22.04 -37.71
C ILE G 66 -4.57 21.09 -38.72
N SER G 67 -4.03 19.98 -38.23
CA SER G 67 -3.39 19.03 -39.12
C SER G 67 -4.37 18.45 -40.12
N GLU G 68 -5.57 18.06 -39.67
CA GLU G 68 -6.50 17.48 -40.62
C GLU G 68 -7.15 18.53 -41.51
N ILE G 69 -7.41 19.74 -41.00
CA ILE G 69 -7.96 20.75 -41.89
C ILE G 69 -6.95 21.08 -42.96
N ALA G 70 -5.67 21.15 -42.59
CA ALA G 70 -4.64 21.38 -43.58
C ALA G 70 -4.57 20.22 -44.57
N LYS G 71 -4.84 19.00 -44.10
CA LYS G 71 -4.83 17.88 -45.01
C LYS G 71 -5.98 17.99 -46.00
N ARG G 72 -7.15 18.44 -45.52
CA ARG G 72 -8.30 18.57 -46.40
C ARG G 72 -8.05 19.67 -47.42
N LEU G 73 -7.37 20.73 -47.01
CA LEU G 73 -7.08 21.82 -47.93
C LEU G 73 -6.01 21.41 -48.92
N ARG G 74 -5.10 20.52 -48.53
CA ARG G 74 -4.09 20.06 -49.49
C ARG G 74 -4.71 19.10 -50.48
N GLU G 75 -5.76 18.38 -50.07
CA GLU G 75 -6.44 17.51 -51.02
C GLU G 75 -7.18 18.32 -52.06
N ARG G 76 -7.65 19.51 -51.70
CA ARG G 76 -8.46 20.35 -52.57
C ARG G 76 -7.68 21.39 -53.36
N GLY G 77 -6.38 21.20 -53.54
CA GLY G 77 -5.61 22.08 -54.40
C GLY G 77 -4.73 23.10 -53.71
N TRP G 78 -4.91 23.35 -52.42
CA TRP G 78 -4.06 24.37 -51.81
C TRP G 78 -2.64 23.87 -51.62
N ASP G 79 -1.70 24.81 -51.66
CA ASP G 79 -0.32 24.46 -51.43
C ASP G 79 -0.13 24.11 -49.96
N ALA G 80 1.00 23.49 -49.65
CA ALA G 80 1.23 23.06 -48.26
C ALA G 80 1.17 24.24 -47.30
N ASP G 81 1.88 25.32 -47.61
CA ASP G 81 1.90 26.44 -46.69
C ASP G 81 0.57 27.19 -46.69
N LEU G 82 -0.10 27.23 -47.83
CA LEU G 82 -1.39 27.90 -47.89
C LEU G 82 -2.42 27.12 -47.11
N ALA G 83 -2.30 25.79 -47.10
CA ALA G 83 -3.22 24.96 -46.35
C ALA G 83 -2.97 25.14 -44.86
N ASP G 84 -1.71 25.07 -44.45
CA ASP G 84 -1.39 25.23 -43.03
C ASP G 84 -1.88 26.58 -42.51
N ALA G 85 -1.49 27.66 -43.19
CA ALA G 85 -1.94 28.97 -42.76
C ALA G 85 -3.47 29.07 -42.81
N GLY G 86 -4.09 28.40 -43.77
CA GLY G 86 -5.53 28.42 -43.87
C GLY G 86 -6.18 27.83 -42.64
N ALA G 87 -5.82 26.59 -42.32
CA ALA G 87 -6.36 25.95 -41.13
C ALA G 87 -6.10 26.81 -39.89
N ARG G 88 -4.90 27.34 -39.77
CA ARG G 88 -4.63 28.20 -38.62
C ARG G 88 -5.55 29.40 -38.63
N GLN G 89 -6.01 29.84 -39.80
CA GLN G 89 -6.97 30.93 -39.83
C GLN G 89 -8.33 30.46 -39.36
N VAL G 90 -8.70 29.23 -39.70
CA VAL G 90 -10.01 28.74 -39.28
C VAL G 90 -10.05 28.60 -37.77
N VAL G 91 -8.95 28.17 -37.17
CA VAL G 91 -8.94 28.00 -35.72
C VAL G 91 -8.73 29.33 -35.02
N LEU G 92 -7.93 30.22 -35.61
CA LEU G 92 -7.64 31.50 -35.01
C LEU G 92 -8.77 32.52 -35.15
N SER G 93 -9.82 32.19 -35.90
CA SER G 93 -10.93 33.11 -36.07
C SER G 93 -12.16 32.72 -35.26
N VAL G 94 -12.01 31.95 -34.18
CA VAL G 94 -13.17 31.52 -33.42
C VAL G 94 -13.15 31.96 -31.97
N GLY G 95 -11.99 32.20 -31.37
CA GLY G 95 -11.94 32.64 -29.98
C GLY G 95 -12.37 34.08 -29.83
N LYS G 96 -12.07 34.70 -28.69
CA LYS G 96 -12.42 36.11 -28.53
C LYS G 96 -11.53 36.96 -29.44
N LYS G 97 -10.23 36.93 -29.21
CA LYS G 97 -9.23 37.59 -30.03
C LYS G 97 -8.04 36.66 -30.08
N SER G 98 -7.25 36.78 -31.14
CA SER G 98 -6.09 35.91 -31.36
C SER G 98 -6.50 34.44 -31.34
N GLY G 99 -7.77 34.19 -31.62
CA GLY G 99 -8.35 32.86 -31.66
C GLY G 99 -8.19 32.00 -30.43
N ILE G 100 -8.55 30.73 -30.57
CA ILE G 100 -8.43 29.80 -29.47
C ILE G 100 -6.95 29.66 -29.11
N LYS G 101 -6.70 29.22 -27.88
CA LYS G 101 -5.33 29.06 -27.43
C LYS G 101 -4.71 27.81 -28.04
N LEU G 102 -3.47 27.94 -28.49
CA LEU G 102 -2.70 26.86 -29.11
C LEU G 102 -1.54 26.50 -28.20
N GLU G 103 -0.77 25.51 -28.62
CA GLU G 103 0.37 25.05 -27.86
C GLU G 103 1.66 25.29 -28.63
N LYS G 104 2.78 25.12 -27.94
CA LYS G 104 4.07 25.32 -28.55
C LYS G 104 4.26 24.35 -29.72
N GLU G 105 4.60 24.89 -30.88
CA GLU G 105 4.78 24.05 -32.05
C GLU G 105 6.09 23.28 -31.93
N LYS G 106 5.99 21.96 -31.94
CA LYS G 106 7.17 21.11 -31.77
C LYS G 106 8.02 21.07 -33.03
N ASP G 107 7.50 20.45 -34.08
CA ASP G 107 8.13 20.37 -35.38
C ASP G 107 7.68 21.55 -36.23
N SER G 108 7.98 21.50 -37.52
CA SER G 108 7.41 22.50 -38.41
C SER G 108 5.99 22.09 -38.77
N GLU G 109 5.56 20.94 -38.23
CA GLU G 109 4.23 20.37 -38.40
C GLU G 109 3.21 21.27 -37.73
N ALA G 110 1.96 21.16 -38.18
CA ALA G 110 0.90 21.98 -37.64
C ALA G 110 0.79 21.77 -36.13
N PRO G 111 0.57 22.83 -35.37
CA PRO G 111 0.50 22.68 -33.91
C PRO G 111 -0.84 22.07 -33.50
N ALA G 112 -0.88 21.62 -32.26
CA ALA G 112 -2.07 21.00 -31.69
C ALA G 112 -2.74 21.96 -30.72
N THR G 113 -4.05 22.13 -30.85
CA THR G 113 -4.74 23.03 -29.96
C THR G 113 -4.70 22.48 -28.55
N SER G 114 -5.05 23.32 -27.58
CA SER G 114 -4.97 22.88 -26.19
C SER G 114 -6.22 22.10 -25.75
N VAL G 115 -7.37 22.50 -26.24
CA VAL G 115 -8.61 21.83 -25.86
C VAL G 115 -8.85 20.64 -26.76
N LEU G 116 -9.73 19.76 -26.33
CA LEU G 116 -10.12 18.59 -27.11
C LEU G 116 -11.41 18.90 -27.84
N PHE G 117 -11.36 18.82 -29.16
CA PHE G 117 -12.56 19.01 -29.96
C PHE G 117 -13.27 17.68 -30.11
N TYR G 118 -14.54 17.75 -30.47
CA TYR G 118 -15.37 16.56 -30.59
C TYR G 118 -16.33 16.86 -31.73
N LEU G 119 -16.01 16.37 -32.92
CA LEU G 119 -16.77 16.66 -34.11
C LEU G 119 -16.84 15.42 -34.96
N PRO G 120 -17.77 15.35 -35.89
CA PRO G 120 -17.79 14.25 -36.85
C PRO G 120 -16.86 14.63 -38.00
N VAL G 121 -16.55 13.65 -38.84
CA VAL G 121 -15.70 13.93 -40.00
C VAL G 121 -16.36 14.88 -40.99
N PRO G 122 -17.66 14.78 -41.30
CA PRO G 122 -18.24 15.76 -42.23
C PRO G 122 -18.16 17.18 -41.69
N ALA G 123 -18.09 17.35 -40.37
CA ALA G 123 -17.94 18.68 -39.82
C ALA G 123 -16.59 19.26 -40.18
N ILE G 124 -15.53 18.45 -40.04
CA ILE G 124 -14.21 18.92 -40.43
C ILE G 124 -14.20 19.24 -41.91
N ASP G 125 -14.83 18.38 -42.71
CA ASP G 125 -14.88 18.64 -44.15
C ASP G 125 -15.52 20.00 -44.43
N GLU G 126 -16.66 20.28 -43.77
CA GLU G 126 -17.33 21.56 -44.01
C GLU G 126 -16.47 22.72 -43.54
N LEU G 127 -15.68 22.51 -42.49
CA LEU G 127 -14.78 23.56 -42.05
C LEU G 127 -13.76 23.84 -43.14
N ALA G 128 -13.25 22.80 -43.78
CA ALA G 128 -12.33 23.00 -44.88
C ALA G 128 -13.02 23.72 -46.03
N ALA G 129 -14.33 23.52 -46.18
CA ALA G 129 -15.04 24.22 -47.24
C ALA G 129 -15.11 25.70 -46.95
N ILE G 130 -15.46 26.06 -45.71
CA ILE G 130 -15.51 27.47 -45.36
C ILE G 130 -14.13 28.09 -45.49
N ALA G 131 -13.08 27.32 -45.25
CA ALA G 131 -11.74 27.86 -45.46
C ALA G 131 -11.45 28.06 -46.94
N ASP G 132 -12.00 27.18 -47.78
CA ASP G 132 -11.75 27.29 -49.22
C ASP G 132 -12.48 28.47 -49.83
N GLU G 133 -13.59 28.88 -49.24
CA GLU G 133 -14.33 30.02 -49.78
C GLU G 133 -13.58 31.34 -49.68
N HIS G 134 -12.41 31.40 -49.05
CA HIS G 134 -11.67 32.65 -48.92
C HIS G 134 -10.20 32.45 -49.23
N ARG G 135 -9.92 31.74 -50.33
CA ARG G 135 -8.56 31.44 -50.76
C ARG G 135 -7.67 32.68 -50.76
N ASP G 136 -8.06 33.68 -51.55
CA ASP G 136 -7.31 34.92 -51.67
C ASP G 136 -7.11 35.61 -50.33
N ALA G 137 -8.16 35.70 -49.52
CA ALA G 137 -8.04 36.36 -48.22
C ALA G 137 -7.01 35.67 -47.34
N VAL G 138 -7.07 34.35 -47.28
CA VAL G 138 -6.13 33.60 -46.46
C VAL G 138 -4.71 33.81 -46.95
N ALA G 139 -4.52 33.75 -48.28
CA ALA G 139 -3.18 33.96 -48.83
C ALA G 139 -2.69 35.36 -48.49
N LYS G 140 -3.58 36.35 -48.51
CA LYS G 140 -3.22 37.71 -48.17
C LYS G 140 -2.83 37.85 -46.71
N GLU G 141 -3.48 37.09 -45.83
CA GLU G 141 -3.14 37.19 -44.41
C GLU G 141 -1.80 36.54 -44.11
N ALA G 142 -1.48 35.44 -44.81
CA ALA G 142 -0.21 34.77 -44.58
C ALA G 142 0.97 35.68 -44.93
N ALA G 143 0.75 36.70 -45.75
CA ALA G 143 1.84 37.59 -46.13
C ALA G 143 2.30 38.43 -44.93
N LYS G 144 1.42 38.65 -43.96
CA LYS G 144 1.79 39.44 -42.80
C LYS G 144 2.66 38.60 -41.85
N LYS G 145 2.98 39.20 -40.71
CA LYS G 145 3.76 38.51 -39.67
C LYS G 145 2.86 37.93 -38.58
N THR G 146 1.81 38.65 -38.19
CA THR G 146 0.85 38.19 -37.19
C THR G 146 -0.53 38.36 -37.82
N PRO G 147 -1.06 37.32 -38.45
CA PRO G 147 -2.37 37.44 -39.09
C PRO G 147 -3.50 37.41 -38.07
N LYS G 148 -4.70 37.68 -38.56
CA LYS G 148 -5.87 37.71 -37.70
C LYS G 148 -7.02 36.91 -38.30
N GLY G 149 -8.18 36.97 -37.67
CA GLY G 149 -9.34 36.24 -38.16
C GLY G 149 -9.96 36.92 -39.35
N ILE G 150 -10.32 36.12 -40.36
CA ILE G 150 -10.97 36.63 -41.56
C ILE G 150 -12.17 35.76 -41.88
N LEU G 151 -12.32 34.75 -41.20
CA LEU G 151 -13.42 33.87 -41.55
C LEU G 151 -14.73 34.33 -40.91
N PRO G 152 -15.85 34.02 -41.53
CA PRO G 152 -17.14 34.41 -40.93
C PRO G 152 -17.47 33.54 -39.73
N ALA G 153 -16.92 33.94 -38.58
CA ALA G 153 -17.05 33.22 -37.33
C ALA G 153 -18.47 32.71 -37.05
N ASP G 154 -19.47 33.33 -37.64
CA ASP G 154 -20.84 32.89 -37.41
C ASP G 154 -21.07 31.51 -37.99
N ARG G 155 -20.73 31.29 -39.25
CA ARG G 155 -21.02 29.98 -39.83
C ARG G 155 -20.06 28.91 -39.33
N ILE G 156 -18.78 29.23 -39.14
CA ILE G 156 -17.89 28.20 -38.60
C ILE G 156 -18.33 27.85 -37.18
N THR G 157 -18.82 28.82 -36.44
CA THR G 157 -19.31 28.53 -35.09
C THR G 157 -20.58 27.69 -35.19
N GLU G 158 -21.32 27.84 -36.28
CA GLU G 158 -22.51 27.02 -36.46
C GLU G 158 -22.14 25.62 -36.94
N VAL G 159 -20.95 25.46 -37.53
CA VAL G 159 -20.47 24.15 -37.97
C VAL G 159 -19.89 23.38 -36.80
N LEU G 160 -19.28 24.06 -35.84
CA LEU G 160 -18.76 23.34 -34.69
C LEU G 160 -19.89 22.79 -33.85
N LYS G 161 -21.08 23.37 -33.94
CA LYS G 161 -22.24 22.89 -33.20
C LYS G 161 -22.90 21.69 -33.84
N SER G 162 -22.36 21.18 -34.94
CA SER G 162 -22.94 20.03 -35.61
C SER G 162 -22.85 18.81 -34.70
N ARG G 163 -23.99 18.27 -34.32
CA ARG G 163 -24.06 17.14 -33.41
C ARG G 163 -23.85 15.82 -34.14
N ASN G 164 -24.13 14.74 -33.44
CA ASN G 164 -23.94 13.37 -33.89
C ASN G 164 -24.58 12.46 -32.85
N VAL G 165 -24.72 11.18 -33.18
CA VAL G 165 -25.32 10.25 -32.24
C VAL G 165 -24.47 10.18 -30.97
N SER G 166 -23.15 10.09 -31.12
CA SER G 166 -22.30 10.04 -29.95
C SER G 166 -22.25 11.38 -29.26
N VAL G 167 -22.36 12.46 -30.04
CA VAL G 167 -22.39 13.80 -29.46
C VAL G 167 -23.69 13.99 -28.72
N ASN G 168 -24.77 13.43 -29.25
CA ASN G 168 -26.08 13.55 -28.62
C ASN G 168 -26.12 12.81 -27.30
N LEU G 169 -25.72 11.55 -27.30
CA LEU G 169 -25.73 10.77 -26.07
C LEU G 169 -24.71 11.26 -25.04
N PHE G 170 -23.43 11.24 -25.40
CA PHE G 170 -22.37 11.52 -24.44
C PHE G 170 -22.12 13.00 -24.12
N GLY G 171 -22.51 13.93 -24.97
CA GLY G 171 -22.28 15.32 -24.66
C GLY G 171 -20.90 15.80 -25.04
N ARG G 172 -20.75 17.13 -25.10
CA ARG G 172 -19.51 17.77 -25.47
C ARG G 172 -19.23 18.95 -24.53
N MET G 173 -17.94 19.29 -24.43
CA MET G 173 -17.51 20.45 -23.68
C MET G 173 -16.46 21.21 -24.49
N LEU G 174 -16.55 22.53 -24.44
CA LEU G 174 -15.58 23.37 -25.12
C LEU G 174 -15.63 24.70 -24.39
N ALA G 175 -14.59 24.98 -23.61
CA ALA G 175 -14.56 26.17 -22.76
C ALA G 175 -14.53 27.45 -23.58
N GLU G 176 -13.70 27.52 -24.60
CA GLU G 176 -13.62 28.76 -25.38
C GLU G 176 -14.85 29.02 -26.22
N LEU G 177 -15.80 28.09 -26.27
CA LEU G 177 -17.02 28.27 -27.05
C LEU G 177 -18.19 27.69 -26.29
N PRO G 178 -18.67 28.40 -25.27
CA PRO G 178 -19.81 27.89 -24.50
C PRO G 178 -21.07 27.76 -25.34
N SER G 179 -21.08 28.26 -26.56
CA SER G 179 -22.27 28.16 -27.39
C SER G 179 -22.40 26.79 -28.03
N THR G 180 -21.31 26.03 -28.12
CA THR G 180 -21.34 24.72 -28.74
C THR G 180 -21.44 23.59 -27.73
N GLU G 181 -21.37 23.90 -26.44
CA GLU G 181 -21.45 22.87 -25.41
C GLU G 181 -22.81 22.20 -25.40
N VAL G 182 -22.83 20.89 -25.65
CA VAL G 182 -24.05 20.11 -25.60
C VAL G 182 -23.94 19.21 -24.37
N ASP G 183 -25.04 19.06 -23.65
CA ASP G 183 -25.04 18.26 -22.44
C ASP G 183 -25.38 16.81 -22.72
N GLY G 184 -24.65 15.91 -22.08
CA GLY G 184 -24.89 14.49 -22.25
C GLY G 184 -26.23 14.07 -21.73
N ALA G 185 -26.72 12.94 -22.24
CA ALA G 185 -28.01 12.41 -21.84
C ALA G 185 -27.92 11.05 -21.20
N VAL G 186 -26.73 10.48 -21.04
CA VAL G 186 -26.55 9.15 -20.48
C VAL G 186 -25.64 9.21 -19.26
N GLN G 187 -26.17 8.82 -18.11
CA GLN G 187 -25.38 8.76 -16.88
C GLN G 187 -24.74 7.39 -16.82
N PHE G 188 -23.42 7.34 -16.96
CA PHE G 188 -22.73 6.06 -16.97
C PHE G 188 -21.97 5.90 -15.66
N ALA G 189 -22.12 4.76 -15.01
CA ALA G 189 -21.51 4.52 -13.70
C ALA G 189 -20.33 3.58 -13.76
N HIS G 190 -19.45 3.72 -12.77
CA HIS G 190 -18.28 2.85 -12.65
C HIS G 190 -18.73 1.45 -12.27
N ALA G 191 -17.95 0.47 -12.68
CA ALA G 191 -18.29 -0.93 -12.44
C ALA G 191 -17.37 -1.49 -11.36
N PHE G 192 -17.93 -1.74 -10.19
CA PHE G 192 -17.17 -2.30 -9.09
C PHE G 192 -17.60 -3.75 -8.83
N THR G 193 -16.68 -4.54 -8.28
CA THR G 193 -17.00 -5.93 -7.98
C THR G 193 -18.01 -6.00 -6.84
N VAL G 194 -18.69 -7.14 -6.75
CA VAL G 194 -19.65 -7.37 -5.68
C VAL G 194 -19.02 -8.12 -4.52
N HIS G 195 -17.71 -8.35 -4.57
CA HIS G 195 -17.01 -9.07 -3.52
C HIS G 195 -15.58 -8.59 -3.47
N GLY G 196 -15.05 -8.46 -2.26
CA GLY G 196 -13.71 -7.95 -2.10
C GLY G 196 -12.69 -8.81 -2.82
N THR G 197 -11.92 -8.19 -3.72
CA THR G 197 -10.93 -8.91 -4.49
C THR G 197 -9.58 -8.25 -4.36
N THR G 198 -8.57 -9.03 -3.99
CA THR G 198 -7.23 -8.49 -3.92
C THR G 198 -6.54 -8.72 -5.26
N VAL G 199 -5.53 -7.91 -5.52
CA VAL G 199 -4.82 -8.04 -6.78
C VAL G 199 -3.85 -9.21 -6.69
N GLU G 200 -3.43 -9.72 -7.84
CA GLU G 200 -2.49 -10.82 -7.82
C GLU G 200 -1.46 -10.63 -8.90
N VAL G 201 -0.21 -10.86 -8.52
CA VAL G 201 0.94 -10.59 -9.37
C VAL G 201 1.30 -11.79 -10.24
N ASP G 202 1.48 -11.53 -11.53
CA ASP G 202 1.94 -12.53 -12.48
C ASP G 202 3.41 -12.23 -12.75
N PHE G 203 4.24 -13.26 -12.69
CA PHE G 203 5.66 -13.11 -12.93
C PHE G 203 5.97 -13.60 -14.34
N PHE G 204 6.45 -12.70 -15.19
CA PHE G 204 6.74 -13.04 -16.58
C PHE G 204 8.17 -12.70 -16.94
N THR G 205 8.75 -13.52 -17.83
CA THR G 205 10.13 -13.35 -18.28
C THR G 205 10.22 -13.50 -19.79
N ALA G 206 10.31 -12.39 -20.51
CA ALA G 206 10.50 -12.45 -21.94
C ALA G 206 11.92 -12.94 -22.20
N VAL G 207 12.06 -14.17 -22.67
CA VAL G 207 13.38 -14.76 -22.89
C VAL G 207 13.83 -14.49 -24.31
N ASP G 208 15.13 -14.27 -24.48
CA ASP G 208 15.70 -14.05 -25.80
C ASP G 208 15.95 -15.41 -26.46
N ASP G 209 15.69 -15.46 -27.77
CA ASP G 209 15.79 -16.73 -28.50
C ASP G 209 17.22 -17.14 -28.81
N ILE G 210 18.14 -16.22 -29.05
CA ILE G 210 19.48 -16.65 -29.40
C ILE G 210 20.33 -16.84 -28.15
N PRO G 211 21.05 -17.95 -28.05
CA PRO G 211 21.86 -18.20 -26.85
C PRO G 211 23.09 -17.32 -26.80
N LYS G 212 23.62 -17.19 -25.59
CA LYS G 212 24.84 -16.46 -25.30
C LYS G 212 25.95 -17.48 -25.08
N GLU G 213 27.19 -17.04 -25.27
CA GLU G 213 28.34 -17.94 -25.17
C GLU G 213 28.37 -18.84 -23.94
N ASN G 214 28.53 -18.28 -22.75
CA ASN G 214 28.60 -19.13 -21.55
C ASN G 214 27.26 -19.37 -20.89
N ASP G 215 26.66 -18.32 -20.33
CA ASP G 215 25.42 -18.48 -19.60
C ASP G 215 24.20 -18.12 -20.43
N HIS G 216 23.04 -18.46 -19.88
CA HIS G 216 21.77 -18.16 -20.52
C HIS G 216 20.77 -17.69 -19.46
N GLY G 217 20.33 -16.45 -19.61
CA GLY G 217 19.36 -15.87 -18.70
C GLY G 217 18.24 -15.25 -19.50
N SER G 218 17.15 -14.91 -18.83
CA SER G 218 16.04 -14.32 -19.55
C SER G 218 16.39 -12.95 -20.08
N GLY G 219 15.64 -12.51 -21.09
CA GLY G 219 15.88 -11.21 -21.66
C GLY G 219 15.33 -10.10 -20.81
N HIS G 220 14.26 -10.39 -20.08
CA HIS G 220 13.69 -9.41 -19.14
C HIS G 220 12.69 -10.08 -18.22
N MET G 221 12.77 -9.80 -16.92
CA MET G 221 11.84 -10.37 -15.96
C MET G 221 11.11 -9.25 -15.23
N ASN G 222 9.80 -9.41 -15.04
CA ASN G 222 8.99 -8.40 -14.38
C ASN G 222 7.73 -9.08 -13.87
N ALA G 223 6.76 -8.29 -13.40
CA ALA G 223 5.53 -8.84 -12.87
C ALA G 223 4.38 -7.85 -13.02
N GLY G 224 3.31 -8.28 -13.68
CA GLY G 224 2.14 -7.45 -13.90
C GLY G 224 0.98 -7.84 -13.00
N GLN G 225 0.18 -6.86 -12.60
CA GLN G 225 -0.94 -7.10 -11.71
C GLN G 225 -2.21 -7.41 -12.47
N PHE G 226 -2.89 -8.48 -12.08
CA PHE G 226 -4.15 -8.90 -12.66
C PHE G 226 -5.17 -9.15 -11.56
N SER G 227 -6.42 -9.36 -11.98
CA SER G 227 -7.51 -9.62 -11.04
C SER G 227 -8.71 -10.12 -11.82
N ALA G 228 -9.48 -10.99 -11.18
CA ALA G 228 -10.69 -11.58 -11.73
C ALA G 228 -11.85 -11.22 -10.83
N GLY G 229 -13.07 -11.42 -11.30
CA GLY G 229 -14.17 -11.10 -10.43
C GLY G 229 -15.46 -10.87 -11.19
N THR G 230 -16.52 -10.71 -10.43
CA THR G 230 -17.86 -10.50 -10.96
C THR G 230 -18.28 -9.04 -10.81
N PHE G 231 -18.11 -8.28 -11.88
CA PHE G 231 -18.44 -6.86 -11.90
C PHE G 231 -19.93 -6.58 -12.02
N TYR G 232 -20.36 -5.50 -11.37
CA TYR G 232 -21.72 -4.98 -11.47
C TYR G 232 -21.64 -3.71 -12.30
N ARG G 233 -22.55 -3.53 -13.25
CA ARG G 233 -22.51 -2.36 -14.11
C ARG G 233 -23.89 -1.73 -14.24
N TYR G 234 -23.93 -0.42 -14.45
CA TYR G 234 -25.19 0.31 -14.46
C TYR G 234 -25.12 1.56 -15.31
N ALA G 235 -26.24 1.91 -15.94
CA ALA G 235 -26.28 3.10 -16.78
C ALA G 235 -27.70 3.60 -16.94
N ASN G 236 -27.84 4.90 -17.14
CA ASN G 236 -29.13 5.57 -17.30
C ASN G 236 -29.16 6.32 -18.62
N VAL G 237 -30.33 6.36 -19.25
CA VAL G 237 -30.52 7.06 -20.50
C VAL G 237 -31.70 8.00 -20.33
N ASN G 238 -31.43 9.30 -20.25
CA ASN G 238 -32.50 10.28 -20.10
C ASN G 238 -33.13 10.54 -21.46
N LEU G 239 -34.19 9.80 -21.76
CA LEU G 239 -34.87 9.93 -23.04
C LEU G 239 -35.24 11.37 -23.34
N ASP G 240 -35.89 12.05 -22.39
CA ASP G 240 -36.29 13.43 -22.60
C ASP G 240 -35.18 14.31 -23.18
N ARG G 241 -34.05 14.39 -22.48
CA ARG G 241 -32.95 15.22 -22.97
C ARG G 241 -32.33 14.67 -24.25
N LEU G 242 -32.41 13.36 -24.47
CA LEU G 242 -31.81 12.82 -25.68
C LEU G 242 -32.66 13.20 -26.89
N VAL G 243 -33.99 13.12 -26.75
CA VAL G 243 -34.88 13.53 -27.82
C VAL G 243 -34.77 15.03 -28.01
N GLU G 244 -34.40 15.74 -26.95
CA GLU G 244 -34.23 17.18 -27.08
C GLU G 244 -32.98 17.49 -27.91
N ASN G 245 -31.88 16.79 -27.64
CA ASN G 245 -30.66 17.01 -28.41
C ASN G 245 -30.83 16.59 -29.86
N THR G 246 -31.26 15.34 -30.09
CA THR G 246 -31.44 14.85 -31.45
C THR G 246 -32.55 15.58 -32.18
N GLY G 247 -33.63 15.91 -31.49
CA GLY G 247 -34.75 16.58 -32.09
C GLY G 247 -35.82 15.59 -32.54
N ASP G 248 -35.50 14.71 -33.47
CA ASP G 248 -36.52 13.75 -33.86
C ASP G 248 -36.62 12.64 -32.82
N ALA G 249 -37.67 11.82 -32.95
CA ALA G 249 -37.90 10.73 -32.02
C ALA G 249 -37.50 9.38 -32.60
N GLN G 250 -37.40 9.27 -33.91
CA GLN G 250 -36.99 8.00 -34.50
C GLN G 250 -35.48 7.86 -34.40
N THR G 251 -34.75 8.93 -34.68
CA THR G 251 -33.30 8.89 -34.53
C THR G 251 -32.96 8.65 -33.07
N ALA G 252 -33.68 9.31 -32.17
CA ALA G 252 -33.46 9.10 -30.74
C ALA G 252 -33.69 7.65 -30.37
N ARG G 253 -34.80 7.07 -30.84
CA ARG G 253 -35.09 5.68 -30.51
C ARG G 253 -34.01 4.74 -31.03
N THR G 254 -33.49 5.02 -32.22
CA THR G 254 -32.44 4.16 -32.75
C THR G 254 -31.18 4.33 -31.94
N ALA G 255 -30.90 5.55 -31.48
CA ALA G 255 -29.70 5.79 -30.71
C ALA G 255 -29.75 5.10 -29.36
N VAL G 256 -30.92 5.08 -28.71
CA VAL G 256 -30.98 4.42 -27.42
C VAL G 256 -30.95 2.91 -27.59
N ALA G 257 -31.59 2.39 -28.63
CA ALA G 257 -31.56 0.95 -28.84
C ALA G 257 -30.13 0.49 -29.12
N GLU G 258 -29.42 1.20 -29.98
CA GLU G 258 -28.05 0.82 -30.29
C GLU G 258 -27.15 1.06 -29.09
N PHE G 259 -27.50 2.03 -28.24
CA PHE G 259 -26.72 2.23 -27.03
C PHE G 259 -26.82 1.03 -26.14
N LEU G 260 -28.03 0.57 -25.86
CA LEU G 260 -28.20 -0.59 -24.99
C LEU G 260 -27.52 -1.82 -25.56
N ARG G 261 -27.68 -2.08 -26.86
CA ARG G 261 -27.02 -3.25 -27.42
C ARG G 261 -25.52 -3.14 -27.34
N ALA G 262 -24.98 -1.94 -27.49
CA ALA G 262 -23.54 -1.82 -27.37
C ALA G 262 -23.12 -1.91 -25.92
N PHE G 263 -23.99 -1.51 -25.01
CA PHE G 263 -23.65 -1.56 -23.59
C PHE G 263 -23.53 -2.99 -23.11
N LEU G 264 -24.40 -3.86 -23.58
CA LEU G 264 -24.25 -5.26 -23.17
C LEU G 264 -23.13 -5.94 -23.94
N SER G 265 -23.13 -5.77 -25.27
CA SER G 265 -22.16 -6.45 -26.11
C SER G 265 -20.71 -6.10 -25.80
N THR G 266 -20.35 -4.81 -25.90
CA THR G 266 -18.96 -4.41 -25.82
C THR G 266 -18.27 -4.76 -24.50
N VAL G 267 -16.94 -4.77 -24.57
CA VAL G 267 -15.96 -5.03 -23.51
C VAL G 267 -14.70 -4.25 -23.90
N PRO G 268 -13.99 -3.60 -22.98
CA PRO G 268 -12.83 -2.79 -23.36
C PRO G 268 -11.71 -3.55 -24.03
N SER G 269 -10.70 -2.80 -24.46
CA SER G 269 -9.53 -3.33 -25.13
C SER G 269 -8.28 -3.13 -24.30
N GLY G 270 -8.38 -3.34 -23.01
CA GLY G 270 -7.20 -3.15 -22.17
C GLY G 270 -6.51 -4.45 -21.85
N LYS G 271 -5.37 -4.67 -22.50
CA LYS G 271 -4.60 -5.90 -22.33
C LYS G 271 -5.45 -7.12 -22.63
N GLN G 272 -6.26 -7.03 -23.68
CA GLN G 272 -7.09 -8.13 -24.12
C GLN G 272 -6.36 -9.01 -25.09
N ASN G 273 -5.36 -8.46 -25.78
CA ASN G 273 -4.63 -9.22 -26.77
C ASN G 273 -3.88 -10.38 -26.13
N ALA G 274 -3.71 -10.35 -24.81
CA ALA G 274 -3.00 -11.41 -24.10
C ALA G 274 -3.82 -11.99 -22.96
N THR G 275 -5.11 -11.69 -22.87
CA THR G 275 -5.91 -12.25 -21.80
C THR G 275 -7.23 -12.85 -22.28
N ALA G 276 -7.74 -12.37 -23.42
CA ALA G 276 -9.00 -12.86 -24.00
C ALA G 276 -10.12 -12.84 -22.98
N ALA G 277 -10.30 -11.70 -22.34
CA ALA G 277 -11.31 -11.52 -21.31
C ALA G 277 -12.69 -11.14 -21.85
N MET G 278 -12.98 -11.41 -23.12
CA MET G 278 -14.28 -11.04 -23.67
C MET G 278 -15.38 -11.90 -23.05
N THR G 279 -16.49 -11.28 -22.66
CA THR G 279 -17.58 -11.99 -22.01
C THR G 279 -18.88 -11.21 -22.24
N LEU G 280 -19.98 -11.76 -21.73
CA LEU G 280 -21.32 -11.19 -21.72
C LEU G 280 -21.89 -11.15 -20.31
N PRO G 281 -22.77 -10.19 -20.05
CA PRO G 281 -23.36 -10.07 -18.72
C PRO G 281 -24.21 -11.28 -18.39
N ASP G 282 -24.02 -11.82 -17.21
CA ASP G 282 -24.82 -12.97 -16.80
C ASP G 282 -26.22 -12.55 -16.36
N LEU G 283 -26.48 -11.26 -16.21
CA LEU G 283 -27.82 -10.82 -15.85
C LEU G 283 -28.05 -9.43 -16.42
N VAL G 284 -29.19 -9.22 -17.05
CA VAL G 284 -29.50 -7.93 -17.64
C VAL G 284 -30.89 -7.48 -17.19
N HIS G 285 -30.97 -6.32 -16.56
CA HIS G 285 -32.24 -5.81 -16.03
C HIS G 285 -32.49 -4.39 -16.54
N ILE G 286 -33.40 -4.22 -17.49
CA ILE G 286 -33.78 -2.90 -17.95
C ILE G 286 -35.11 -2.53 -17.32
N ALA G 287 -35.17 -1.32 -16.78
CA ALA G 287 -36.39 -0.78 -16.21
C ALA G 287 -36.58 0.61 -16.77
N VAL G 288 -37.82 0.97 -17.06
CA VAL G 288 -38.15 2.28 -17.58
C VAL G 288 -38.94 2.98 -16.49
N ARG G 289 -38.36 4.06 -15.95
CA ARG G 289 -38.98 4.78 -14.85
C ARG G 289 -39.36 6.18 -15.31
N PHE G 290 -40.51 6.65 -14.86
CA PHE G 290 -41.01 7.95 -15.28
C PHE G 290 -40.80 9.04 -14.26
N ASP G 291 -40.17 8.74 -13.12
CA ASP G 291 -39.91 9.75 -12.12
C ASP G 291 -38.43 10.05 -11.92
N ARG G 292 -37.60 9.04 -11.69
CA ARG G 292 -36.18 9.30 -11.49
C ARG G 292 -35.42 8.02 -11.72
N PRO G 293 -34.17 8.09 -12.17
CA PRO G 293 -33.36 6.89 -12.34
C PRO G 293 -32.91 6.37 -11.00
N ILE G 294 -32.64 5.07 -10.95
CA ILE G 294 -32.22 4.42 -9.72
C ILE G 294 -31.16 3.36 -10.01
N SER G 295 -30.13 3.34 -9.16
CA SER G 295 -29.03 2.39 -9.22
C SER G 295 -29.17 1.39 -8.09
N PHE G 296 -28.63 0.19 -8.28
CA PHE G 296 -28.68 -0.83 -7.24
C PHE G 296 -27.38 -0.99 -6.49
N ALA G 297 -26.50 0.01 -6.55
CA ALA G 297 -25.22 -0.08 -5.87
C ALA G 297 -25.32 -0.40 -4.38
N PRO G 298 -26.20 0.21 -3.59
CA PRO G 298 -26.23 -0.11 -2.16
C PRO G 298 -26.46 -1.57 -1.85
N ALA G 299 -27.10 -2.31 -2.76
CA ALA G 299 -27.31 -3.73 -2.53
C ALA G 299 -26.00 -4.48 -2.38
N PHE G 300 -24.96 -4.02 -3.08
CA PHE G 300 -23.67 -4.68 -3.10
C PHE G 300 -22.68 -4.02 -2.18
N GLU G 301 -23.14 -3.31 -1.15
CA GLU G 301 -22.21 -2.69 -0.23
C GLU G 301 -21.56 -3.74 0.67
N THR G 302 -22.38 -4.54 1.33
CA THR G 302 -21.83 -5.61 2.15
C THR G 302 -21.14 -6.59 1.21
N ALA G 303 -19.82 -6.65 1.27
CA ALA G 303 -19.09 -7.53 0.39
C ALA G 303 -19.52 -8.96 0.60
N LEU G 304 -19.34 -9.78 -0.43
CA LEU G 304 -19.74 -11.17 -0.37
C LEU G 304 -18.54 -12.08 -0.15
N TYR G 305 -18.63 -12.93 0.86
CA TYR G 305 -17.59 -13.91 1.10
C TYR G 305 -17.81 -15.09 0.18
N GLY G 306 -16.75 -15.80 -0.15
CA GLY G 306 -16.93 -16.85 -1.13
C GLY G 306 -16.70 -18.32 -0.83
N SER G 307 -15.74 -18.89 -1.57
CA SER G 307 -15.38 -20.30 -1.63
C SER G 307 -16.47 -21.03 -2.40
N ASP G 308 -17.56 -20.33 -2.68
CA ASP G 308 -18.65 -20.77 -3.53
C ASP G 308 -18.70 -19.83 -4.73
N GLY G 309 -19.72 -19.98 -5.53
CA GLY G 309 -19.87 -19.08 -6.65
C GLY G 309 -20.40 -17.73 -6.22
N TYR G 310 -20.31 -16.76 -7.12
CA TYR G 310 -20.82 -15.43 -6.88
C TYR G 310 -21.93 -15.03 -7.84
N THR G 311 -22.15 -15.80 -8.91
CA THR G 311 -23.17 -15.40 -9.86
C THR G 311 -24.56 -15.59 -9.28
N LEU G 312 -24.82 -16.76 -8.69
CA LEU G 312 -26.14 -17.01 -8.14
C LEU G 312 -26.43 -16.07 -6.99
N ARG G 313 -25.46 -15.92 -6.08
CA ARG G 313 -25.66 -15.03 -4.95
C ARG G 313 -25.89 -13.60 -5.41
N ALA G 314 -25.12 -13.15 -6.42
CA ALA G 314 -25.33 -11.80 -6.92
C ALA G 314 -26.68 -11.64 -7.57
N CYS G 315 -27.12 -12.66 -8.33
CA CYS G 315 -28.42 -12.58 -8.98
C CYS G 315 -29.54 -12.50 -7.96
N GLN G 316 -29.61 -13.48 -7.05
CA GLN G 316 -30.67 -13.49 -6.07
C GLN G 316 -30.58 -12.30 -5.13
N GLU G 317 -29.39 -11.74 -4.92
CA GLU G 317 -29.33 -10.60 -4.02
C GLU G 317 -29.81 -9.35 -4.73
N LEU G 318 -29.54 -9.25 -6.03
CA LEU G 318 -30.08 -8.11 -6.77
C LEU G 318 -31.59 -8.21 -6.81
N ASN G 319 -32.09 -9.44 -6.92
CA ASN G 319 -33.52 -9.68 -6.88
C ASN G 319 -34.08 -9.17 -5.56
N ASN G 320 -33.54 -9.66 -4.45
CA ASN G 320 -34.01 -9.26 -3.13
C ASN G 320 -34.05 -7.75 -2.97
N TYR G 321 -32.94 -7.08 -3.33
CA TYR G 321 -32.92 -5.63 -3.17
C TYR G 321 -33.89 -4.93 -4.10
N ALA G 322 -34.11 -5.46 -5.29
CA ALA G 322 -35.09 -4.85 -6.18
C ALA G 322 -36.51 -5.07 -5.68
N GLU G 323 -36.76 -6.18 -5.01
CA GLU G 323 -38.09 -6.47 -4.50
C GLU G 323 -38.43 -5.57 -3.33
N ARG G 324 -37.62 -5.61 -2.28
CA ARG G 324 -37.89 -4.75 -1.13
C ARG G 324 -37.80 -3.28 -1.52
N LEU G 325 -36.85 -2.94 -2.40
CA LEU G 325 -36.77 -1.55 -2.83
C LEU G 325 -38.02 -1.18 -3.61
N ARG G 326 -38.59 -2.13 -4.33
CA ARG G 326 -39.80 -1.85 -5.10
C ARG G 326 -40.98 -1.65 -4.16
N GLU G 327 -41.01 -2.38 -3.05
CA GLU G 327 -42.13 -2.23 -2.14
C GLU G 327 -41.91 -1.10 -1.14
N VAL G 328 -40.78 -0.39 -1.22
CA VAL G 328 -40.56 0.75 -0.34
C VAL G 328 -40.69 2.07 -1.10
N TRP G 329 -40.42 2.06 -2.41
CA TRP G 329 -40.59 3.23 -3.29
C TRP G 329 -41.51 2.77 -4.41
N PRO G 330 -42.80 2.61 -4.12
CA PRO G 330 -43.72 2.11 -5.15
C PRO G 330 -43.85 3.10 -6.29
N ASP G 331 -43.88 2.57 -7.51
CA ASP G 331 -43.99 3.40 -8.68
C ASP G 331 -44.47 2.56 -9.84
N ASP G 332 -45.16 3.20 -10.77
CA ASP G 332 -45.68 2.55 -11.96
C ASP G 332 -44.59 2.63 -13.04
N ALA G 333 -43.67 1.67 -13.02
CA ALA G 333 -42.55 1.61 -13.94
C ALA G 333 -42.57 0.27 -14.66
N ILE G 334 -41.72 0.15 -15.67
CA ILE G 334 -41.64 -1.06 -16.47
C ILE G 334 -40.37 -1.81 -16.08
N ARG G 335 -40.47 -3.13 -15.97
CA ARG G 335 -39.32 -3.92 -15.57
C ARG G 335 -39.21 -5.18 -16.41
N GLY G 336 -37.99 -5.46 -16.86
CA GLY G 336 -37.73 -6.64 -17.67
C GLY G 336 -36.32 -7.10 -17.44
N TYR G 337 -36.08 -8.39 -17.65
CA TYR G 337 -34.76 -8.93 -17.39
C TYR G 337 -34.52 -10.20 -18.17
N ALA G 338 -33.28 -10.41 -18.55
CA ALA G 338 -32.80 -11.63 -19.17
C ALA G 338 -31.74 -12.23 -18.26
N THR G 339 -31.54 -13.53 -18.36
CA THR G 339 -30.62 -14.21 -17.46
C THR G 339 -29.99 -15.42 -18.14
N VAL G 340 -28.71 -15.64 -17.85
CA VAL G 340 -27.98 -16.74 -18.43
C VAL G 340 -27.92 -17.92 -17.45
N GLU G 341 -28.81 -17.94 -16.46
CA GLU G 341 -28.86 -19.02 -15.50
C GLU G 341 -30.30 -19.28 -15.11
N ASN G 342 -30.78 -20.48 -15.44
CA ASN G 342 -32.16 -20.89 -15.23
C ASN G 342 -32.42 -21.60 -13.91
N LYS G 343 -31.50 -21.53 -12.95
CA LYS G 343 -31.77 -22.24 -11.69
C LYS G 343 -32.85 -21.54 -10.89
N THR G 344 -32.59 -20.32 -10.42
CA THR G 344 -33.60 -19.60 -9.67
C THR G 344 -34.55 -18.89 -10.62
N ASP G 345 -35.67 -18.41 -10.07
CA ASP G 345 -36.64 -17.63 -10.82
C ASP G 345 -36.70 -16.25 -10.18
N LEU G 346 -36.29 -15.24 -10.94
CA LEU G 346 -36.26 -13.86 -10.44
C LEU G 346 -37.59 -13.20 -10.77
N ALA G 347 -38.43 -13.05 -9.76
CA ALA G 347 -39.76 -12.50 -9.94
C ALA G 347 -39.75 -10.97 -10.00
N ALA G 348 -39.15 -10.33 -8.99
CA ALA G 348 -39.19 -8.88 -8.87
C ALA G 348 -38.58 -8.13 -10.04
N LEU G 349 -37.83 -8.79 -10.90
CA LEU G 349 -37.21 -8.07 -12.01
C LEU G 349 -38.15 -7.88 -13.19
N GLY G 350 -39.43 -8.21 -13.07
CA GLY G 350 -40.34 -7.98 -14.18
C GLY G 350 -40.70 -9.24 -14.94
N GLU G 351 -40.89 -9.12 -16.25
CA GLU G 351 -41.23 -10.26 -17.09
C GLU G 351 -39.99 -10.73 -17.83
N ARG G 352 -39.61 -11.98 -17.61
CA ARG G 352 -38.40 -12.53 -18.21
C ARG G 352 -38.54 -12.68 -19.71
N TYR G 353 -37.88 -11.79 -20.45
CA TYR G 353 -37.89 -11.92 -21.90
C TYR G 353 -36.99 -13.08 -22.30
N ASP G 354 -36.99 -13.39 -23.59
CA ASP G 354 -36.22 -14.54 -24.04
C ASP G 354 -34.74 -14.22 -24.23
N SER G 355 -34.40 -13.09 -24.83
CA SER G 355 -33.00 -12.80 -25.08
C SER G 355 -32.74 -11.31 -24.96
N TYR G 356 -31.46 -10.97 -24.80
CA TYR G 356 -31.00 -9.58 -24.70
C TYR G 356 -31.58 -8.70 -25.79
N PRO G 357 -31.42 -9.01 -27.08
CA PRO G 357 -31.97 -8.10 -28.09
C PRO G 357 -33.48 -8.05 -28.06
N ALA G 358 -34.14 -9.13 -27.64
CA ALA G 358 -35.58 -9.11 -27.52
C ALA G 358 -35.98 -8.19 -26.37
N LEU G 359 -35.29 -8.34 -25.23
CA LEU G 359 -35.52 -7.48 -24.09
C LEU G 359 -35.34 -6.01 -24.46
N ILE G 360 -34.26 -5.69 -25.14
CA ILE G 360 -34.01 -4.30 -25.50
C ILE G 360 -35.08 -3.80 -26.46
N ASP G 361 -35.50 -4.63 -27.42
CA ASP G 361 -36.52 -4.18 -28.36
C ASP G 361 -37.83 -3.88 -27.65
N ALA G 362 -38.28 -4.81 -26.81
CA ALA G 362 -39.54 -4.59 -26.11
C ALA G 362 -39.47 -3.46 -25.10
N MET G 363 -38.29 -3.19 -24.53
CA MET G 363 -38.23 -2.11 -23.55
C MET G 363 -38.12 -0.75 -24.23
N VAL G 364 -37.30 -0.64 -25.27
CA VAL G 364 -37.23 0.63 -25.99
C VAL G 364 -38.58 0.92 -26.62
N ALA G 365 -39.29 -0.11 -27.05
CA ALA G 365 -40.62 0.08 -27.62
C ALA G 365 -41.57 0.63 -26.56
N ALA G 366 -41.57 0.04 -25.38
CA ALA G 366 -42.47 0.51 -24.33
C ALA G 366 -42.17 1.93 -23.88
N ALA G 367 -40.96 2.42 -24.13
CA ALA G 367 -40.63 3.78 -23.74
C ALA G 367 -41.19 4.80 -24.73
N THR H 2 6.57 -83.94 21.56
CA THR H 2 6.28 -83.48 22.90
C THR H 2 5.00 -82.68 22.92
N PHE H 3 4.20 -82.86 21.88
CA PHE H 3 2.91 -82.19 21.72
C PHE H 3 1.83 -83.24 21.58
N VAL H 4 0.93 -83.29 22.56
CA VAL H 4 -0.18 -84.22 22.52
C VAL H 4 -1.34 -83.52 21.83
N ASP H 5 -1.60 -83.90 20.58
CA ASP H 5 -2.68 -83.34 19.79
C ASP H 5 -3.91 -84.21 19.92
N ILE H 6 -5.08 -83.58 19.96
CA ILE H 6 -6.33 -84.32 20.05
C ILE H 6 -7.37 -83.69 19.14
N HIS H 7 -7.98 -84.53 18.32
CA HIS H 7 -9.03 -84.17 17.37
C HIS H 7 -10.26 -84.98 17.72
N ALA H 8 -11.44 -84.40 17.50
CA ALA H 8 -12.63 -85.17 17.81
C ALA H 8 -13.85 -84.62 17.09
N ILE H 9 -14.60 -85.50 16.46
CA ILE H 9 -15.85 -85.15 15.81
C ILE H 9 -16.96 -85.53 16.78
N GLN H 10 -17.75 -84.55 17.19
CA GLN H 10 -18.83 -84.76 18.14
C GLN H 10 -20.11 -84.08 17.70
N THR H 11 -21.18 -84.86 17.58
CA THR H 11 -22.47 -84.35 17.14
C THR H 11 -23.29 -83.87 18.33
N LEU H 12 -23.46 -82.58 18.42
CA LEU H 12 -24.25 -81.89 19.44
C LEU H 12 -25.68 -81.71 18.93
N PRO H 13 -26.69 -82.04 19.74
CA PRO H 13 -28.08 -81.97 19.29
C PRO H 13 -28.64 -80.57 19.12
N TYR H 14 -29.94 -80.53 18.78
CA TYR H 14 -30.66 -79.28 18.56
C TYR H 14 -30.77 -78.63 19.93
N SER H 15 -29.90 -77.67 20.18
CA SER H 15 -29.82 -76.96 21.45
C SER H 15 -29.14 -75.63 21.19
N ASN H 16 -28.70 -75.00 22.27
CA ASN H 16 -27.98 -73.73 22.21
C ASN H 16 -26.95 -73.84 23.32
N ILE H 17 -25.75 -74.27 22.93
CA ILE H 17 -24.67 -74.48 23.89
C ILE H 17 -24.30 -73.18 24.57
N ASN H 18 -23.77 -72.23 23.81
CA ASN H 18 -23.41 -70.92 24.35
C ASN H 18 -23.97 -69.86 23.43
N ARG H 19 -24.90 -69.07 23.94
CA ARG H 19 -25.48 -68.07 23.08
C ARG H 19 -24.56 -66.86 22.99
N ASP H 20 -24.88 -65.98 22.05
CA ASP H 20 -24.12 -64.76 21.83
C ASP H 20 -24.55 -63.67 22.79
N ASP H 21 -24.16 -62.44 22.49
CA ASP H 21 -24.52 -61.30 23.31
C ASP H 21 -25.98 -60.89 23.12
N LEU H 22 -26.70 -61.60 22.25
CA LEU H 22 -28.11 -61.31 22.05
C LEU H 22 -28.97 -62.57 22.00
N GLY H 23 -28.42 -63.74 22.34
CA GLY H 23 -29.18 -64.98 22.38
C GLY H 23 -28.84 -65.95 21.26
N SER H 24 -28.51 -65.43 20.08
CA SER H 24 -28.16 -66.29 18.97
C SER H 24 -26.89 -67.06 19.29
N PRO H 25 -26.68 -68.19 18.62
CA PRO H 25 -25.44 -68.94 18.83
C PRO H 25 -24.31 -68.29 18.06
N LYS H 26 -23.11 -68.32 18.64
CA LYS H 26 -21.97 -67.70 17.99
C LYS H 26 -21.67 -68.40 16.67
N THR H 27 -21.40 -67.59 15.63
CA THR H 27 -21.17 -68.14 14.30
C THR H 27 -19.90 -67.61 13.66
N VAL H 28 -19.23 -68.47 12.91
CA VAL H 28 -18.03 -68.15 12.17
C VAL H 28 -18.42 -68.00 10.71
N VAL H 29 -17.60 -67.28 9.96
CA VAL H 29 -17.76 -67.25 8.51
C VAL H 29 -16.55 -67.95 7.94
N TYR H 30 -16.66 -69.26 7.75
CA TYR H 30 -15.55 -70.08 7.30
C TYR H 30 -15.88 -70.65 5.93
N GLY H 31 -14.92 -70.56 5.02
CA GLY H 31 -15.11 -71.00 3.67
C GLY H 31 -16.34 -70.36 3.07
N GLY H 32 -16.63 -69.12 3.45
CA GLY H 32 -17.77 -68.41 2.92
C GLY H 32 -19.09 -68.68 3.62
N LYS H 33 -19.19 -69.75 4.40
CA LYS H 33 -20.46 -70.10 5.01
C LYS H 33 -20.45 -69.95 6.53
N GLU H 34 -21.61 -69.58 7.06
CA GLU H 34 -21.82 -69.46 8.48
C GLU H 34 -21.67 -70.82 9.13
N ARG H 35 -21.14 -70.84 10.34
CA ARG H 35 -20.94 -72.11 11.04
C ARG H 35 -21.08 -71.85 12.53
N THR H 36 -22.10 -72.42 13.16
CA THR H 36 -22.25 -72.22 14.59
C THR H 36 -21.00 -72.74 15.29
N ARG H 37 -20.61 -72.07 16.36
CA ARG H 37 -19.40 -72.48 17.06
C ARG H 37 -19.57 -72.33 18.54
N VAL H 38 -18.75 -73.09 19.27
CA VAL H 38 -18.68 -73.02 20.72
C VAL H 38 -17.34 -72.39 21.05
N SER H 39 -17.38 -71.30 21.80
CA SER H 39 -16.16 -70.59 22.14
C SER H 39 -15.23 -71.49 22.93
N SER H 40 -13.93 -71.20 22.84
CA SER H 40 -12.95 -72.01 23.54
C SER H 40 -13.03 -71.78 25.03
N GLN H 41 -13.29 -70.54 25.45
CA GLN H 41 -13.37 -70.27 26.87
C GLN H 41 -14.45 -71.10 27.56
N SER H 42 -15.51 -71.45 26.84
CA SER H 42 -16.57 -72.23 27.44
C SER H 42 -16.12 -73.67 27.70
N TRP H 43 -15.69 -74.36 26.66
CA TRP H 43 -15.17 -75.71 26.87
C TRP H 43 -14.02 -75.72 27.86
N LYS H 44 -13.11 -74.76 27.78
CA LYS H 44 -12.05 -74.72 28.77
C LYS H 44 -12.64 -74.63 30.16
N ARG H 45 -13.73 -73.87 30.32
CA ARG H 45 -14.35 -73.79 31.64
C ARG H 45 -14.96 -75.13 32.06
N ALA H 46 -15.66 -75.80 31.16
CA ALA H 46 -16.25 -77.09 31.51
C ALA H 46 -15.17 -78.11 31.84
N VAL H 47 -14.14 -78.15 31.01
CA VAL H 47 -13.02 -79.08 31.22
C VAL H 47 -12.40 -78.83 32.58
N ARG H 48 -11.98 -77.59 32.86
CA ARG H 48 -11.35 -77.36 34.15
C ARG H 48 -12.29 -77.76 35.28
N HIS H 49 -13.55 -77.34 35.23
CA HIS H 49 -14.48 -77.74 36.29
C HIS H 49 -14.54 -79.26 36.44
N GLU H 50 -14.26 -80.01 35.37
CA GLU H 50 -14.27 -81.46 35.49
C GLU H 50 -12.98 -81.95 36.12
N VAL H 51 -11.85 -81.42 35.64
CA VAL H 51 -10.55 -81.77 36.17
C VAL H 51 -10.52 -81.51 37.67
N GLU H 52 -10.83 -80.27 38.06
CA GLU H 52 -10.90 -79.94 39.48
C GLU H 52 -11.99 -80.73 40.17
N ALA H 53 -13.05 -81.10 39.45
CA ALA H 53 -14.07 -81.95 40.04
C ALA H 53 -13.46 -83.24 40.59
N ARG H 54 -12.89 -84.08 39.71
CA ARG H 54 -12.20 -85.28 40.17
C ARG H 54 -11.08 -84.94 41.14
N LEU H 55 -10.07 -84.22 40.66
CA LEU H 55 -8.93 -83.76 41.44
C LEU H 55 -9.40 -82.53 42.19
N GLY H 56 -10.00 -82.75 43.36
CA GLY H 56 -10.66 -81.67 44.08
C GLY H 56 -9.77 -80.54 44.57
N ASP H 57 -9.24 -79.77 43.63
CA ASP H 57 -8.39 -78.64 43.95
C ASP H 57 -9.13 -77.31 44.04
N LYS H 58 -10.29 -77.17 43.39
CA LYS H 58 -11.10 -75.96 43.46
C LYS H 58 -10.28 -74.70 43.17
N ALA H 59 -9.79 -74.60 41.95
CA ALA H 59 -8.99 -73.44 41.54
C ALA H 59 -9.92 -72.27 41.29
N VAL H 60 -10.52 -71.79 42.38
CA VAL H 60 -11.47 -70.68 42.34
C VAL H 60 -10.93 -69.43 41.66
N ARG H 61 -11.60 -69.03 40.59
CA ARG H 61 -11.32 -67.80 39.85
C ARG H 61 -12.29 -66.75 40.39
N THR H 62 -11.76 -65.72 41.04
CA THR H 62 -12.69 -64.75 41.59
C THR H 62 -12.08 -63.37 41.68
N ARG H 63 -12.94 -62.43 42.07
CA ARG H 63 -12.63 -61.03 42.30
C ARG H 63 -12.76 -60.68 43.77
N ARG H 64 -13.78 -61.22 44.42
CA ARG H 64 -14.09 -60.94 45.82
C ARG H 64 -13.17 -61.73 46.76
N ILE H 65 -11.87 -61.47 46.64
CA ILE H 65 -10.97 -62.18 47.56
C ILE H 65 -11.05 -61.55 48.94
N ILE H 66 -11.33 -60.24 49.01
CA ILE H 66 -11.43 -59.57 50.30
C ILE H 66 -12.54 -60.20 51.13
N SER H 67 -13.66 -60.49 50.50
CA SER H 67 -14.78 -61.06 51.24
C SER H 67 -14.43 -62.43 51.82
N GLU H 68 -13.76 -63.27 51.04
CA GLU H 68 -13.44 -64.59 51.58
C GLU H 68 -12.31 -64.53 52.59
N ILE H 69 -11.32 -63.66 52.40
CA ILE H 69 -10.27 -63.57 53.41
C ILE H 69 -10.89 -63.12 54.72
N ALA H 70 -11.83 -62.18 54.64
CA ALA H 70 -12.53 -61.75 55.83
C ALA H 70 -13.33 -62.89 56.42
N LYS H 71 -13.86 -63.79 55.57
CA LYS H 71 -14.61 -64.92 56.10
C LYS H 71 -13.70 -65.89 56.85
N ARG H 72 -12.51 -66.15 56.31
CA ARG H 72 -11.60 -67.04 57.02
C ARG H 72 -11.15 -66.42 58.33
N LEU H 73 -10.97 -65.10 58.33
CA LEU H 73 -10.56 -64.44 59.56
C LEU H 73 -11.71 -64.39 60.57
N ARG H 74 -12.95 -64.35 60.10
CA ARG H 74 -14.05 -64.35 61.05
C ARG H 74 -14.26 -65.74 61.62
N GLU H 75 -13.91 -66.78 60.85
CA GLU H 75 -14.02 -68.12 61.38
C GLU H 75 -12.98 -68.35 62.46
N ARG H 76 -11.83 -67.68 62.36
CA ARG H 76 -10.74 -67.89 63.28
C ARG H 76 -10.72 -66.89 64.43
N GLY H 77 -11.86 -66.27 64.74
CA GLY H 77 -11.95 -65.42 65.91
C GLY H 77 -11.95 -63.92 65.67
N TRP H 78 -11.58 -63.44 64.49
CA TRP H 78 -11.53 -62.00 64.32
C TRP H 78 -12.93 -61.39 64.24
N ASP H 79 -13.04 -60.17 64.71
CA ASP H 79 -14.29 -59.43 64.64
C ASP H 79 -14.56 -59.03 63.20
N ALA H 80 -15.78 -58.58 62.92
CA ALA H 80 -16.12 -58.20 61.56
C ALA H 80 -15.21 -57.08 61.06
N ASP H 81 -15.01 -56.03 61.87
CA ASP H 81 -14.17 -54.93 61.44
C ASP H 81 -12.70 -55.32 61.41
N LEU H 82 -12.27 -56.18 62.34
CA LEU H 82 -10.89 -56.61 62.36
C LEU H 82 -10.60 -57.53 61.18
N ALA H 83 -11.59 -58.34 60.78
CA ALA H 83 -11.39 -59.22 59.65
C ALA H 83 -11.36 -58.42 58.36
N ASP H 84 -12.33 -57.53 58.18
CA ASP H 84 -12.37 -56.72 56.97
C ASP H 84 -11.10 -55.90 56.81
N ALA H 85 -10.74 -55.13 57.85
CA ALA H 85 -9.51 -54.35 57.76
C ALA H 85 -8.29 -55.24 57.56
N GLY H 86 -8.32 -56.44 58.15
CA GLY H 86 -7.21 -57.36 57.98
C GLY H 86 -7.02 -57.72 56.54
N ALA H 87 -8.09 -58.22 55.92
CA ALA H 87 -8.03 -58.58 54.51
C ALA H 87 -7.55 -57.41 53.66
N ARG H 88 -8.10 -56.22 53.91
CA ARG H 88 -7.66 -55.07 53.12
C ARG H 88 -6.17 -54.81 53.33
N GLN H 89 -5.63 -55.16 54.50
CA GLN H 89 -4.19 -55.01 54.67
C GLN H 89 -3.45 -56.05 53.87
N VAL H 90 -4.01 -57.26 53.76
CA VAL H 90 -3.35 -58.31 53.00
C VAL H 90 -3.29 -57.94 51.54
N VAL H 91 -4.33 -57.27 51.03
CA VAL H 91 -4.34 -56.92 49.61
C VAL H 91 -3.54 -55.65 49.35
N LEU H 92 -3.63 -54.67 50.24
CA LEU H 92 -2.97 -53.39 50.02
C LEU H 92 -1.46 -53.42 50.23
N SER H 93 -0.90 -54.49 50.74
CA SER H 93 0.54 -54.57 50.99
C SER H 93 1.28 -55.38 49.94
N VAL H 94 0.79 -55.45 48.70
CA VAL H 94 1.45 -56.34 47.76
C VAL H 94 2.34 -55.69 46.70
N GLY H 95 1.78 -54.84 45.82
CA GLY H 95 2.58 -54.33 44.72
C GLY H 95 2.29 -52.90 44.29
N LYS H 96 3.22 -52.41 43.48
CA LYS H 96 3.21 -51.10 42.82
C LYS H 96 2.84 -49.95 43.74
N LYS H 97 3.59 -49.83 44.83
CA LYS H 97 3.53 -48.66 45.70
C LYS H 97 2.19 -48.39 46.37
N SER H 98 1.12 -49.06 45.95
CA SER H 98 -0.14 -48.76 46.60
C SER H 98 -1.05 -49.97 46.74
N GLY H 99 -0.50 -51.18 46.71
CA GLY H 99 -1.38 -52.33 46.82
C GLY H 99 -2.20 -52.56 45.58
N ILE H 100 -2.85 -53.70 45.51
CA ILE H 100 -3.70 -54.03 44.37
C ILE H 100 -4.87 -53.06 44.31
N LYS H 101 -5.06 -52.45 43.15
CA LYS H 101 -6.11 -51.46 42.95
C LYS H 101 -7.48 -52.10 43.17
N LEU H 102 -8.44 -51.27 43.59
CA LEU H 102 -9.78 -51.76 43.89
C LEU H 102 -10.83 -51.00 43.11
N GLU H 103 -11.99 -51.65 42.97
CA GLU H 103 -13.13 -51.08 42.28
C GLU H 103 -13.71 -49.93 43.09
N LYS H 104 -14.69 -49.25 42.50
CA LYS H 104 -15.36 -48.14 43.16
C LYS H 104 -16.10 -48.71 44.35
N GLU H 105 -15.52 -48.54 45.53
CA GLU H 105 -16.06 -49.13 46.75
C GLU H 105 -17.50 -48.73 46.98
N LYS H 106 -18.24 -49.60 47.65
CA LYS H 106 -19.61 -49.32 48.02
C LYS H 106 -19.64 -48.84 49.46
N ASP H 107 -20.79 -48.31 49.88
CA ASP H 107 -20.88 -47.82 51.25
C ASP H 107 -20.95 -48.94 52.28
N SER H 108 -21.37 -50.15 51.88
CA SER H 108 -21.43 -51.18 52.92
C SER H 108 -20.73 -52.47 52.52
N GLU H 109 -20.85 -52.89 51.28
CA GLU H 109 -20.24 -54.13 50.83
C GLU H 109 -18.72 -53.99 50.76
N ALA H 110 -18.01 -55.09 51.02
CA ALA H 110 -16.57 -55.06 50.92
C ALA H 110 -16.19 -54.96 49.45
N PRO H 111 -15.16 -54.19 49.11
CA PRO H 111 -14.79 -54.01 47.70
C PRO H 111 -14.27 -55.30 47.09
N ALA H 112 -14.05 -55.22 45.78
CA ALA H 112 -13.52 -56.32 44.99
C ALA H 112 -12.43 -55.76 44.09
N THR H 113 -11.31 -56.47 44.01
CA THR H 113 -10.21 -56.00 43.20
C THR H 113 -10.66 -55.82 41.74
N SER H 114 -10.23 -54.72 41.14
CA SER H 114 -10.57 -54.48 39.75
C SER H 114 -9.94 -55.52 38.84
N VAL H 115 -8.76 -56.01 39.21
CA VAL H 115 -8.08 -57.08 38.49
C VAL H 115 -8.77 -58.34 38.96
N LEU H 116 -8.48 -59.47 38.37
CA LEU H 116 -9.17 -60.69 38.76
C LEU H 116 -8.16 -61.77 39.08
N PHE H 117 -8.41 -62.48 40.17
CA PHE H 117 -7.52 -63.51 40.70
C PHE H 117 -7.96 -64.90 40.32
N TYR H 118 -7.03 -65.83 40.47
CA TYR H 118 -7.22 -67.24 40.12
C TYR H 118 -6.35 -68.03 41.09
N LEU H 119 -6.96 -68.57 42.13
CA LEU H 119 -6.19 -69.26 43.14
C LEU H 119 -6.94 -70.49 43.64
N PRO H 120 -6.24 -71.43 44.27
CA PRO H 120 -6.91 -72.57 44.87
C PRO H 120 -7.36 -72.17 46.28
N VAL H 121 -8.20 -73.02 46.87
CA VAL H 121 -8.68 -72.73 48.23
C VAL H 121 -7.56 -72.73 49.27
N PRO H 122 -6.58 -73.64 49.26
CA PRO H 122 -5.52 -73.55 50.28
C PRO H 122 -4.73 -72.27 50.19
N ALA H 123 -4.67 -71.64 49.02
CA ALA H 123 -3.97 -70.38 48.91
C ALA H 123 -4.67 -69.31 49.72
N ILE H 124 -6.01 -69.24 49.61
CA ILE H 124 -6.77 -68.27 50.39
C ILE H 124 -6.59 -68.56 51.87
N ASP H 125 -6.65 -69.84 52.24
CA ASP H 125 -6.48 -70.19 53.64
C ASP H 125 -5.13 -69.72 54.17
N GLU H 126 -4.06 -69.98 53.43
CA GLU H 126 -2.74 -69.58 53.90
C GLU H 126 -2.61 -68.06 53.92
N LEU H 127 -3.27 -67.36 53.01
CA LEU H 127 -3.21 -65.91 53.06
C LEU H 127 -3.86 -65.40 54.34
N ALA H 128 -5.01 -65.99 54.71
CA ALA H 128 -5.63 -65.61 55.96
C ALA H 128 -4.75 -65.99 57.14
N ALA H 129 -3.95 -67.03 56.98
CA ALA H 129 -3.05 -67.43 58.06
C ALA H 129 -1.98 -66.37 58.26
N ILE H 130 -1.38 -65.90 57.17
CA ILE H 130 -0.38 -64.85 57.30
C ILE H 130 -1.02 -63.61 57.89
N ALA H 131 -2.29 -63.38 57.59
CA ALA H 131 -2.95 -62.21 58.18
C ALA H 131 -3.16 -62.38 59.67
N ASP H 132 -3.39 -63.61 60.13
CA ASP H 132 -3.66 -63.83 61.55
C ASP H 132 -2.40 -63.68 62.41
N GLU H 133 -1.22 -63.93 61.84
CA GLU H 133 -0.01 -63.84 62.64
C GLU H 133 0.35 -62.43 63.04
N HIS H 134 -0.33 -61.41 62.52
CA HIS H 134 -0.02 -60.03 62.86
C HIS H 134 -1.27 -59.29 63.34
N ARG H 135 -2.04 -59.93 64.23
CA ARG H 135 -3.25 -59.32 64.76
C ARG H 135 -3.01 -57.90 65.26
N ASP H 136 -2.08 -57.75 66.20
CA ASP H 136 -1.76 -56.45 66.77
C ASP H 136 -1.41 -55.42 65.71
N ALA H 137 -0.59 -55.79 64.73
CA ALA H 137 -0.23 -54.84 63.69
C ALA H 137 -1.45 -54.35 62.92
N VAL H 138 -2.33 -55.27 62.53
CA VAL H 138 -3.52 -54.90 61.78
C VAL H 138 -4.41 -54.00 62.61
N ALA H 139 -4.61 -54.35 63.88
CA ALA H 139 -5.44 -53.53 64.75
C ALA H 139 -4.84 -52.15 64.92
N LYS H 140 -3.52 -52.07 65.03
CA LYS H 140 -2.85 -50.78 65.19
C LYS H 140 -3.02 -49.92 63.95
N GLU H 141 -2.99 -50.54 62.78
CA GLU H 141 -3.17 -49.76 61.55
C GLU H 141 -4.61 -49.35 61.37
N ALA H 142 -5.55 -50.19 61.79
CA ALA H 142 -6.97 -49.85 61.67
C ALA H 142 -7.30 -48.62 62.50
N ALA H 143 -6.48 -48.31 63.49
CA ALA H 143 -6.73 -47.14 64.33
C ALA H 143 -6.56 -45.85 63.53
N LYS H 144 -5.77 -45.87 62.47
CA LYS H 144 -5.54 -44.69 61.66
C LYS H 144 -6.75 -44.45 60.76
N LYS H 145 -6.64 -43.42 59.92
CA LYS H 145 -7.68 -43.11 58.94
C LYS H 145 -7.35 -43.63 57.55
N THR H 146 -6.07 -43.59 57.16
CA THR H 146 -5.61 -44.10 55.87
C THR H 146 -4.45 -45.04 56.16
N PRO H 147 -4.72 -46.33 56.28
CA PRO H 147 -3.65 -47.29 56.57
C PRO H 147 -2.79 -47.60 55.37
N LYS H 148 -1.68 -48.29 55.62
CA LYS H 148 -0.74 -48.68 54.59
C LYS H 148 -0.40 -50.16 54.75
N GLY H 149 0.56 -50.64 53.95
CA GLY H 149 0.92 -52.05 54.04
C GLY H 149 1.79 -52.32 55.25
N ILE H 150 1.49 -53.43 55.93
CA ILE H 150 2.26 -53.86 57.09
C ILE H 150 2.55 -55.34 56.97
N LEU H 151 1.99 -55.95 56.03
CA LEU H 151 2.16 -57.39 55.92
C LEU H 151 3.43 -57.71 55.13
N PRO H 152 4.04 -58.84 55.42
CA PRO H 152 5.27 -59.26 54.72
C PRO H 152 5.01 -59.76 53.30
N ALA H 153 4.93 -58.79 52.39
CA ALA H 153 4.65 -58.99 50.98
C ALA H 153 5.42 -60.15 50.36
N ASP H 154 6.56 -60.51 50.95
CA ASP H 154 7.36 -61.59 50.40
C ASP H 154 6.65 -62.93 50.51
N ARG H 155 6.17 -63.28 51.70
CA ARG H 155 5.54 -64.58 51.86
C ARG H 155 4.14 -64.60 51.27
N ILE H 156 3.35 -63.53 51.41
CA ILE H 156 2.05 -63.54 50.77
C ILE H 156 2.21 -63.59 49.26
N THR H 157 3.25 -62.93 48.74
CA THR H 157 3.50 -62.99 47.31
C THR H 157 3.95 -64.38 46.92
N GLU H 158 4.56 -65.12 47.84
CA GLU H 158 4.92 -66.48 47.52
C GLU H 158 3.71 -67.39 47.59
N VAL H 159 2.69 -66.98 48.34
CA VAL H 159 1.47 -67.78 48.42
C VAL H 159 0.61 -67.54 47.19
N LEU H 160 0.66 -66.34 46.61
CA LEU H 160 -0.11 -66.10 45.40
C LEU H 160 0.47 -66.87 44.23
N LYS H 161 1.74 -67.24 44.31
CA LYS H 161 2.39 -68.01 43.26
C LYS H 161 2.06 -69.50 43.34
N SER H 162 1.21 -69.90 44.28
CA SER H 162 0.85 -71.30 44.43
C SER H 162 0.10 -71.78 43.20
N ARG H 163 0.67 -72.76 42.50
CA ARG H 163 0.08 -73.27 41.28
C ARG H 163 -0.99 -74.30 41.60
N ASN H 164 -1.46 -74.98 40.56
CA ASN H 164 -2.53 -75.96 40.64
C ASN H 164 -2.63 -76.64 39.28
N VAL H 165 -3.40 -77.73 39.23
CA VAL H 165 -3.54 -78.45 37.96
C VAL H 165 -4.14 -77.54 36.89
N SER H 166 -5.19 -76.81 37.24
CA SER H 166 -5.79 -75.91 36.26
C SER H 166 -4.89 -74.72 36.02
N VAL H 167 -4.15 -74.29 37.04
CA VAL H 167 -3.22 -73.19 36.86
C VAL H 167 -2.06 -73.64 35.98
N ASN H 168 -1.63 -74.88 36.16
CA ASN H 168 -0.52 -75.40 35.36
C ASN H 168 -0.91 -75.52 33.90
N LEU H 169 -2.03 -76.18 33.61
CA LEU H 169 -2.44 -76.34 32.23
C LEU H 169 -2.83 -75.02 31.58
N PHE H 170 -3.82 -74.35 32.15
CA PHE H 170 -4.37 -73.16 31.51
C PHE H 170 -3.54 -71.89 31.71
N GLY H 171 -2.70 -71.81 32.73
CA GLY H 171 -1.90 -70.63 32.92
C GLY H 171 -2.65 -69.54 33.68
N ARG H 172 -1.88 -68.57 34.18
CA ARG H 172 -2.44 -67.48 34.95
C ARG H 172 -1.79 -66.17 34.53
N MET H 173 -2.52 -65.09 34.74
CA MET H 173 -2.01 -63.75 34.49
C MET H 173 -2.36 -62.84 35.65
N LEU H 174 -1.43 -61.98 36.03
CA LEU H 174 -1.69 -61.00 37.06
C LEU H 174 -0.78 -59.81 36.78
N ALA H 175 -1.38 -58.73 36.29
CA ALA H 175 -0.60 -57.58 35.86
C ALA H 175 0.14 -56.95 37.03
N GLU H 176 -0.53 -56.78 38.16
CA GLU H 176 0.13 -56.17 39.30
C GLU H 176 1.15 -57.08 39.95
N LEU H 177 1.26 -58.33 39.52
CA LEU H 177 2.23 -59.28 40.10
C LEU H 177 2.83 -60.13 39.00
N PRO H 178 3.75 -59.56 38.22
CA PRO H 178 4.39 -60.33 37.16
C PRO H 178 5.19 -61.53 37.64
N SER H 179 5.44 -61.64 38.95
CA SER H 179 6.20 -62.78 39.45
C SER H 179 5.36 -64.04 39.55
N THR H 180 4.04 -63.91 39.57
CA THR H 180 3.15 -65.06 39.67
C THR H 180 2.58 -65.48 38.33
N GLU H 181 2.83 -64.70 37.28
CA GLU H 181 2.30 -65.02 35.96
C GLU H 181 2.90 -66.31 35.44
N VAL H 182 2.06 -67.32 35.26
CA VAL H 182 2.48 -68.60 34.71
C VAL H 182 1.85 -68.72 33.33
N ASP H 183 2.60 -69.22 32.38
CA ASP H 183 2.10 -69.37 31.03
C ASP H 183 1.44 -70.73 30.84
N GLY H 184 0.30 -70.73 30.17
CA GLY H 184 -0.42 -71.96 29.92
C GLY H 184 0.34 -72.91 29.02
N ALA H 185 -0.01 -74.19 29.13
CA ALA H 185 0.63 -75.23 28.33
C ALA H 185 -0.33 -75.98 27.42
N VAL H 186 -1.61 -75.63 27.40
CA VAL H 186 -2.59 -76.32 26.58
C VAL H 186 -3.30 -75.32 25.68
N GLN H 187 -3.17 -75.53 24.37
CA GLN H 187 -3.81 -74.71 23.35
C GLN H 187 -5.17 -75.29 23.03
N PHE H 188 -6.23 -74.57 23.36
CA PHE H 188 -7.58 -75.02 23.14
C PHE H 188 -8.19 -74.23 21.99
N ALA H 189 -8.75 -74.91 21.01
CA ALA H 189 -9.29 -74.27 19.83
C ALA H 189 -10.82 -74.21 19.83
N HIS H 190 -11.35 -73.26 19.08
CA HIS H 190 -12.79 -73.13 18.94
C HIS H 190 -13.37 -74.30 18.16
N ALA H 191 -14.61 -74.64 18.47
CA ALA H 191 -15.30 -75.77 17.84
C ALA H 191 -16.36 -75.25 16.89
N PHE H 192 -16.11 -75.40 15.59
CA PHE H 192 -17.04 -75.00 14.54
C PHE H 192 -17.62 -76.21 13.84
N THR H 193 -18.81 -76.05 13.28
CA THR H 193 -19.44 -77.15 12.56
C THR H 193 -18.66 -77.45 11.30
N VAL H 194 -18.86 -78.66 10.77
CA VAL H 194 -18.22 -79.05 9.52
C VAL H 194 -19.16 -78.80 8.35
N HIS H 195 -20.31 -78.18 8.59
CA HIS H 195 -21.28 -77.91 7.56
C HIS H 195 -22.05 -76.66 7.94
N GLY H 196 -22.29 -75.81 6.95
CA GLY H 196 -22.95 -74.54 7.17
C GLY H 196 -24.36 -74.58 7.70
N THR H 197 -24.57 -73.96 8.85
CA THR H 197 -25.88 -73.86 9.49
C THR H 197 -26.12 -72.41 9.85
N THR H 198 -27.25 -71.86 9.40
CA THR H 198 -27.55 -70.47 9.71
C THR H 198 -28.81 -70.36 10.55
N SER H 227 -30.37 -75.56 17.82
CA SER H 227 -29.37 -75.74 16.76
C SER H 227 -28.57 -77.01 16.99
N ALA H 228 -28.52 -77.87 15.98
CA ALA H 228 -27.80 -79.13 16.02
C ALA H 228 -26.71 -79.16 14.95
N GLY H 229 -25.85 -80.15 15.06
CA GLY H 229 -24.79 -80.30 14.07
C GLY H 229 -23.62 -81.08 14.64
N THR H 230 -22.67 -81.34 13.76
CA THR H 230 -21.47 -82.11 14.09
C THR H 230 -20.26 -81.19 14.22
N PHE H 231 -19.94 -80.82 15.45
CA PHE H 231 -18.80 -79.96 15.68
C PHE H 231 -17.48 -80.71 15.59
N TYR H 232 -16.47 -80.01 15.12
CA TYR H 232 -15.11 -80.52 15.05
C TYR H 232 -14.33 -79.82 16.15
N ARG H 233 -13.53 -80.56 16.90
CA ARG H 233 -12.79 -79.98 18.01
C ARG H 233 -11.34 -80.44 18.01
N TYR H 234 -10.47 -79.57 18.54
CA TYR H 234 -9.04 -79.82 18.52
C TYR H 234 -8.37 -79.11 19.69
N ALA H 235 -7.31 -79.73 20.20
CA ALA H 235 -6.58 -79.13 21.32
C ALA H 235 -5.17 -79.71 21.36
N ASN H 236 -4.23 -78.90 21.85
CA ASN H 236 -2.83 -79.30 21.94
C ASN H 236 -2.37 -79.19 23.38
N VAL H 237 -1.49 -80.11 23.78
CA VAL H 237 -0.93 -80.11 25.12
C VAL H 237 0.58 -80.15 24.97
N ASN H 238 1.24 -79.03 25.28
CA ASN H 238 2.69 -78.91 25.21
C ASN H 238 3.27 -79.56 26.45
N LEU H 239 3.61 -80.84 26.32
CA LEU H 239 4.15 -81.58 27.45
C LEU H 239 5.31 -80.85 28.11
N ASP H 240 6.30 -80.45 27.30
CA ASP H 240 7.47 -79.75 27.81
C ASP H 240 7.13 -78.63 28.79
N ARG H 241 6.33 -77.65 28.35
CA ARG H 241 6.00 -76.55 29.26
C ARG H 241 5.16 -77.03 30.44
N LEU H 242 4.40 -78.11 30.26
CA LEU H 242 3.57 -78.57 31.36
C LEU H 242 4.42 -79.20 32.44
N VAL H 243 5.42 -79.98 32.04
CA VAL H 243 6.36 -80.57 32.97
C VAL H 243 7.21 -79.47 33.59
N GLU H 244 7.37 -78.37 32.87
CA GLU H 244 8.12 -77.24 33.42
C GLU H 244 7.34 -76.55 34.53
N ASN H 245 6.05 -76.30 34.29
CA ASN H 245 5.23 -75.64 35.31
C ASN H 245 5.04 -76.53 36.54
N THR H 246 4.58 -77.76 36.33
CA THR H 246 4.37 -78.66 37.46
C THR H 246 5.68 -79.06 38.11
N GLY H 247 6.73 -79.24 37.32
CA GLY H 247 8.00 -79.68 37.86
C GLY H 247 8.18 -81.18 37.79
N ASP H 248 7.31 -81.93 38.46
CA ASP H 248 7.42 -83.38 38.39
C ASP H 248 6.89 -83.92 37.07
N ALA H 249 7.16 -85.20 36.81
CA ALA H 249 6.70 -85.82 35.57
C ALA H 249 5.52 -86.75 35.77
N GLN H 250 5.31 -87.25 36.98
CA GLN H 250 4.17 -88.14 37.22
C GLN H 250 2.91 -87.31 37.35
N THR H 251 3.02 -86.18 38.06
CA THR H 251 1.89 -85.29 38.19
C THR H 251 1.49 -84.80 36.81
N ALA H 252 2.49 -84.50 35.98
CA ALA H 252 2.24 -84.10 34.60
C ALA H 252 1.48 -85.18 33.85
N ARG H 253 1.93 -86.44 33.98
CA ARG H 253 1.23 -87.52 33.27
C ARG H 253 -0.21 -87.68 33.72
N THR H 254 -0.46 -87.56 35.02
CA THR H 254 -1.83 -87.70 35.48
C THR H 254 -2.67 -86.52 35.04
N ALA H 255 -2.07 -85.33 35.03
CA ALA H 255 -2.82 -84.14 34.65
C ALA H 255 -3.20 -84.18 33.19
N VAL H 256 -2.31 -84.66 32.32
CA VAL H 256 -2.67 -84.71 30.92
C VAL H 256 -3.68 -85.81 30.66
N ALA H 257 -3.56 -86.94 31.38
CA ALA H 257 -4.53 -88.01 31.18
C ALA H 257 -5.92 -87.56 31.59
N GLU H 258 -6.03 -86.90 32.75
CA GLU H 258 -7.34 -86.42 33.17
C GLU H 258 -7.82 -85.31 32.26
N PHE H 259 -6.90 -84.56 31.67
CA PHE H 259 -7.30 -83.53 30.74
C PHE H 259 -7.98 -84.14 29.53
N LEU H 260 -7.33 -85.15 28.92
CA LEU H 260 -7.92 -85.77 27.75
C LEU H 260 -9.28 -86.38 28.08
N ARG H 261 -9.38 -87.09 29.19
CA ARG H 261 -10.67 -87.70 29.52
C ARG H 261 -11.74 -86.65 29.77
N ALA H 262 -11.35 -85.50 30.34
CA ALA H 262 -12.34 -84.45 30.57
C ALA H 262 -12.69 -83.76 29.27
N PHE H 263 -11.75 -83.71 28.33
CA PHE H 263 -12.02 -83.06 27.06
C PHE H 263 -13.05 -83.85 26.26
N LEU H 264 -12.95 -85.18 26.30
CA LEU H 264 -13.95 -85.96 25.60
C LEU H 264 -15.26 -86.02 26.38
N SER H 265 -15.18 -86.27 27.67
CA SER H 265 -16.35 -86.46 28.52
C SER H 265 -17.25 -85.22 28.58
N THR H 266 -16.72 -84.09 29.04
CA THR H 266 -17.55 -82.92 29.31
C THR H 266 -18.26 -82.37 28.08
N VAL H 267 -19.34 -81.63 28.36
CA VAL H 267 -20.21 -80.93 27.42
C VAL H 267 -20.78 -79.73 28.18
N PRO H 268 -20.85 -78.55 27.58
CA PRO H 268 -21.36 -77.38 28.31
C PRO H 268 -22.82 -77.52 28.69
N SER H 269 -23.29 -76.54 29.46
CA SER H 269 -24.66 -76.51 29.93
C SER H 269 -25.45 -75.50 29.10
N THR H 279 -23.44 -87.32 25.93
CA THR H 279 -23.11 -87.81 24.60
C THR H 279 -21.60 -87.84 24.43
N LEU H 280 -21.09 -88.71 23.57
CA LEU H 280 -19.67 -88.85 23.34
C LEU H 280 -19.32 -88.57 21.88
N PRO H 281 -18.12 -88.05 21.64
CA PRO H 281 -17.71 -87.72 20.27
C PRO H 281 -17.65 -88.96 19.39
N ASP H 282 -18.19 -88.82 18.19
CA ASP H 282 -18.24 -89.95 17.27
C ASP H 282 -16.89 -90.29 16.68
N LEU H 283 -15.87 -89.47 16.87
CA LEU H 283 -14.54 -89.84 16.37
C LEU H 283 -13.50 -89.19 17.26
N VAL H 284 -12.51 -89.97 17.68
CA VAL H 284 -11.46 -89.45 18.56
C VAL H 284 -10.09 -89.82 18.02
N HIS H 285 -9.26 -88.81 17.76
CA HIS H 285 -7.91 -89.03 17.22
C HIS H 285 -6.84 -88.32 18.03
N ILE H 286 -6.07 -89.07 18.81
CA ILE H 286 -4.94 -88.51 19.54
C ILE H 286 -3.68 -88.85 18.79
N ALA H 287 -2.82 -87.84 18.60
CA ALA H 287 -1.54 -88.03 17.94
C ALA H 287 -0.48 -87.37 18.80
N VAL H 288 0.69 -87.97 18.88
CA VAL H 288 1.80 -87.42 19.65
C VAL H 288 2.88 -87.01 18.67
N ARG H 289 3.15 -85.71 18.58
CA ARG H 289 4.13 -85.21 17.64
C ARG H 289 5.33 -84.62 18.37
N PHE H 290 6.51 -84.88 17.83
CA PHE H 290 7.76 -84.41 18.42
C PHE H 290 8.33 -83.17 17.75
N ASP H 291 7.69 -82.64 16.72
CA ASP H 291 8.24 -81.45 16.07
C ASP H 291 7.36 -80.20 16.25
N ARG H 292 6.08 -80.30 15.92
CA ARG H 292 5.19 -79.16 16.07
C ARG H 292 3.76 -79.67 16.09
N PRO H 293 2.87 -78.99 16.79
CA PRO H 293 1.46 -79.40 16.77
C PRO H 293 0.83 -78.98 15.46
N ILE H 294 -0.22 -79.70 15.08
CA ILE H 294 -0.91 -79.42 13.83
C ILE H 294 -2.41 -79.67 13.98
N SER H 295 -3.21 -78.78 13.41
CA SER H 295 -4.66 -78.88 13.44
C SER H 295 -5.18 -79.36 12.10
N PHE H 296 -6.33 -80.02 12.11
CA PHE H 296 -6.93 -80.53 10.89
C PHE H 296 -8.08 -79.65 10.42
N ALA H 297 -8.17 -78.42 10.93
CA ALA H 297 -9.23 -77.50 10.55
C ALA H 297 -9.31 -77.28 9.05
N PRO H 298 -8.22 -77.06 8.31
CA PRO H 298 -8.37 -76.84 6.86
C PRO H 298 -9.07 -77.97 6.14
N ALA H 299 -9.06 -79.18 6.70
CA ALA H 299 -9.77 -80.27 6.05
C ALA H 299 -11.25 -79.95 5.92
N PHE H 300 -11.79 -79.21 6.88
CA PHE H 300 -13.19 -78.88 6.93
C PHE H 300 -13.49 -77.46 6.44
N GLU H 301 -12.64 -76.90 5.59
CA GLU H 301 -12.93 -75.56 5.09
C GLU H 301 -14.07 -75.60 4.09
N THR H 302 -13.94 -76.41 3.06
CA THR H 302 -15.00 -76.58 2.10
C THR H 302 -16.17 -77.23 2.83
N ALA H 303 -17.25 -76.48 3.02
CA ALA H 303 -18.37 -77.04 3.76
C ALA H 303 -18.89 -78.28 3.06
N LEU H 304 -19.53 -79.14 3.83
CA LEU H 304 -20.05 -80.39 3.31
C LEU H 304 -21.55 -80.28 3.11
N TYR H 305 -22.00 -80.56 1.90
CA TYR H 305 -23.43 -80.51 1.63
C TYR H 305 -24.05 -81.80 2.14
N GLY H 306 -25.32 -81.73 2.49
CA GLY H 306 -25.93 -82.91 3.08
C GLY H 306 -27.08 -83.60 2.38
N SER H 307 -28.22 -83.58 3.08
CA SER H 307 -29.46 -84.29 2.77
C SER H 307 -29.24 -85.76 3.10
N ASP H 308 -28.00 -86.10 3.39
CA ASP H 308 -27.53 -87.39 3.87
C ASP H 308 -26.96 -87.18 5.27
N GLY H 309 -26.24 -88.19 5.78
CA GLY H 309 -25.60 -88.05 7.06
C GLY H 309 -24.33 -87.25 6.93
N TYR H 310 -23.79 -86.81 8.07
CA TYR H 310 -22.57 -86.03 8.06
C TYR H 310 -21.44 -86.68 8.85
N THR H 311 -21.73 -87.72 9.64
CA THR H 311 -20.69 -88.33 10.44
C THR H 311 -19.73 -89.11 9.57
N LEU H 312 -20.25 -89.96 8.69
CA LEU H 312 -19.37 -90.76 7.85
C LEU H 312 -18.57 -89.87 6.91
N ARG H 313 -19.23 -88.88 6.30
CA ARG H 313 -18.52 -87.97 5.41
C ARG H 313 -17.38 -87.28 6.13
N ALA H 314 -17.67 -86.76 7.33
CA ALA H 314 -16.63 -86.06 8.08
C ALA H 314 -15.50 -87.00 8.48
N CYS H 315 -15.85 -88.22 8.87
CA CYS H 315 -14.83 -89.20 9.26
C CYS H 315 -13.90 -89.52 8.10
N GLN H 316 -14.46 -89.97 6.98
CA GLN H 316 -13.61 -90.34 5.86
C GLN H 316 -12.87 -89.15 5.29
N GLU H 317 -13.43 -87.94 5.43
CA GLU H 317 -12.72 -86.80 4.86
C GLU H 317 -11.57 -86.39 5.76
N LEU H 318 -11.76 -86.52 7.07
CA LEU H 318 -10.66 -86.23 7.98
C LEU H 318 -9.57 -87.25 7.76
N ASN H 319 -9.96 -88.50 7.48
CA ASN H 319 -9.01 -89.54 7.16
C ASN H 319 -8.19 -89.14 5.94
N ASN H 320 -8.87 -88.83 4.83
CA ASN H 320 -8.18 -88.44 3.60
C ASN H 320 -7.19 -87.31 3.85
N TYR H 321 -7.64 -86.26 4.55
CA TYR H 321 -6.75 -85.13 4.80
C TYR H 321 -5.58 -85.52 5.67
N ALA H 322 -5.79 -86.42 6.62
CA ALA H 322 -4.69 -86.87 7.45
C ALA H 322 -3.70 -87.70 6.66
N GLU H 323 -4.19 -88.45 5.67
CA GLU H 323 -3.29 -89.27 4.87
C GLU H 323 -2.42 -88.42 3.96
N ARG H 324 -3.06 -87.58 3.13
CA ARG H 324 -2.26 -86.73 2.24
C ARG H 324 -1.36 -85.79 3.03
N LEU H 325 -1.86 -85.26 4.15
CA LEU H 325 -1.01 -84.40 4.95
C LEU H 325 0.13 -85.20 5.55
N ARG H 326 -0.13 -86.46 5.86
CA ARG H 326 0.90 -87.31 6.43
C ARG H 326 1.96 -87.62 5.39
N GLU H 327 1.59 -87.76 4.13
CA GLU H 327 2.56 -88.07 3.09
C GLU H 327 3.17 -86.82 2.48
N VAL H 328 2.80 -85.64 2.97
CA VAL H 328 3.40 -84.41 2.50
C VAL H 328 4.32 -83.80 3.55
N TRP H 329 4.06 -84.06 4.82
CA TRP H 329 4.89 -83.61 5.95
C TRP H 329 5.31 -84.87 6.69
N PRO H 330 6.25 -85.64 6.12
CA PRO H 330 6.66 -86.89 6.77
C PRO H 330 7.31 -86.63 8.12
N ASP H 331 6.94 -87.45 9.10
CA ASP H 331 7.45 -87.29 10.45
C ASP H 331 7.26 -88.58 11.21
N ASP H 332 8.14 -88.81 12.19
CA ASP H 332 8.08 -89.98 13.05
C ASP H 332 7.22 -89.66 14.26
N ALA H 333 5.93 -89.86 14.12
CA ALA H 333 4.99 -89.56 15.19
C ALA H 333 4.17 -90.79 15.55
N ILE H 334 3.44 -90.68 16.65
CA ILE H 334 2.58 -91.75 17.15
C ILE H 334 1.14 -91.33 16.91
N ARG H 335 0.32 -92.27 16.45
CA ARG H 335 -1.05 -91.94 16.10
C ARG H 335 -2.00 -93.03 16.58
N GLY H 336 -3.11 -92.63 17.15
CA GLY H 336 -4.11 -93.57 17.62
C GLY H 336 -5.47 -92.94 17.56
N TYR H 337 -6.49 -93.77 17.40
CA TYR H 337 -7.84 -93.24 17.26
C TYR H 337 -8.86 -94.28 17.66
N ALA H 338 -9.97 -93.80 18.21
CA ALA H 338 -11.12 -94.61 18.56
C ALA H 338 -12.32 -94.11 17.77
N THR H 339 -13.29 -95.01 17.58
CA THR H 339 -14.47 -94.75 16.78
C THR H 339 -15.61 -95.58 17.32
N VAL H 340 -16.82 -95.02 17.28
CA VAL H 340 -17.99 -95.69 17.81
C VAL H 340 -18.77 -96.40 16.67
N GLU H 341 -18.10 -96.61 15.54
CA GLU H 341 -18.67 -97.28 14.38
C GLU H 341 -17.57 -98.10 13.73
N ASN H 342 -17.75 -99.41 13.64
CA ASN H 342 -16.74 -100.29 13.08
C ASN H 342 -16.89 -100.48 11.59
N LYS H 343 -17.64 -99.59 10.93
CA LYS H 343 -17.88 -99.74 9.49
C LYS H 343 -16.62 -99.46 8.69
N THR H 344 -16.13 -98.23 8.72
CA THR H 344 -14.94 -97.88 7.97
C THR H 344 -13.66 -98.25 8.71
N ASP H 345 -12.56 -98.28 7.96
CA ASP H 345 -11.21 -98.48 8.48
C ASP H 345 -10.40 -97.24 8.15
N LEU H 346 -10.00 -96.50 9.18
CA LEU H 346 -9.24 -95.28 9.02
C LEU H 346 -7.77 -95.67 9.07
N ALA H 347 -7.11 -95.66 7.91
CA ALA H 347 -5.73 -96.12 7.85
C ALA H 347 -4.76 -95.07 8.38
N ALA H 348 -4.81 -93.85 7.84
CA ALA H 348 -3.87 -92.82 8.23
C ALA H 348 -3.95 -92.44 9.70
N LEU H 349 -5.01 -92.82 10.40
CA LEU H 349 -5.11 -92.42 11.80
C LEU H 349 -4.37 -93.35 12.76
N GLY H 350 -3.61 -94.33 12.28
CA GLY H 350 -2.87 -95.17 13.19
C GLY H 350 -3.48 -96.53 13.43
N GLU H 351 -3.34 -97.02 14.66
CA GLU H 351 -3.90 -98.30 15.08
C GLU H 351 -5.15 -98.06 15.91
N ARG H 352 -6.27 -98.59 15.45
CA ARG H 352 -7.59 -98.38 16.06
C ARG H 352 -7.68 -99.05 17.42
N TYR H 353 -7.62 -98.26 18.48
CA TYR H 353 -7.81 -98.86 19.78
C TYR H 353 -9.29 -99.17 19.98
N ASP H 354 -9.61 -99.86 21.08
CA ASP H 354 -11.00 -100.27 21.26
C ASP H 354 -11.87 -99.18 21.89
N SER H 355 -11.38 -98.49 22.91
CA SER H 355 -12.24 -97.51 23.58
C SER H 355 -11.44 -96.31 24.03
N TYR H 356 -12.17 -95.24 24.30
CA TYR H 356 -11.60 -93.97 24.74
C TYR H 356 -10.62 -94.10 25.90
N PRO H 357 -10.95 -94.73 27.02
CA PRO H 357 -9.95 -94.80 28.09
C PRO H 357 -8.75 -95.66 27.73
N ALA H 358 -8.94 -96.66 26.86
CA ALA H 358 -7.79 -97.45 26.42
C ALA H 358 -6.90 -96.62 25.52
N LEU H 359 -7.50 -95.93 24.55
CA LEU H 359 -6.76 -95.05 23.66
C LEU H 359 -5.99 -93.99 24.44
N ILE H 360 -6.66 -93.32 25.38
CA ILE H 360 -6.00 -92.28 26.16
C ILE H 360 -4.88 -92.86 27.01
N ASP H 361 -5.11 -94.02 27.60
CA ASP H 361 -4.06 -94.65 28.41
C ASP H 361 -2.84 -94.98 27.57
N ALA H 362 -3.05 -95.61 26.41
CA ALA H 362 -1.93 -95.98 25.56
C ALA H 362 -1.21 -94.77 25.00
N MET H 363 -1.92 -93.67 24.78
CA MET H 363 -1.24 -92.50 24.22
C MET H 363 -0.49 -91.72 25.29
N VAL H 364 -1.10 -91.51 26.46
CA VAL H 364 -0.37 -90.83 27.52
C VAL H 364 0.82 -91.67 27.92
N ALA H 365 0.67 -92.99 27.88
CA ALA H 365 1.77 -93.90 28.18
C ALA H 365 2.88 -93.75 27.15
N ALA H 366 2.52 -93.76 25.87
CA ALA H 366 3.53 -93.63 24.82
C ALA H 366 4.23 -92.28 24.85
N ALA H 367 3.61 -91.26 25.44
CA ALA H 367 4.24 -89.96 25.51
C ALA H 367 5.37 -90.00 26.55
N TYR I 5 10.62 -0.97 20.93
CA TYR I 5 9.83 -2.01 21.57
C TYR I 5 9.84 -3.28 20.74
N ILE I 6 9.51 -3.18 19.46
CA ILE I 6 9.60 -4.35 18.58
C ILE I 6 10.99 -4.46 17.99
N LEU I 7 11.62 -3.32 17.70
CA LEU I 7 12.96 -3.29 17.12
C LEU I 7 13.93 -4.18 17.87
N GLN I 8 13.75 -4.33 19.19
CA GLN I 8 14.66 -5.16 19.96
C GLN I 8 14.51 -6.62 19.59
N HIS I 9 13.27 -7.10 19.48
CA HIS I 9 13.06 -8.46 19.02
C HIS I 9 13.59 -8.61 17.60
N ALA I 10 13.41 -7.56 16.80
CA ALA I 10 13.92 -7.57 15.45
C ALA I 10 15.41 -7.79 15.41
N ASP I 11 16.13 -7.17 16.35
CA ASP I 11 17.57 -7.33 16.34
C ASP I 11 17.95 -8.71 16.85
N ALA I 12 17.12 -9.30 17.70
CA ALA I 12 17.40 -10.66 18.15
C ALA I 12 17.33 -11.61 16.96
N LEU I 13 16.16 -11.68 16.32
CA LEU I 13 16.01 -12.50 15.12
C LEU I 13 17.13 -12.25 14.13
N VAL I 14 17.34 -11.01 13.73
CA VAL I 14 18.38 -10.75 12.74
C VAL I 14 19.72 -11.25 13.23
N LYS I 15 19.95 -11.22 14.54
CA LYS I 15 21.22 -11.73 15.06
C LYS I 15 21.36 -13.24 14.85
N ARG I 16 20.46 -14.03 15.45
CA ARG I 16 20.64 -15.46 15.35
C ARG I 16 20.33 -16.02 13.98
N VAL I 17 19.56 -15.32 13.17
CA VAL I 17 19.29 -15.83 11.84
C VAL I 17 20.43 -15.45 10.94
N SER I 18 21.02 -14.29 11.20
CA SER I 18 22.16 -13.84 10.41
C SER I 18 23.36 -14.74 10.63
N LYS I 19 23.47 -15.33 11.82
CA LYS I 19 24.55 -16.29 12.02
C LYS I 19 24.09 -17.71 11.74
N LEU I 20 22.79 -17.95 11.85
CA LEU I 20 22.20 -19.27 11.64
C LEU I 20 22.32 -19.72 10.20
N ILE I 21 21.86 -18.89 9.26
CA ILE I 21 21.88 -19.30 7.85
C ILE I 21 23.30 -19.61 7.39
N VAL I 22 24.28 -18.86 7.87
CA VAL I 22 25.65 -19.13 7.45
C VAL I 22 26.26 -20.29 8.22
N ASN I 23 25.78 -20.56 9.43
CA ASN I 23 26.42 -21.58 10.25
C ASN I 23 25.77 -22.96 10.18
N GLU I 24 24.57 -23.11 9.61
CA GLU I 24 24.00 -24.44 9.47
C GLU I 24 22.88 -24.41 8.44
N PRO I 25 22.83 -25.39 7.53
CA PRO I 25 21.84 -25.34 6.44
C PRO I 25 20.43 -25.80 6.77
N ALA I 26 20.20 -26.54 7.85
CA ALA I 26 18.84 -27.05 8.09
C ALA I 26 17.84 -25.92 8.25
N ALA I 27 18.15 -24.91 9.07
CA ALA I 27 17.21 -23.82 9.25
C ALA I 27 17.13 -22.95 8.01
N ARG I 28 18.25 -22.79 7.30
CA ARG I 28 18.22 -21.98 6.10
C ARG I 28 17.33 -22.61 5.05
N ALA I 29 17.24 -23.93 5.03
CA ALA I 29 16.36 -24.59 4.08
C ALA I 29 14.94 -24.66 4.59
N ALA I 30 14.73 -24.64 5.90
CA ALA I 30 13.37 -24.67 6.40
C ALA I 30 12.72 -23.31 6.31
N LEU I 31 13.53 -22.26 6.32
CA LEU I 31 13.06 -20.88 6.22
C LEU I 31 12.98 -20.42 4.78
N ARG I 32 13.92 -20.85 3.94
CA ARG I 32 13.93 -20.42 2.55
C ARG I 32 12.59 -20.71 1.87
N ARG I 33 11.96 -21.81 2.20
CA ARG I 33 10.72 -22.20 1.57
C ARG I 33 9.50 -21.49 2.14
N GLY I 34 9.68 -20.37 2.82
CA GLY I 34 8.57 -19.63 3.39
C GLY I 34 8.44 -18.21 2.90
N VAL I 35 9.23 -17.84 1.90
CA VAL I 35 9.22 -16.48 1.38
C VAL I 35 7.88 -16.13 0.76
N GLY I 36 7.32 -15.01 1.16
CA GLY I 36 6.12 -14.48 0.57
C GLY I 36 4.86 -15.29 0.75
N LEU I 37 4.73 -16.03 1.84
CA LEU I 37 3.55 -16.84 2.05
C LEU I 37 3.06 -16.68 3.48
N ALA I 38 1.82 -17.13 3.70
CA ALA I 38 1.15 -17.00 4.98
C ALA I 38 1.85 -17.80 6.07
N PRO I 39 1.77 -17.37 7.32
CA PRO I 39 2.42 -18.11 8.40
C PRO I 39 1.79 -19.47 8.68
N GLU I 40 0.63 -19.76 8.11
CA GLU I 40 -0.03 -21.05 8.32
C GLU I 40 0.06 -21.96 7.12
N ASP I 41 0.65 -21.52 6.03
CA ASP I 41 0.76 -22.38 4.86
C ASP I 41 1.55 -23.62 5.23
N PRO I 42 1.06 -24.82 4.89
CA PRO I 42 1.77 -26.05 5.27
C PRO I 42 3.22 -26.09 4.84
N ARG I 43 3.57 -25.43 3.74
CA ARG I 43 4.95 -25.48 3.29
C ARG I 43 5.88 -24.86 4.31
N MET I 44 5.38 -23.98 5.15
CA MET I 44 6.21 -23.32 6.14
C MET I 44 6.06 -23.94 7.51
N LEU I 45 5.46 -25.13 7.58
CA LEU I 45 5.27 -25.78 8.87
C LEU I 45 6.59 -26.19 9.51
N ALA I 46 7.69 -26.08 8.78
CA ALA I 46 9.00 -26.41 9.28
C ALA I 46 9.78 -25.20 9.77
N ALA I 47 9.25 -23.99 9.59
CA ALA I 47 9.97 -22.80 10.03
C ALA I 47 9.64 -22.38 11.44
N HIS I 48 8.51 -22.84 11.98
CA HIS I 48 8.14 -22.45 13.34
C HIS I 48 9.24 -22.78 14.33
N ARG I 49 9.89 -23.94 14.13
CA ARG I 49 10.95 -24.40 15.01
C ARG I 49 11.94 -23.29 15.34
N VAL I 50 12.22 -22.42 14.38
CA VAL I 50 13.22 -21.38 14.59
C VAL I 50 12.60 -20.03 14.86
N VAL I 51 11.46 -19.70 14.24
CA VAL I 51 11.00 -18.33 14.39
C VAL I 51 9.96 -18.10 15.47
N ALA I 52 9.13 -19.09 15.72
CA ALA I 52 8.04 -18.96 16.68
C ALA I 52 8.40 -18.46 18.08
N PRO I 53 9.56 -18.75 18.65
CA PRO I 53 9.86 -18.25 20.00
C PRO I 53 10.17 -16.77 20.09
N TYR I 54 10.28 -16.04 18.99
CA TYR I 54 10.65 -14.64 19.10
C TYR I 54 9.53 -13.64 18.86
N VAL I 55 8.39 -14.06 18.35
CA VAL I 55 7.30 -13.11 18.14
C VAL I 55 6.85 -12.62 19.51
N PRO I 56 6.44 -11.37 19.65
CA PRO I 56 6.00 -10.88 20.96
C PRO I 56 4.56 -11.27 21.27
N VAL I 57 4.34 -11.63 22.54
CA VAL I 57 3.02 -12.04 23.02
C VAL I 57 2.45 -13.17 22.17
N VAL I 74 -2.31 -8.44 16.72
CA VAL I 74 -2.59 -8.41 15.29
C VAL I 74 -1.64 -9.35 14.57
N HIS I 75 -2.08 -9.82 13.40
CA HIS I 75 -1.26 -10.73 12.61
C HIS I 75 -0.16 -10.03 11.83
N ALA I 76 -0.23 -8.71 11.69
CA ALA I 76 0.79 -8.00 10.93
C ALA I 76 2.18 -8.19 11.51
N VAL I 77 2.28 -8.33 12.84
CA VAL I 77 3.58 -8.46 13.46
C VAL I 77 4.20 -9.82 13.15
N GLU I 78 3.43 -10.89 13.28
CA GLU I 78 3.97 -12.20 12.95
C GLU I 78 4.26 -12.30 11.46
N ARG I 79 3.35 -11.82 10.62
CA ARG I 79 3.64 -11.78 9.18
C ARG I 79 4.97 -11.12 8.93
N ALA I 80 5.26 -10.02 9.64
CA ALA I 80 6.52 -9.34 9.46
C ALA I 80 7.69 -10.25 9.82
N PHE I 81 7.66 -10.84 11.02
CA PHE I 81 8.76 -11.71 11.45
C PHE I 81 8.99 -12.86 10.49
N TYR I 82 7.98 -13.71 10.26
CA TYR I 82 8.17 -14.84 9.37
C TYR I 82 8.61 -14.43 7.98
N ALA I 83 7.95 -13.42 7.42
CA ALA I 83 8.27 -13.04 6.05
C ALA I 83 9.71 -12.57 5.91
N VAL I 84 10.16 -11.71 6.81
CA VAL I 84 11.52 -11.24 6.62
C VAL I 84 12.55 -12.29 7.02
N ALA I 85 12.23 -13.16 7.97
CA ALA I 85 13.18 -14.22 8.28
C ALA I 85 13.39 -15.11 7.07
N ALA I 86 12.30 -15.45 6.40
CA ALA I 86 12.42 -16.20 5.17
C ALA I 86 13.25 -15.43 4.15
N ILE I 87 12.99 -14.14 4.01
CA ILE I 87 13.77 -13.34 3.07
C ILE I 87 15.25 -13.42 3.39
N MET I 88 15.60 -13.43 4.67
CA MET I 88 17.01 -13.49 5.01
C MET I 88 17.59 -14.85 4.69
N ALA I 89 16.78 -15.91 4.68
CA ALA I 89 17.33 -17.21 4.34
C ALA I 89 17.28 -17.53 2.86
N ALA I 90 16.60 -16.73 2.04
CA ALA I 90 16.50 -17.01 0.62
C ALA I 90 17.40 -16.15 -0.23
N GLN I 91 18.33 -15.46 0.36
CA GLN I 91 19.18 -14.64 -0.45
C GLN I 91 20.29 -15.48 -1.08
N PRO I 92 20.82 -15.07 -2.22
CA PRO I 92 21.85 -15.86 -2.90
C PRO I 92 23.09 -16.00 -2.04
N ARG I 93 23.95 -16.94 -2.45
CA ARG I 93 25.15 -17.17 -1.65
C ARG I 93 26.08 -15.98 -1.74
N SER I 94 26.03 -15.23 -2.83
CA SER I 94 26.85 -14.03 -2.93
C SER I 94 26.45 -13.03 -1.85
N ALA I 95 25.16 -12.75 -1.72
CA ALA I 95 24.67 -11.79 -0.74
C ALA I 95 24.91 -12.26 0.68
N ARG I 96 25.02 -13.55 0.93
CA ARG I 96 25.31 -13.99 2.29
C ARG I 96 26.81 -13.98 2.52
N ASP I 97 27.59 -14.30 1.50
CA ASP I 97 29.04 -14.23 1.63
C ASP I 97 29.49 -12.80 1.83
N GLN I 98 28.68 -11.82 1.41
CA GLN I 98 29.02 -10.43 1.66
C GLN I 98 28.34 -9.96 2.94
N GLU I 99 27.21 -10.57 3.26
CA GLU I 99 26.51 -10.29 4.51
C GLU I 99 27.31 -10.76 5.71
N ALA I 100 28.20 -11.72 5.50
CA ALA I 100 29.06 -12.28 6.54
C ALA I 100 30.48 -11.78 6.40
N GLU I 101 30.68 -10.66 5.70
CA GLU I 101 32.00 -10.06 5.52
C GLU I 101 32.75 -9.94 6.85
N ALA I 102 32.03 -9.66 7.93
CA ALA I 102 32.63 -9.53 9.25
C ALA I 102 32.12 -10.62 10.18
N ARG I 135 17.84 7.22 12.28
CA ARG I 135 19.28 7.33 12.08
C ARG I 135 19.71 6.30 11.05
N ARG I 136 19.63 5.02 11.42
CA ARG I 136 20.02 3.97 10.49
C ARG I 136 18.95 3.85 9.40
N PRO I 137 19.33 3.34 8.24
CA PRO I 137 18.41 3.41 7.08
C PRO I 137 17.34 2.34 6.98
N ASN I 138 16.29 2.74 6.26
CA ASN I 138 15.16 1.91 5.88
C ASN I 138 15.58 1.17 4.62
N LEU I 139 14.64 0.56 3.90
CA LEU I 139 15.08 -0.05 2.66
C LEU I 139 14.97 0.96 1.52
N GLY I 140 14.22 2.04 1.72
CA GLY I 140 14.17 3.07 0.71
C GLY I 140 15.56 3.59 0.44
N VAL I 141 16.26 3.96 1.51
CA VAL I 141 17.63 4.43 1.39
C VAL I 141 18.44 3.39 0.65
N SER I 142 18.13 2.11 0.87
CA SER I 142 18.82 1.06 0.15
C SER I 142 18.55 1.15 -1.33
N LEU I 143 17.31 1.43 -1.72
CA LEU I 143 17.01 1.58 -3.13
C LEU I 143 17.78 2.73 -3.75
N ALA I 144 17.88 3.85 -3.04
CA ALA I 144 18.61 4.98 -3.61
C ALA I 144 20.09 4.67 -3.72
N GLN I 145 20.64 4.02 -2.70
CA GLN I 145 22.04 3.63 -2.77
C GLN I 145 22.26 2.62 -3.87
N ALA I 146 21.21 1.90 -4.27
CA ALA I 146 21.32 0.91 -5.33
C ALA I 146 21.30 1.58 -6.70
N VAL I 147 20.43 2.56 -6.91
CA VAL I 147 20.36 3.21 -8.21
C VAL I 147 21.54 4.14 -8.42
N PHE I 148 21.86 4.95 -7.40
CA PHE I 148 22.95 5.90 -7.55
C PHE I 148 24.31 5.23 -7.70
N ASP I 149 24.54 4.12 -7.00
CA ASP I 149 25.86 3.49 -7.06
C ASP I 149 25.96 2.36 -8.09
N LYS I 150 25.09 1.37 -7.97
CA LYS I 150 25.16 0.19 -8.82
C LYS I 150 24.47 0.33 -10.17
N GLY I 151 24.08 1.53 -10.56
CA GLY I 151 23.53 1.73 -11.89
C GLY I 151 22.16 1.16 -12.19
N LEU I 152 21.25 1.11 -11.23
CA LEU I 152 19.94 0.59 -11.59
C LEU I 152 19.16 1.66 -12.35
N ASN I 153 18.00 1.28 -12.86
CA ASN I 153 17.19 2.21 -13.62
C ASN I 153 16.41 3.11 -12.67
N ALA I 154 16.63 4.42 -12.76
CA ALA I 154 15.96 5.34 -11.85
C ALA I 154 14.46 5.38 -12.13
N ASP I 155 14.08 5.68 -13.37
CA ASP I 155 12.67 5.77 -13.72
C ASP I 155 11.91 4.49 -13.42
N SER I 156 12.59 3.36 -13.29
CA SER I 156 11.89 2.12 -12.98
C SER I 156 11.75 1.96 -11.47
N THR I 157 12.87 2.07 -10.76
CA THR I 157 12.83 1.96 -9.31
C THR I 157 11.85 2.92 -8.69
N GLU I 158 11.73 4.12 -9.27
CA GLU I 158 10.77 5.08 -8.71
C GLU I 158 9.34 4.57 -8.84
N GLN I 159 9.01 3.96 -9.97
CA GLN I 159 7.63 3.49 -10.13
C GLN I 159 7.40 2.15 -9.45
N ARG I 160 8.46 1.44 -9.10
CA ARG I 160 8.29 0.21 -8.36
C ARG I 160 8.18 0.53 -6.88
N LEU I 161 8.86 1.59 -6.46
CA LEU I 161 8.74 2.05 -5.09
C LEU I 161 7.38 2.65 -4.84
N HIS I 162 6.89 3.50 -5.75
CA HIS I 162 5.54 4.00 -5.54
C HIS I 162 4.51 2.93 -5.80
N LEU I 163 4.85 1.90 -6.56
CA LEU I 163 3.89 0.83 -6.76
C LEU I 163 3.73 0.03 -5.48
N ILE I 164 4.82 -0.24 -4.78
CA ILE I 164 4.73 -1.03 -3.55
C ILE I 164 4.21 -0.19 -2.40
N ALA I 165 4.62 1.07 -2.30
CA ALA I 165 4.16 1.92 -1.21
C ALA I 165 2.68 2.22 -1.29
N ARG I 166 2.07 2.04 -2.45
CA ARG I 166 0.67 2.35 -2.65
C ARG I 166 -0.26 1.18 -2.38
N GLN I 167 0.24 0.06 -1.86
CA GLN I 167 -0.61 -1.10 -1.68
C GLN I 167 -0.94 -1.39 -0.21
N ASN I 168 -1.82 -2.37 -0.07
CA ASN I 168 -2.35 -2.88 1.18
C ASN I 168 -1.39 -3.89 1.80
N LEU I 169 -1.65 -4.20 3.07
CA LEU I 169 -0.82 -5.12 3.84
C LEU I 169 -0.44 -6.38 3.06
N ASP I 170 -1.35 -6.91 2.24
CA ASP I 170 -1.00 -8.12 1.52
C ASP I 170 -0.19 -7.83 0.26
N GLY I 171 -0.30 -6.62 -0.28
CA GLY I 171 0.45 -6.30 -1.47
C GLY I 171 1.90 -6.05 -1.17
N VAL I 172 2.20 -5.61 0.05
CA VAL I 172 3.60 -5.40 0.39
C VAL I 172 4.29 -6.73 0.60
N HIS I 173 3.55 -7.75 1.02
CA HIS I 173 4.17 -9.04 1.22
C HIS I 173 4.28 -9.81 -0.08
N ARG I 174 3.36 -9.59 -1.02
CA ARG I 174 3.58 -10.29 -2.28
C ARG I 174 4.62 -9.57 -3.15
N HIS I 175 4.55 -8.25 -3.25
CA HIS I 175 5.54 -7.53 -4.07
C HIS I 175 6.91 -7.41 -3.41
N LEU I 176 6.98 -7.42 -2.09
CA LEU I 176 8.26 -7.20 -1.41
C LEU I 176 9.34 -8.24 -1.67
N PRO I 177 9.11 -9.54 -1.53
CA PRO I 177 10.22 -10.50 -1.62
C PRO I 177 11.08 -10.42 -2.86
N ARG I 178 10.50 -10.32 -4.05
CA ARG I 178 11.35 -10.22 -5.24
C ARG I 178 12.10 -8.90 -5.25
N LEU I 179 11.50 -7.82 -4.78
CA LEU I 179 12.21 -6.55 -4.76
C LEU I 179 13.42 -6.61 -3.84
N VAL I 180 13.25 -7.17 -2.64
CA VAL I 180 14.38 -7.21 -1.73
C VAL I 180 15.40 -8.23 -2.20
N LEU I 181 14.97 -9.32 -2.84
CA LEU I 181 15.96 -10.27 -3.33
C LEU I 181 16.70 -9.70 -4.53
N TYR I 182 16.08 -8.79 -5.27
CA TYR I 182 16.80 -8.13 -6.34
C TYR I 182 17.83 -7.17 -5.76
N LEU I 183 17.45 -6.48 -4.68
CA LEU I 183 18.41 -5.59 -4.06
C LEU I 183 19.58 -6.37 -3.49
N ARG I 184 19.32 -7.56 -2.95
CA ARG I 184 20.44 -8.33 -2.46
C ARG I 184 21.15 -9.02 -3.60
N SER I 185 20.53 -9.05 -4.77
CA SER I 185 21.23 -9.57 -5.94
C SER I 185 22.29 -8.57 -6.32
N ASP I 186 22.01 -7.29 -6.09
CA ASP I 186 23.00 -6.25 -6.32
C ASP I 186 23.79 -5.95 -5.05
N GLN I 187 23.66 -6.80 -4.04
CA GLN I 187 24.44 -6.73 -2.79
C GLN I 187 24.39 -5.37 -2.08
N VAL I 188 23.30 -4.62 -2.19
CA VAL I 188 23.22 -3.37 -1.46
C VAL I 188 23.04 -3.69 0.02
N HIS I 189 23.65 -2.92 0.89
CA HIS I 189 23.55 -3.22 2.32
C HIS I 189 22.20 -2.78 2.87
N ILE I 190 21.30 -3.73 3.03
CA ILE I 190 19.97 -3.48 3.54
C ILE I 190 19.94 -3.86 5.01
N ASP I 191 19.24 -3.07 5.82
CA ASP I 191 19.08 -3.34 7.23
C ASP I 191 17.82 -4.14 7.44
N TRP I 192 17.92 -5.25 8.16
CA TRP I 192 16.74 -6.10 8.29
C TRP I 192 15.84 -5.73 9.46
N GLY I 193 16.40 -5.36 10.61
CA GLY I 193 15.55 -5.04 11.75
C GLY I 193 14.58 -3.92 11.44
N ILE I 194 15.05 -2.89 10.74
CA ILE I 194 14.17 -1.80 10.39
C ILE I 194 13.13 -2.28 9.40
N LEU I 195 13.53 -3.15 8.48
CA LEU I 195 12.58 -3.65 7.51
C LEU I 195 11.44 -4.40 8.17
N ILE I 196 11.74 -5.22 9.17
CA ILE I 196 10.65 -5.95 9.79
C ILE I 196 9.79 -5.01 10.63
N ARG I 197 10.40 -4.22 11.53
CA ARG I 197 9.56 -3.34 12.34
C ARG I 197 8.70 -2.45 11.45
N ASP I 198 9.23 -2.07 10.29
CA ASP I 198 8.44 -1.29 9.35
C ASP I 198 7.23 -2.09 8.90
N LEU I 199 7.45 -3.31 8.44
CA LEU I 199 6.32 -4.14 8.05
C LEU I 199 5.35 -4.33 9.21
N ALA I 200 5.87 -4.34 10.43
CA ALA I 200 5.01 -4.48 11.60
C ALA I 200 4.10 -3.27 11.73
N ARG I 201 4.62 -2.08 11.48
CA ARG I 201 3.79 -0.89 11.56
C ARG I 201 3.07 -0.62 10.26
N TRP I 202 3.17 -1.55 9.32
CA TRP I 202 2.54 -1.35 8.03
C TRP I 202 1.05 -1.66 8.08
N GLY I 203 0.59 -2.27 9.18
CA GLY I 203 -0.79 -2.69 9.31
C GLY I 203 -1.76 -1.78 9.99
N HIS I 204 -1.35 -0.66 10.56
CA HIS I 204 -2.34 0.17 11.22
C HIS I 204 -2.80 1.32 10.34
N THR I 205 -1.93 1.82 9.47
CA THR I 205 -2.35 2.83 8.55
C THR I 205 -1.40 2.70 7.36
N PRO I 206 -1.90 2.69 6.15
CA PRO I 206 -1.02 2.57 4.98
C PRO I 206 -0.49 3.94 4.57
N ARG I 207 -0.15 4.78 5.53
CA ARG I 207 0.36 6.10 5.22
C ARG I 207 1.62 6.42 6.01
N HIS I 208 1.76 5.84 7.20
CA HIS I 208 2.84 6.22 8.07
C HIS I 208 4.12 5.44 7.81
N VAL I 209 4.12 4.49 6.90
CA VAL I 209 5.34 3.73 6.64
C VAL I 209 5.70 3.91 5.18
N ALA I 210 4.68 4.14 4.34
CA ALA I 210 4.94 4.39 2.93
C ALA I 210 5.57 5.76 2.71
N ARG I 211 4.88 6.81 3.17
CA ARG I 211 5.37 8.18 2.99
C ARG I 211 6.79 8.36 3.48
N GLU I 212 7.20 7.64 4.50
CA GLU I 212 8.55 7.85 4.98
C GLU I 212 9.57 7.11 4.13
N TRP I 213 9.17 6.01 3.50
CA TRP I 213 10.10 5.35 2.59
C TRP I 213 10.23 6.16 1.31
N VAL I 214 9.13 6.70 0.80
CA VAL I 214 9.21 7.48 -0.43
C VAL I 214 9.98 8.76 -0.22
N GLN I 215 9.64 9.48 0.85
CA GLN I 215 10.34 10.74 1.08
C GLN I 215 11.78 10.48 1.45
N ASP I 216 12.05 9.39 2.15
CA ASP I 216 13.43 9.11 2.53
C ASP I 216 14.23 8.71 1.29
N TYR I 217 13.60 7.98 0.38
CA TYR I 217 14.26 7.60 -0.87
C TYR I 217 14.63 8.82 -1.69
N HIS I 218 13.66 9.70 -1.95
CA HIS I 218 13.99 10.87 -2.74
C HIS I 218 15.00 11.75 -2.02
N ARG I 219 14.81 11.97 -0.71
CA ARG I 219 15.76 12.76 0.06
C ARG I 219 17.18 12.26 -0.14
N THR I 220 17.40 10.98 0.13
CA THR I 220 18.76 10.48 -0.03
C THR I 220 19.21 10.48 -1.48
N LEU I 221 18.29 10.44 -2.46
CA LEU I 221 18.76 10.56 -3.83
C LEU I 221 19.32 11.93 -4.11
N GLU I 222 18.58 12.98 -3.76
CA GLU I 222 19.11 14.30 -4.05
C GLU I 222 20.25 14.66 -3.12
N THR I 223 20.44 13.96 -2.01
CA THR I 223 21.61 14.29 -1.23
C THR I 223 22.82 13.61 -1.84
N LEU I 224 22.62 12.44 -2.43
CA LEU I 224 23.74 11.77 -3.09
C LEU I 224 24.09 12.46 -4.39
N THR I 225 23.13 13.16 -5.00
CA THR I 225 23.45 13.87 -6.22
C THR I 225 24.06 15.23 -5.90
N ARG I 226 23.53 15.93 -4.89
CA ARG I 226 24.11 17.21 -4.54
C ARG I 226 25.52 17.02 -4.00
N GLN I 227 25.77 15.89 -3.33
CA GLN I 227 27.08 15.60 -2.78
C GLN I 227 28.08 15.20 -3.86
N ALA I 228 27.65 15.08 -5.11
CA ALA I 228 28.54 14.70 -6.21
C ALA I 228 29.01 15.90 -7.01
N GLU I 229 29.15 17.06 -6.37
CA GLU I 229 29.62 18.25 -7.06
C GLU I 229 31.05 18.08 -7.55
N SER K 3 -17.07 -18.44 19.08
CA SER K 3 -16.37 -19.73 19.05
C SER K 3 -16.33 -20.35 20.44
N ASP K 4 -16.68 -19.57 21.46
CA ASP K 4 -16.69 -20.04 22.83
C ASP K 4 -17.94 -20.87 23.13
N TYR K 5 -18.97 -20.70 22.32
CA TYR K 5 -20.22 -21.41 22.52
C TYR K 5 -20.03 -22.91 22.40
N ILE K 6 -18.96 -23.33 21.72
CA ILE K 6 -18.67 -24.75 21.62
C ILE K 6 -17.77 -25.16 22.79
N LEU K 7 -16.94 -24.23 23.25
CA LEU K 7 -16.03 -24.54 24.35
C LEU K 7 -16.79 -24.84 25.61
N GLN K 8 -17.81 -24.04 25.94
CA GLN K 8 -18.52 -24.30 27.20
C GLN K 8 -19.24 -25.65 27.16
N HIS K 9 -19.93 -25.96 26.06
CA HIS K 9 -20.57 -27.26 25.98
C HIS K 9 -19.54 -28.37 26.10
N ALA K 10 -18.39 -28.19 25.46
CA ALA K 10 -17.35 -29.20 25.54
C ALA K 10 -16.84 -29.36 26.96
N ASP K 11 -16.87 -28.29 27.73
CA ASP K 11 -16.39 -28.37 29.11
C ASP K 11 -17.39 -29.16 29.95
N ALA K 12 -18.67 -28.84 29.82
CA ALA K 12 -19.68 -29.62 30.54
C ALA K 12 -19.54 -31.09 30.19
N LEU K 13 -19.32 -31.38 28.91
CA LEU K 13 -19.18 -32.77 28.49
C LEU K 13 -17.96 -33.41 29.11
N VAL K 14 -16.84 -32.70 29.18
CA VAL K 14 -15.64 -33.34 29.71
C VAL K 14 -15.78 -33.60 31.19
N LYS K 15 -16.45 -32.74 31.94
CA LYS K 15 -16.54 -33.04 33.36
C LYS K 15 -17.54 -34.17 33.58
N ARG K 16 -18.68 -34.11 32.92
CA ARG K 16 -19.69 -35.15 33.12
C ARG K 16 -19.16 -36.50 32.67
N VAL K 17 -18.40 -36.53 31.57
CA VAL K 17 -17.83 -37.79 31.10
C VAL K 17 -16.72 -38.25 32.02
N SER K 18 -15.91 -37.35 32.59
CA SER K 18 -14.87 -37.80 33.49
C SER K 18 -15.45 -38.46 34.73
N LYS K 19 -16.42 -37.79 35.35
CA LYS K 19 -17.04 -38.39 36.53
C LYS K 19 -17.79 -39.65 36.16
N LEU K 20 -18.38 -39.69 34.96
CA LEU K 20 -19.10 -40.89 34.54
C LEU K 20 -18.16 -42.06 34.28
N ILE K 21 -16.95 -41.82 33.79
CA ILE K 21 -16.08 -42.95 33.52
C ILE K 21 -15.46 -43.46 34.80
N VAL K 22 -15.17 -42.59 35.77
CA VAL K 22 -14.62 -43.16 36.99
C VAL K 22 -15.73 -43.79 37.82
N ASN K 23 -16.95 -43.27 37.72
CA ASN K 23 -18.07 -43.79 38.50
C ASN K 23 -18.65 -45.09 37.95
N GLU K 24 -19.15 -45.07 36.71
CA GLU K 24 -19.83 -46.23 36.15
C GLU K 24 -18.97 -46.94 35.12
N PRO K 25 -18.51 -48.17 35.39
CA PRO K 25 -17.67 -48.85 34.40
C PRO K 25 -18.42 -49.30 33.16
N ALA K 26 -19.72 -49.54 33.28
CA ALA K 26 -20.51 -50.00 32.14
C ALA K 26 -20.44 -49.00 31.00
N ALA K 27 -20.89 -47.77 31.24
CA ALA K 27 -20.85 -46.76 30.19
C ALA K 27 -19.43 -46.41 29.80
N ARG K 28 -18.46 -46.66 30.68
CA ARG K 28 -17.07 -46.39 30.33
C ARG K 28 -16.60 -47.35 29.24
N ALA K 29 -16.72 -48.64 29.49
CA ALA K 29 -16.36 -49.61 28.47
C ALA K 29 -17.26 -49.50 27.25
N ALA K 30 -18.49 -49.01 27.42
CA ALA K 30 -19.37 -48.87 26.28
C ALA K 30 -19.00 -47.68 25.40
N LEU K 31 -18.43 -46.63 25.98
CA LEU K 31 -18.00 -45.52 25.15
C LEU K 31 -16.59 -45.76 24.61
N ARG K 32 -15.83 -46.63 25.26
CA ARG K 32 -14.46 -46.90 24.86
C ARG K 32 -14.37 -47.72 23.58
N ARG K 33 -15.41 -48.49 23.27
CA ARG K 33 -15.39 -49.40 22.12
C ARG K 33 -15.27 -48.69 20.79
N GLY K 34 -15.44 -47.38 20.73
CA GLY K 34 -15.34 -46.70 19.46
C GLY K 34 -14.00 -46.07 19.18
N VAL K 35 -13.35 -45.58 20.23
CA VAL K 35 -12.06 -44.86 20.20
C VAL K 35 -12.04 -43.83 19.08
N MET K 44 -21.39 -47.20 17.62
CA MET K 44 -21.21 -45.96 18.36
C MET K 44 -22.52 -45.51 19.00
N LEU K 45 -23.50 -46.42 19.03
CA LEU K 45 -24.80 -46.12 19.63
C LEU K 45 -24.67 -45.49 21.01
N ALA K 46 -23.68 -45.94 21.80
CA ALA K 46 -23.47 -45.38 23.13
C ALA K 46 -23.28 -43.88 23.06
N ALA K 47 -22.54 -43.40 22.07
CA ALA K 47 -22.40 -41.96 21.90
C ALA K 47 -23.75 -41.32 21.62
N HIS K 48 -24.53 -41.95 20.75
CA HIS K 48 -25.86 -41.43 20.43
C HIS K 48 -26.73 -41.33 21.68
N ARG K 49 -26.45 -42.13 22.70
CA ARG K 49 -27.26 -42.07 23.92
C ARG K 49 -26.57 -41.40 25.09
N VAL K 50 -25.34 -40.91 24.96
CA VAL K 50 -24.62 -40.30 26.07
C VAL K 50 -24.18 -38.87 25.74
N VAL K 51 -23.49 -38.69 24.62
CA VAL K 51 -22.99 -37.35 24.29
C VAL K 51 -23.93 -36.55 23.41
N ALA K 52 -24.98 -37.18 22.87
CA ALA K 52 -25.92 -36.45 22.02
C ALA K 52 -26.52 -35.21 22.66
N PRO K 53 -26.82 -35.16 23.97
CA PRO K 53 -27.39 -33.94 24.52
C PRO K 53 -26.38 -32.83 24.72
N TYR K 54 -25.13 -33.02 24.31
CA TYR K 54 -24.09 -32.01 24.45
C TYR K 54 -23.59 -31.52 23.11
N VAL K 55 -24.45 -31.51 22.08
CA VAL K 55 -24.06 -31.06 20.76
C VAL K 55 -25.10 -30.09 20.23
N PRO K 56 -24.72 -28.86 19.86
CA PRO K 56 -25.66 -27.87 19.33
C PRO K 56 -26.09 -28.17 17.89
N VAL K 74 -22.84 -28.72 10.69
CA VAL K 74 -21.65 -29.48 10.34
C VAL K 74 -21.47 -30.62 11.32
N HIS K 75 -21.42 -31.84 10.79
CA HIS K 75 -21.24 -33.00 11.64
C HIS K 75 -19.81 -33.16 12.11
N ALA K 76 -18.86 -32.40 11.57
CA ALA K 76 -17.49 -32.51 12.04
C ALA K 76 -17.37 -32.07 13.48
N VAL K 77 -18.31 -31.26 13.95
CA VAL K 77 -18.30 -30.84 15.34
C VAL K 77 -18.77 -31.99 16.22
N GLU K 78 -19.87 -32.62 15.81
CA GLU K 78 -20.41 -33.75 16.57
C GLU K 78 -19.38 -34.87 16.66
N ARG K 79 -18.73 -35.19 15.54
CA ARG K 79 -17.69 -36.21 15.63
C ARG K 79 -16.53 -35.70 16.47
N ALA K 80 -16.29 -34.40 16.47
CA ALA K 80 -15.26 -33.87 17.35
C ALA K 80 -15.62 -34.08 18.81
N PHE K 81 -16.92 -34.14 19.12
CA PHE K 81 -17.31 -34.41 20.50
C PHE K 81 -17.21 -35.88 20.86
N TYR K 82 -17.93 -36.75 20.15
CA TYR K 82 -17.89 -38.14 20.61
C TYR K 82 -16.53 -38.78 20.40
N ALA K 83 -15.77 -38.37 19.40
CA ALA K 83 -14.45 -38.97 19.20
C ALA K 83 -13.55 -38.74 20.40
N VAL K 84 -13.48 -37.49 20.88
CA VAL K 84 -12.65 -37.21 22.03
C VAL K 84 -13.28 -37.78 23.28
N ALA K 85 -14.61 -37.98 23.28
CA ALA K 85 -15.23 -38.62 24.43
C ALA K 85 -14.72 -40.04 24.56
N ALA K 86 -14.68 -40.77 23.44
CA ALA K 86 -14.14 -42.12 23.46
C ALA K 86 -12.67 -42.13 23.86
N ILE K 87 -11.90 -41.19 23.33
CA ILE K 87 -10.49 -41.12 23.74
C ILE K 87 -10.42 -40.88 25.24
N MET K 88 -11.38 -40.15 25.79
CA MET K 88 -11.42 -39.89 27.21
C MET K 88 -11.69 -41.16 28.00
N ALA K 89 -12.62 -41.98 27.52
CA ALA K 89 -12.94 -43.23 28.20
C ALA K 89 -11.87 -44.30 28.01
N ALA K 90 -10.97 -44.13 27.04
CA ALA K 90 -9.94 -45.14 26.79
C ALA K 90 -8.63 -44.83 27.49
N GLN K 91 -8.64 -44.08 28.47
CA GLN K 91 -7.34 -43.84 29.04
C GLN K 91 -7.07 -44.77 30.22
N PRO K 92 -5.81 -45.10 30.46
CA PRO K 92 -5.46 -45.99 31.57
C PRO K 92 -5.92 -45.45 32.92
N ARG K 93 -6.16 -46.36 33.85
CA ARG K 93 -6.67 -45.99 35.17
C ARG K 93 -5.77 -44.97 35.85
N SER K 94 -4.45 -45.19 35.81
CA SER K 94 -3.51 -44.28 36.45
C SER K 94 -3.82 -42.83 36.08
N ALA K 95 -4.02 -42.57 34.81
CA ALA K 95 -4.39 -41.23 34.39
C ALA K 95 -5.89 -41.05 34.35
N ARG K 96 -6.66 -42.06 34.74
CA ARG K 96 -8.10 -41.97 34.70
C ARG K 96 -8.70 -41.47 36.00
N ASP K 97 -8.05 -41.72 37.14
CA ASP K 97 -8.61 -41.31 38.41
C ASP K 97 -8.36 -39.85 38.76
N GLN K 98 -7.44 -39.17 38.08
CA GLN K 98 -7.19 -37.76 38.39
C GLN K 98 -8.35 -36.90 37.92
N ARG K 136 -5.76 -20.93 28.79
CA ARG K 136 -5.78 -22.38 28.93
C ARG K 136 -4.91 -22.98 27.84
N PRO K 137 -3.90 -23.76 28.24
CA PRO K 137 -2.99 -24.34 27.26
C PRO K 137 -3.65 -25.38 26.38
N ASN K 138 -3.31 -25.33 25.09
CA ASN K 138 -3.83 -26.23 24.08
C ASN K 138 -2.99 -27.50 24.07
N LEU K 139 -3.12 -28.30 23.01
CA LEU K 139 -2.35 -29.54 22.98
C LEU K 139 -0.88 -29.30 22.68
N GLY K 140 -0.54 -28.18 22.05
CA GLY K 140 0.86 -27.89 21.84
C GLY K 140 1.60 -27.73 23.14
N VAL K 141 1.04 -26.95 24.07
CA VAL K 141 1.66 -26.79 25.36
C VAL K 141 1.73 -28.12 26.07
N SER K 142 0.67 -28.92 25.96
CA SER K 142 0.67 -30.22 26.61
C SER K 142 1.83 -31.07 26.13
N LEU K 143 2.09 -31.07 24.82
CA LEU K 143 3.21 -31.88 24.33
C LEU K 143 4.55 -31.30 24.76
N ALA K 144 4.67 -29.97 24.79
CA ALA K 144 5.94 -29.41 25.24
C ALA K 144 6.19 -29.73 26.69
N GLN K 145 5.15 -29.65 27.50
CA GLN K 145 5.26 -29.92 28.93
C GLN K 145 5.56 -31.39 29.16
N ALA K 146 5.06 -32.25 28.29
CA ALA K 146 5.34 -33.67 28.40
C ALA K 146 6.78 -33.95 28.02
N VAL K 147 7.27 -33.31 26.96
CA VAL K 147 8.62 -33.58 26.48
C VAL K 147 9.66 -33.11 27.47
N PHE K 148 9.56 -31.87 27.93
CA PHE K 148 10.58 -31.38 28.85
C PHE K 148 10.55 -32.12 30.17
N ASP K 149 9.38 -32.19 30.80
CA ASP K 149 9.27 -32.76 32.13
C ASP K 149 9.43 -34.28 32.15
N LYS K 150 8.58 -34.99 31.40
CA LYS K 150 8.49 -36.44 31.50
C LYS K 150 9.35 -37.21 30.51
N GLY K 151 10.48 -36.64 30.08
CA GLY K 151 11.45 -37.32 29.26
C GLY K 151 11.09 -37.75 27.85
N LEU K 152 9.94 -37.34 27.31
CA LEU K 152 9.64 -37.71 25.94
C LEU K 152 10.71 -37.13 25.01
N ASN K 153 10.95 -37.83 23.90
CA ASN K 153 11.97 -37.39 22.96
C ASN K 153 11.49 -36.24 22.11
N ALA K 154 12.36 -35.25 21.95
CA ALA K 154 12.02 -34.07 21.16
C ALA K 154 11.92 -34.41 19.68
N ASP K 155 12.94 -35.05 19.13
CA ASP K 155 12.95 -35.37 17.71
C ASP K 155 11.83 -36.33 17.30
N SER K 156 11.14 -36.94 18.26
CA SER K 156 10.04 -37.82 17.93
C SER K 156 8.70 -37.13 18.05
N THR K 157 8.49 -36.33 19.09
CA THR K 157 7.23 -35.64 19.22
C THR K 157 7.12 -34.50 18.23
N GLU K 158 8.26 -33.93 17.83
CA GLU K 158 8.23 -32.91 16.79
C GLU K 158 7.75 -33.52 15.50
N GLN K 159 8.35 -34.64 15.12
CA GLN K 159 7.97 -35.34 13.91
C GLN K 159 6.50 -35.75 13.97
N ARG K 160 6.03 -36.15 15.16
CA ARG K 160 4.63 -36.52 15.28
C ARG K 160 3.72 -35.30 15.16
N LEU K 161 4.13 -34.14 15.67
CA LEU K 161 3.30 -32.96 15.53
C LEU K 161 3.23 -32.48 14.10
N HIS K 162 4.33 -32.59 13.37
CA HIS K 162 4.25 -32.20 11.98
C HIS K 162 3.36 -33.17 11.23
N LEU K 163 3.53 -34.47 11.51
CA LEU K 163 2.70 -35.50 10.92
C LEU K 163 1.21 -35.25 11.15
N ILE K 164 0.85 -34.75 12.33
CA ILE K 164 -0.57 -34.53 12.62
C ILE K 164 -1.02 -33.20 12.05
N ALA K 165 -0.17 -32.18 12.11
CA ALA K 165 -0.53 -30.85 11.65
C ALA K 165 -0.61 -30.76 10.14
N ARG K 166 -0.10 -31.75 9.42
CA ARG K 166 -0.16 -31.70 7.96
C ARG K 166 -1.41 -32.33 7.39
N GLN K 167 -2.08 -33.20 8.14
CA GLN K 167 -3.19 -33.92 7.55
C GLN K 167 -4.48 -33.12 7.53
N ASN K 168 -5.46 -33.72 6.87
CA ASN K 168 -6.80 -33.18 6.69
C ASN K 168 -7.65 -33.52 7.90
N LEU K 169 -8.96 -33.30 7.78
CA LEU K 169 -9.87 -33.57 8.87
C LEU K 169 -9.90 -35.05 9.24
N ASP K 170 -10.13 -35.91 8.25
CA ASP K 170 -10.22 -37.33 8.56
C ASP K 170 -8.89 -37.94 8.99
N GLY K 171 -7.79 -37.22 8.86
CA GLY K 171 -6.51 -37.74 9.27
C GLY K 171 -6.22 -37.55 10.75
N VAL K 172 -6.57 -36.38 11.26
CA VAL K 172 -6.31 -36.09 12.66
C VAL K 172 -7.07 -37.04 13.57
N HIS K 173 -8.25 -37.50 13.16
CA HIS K 173 -8.93 -38.44 14.03
C HIS K 173 -8.31 -39.82 13.97
N ARG K 174 -7.46 -40.07 12.98
CA ARG K 174 -6.81 -41.36 12.83
C ARG K 174 -5.44 -41.40 13.51
N HIS K 175 -4.69 -40.30 13.49
CA HIS K 175 -3.38 -40.28 14.11
C HIS K 175 -3.37 -39.60 15.48
N LEU K 176 -4.47 -38.99 15.87
CA LEU K 176 -4.55 -38.31 17.16
C LEU K 176 -4.78 -39.21 18.38
N PRO K 177 -5.70 -40.17 18.34
CA PRO K 177 -5.93 -40.98 19.55
C PRO K 177 -4.71 -41.66 20.11
N ARG K 178 -3.86 -42.23 19.25
CA ARG K 178 -2.68 -42.91 19.76
C ARG K 178 -1.74 -41.96 20.49
N LEU K 179 -1.51 -40.79 19.91
CA LEU K 179 -0.60 -39.84 20.54
C LEU K 179 -1.19 -39.24 21.81
N VAL K 180 -2.50 -38.95 21.80
CA VAL K 180 -3.10 -38.36 23.00
C VAL K 180 -3.11 -39.37 24.13
N LEU K 181 -3.45 -40.61 23.82
CA LEU K 181 -3.43 -41.65 24.82
C LEU K 181 -2.02 -41.87 25.34
N TYR K 182 -1.03 -41.86 24.45
CA TYR K 182 0.35 -42.07 24.87
C TYR K 182 0.86 -40.96 25.76
N LEU K 183 0.52 -39.71 25.45
CA LEU K 183 1.01 -38.66 26.33
C LEU K 183 0.22 -38.70 27.62
N ARG K 184 -1.01 -39.20 27.55
CA ARG K 184 -1.84 -39.27 28.74
C ARG K 184 -1.34 -40.34 29.69
N SER K 185 -0.64 -41.35 29.16
CA SER K 185 -0.09 -42.41 30.00
C SER K 185 0.97 -41.93 30.97
N ASP K 186 1.28 -40.63 30.97
CA ASP K 186 2.25 -40.04 31.87
C ASP K 186 1.62 -38.98 32.77
N GLN K 187 0.29 -38.99 32.88
CA GLN K 187 -0.44 -38.06 33.72
C GLN K 187 -0.23 -36.61 33.28
N VAL K 188 -0.33 -36.37 31.99
CA VAL K 188 -0.19 -35.02 31.46
C VAL K 188 -1.56 -34.39 31.40
N HIS K 189 -1.64 -33.09 31.69
CA HIS K 189 -2.92 -32.39 31.74
C HIS K 189 -3.31 -31.83 30.38
N ILE K 190 -4.38 -32.38 29.81
CA ILE K 190 -4.91 -31.95 28.53
C ILE K 190 -6.20 -31.19 28.78
N ASP K 191 -6.23 -29.91 28.44
CA ASP K 191 -7.48 -29.19 28.66
C ASP K 191 -8.44 -29.70 27.59
N TRP K 192 -9.12 -30.81 27.91
CA TRP K 192 -9.98 -31.46 26.93
C TRP K 192 -10.98 -30.53 26.28
N GLY K 193 -11.44 -29.51 27.01
CA GLY K 193 -12.39 -28.59 26.43
C GLY K 193 -11.88 -27.95 25.15
N ILE K 194 -10.75 -27.25 25.27
CA ILE K 194 -10.18 -26.63 24.09
C ILE K 194 -9.74 -27.67 23.10
N LEU K 195 -9.48 -28.89 23.53
CA LEU K 195 -9.15 -29.90 22.53
C LEU K 195 -10.37 -30.19 21.68
N ILE K 196 -11.56 -30.11 22.29
CA ILE K 196 -12.79 -30.35 21.54
C ILE K 196 -13.09 -29.17 20.66
N ARG K 197 -12.79 -27.96 21.12
CA ARG K 197 -13.06 -26.86 20.21
C ARG K 197 -11.97 -26.78 19.15
N ASP K 198 -10.84 -27.44 19.36
CA ASP K 198 -9.79 -27.46 18.35
C ASP K 198 -10.17 -28.43 17.26
N LEU K 199 -10.57 -29.65 17.63
CA LEU K 199 -11.02 -30.59 16.62
C LEU K 199 -12.28 -30.09 15.95
N ALA K 200 -13.05 -29.23 16.62
CA ALA K 200 -14.21 -28.65 15.97
C ALA K 200 -13.77 -27.58 15.00
N ARG K 201 -12.81 -26.76 15.43
CA ARG K 201 -12.20 -25.71 14.63
C ARG K 201 -11.42 -26.28 13.46
N TRP K 202 -11.16 -27.59 13.47
CA TRP K 202 -10.40 -28.21 12.39
C TRP K 202 -11.17 -28.18 11.10
N GLY K 203 -12.50 -28.12 11.18
CA GLY K 203 -13.37 -28.06 10.02
C GLY K 203 -13.46 -26.66 9.44
N HIS K 204 -13.53 -25.67 10.31
CA HIS K 204 -13.63 -24.28 9.86
C HIS K 204 -12.33 -23.85 9.22
N THR K 205 -11.21 -24.09 9.89
CA THR K 205 -9.92 -23.72 9.33
C THR K 205 -8.85 -24.66 9.86
N PRO K 206 -8.40 -25.61 9.04
CA PRO K 206 -7.42 -26.59 9.48
C PRO K 206 -6.01 -26.09 9.74
N ARG K 207 -5.44 -25.42 8.75
CA ARG K 207 -4.04 -25.01 8.89
C ARG K 207 -3.86 -23.95 9.94
N HIS K 208 -4.92 -23.23 10.30
CA HIS K 208 -4.78 -22.20 11.33
C HIS K 208 -4.59 -22.83 12.69
N VAL K 209 -5.43 -23.81 13.04
CA VAL K 209 -5.27 -24.47 14.33
C VAL K 209 -3.98 -25.28 14.34
N ALA K 210 -3.66 -25.97 13.24
CA ALA K 210 -2.41 -26.71 13.21
C ALA K 210 -1.24 -25.77 13.46
N ARG K 211 -1.29 -24.58 12.86
CA ARG K 211 -0.26 -23.58 13.11
C ARG K 211 -0.17 -23.28 14.58
N GLU K 212 -1.31 -23.00 15.20
CA GLU K 212 -1.32 -22.70 16.62
C GLU K 212 -0.65 -23.81 17.42
N TRP K 213 -0.91 -25.07 17.06
CA TRP K 213 -0.30 -26.18 17.80
C TRP K 213 1.21 -26.22 17.65
N VAL K 214 1.72 -26.19 16.41
CA VAL K 214 3.16 -26.33 16.22
C VAL K 214 3.90 -25.12 16.78
N GLN K 215 3.48 -23.91 16.40
CA GLN K 215 4.21 -22.74 16.87
C GLN K 215 4.05 -22.57 18.37
N ASP K 216 2.92 -23.01 18.90
CA ASP K 216 2.71 -22.92 20.34
C ASP K 216 3.64 -23.89 21.05
N TYR K 217 3.73 -25.11 20.54
CA TYR K 217 4.65 -26.12 21.05
C TYR K 217 6.08 -25.60 21.11
N HIS K 218 6.63 -25.20 19.97
CA HIS K 218 8.02 -24.74 19.99
C HIS K 218 8.17 -23.51 20.89
N ARG K 219 7.21 -22.59 20.82
CA ARG K 219 7.26 -21.39 21.65
C ARG K 219 7.42 -21.72 23.12
N THR K 220 6.48 -22.48 23.68
CA THR K 220 6.57 -22.79 25.10
C THR K 220 7.71 -23.74 25.43
N LEU K 221 8.17 -24.54 24.47
CA LEU K 221 9.30 -25.42 24.77
C LEU K 221 10.57 -24.62 24.96
N GLU K 222 10.82 -23.65 24.08
CA GLU K 222 12.05 -22.89 24.24
C GLU K 222 11.91 -21.87 25.34
N THR K 223 10.67 -21.43 25.61
CA THR K 223 10.47 -20.47 26.69
C THR K 223 10.70 -21.12 28.03
N LEU K 224 10.20 -22.34 28.19
CA LEU K 224 10.43 -23.04 29.45
C LEU K 224 11.90 -23.46 29.55
N THR K 225 12.50 -23.83 28.42
CA THR K 225 13.90 -24.24 28.44
C THR K 225 14.81 -23.10 28.89
N ARG K 226 14.69 -21.93 28.27
CA ARG K 226 15.53 -20.83 28.72
C ARG K 226 15.13 -20.38 30.10
N GLN K 227 13.87 -20.59 30.46
CA GLN K 227 13.36 -20.24 31.78
C GLN K 227 13.97 -21.13 32.86
N ALA K 228 14.46 -22.30 32.49
CA ALA K 228 15.06 -23.23 33.44
C ALA K 228 16.52 -22.94 33.73
N GLU K 229 17.09 -21.88 33.18
CA GLU K 229 18.50 -21.58 33.46
C GLU K 229 18.73 -20.08 33.57
N SER M 2 -28.16 30.99 40.00
CA SER M 2 -28.88 30.94 38.73
C SER M 2 -27.93 30.67 37.58
N GLY M 3 -28.49 30.38 36.41
CA GLY M 3 -27.71 30.12 35.23
C GLY M 3 -27.88 28.69 34.74
N PHE M 4 -27.30 28.44 33.57
CA PHE M 4 -27.35 27.13 32.94
C PHE M 4 -26.12 26.95 32.07
N LEU M 5 -25.87 25.70 31.68
CA LEU M 5 -24.66 25.34 30.95
C LEU M 5 -24.97 24.85 29.55
N LEU M 6 -24.80 25.71 28.56
CA LEU M 6 -24.96 25.23 27.19
C LEU M 6 -23.78 24.37 26.83
N ARG M 7 -24.00 23.43 25.93
CA ARG M 7 -22.95 22.56 25.43
C ARG M 7 -22.83 22.83 23.94
N LEU M 8 -21.86 23.65 23.58
CA LEU M 8 -21.68 24.03 22.18
C LEU M 8 -20.89 22.91 21.53
N ALA M 9 -21.55 22.11 20.70
CA ALA M 9 -20.89 21.01 20.03
C ALA M 9 -21.63 20.69 18.74
N GLY M 10 -21.20 19.63 18.08
CA GLY M 10 -21.81 19.22 16.85
C GLY M 10 -20.78 19.10 15.75
N PRO M 11 -21.25 18.90 14.55
CA PRO M 11 -20.34 18.76 13.41
C PRO M 11 -19.55 20.02 13.11
N MET M 12 -20.20 21.18 12.99
CA MET M 12 -19.46 22.38 12.65
C MET M 12 -19.99 23.60 13.39
N GLN M 13 -19.08 24.52 13.68
CA GLN M 13 -19.36 25.78 14.35
C GLN M 13 -18.59 26.88 13.65
N SER M 14 -19.18 28.05 13.51
CA SER M 14 -18.43 29.14 12.90
C SER M 14 -18.95 30.48 13.40
N TRP M 15 -18.31 31.05 14.42
CA TRP M 15 -18.71 32.36 14.89
C TRP M 15 -17.88 33.39 14.14
N GLY M 16 -18.53 34.10 13.23
CA GLY M 16 -17.85 35.07 12.41
C GLY M 16 -17.62 36.42 13.06
N GLU M 17 -16.76 37.19 12.44
CA GLU M 17 -16.40 38.51 12.92
C GLU M 17 -15.51 39.21 11.88
N HIS M 18 -15.55 40.54 11.88
CA HIS M 18 -14.75 41.41 11.04
C HIS M 18 -14.70 40.97 9.59
N SER M 19 -15.80 40.46 9.04
CA SER M 19 -15.81 40.02 7.64
C SER M 19 -17.08 40.50 6.97
N MET M 20 -16.96 41.55 6.16
CA MET M 20 -18.09 42.12 5.45
C MET M 20 -17.94 41.97 3.94
N PHE M 21 -17.31 40.88 3.51
CA PHE M 21 -17.06 40.64 2.11
C PHE M 21 -17.22 39.16 1.84
N GLY M 22 -16.75 38.73 0.67
CA GLY M 22 -16.85 37.35 0.28
C GLY M 22 -16.20 36.44 1.29
N GLU M 23 -14.92 36.68 1.56
CA GLU M 23 -14.18 35.87 2.51
C GLU M 23 -14.73 36.01 3.92
N ARG M 24 -15.24 34.91 4.47
CA ARG M 24 -15.78 34.89 5.83
C ARG M 24 -14.85 34.07 6.70
N ASP M 25 -14.68 34.50 7.95
CA ASP M 25 -13.79 33.80 8.86
C ASP M 25 -14.47 33.62 10.21
N THR M 26 -13.92 32.71 11.00
CA THR M 26 -14.45 32.44 12.32
C THR M 26 -13.34 32.50 13.36
N LEU M 27 -13.74 32.62 14.54
CA LEU M 27 -12.95 32.69 15.76
C LEU M 27 -12.70 31.30 16.31
N PRO M 28 -11.59 31.11 17.04
CA PRO M 28 -11.30 29.79 17.62
C PRO M 28 -12.07 29.49 18.88
N TYR M 29 -13.12 30.26 19.15
CA TYR M 29 -13.96 30.16 20.33
C TYR M 29 -15.23 30.93 20.05
N PRO M 30 -16.32 30.62 20.73
CA PRO M 30 -17.57 31.33 20.44
C PRO M 30 -17.52 32.77 20.87
N SER M 31 -18.35 33.57 20.23
CA SER M 31 -18.47 35.00 20.47
C SER M 31 -19.87 35.27 21.02
N ARG M 32 -19.96 36.16 22.02
CA ARG M 32 -21.25 36.42 22.64
C ARG M 32 -22.27 36.93 21.64
N SER M 33 -21.85 37.62 20.59
CA SER M 33 -22.82 38.08 19.61
C SER M 33 -23.56 36.91 19.00
N GLY M 34 -22.86 35.83 18.71
CA GLY M 34 -23.47 34.66 18.12
C GLY M 34 -24.49 34.00 19.02
N LEU M 35 -24.05 33.60 20.21
CA LEU M 35 -24.94 32.88 21.10
C LEU M 35 -26.01 33.78 21.69
N ILE M 36 -25.80 35.10 21.68
CA ILE M 36 -26.86 35.97 22.14
C ILE M 36 -27.84 36.11 21.02
N GLY M 37 -27.37 35.95 19.79
CA GLY M 37 -28.27 35.90 18.67
C GLY M 37 -29.09 34.64 18.73
N MET M 38 -28.50 33.56 19.25
CA MET M 38 -29.23 32.30 19.37
C MET M 38 -30.29 32.39 20.45
N PHE M 39 -29.96 32.98 21.60
CA PHE M 39 -31.00 33.15 22.61
C PHE M 39 -32.11 34.02 22.06
N ALA M 40 -31.73 35.11 21.40
CA ALA M 40 -32.71 36.00 20.80
C ALA M 40 -33.55 35.28 19.77
N ALA M 41 -32.97 34.31 19.06
CA ALA M 41 -33.75 33.52 18.12
C ALA M 41 -34.63 32.52 18.82
N ALA M 42 -34.28 32.14 20.04
CA ALA M 42 -35.06 31.20 20.81
C ALA M 42 -36.19 31.87 21.55
N GLN M 43 -36.16 33.19 21.68
CA GLN M 43 -37.21 33.91 22.37
C GLN M 43 -38.14 34.63 21.43
N GLY M 44 -37.81 34.70 20.14
CA GLY M 44 -38.71 35.31 19.18
C GLY M 44 -38.61 36.80 18.97
N VAL M 45 -37.43 37.40 19.05
CA VAL M 45 -37.29 38.82 18.82
C VAL M 45 -36.78 39.04 17.40
N ARG M 46 -37.61 39.63 16.56
CA ARG M 46 -37.23 39.89 15.19
C ARG M 46 -36.11 40.91 15.12
N ARG M 47 -35.31 40.84 14.05
CA ARG M 47 -34.23 41.78 13.87
C ARG M 47 -34.77 43.19 13.82
N GLY M 48 -34.15 44.08 14.61
CA GLY M 48 -34.57 45.45 14.73
C GLY M 48 -35.13 45.77 16.09
N ASP M 49 -35.53 44.74 16.84
CA ASP M 49 -36.07 44.92 18.17
C ASP M 49 -34.95 45.25 19.16
N PRO M 50 -35.28 45.92 20.26
CA PRO M 50 -34.26 46.25 21.26
C PRO M 50 -33.73 44.99 21.92
N LEU M 51 -32.40 44.90 22.04
CA LEU M 51 -31.75 43.75 22.66
C LEU M 51 -31.26 44.07 24.06
N ASP M 52 -31.83 45.09 24.70
CA ASP M 52 -31.38 45.47 26.03
C ASP M 52 -31.58 44.35 27.03
N ARG M 53 -32.60 43.52 26.84
CA ARG M 53 -32.84 42.42 27.77
C ARG M 53 -31.64 41.51 27.90
N TYR M 54 -30.90 41.33 26.82
CA TYR M 54 -29.76 40.43 26.83
C TYR M 54 -28.51 41.07 27.41
N LYS M 55 -28.60 42.29 27.90
CA LYS M 55 -27.48 42.88 28.58
C LYS M 55 -27.46 42.36 30.01
N GLU M 56 -26.36 42.60 30.71
CA GLU M 56 -26.18 42.15 32.10
C GLU M 56 -25.91 40.66 32.19
N LEU M 57 -25.58 40.00 31.09
CA LEU M 57 -25.32 38.56 31.07
C LEU M 57 -23.82 38.31 31.13
N LYS M 58 -23.47 37.12 31.61
CA LYS M 58 -22.07 36.76 31.77
C LYS M 58 -21.82 35.42 31.12
N PHE M 59 -20.72 35.32 30.36
CA PHE M 59 -20.40 34.12 29.61
C PHE M 59 -18.94 33.70 29.78
N THR M 60 -18.66 32.78 30.68
CA THR M 60 -17.33 32.19 30.80
C THR M 60 -17.40 30.91 30.00
N VAL M 61 -16.44 30.66 29.11
CA VAL M 61 -16.56 29.46 28.30
C VAL M 61 -15.33 28.59 28.46
N ARG M 62 -15.54 27.32 28.79
CA ARG M 62 -14.43 26.39 28.94
C ARG M 62 -14.31 25.62 27.63
N VAL M 63 -13.15 25.71 26.99
CA VAL M 63 -12.96 24.98 25.75
C VAL M 63 -12.56 23.55 26.06
N ASP M 64 -13.37 22.58 25.64
CA ASP M 64 -12.99 21.20 25.86
C ASP M 64 -11.86 20.80 24.92
N ARG M 65 -12.12 20.86 23.61
CA ARG M 65 -11.07 20.61 22.62
C ARG M 65 -11.06 21.80 21.67
N PRO M 66 -9.88 22.23 21.22
CA PRO M 66 -9.84 23.40 20.34
C PRO M 66 -10.50 23.20 18.99
N GLY M 67 -10.46 22.01 18.44
CA GLY M 67 -11.06 21.81 17.13
C GLY M 67 -10.17 22.36 16.05
N VAL M 68 -10.25 21.81 14.84
CA VAL M 68 -9.40 22.24 13.75
C VAL M 68 -10.19 23.11 12.77
N ARG M 69 -9.53 24.12 12.21
CA ARG M 69 -10.15 25.08 11.31
C ARG M 69 -10.15 24.56 9.89
N LEU M 70 -11.28 24.68 9.21
CA LEU M 70 -11.38 24.29 7.82
C LEU M 70 -12.02 25.43 7.02
N VAL M 71 -11.60 25.57 5.78
CA VAL M 71 -12.17 26.57 4.88
C VAL M 71 -13.23 25.90 4.03
N ASP M 72 -14.41 26.49 4.00
CA ASP M 72 -15.51 25.99 3.21
C ASP M 72 -15.61 26.82 1.94
N PHE M 73 -15.38 26.19 0.80
CA PHE M 73 -15.53 26.88 -0.48
C PHE M 73 -17.03 26.98 -0.68
N HIS M 74 -17.50 28.10 -1.22
CA HIS M 74 -18.94 28.28 -1.35
C HIS M 74 -19.28 29.19 -2.51
N THR M 75 -19.66 28.60 -3.63
CA THR M 75 -20.09 29.33 -4.80
C THR M 75 -21.59 29.47 -4.75
N ILE M 76 -22.10 30.64 -5.14
CA ILE M 76 -23.54 30.87 -5.14
C ILE M 76 -23.97 31.51 -6.45
N GLY M 77 -24.96 30.90 -7.11
CA GLY M 77 -25.50 31.37 -8.37
C GLY M 77 -24.96 30.72 -9.62
N GLY M 78 -24.06 29.77 -9.50
CA GLY M 78 -23.46 29.17 -10.68
C GLY M 78 -24.32 28.13 -11.36
N GLY M 79 -24.01 27.91 -12.63
CA GLY M 79 -24.67 26.95 -13.48
C GLY M 79 -26.05 27.35 -13.95
N LEU M 80 -26.62 28.34 -13.26
CA LEU M 80 -27.94 28.84 -13.62
C LEU M 80 -27.91 29.49 -14.99
N PRO M 81 -29.04 29.50 -15.72
CA PRO M 81 -29.05 30.08 -17.07
C PRO M 81 -28.72 31.55 -17.08
N LYS M 82 -28.63 32.12 -18.28
CA LYS M 82 -28.25 33.52 -18.47
C LYS M 82 -29.26 34.51 -17.93
N GLU M 83 -30.40 34.06 -17.42
CA GLU M 83 -31.42 34.97 -16.95
C GLU M 83 -31.89 34.58 -15.57
N ARG M 84 -30.95 34.17 -14.74
CA ARG M 84 -31.24 33.85 -13.35
C ARG M 84 -29.94 33.68 -12.61
N THR M 85 -29.67 34.65 -11.75
CA THR M 85 -28.50 34.78 -10.90
C THR M 85 -28.97 35.68 -9.77
N VAL M 86 -28.04 36.34 -9.09
CA VAL M 86 -28.40 37.26 -8.04
C VAL M 86 -28.28 38.67 -8.62
N PRO M 87 -29.34 39.46 -8.60
CA PRO M 87 -29.32 40.71 -9.34
C PRO M 87 -28.25 41.64 -8.84
N THR M 88 -28.05 42.70 -9.60
CA THR M 88 -27.12 43.75 -9.26
C THR M 88 -27.94 44.89 -8.67
N ALA M 89 -27.25 45.84 -8.06
CA ALA M 89 -27.98 46.95 -7.48
C ALA M 89 -28.72 47.70 -8.57
N ALA M 90 -28.04 48.01 -9.67
CA ALA M 90 -28.70 48.71 -10.75
C ALA M 90 -29.81 47.86 -11.37
N GLY M 91 -29.78 46.55 -11.17
CA GLY M 91 -30.75 45.65 -11.74
C GLY M 91 -30.27 44.92 -12.98
N GLU M 92 -29.17 45.36 -13.57
CA GLU M 92 -28.59 44.74 -14.76
C GLU M 92 -27.67 43.60 -14.36
N ARG M 93 -28.10 42.38 -14.66
CA ARG M 93 -27.36 41.17 -14.30
C ARG M 93 -25.99 41.14 -15.00
N ARG M 94 -25.14 40.20 -14.60
CA ARG M 94 -23.85 40.02 -15.24
C ARG M 94 -23.90 38.90 -16.26
N ASP M 95 -22.86 38.82 -17.08
CA ASP M 95 -22.77 37.75 -18.05
C ASP M 95 -22.69 36.41 -17.34
N PRO M 96 -23.32 35.36 -17.86
CA PRO M 96 -23.30 34.06 -17.17
C PRO M 96 -21.91 33.52 -16.90
N LYS M 97 -20.92 33.86 -17.71
CA LYS M 97 -19.58 33.40 -17.40
C LYS M 97 -19.00 34.12 -16.21
N LYS M 98 -19.58 35.27 -15.84
CA LYS M 98 -19.12 36.06 -14.71
C LYS M 98 -20.25 36.30 -13.72
N ALA M 99 -21.31 35.53 -13.80
CA ALA M 99 -22.50 35.79 -12.99
C ALA M 99 -22.41 35.30 -11.54
N THR M 100 -21.90 34.10 -11.31
CA THR M 100 -21.87 33.58 -9.96
C THR M 100 -20.88 34.32 -9.10
N ILE M 101 -21.17 34.40 -7.81
CA ILE M 101 -20.22 35.00 -6.89
C ILE M 101 -19.71 33.89 -5.99
N VAL M 102 -18.40 33.92 -5.75
CA VAL M 102 -17.69 32.89 -5.03
C VAL M 102 -17.21 33.44 -3.70
N THR M 103 -17.75 32.88 -2.62
CA THR M 103 -17.35 33.24 -1.27
C THR M 103 -16.69 32.01 -0.66
N SER M 104 -15.60 32.20 0.06
CA SER M 104 -14.91 31.08 0.68
C SER M 104 -15.02 31.32 2.17
N ARG M 105 -16.13 30.88 2.74
CA ARG M 105 -16.41 31.06 4.16
C ARG M 105 -15.75 29.98 5.00
N SER M 106 -14.91 30.39 5.95
CA SER M 106 -14.24 29.46 6.83
C SER M 106 -15.16 29.06 7.97
N TYR M 107 -14.77 27.99 8.66
CA TYR M 107 -15.55 27.49 9.79
C TYR M 107 -14.64 26.63 10.65
N LEU M 108 -15.04 26.51 11.91
CA LEU M 108 -14.34 25.72 12.90
C LEU M 108 -15.03 24.37 12.98
N ALA M 109 -14.25 23.29 12.93
CA ALA M 109 -14.83 21.95 12.92
C ALA M 109 -14.30 21.07 14.05
N ASP M 110 -15.20 20.21 14.52
CA ASP M 110 -14.93 19.19 15.54
C ASP M 110 -14.36 19.78 16.82
N ALA M 111 -15.13 20.67 17.43
CA ALA M 111 -14.75 21.24 18.70
C ALA M 111 -15.99 21.28 19.58
N VAL M 112 -15.76 21.32 20.88
CA VAL M 112 -16.84 21.33 21.85
C VAL M 112 -16.49 22.28 22.99
N PHE M 113 -17.39 23.21 23.25
CA PHE M 113 -17.23 24.22 24.29
C PHE M 113 -18.33 24.03 25.32
N THR M 114 -18.01 24.40 26.56
CA THR M 114 -18.95 24.31 27.67
C THR M 114 -19.08 25.72 28.23
N VAL M 115 -20.06 26.46 27.74
CA VAL M 115 -20.28 27.83 28.21
C VAL M 115 -21.06 27.80 29.51
N ALA M 116 -20.91 28.83 30.32
CA ALA M 116 -21.63 28.94 31.60
C ALA M 116 -22.35 30.28 31.62
N VAL M 117 -23.63 30.28 31.25
CA VAL M 117 -24.43 31.50 31.24
C VAL M 117 -24.81 31.91 32.65
N THR M 118 -24.63 33.19 33.00
CA THR M 118 -25.01 33.72 34.30
C THR M 118 -25.70 35.06 34.09
N GLY M 119 -27.02 35.08 34.21
CA GLY M 119 -27.78 36.30 34.02
C GLY M 119 -29.11 36.31 34.74
N PRO M 120 -29.80 37.44 34.68
CA PRO M 120 -31.10 37.54 35.38
C PRO M 120 -32.23 36.87 34.62
N GLU M 121 -32.12 36.86 33.30
CA GLU M 121 -33.12 36.28 32.42
C GLU M 121 -32.78 34.85 32.03
N ALA M 122 -31.74 34.27 32.66
CA ALA M 122 -31.25 32.95 32.30
C ALA M 122 -32.32 31.86 32.35
N ASP M 123 -33.29 31.96 33.26
CA ASP M 123 -34.28 30.89 33.35
C ASP M 123 -35.22 30.91 32.15
N THR M 124 -35.65 32.10 31.72
CA THR M 124 -36.52 32.16 30.55
C THR M 124 -35.72 31.82 29.31
N ILE M 125 -34.44 32.17 29.28
CA ILE M 125 -33.61 31.82 28.13
C ILE M 125 -33.51 30.31 28.01
N ALA M 126 -33.23 29.63 29.13
CA ALA M 126 -33.18 28.18 29.13
C ALA M 126 -34.50 27.60 28.64
N ASP M 127 -35.61 28.03 29.25
CA ASP M 127 -36.91 27.52 28.82
C ASP M 127 -37.23 27.91 27.39
N ALA M 128 -36.52 28.87 26.82
CA ALA M 128 -36.72 29.21 25.42
C ALA M 128 -35.93 28.26 24.53
N LEU M 129 -34.72 27.89 24.97
CA LEU M 129 -33.94 26.93 24.20
C LEU M 129 -34.61 25.56 24.20
N ALA M 130 -35.33 25.24 25.26
CA ALA M 130 -36.02 23.96 25.30
C ALA M 130 -37.18 23.91 24.30
N ALA M 131 -37.66 25.07 23.87
CA ALA M 131 -38.74 25.17 22.89
C ALA M 131 -38.64 26.55 22.25
N PRO M 132 -37.99 26.66 21.11
CA PRO M 132 -37.79 27.98 20.50
C PRO M 132 -38.78 28.36 19.43
N TYR M 133 -38.80 29.65 19.10
CA TYR M 133 -39.66 30.20 18.07
C TYR M 133 -38.91 30.33 16.74
N TRP M 134 -37.81 29.59 16.59
CA TRP M 134 -36.96 29.60 15.41
C TRP M 134 -35.81 28.62 15.61
N GLN M 135 -35.50 27.83 14.58
CA GLN M 135 -34.44 26.84 14.67
C GLN M 135 -33.18 27.44 15.25
N PRO M 136 -32.72 27.03 16.42
CA PRO M 136 -31.48 27.62 16.94
C PRO M 136 -30.28 26.92 16.29
N TYR M 137 -29.33 27.71 15.83
CA TYR M 137 -28.13 27.21 15.17
C TYR M 137 -26.87 27.68 15.89
N LEU M 138 -25.72 27.27 15.36
CA LEU M 138 -24.42 27.57 15.96
C LEU M 138 -23.57 28.31 14.94
N GLY M 139 -23.57 29.63 15.01
CA GLY M 139 -22.81 30.41 14.06
C GLY M 139 -23.61 30.74 12.82
N ARG M 140 -23.91 29.74 12.00
CA ARG M 140 -24.70 29.98 10.81
C ARG M 140 -25.77 28.91 10.68
N ARG M 141 -26.83 29.30 9.97
CA ARG M 141 -28.05 28.51 9.83
C ARG M 141 -27.78 27.06 9.45
N ALA M 142 -26.91 26.82 8.48
CA ALA M 142 -26.67 25.46 8.01
C ALA M 142 -26.05 24.56 9.07
N PHE M 143 -25.43 25.10 10.12
CA PHE M 143 -24.84 24.27 11.16
C PHE M 143 -25.91 23.89 12.17
N VAL M 144 -26.11 22.59 12.37
CA VAL M 144 -27.12 22.10 13.30
C VAL M 144 -26.48 21.93 14.67
N PRO M 145 -27.12 22.36 15.74
CA PRO M 145 -26.52 22.24 17.07
C PRO M 145 -26.59 20.83 17.64
N ASP M 146 -25.89 20.66 18.74
CA ASP M 146 -25.86 19.42 19.49
C ASP M 146 -27.25 19.13 20.03
N PRO M 147 -27.63 17.86 20.18
CA PRO M 147 -28.91 17.58 20.84
C PRO M 147 -28.92 18.11 22.25
N LEU M 148 -27.88 17.80 23.02
CA LEU M 148 -27.72 18.31 24.37
C LEU M 148 -27.19 19.74 24.32
N LEU M 149 -27.99 20.62 23.74
CA LEU M 149 -27.57 22.00 23.60
C LEU M 149 -27.49 22.67 24.97
N VAL M 150 -28.42 22.34 25.85
CA VAL M 150 -28.42 22.84 27.21
C VAL M 150 -28.10 21.65 28.10
N LEU M 151 -26.83 21.55 28.47
CA LEU M 151 -26.38 20.43 29.28
C LEU M 151 -27.10 20.39 30.62
N ARG M 152 -26.94 21.43 31.43
CA ARG M 152 -27.61 21.51 32.72
C ARG M 152 -28.52 22.72 32.73
N ARG M 153 -29.79 22.51 33.08
CA ARG M 153 -30.76 23.60 33.03
C ARG M 153 -30.71 24.56 34.21
N ARG M 154 -30.49 24.06 35.42
CA ARG M 154 -30.48 24.97 36.58
C ARG M 154 -29.35 24.62 37.53
N VAL M 155 -28.44 25.57 37.75
CA VAL M 155 -27.31 25.40 38.66
C VAL M 155 -26.92 26.76 39.22
N ALA M 156 -26.69 26.81 40.53
CA ALA M 156 -26.20 27.99 41.18
C ALA M 156 -24.69 27.97 41.08
N ASP M 157 -24.11 29.08 40.68
CA ASP M 157 -22.67 29.20 40.45
C ASP M 157 -22.27 28.15 39.42
N PRO M 158 -22.69 28.29 38.16
CA PRO M 158 -22.33 27.28 37.16
C PRO M 158 -20.86 27.32 36.80
N VAL M 159 -20.14 28.38 37.14
CA VAL M 159 -18.71 28.43 36.87
C VAL M 159 -18.00 27.33 37.64
N ARG M 160 -18.36 27.16 38.92
CA ARG M 160 -17.77 26.10 39.71
C ARG M 160 -18.07 24.75 39.08
N GLU M 161 -19.16 24.66 38.33
CA GLU M 161 -19.47 23.41 37.66
C GLU M 161 -18.54 23.20 36.49
N LEU M 162 -18.07 24.28 35.88
CA LEU M 162 -17.11 24.12 34.79
C LEU M 162 -15.74 23.76 35.33
N VAL M 163 -15.43 24.25 36.54
CA VAL M 163 -14.13 23.94 37.09
C VAL M 163 -14.10 22.50 37.60
N GLU M 164 -15.25 21.93 37.97
CA GLU M 164 -15.23 20.57 38.49
C GLU M 164 -16.53 19.84 38.15
N ALA M 165 -16.39 18.53 37.92
CA ALA M 165 -17.52 17.62 37.66
C ALA M 165 -18.26 17.87 36.35
N VAL M 166 -17.52 18.00 35.25
CA VAL M 166 -18.12 18.07 33.92
C VAL M 166 -17.31 17.17 33.00
N PRO M 167 -17.93 16.29 32.21
CA PRO M 167 -17.16 15.39 31.36
C PRO M 167 -16.37 16.13 30.31
N LEU M 168 -15.19 15.62 30.01
CA LEU M 168 -14.26 16.10 29.01
C LEU M 168 -13.97 15.01 28.00
N PRO M 169 -13.73 15.35 26.74
CA PRO M 169 -13.38 14.33 25.76
C PRO M 169 -12.02 13.74 26.04
N HIS M 170 -11.79 12.55 25.49
CA HIS M 170 -10.54 11.83 25.68
C HIS M 170 -9.33 12.56 25.14
N ARG M 171 -8.27 12.60 25.95
CA ARG M 171 -7.00 13.18 25.55
C ARG M 171 -5.90 12.41 26.26
N ARG M 172 -4.66 12.61 25.82
CA ARG M 172 -3.54 11.93 26.44
C ARG M 172 -3.35 12.40 27.87
N VAL M 173 -3.39 11.45 28.80
CA VAL M 173 -3.25 11.70 30.23
C VAL M 173 -2.13 10.80 30.75
N GLU M 174 -1.11 11.40 31.35
CA GLU M 174 0.00 10.60 31.82
C GLU M 174 -0.43 9.74 33.01
N GLU M 175 0.42 8.78 33.35
CA GLU M 175 0.14 7.84 34.43
C GLU M 175 -0.02 8.58 35.75
N ASP M 176 -1.06 8.19 36.51
CA ASP M 176 -1.47 8.71 37.82
C ASP M 176 -1.25 10.22 37.89
N ALA M 177 -1.54 10.90 36.80
CA ALA M 177 -1.35 12.33 36.73
C ALA M 177 -2.68 13.04 36.91
N ALA M 178 -2.66 14.13 37.67
CA ALA M 178 -3.80 14.99 37.90
C ALA M 178 -3.44 16.36 37.34
N THR M 179 -4.32 17.33 37.56
CA THR M 179 -4.08 18.72 37.15
C THR M 179 -3.83 18.83 35.64
N VAL M 180 -4.87 18.50 34.88
CA VAL M 180 -4.86 18.64 33.43
C VAL M 180 -5.44 20.00 33.07
N LEU M 181 -4.71 20.78 32.29
CA LEU M 181 -5.12 22.15 31.98
C LEU M 181 -6.18 22.23 30.88
N VAL M 182 -7.13 23.14 31.08
CA VAL M 182 -8.17 23.45 30.11
C VAL M 182 -8.37 24.95 30.16
N ASP M 183 -8.42 25.59 29.00
CA ASP M 183 -8.54 27.04 28.95
C ASP M 183 -9.99 27.48 29.01
N LEU M 184 -10.25 28.51 29.83
CA LEU M 184 -11.59 29.09 29.86
C LEU M 184 -11.44 30.60 29.77
N ILE M 185 -12.37 31.25 29.08
CA ILE M 185 -12.30 32.68 28.83
C ILE M 185 -13.35 33.41 29.67
N TYR M 186 -12.88 34.41 30.40
CA TYR M 186 -13.61 35.34 31.24
C TYR M 186 -13.64 36.66 30.48
N GLU M 187 -14.57 37.54 30.86
CA GLU M 187 -14.61 38.83 30.17
C GLU M 187 -14.69 39.99 31.14
N THR M 194 -5.13 45.53 31.74
CA THR M 194 -4.82 44.56 32.78
C THR M 194 -4.07 43.36 32.23
N ARG M 195 -4.72 42.21 32.20
CA ARG M 195 -4.13 40.97 31.70
C ARG M 195 -5.10 40.27 30.75
N THR M 196 -5.74 41.04 29.88
CA THR M 196 -6.69 40.53 28.91
C THR M 196 -5.96 40.14 27.63
N LEU M 197 -6.51 39.14 26.93
CA LEU M 197 -5.86 38.71 25.70
C LEU M 197 -6.24 39.60 24.53
N THR M 198 -7.52 39.77 24.24
CA THR M 198 -7.81 40.64 23.10
C THR M 198 -9.14 41.37 23.25
N VAL M 199 -9.35 42.30 22.35
CA VAL M 199 -10.54 43.14 22.27
C VAL M 199 -11.18 42.82 20.94
N LEU M 200 -12.49 42.60 20.94
CA LEU M 200 -13.13 42.23 19.69
C LEU M 200 -14.59 42.64 19.69
N ASN M 201 -15.12 42.91 18.50
CA ASN M 201 -16.50 43.38 18.37
C ASN M 201 -17.50 42.28 18.68
N ASP M 202 -17.91 42.17 19.93
CA ASP M 202 -18.86 41.11 20.26
C ASP M 202 -20.19 41.63 20.76
N VAL M 203 -20.19 42.58 21.69
CA VAL M 203 -21.44 43.08 22.26
C VAL M 203 -22.40 43.49 21.15
N PRO M 204 -23.57 42.88 21.10
CA PRO M 204 -24.54 43.18 20.06
C PRO M 204 -25.43 44.38 20.41
N LEU M 205 -25.50 45.37 19.54
CA LEU M 205 -26.36 46.52 19.79
C LEU M 205 -27.60 46.53 18.91
N SER M 206 -27.54 45.93 17.73
CA SER M 206 -28.67 45.86 16.83
C SER M 206 -28.36 44.82 15.77
N PHE M 207 -29.35 44.00 15.45
CA PHE M 207 -29.20 42.94 14.46
C PHE M 207 -29.87 43.24 13.13
N ASP M 208 -30.63 44.32 13.04
CA ASP M 208 -31.37 44.62 11.82
C ASP M 208 -30.44 44.60 10.62
N SER M 209 -30.92 43.99 9.54
CA SER M 209 -30.12 43.83 8.34
C SER M 209 -29.79 45.17 7.70
N LYS M 210 -30.52 46.22 8.02
CA LYS M 210 -30.27 47.50 7.41
C LYS M 210 -29.08 48.20 8.05
N SER M 211 -28.88 48.03 9.36
CA SER M 211 -27.70 48.61 10.00
C SER M 211 -27.23 47.71 11.13
N ARG M 212 -26.28 46.83 10.82
CA ARG M 212 -25.70 45.97 11.84
C ARG M 212 -24.79 46.84 12.68
N ARG M 213 -24.90 46.75 14.00
CA ARG M 213 -24.11 47.62 14.86
C ARG M 213 -23.61 46.85 16.07
N TYR M 214 -22.29 46.83 16.26
CA TYR M 214 -21.69 46.09 17.35
C TYR M 214 -20.73 47.00 18.11
N SER M 215 -19.97 46.46 19.05
CA SER M 215 -19.00 47.26 19.78
C SER M 215 -17.87 46.35 20.27
N THR M 216 -16.83 46.99 20.82
CA THR M 216 -15.67 46.27 21.29
C THR M 216 -15.96 45.65 22.65
N ARG M 217 -15.31 44.52 22.90
CA ARG M 217 -15.50 43.81 24.16
C ARG M 217 -14.20 43.13 24.54
N GLN M 218 -13.87 43.16 25.82
CA GLN M 218 -12.63 42.58 26.32
C GLN M 218 -12.76 41.08 26.51
N ILE M 219 -11.65 40.37 26.35
CA ILE M 219 -11.64 38.94 26.59
C ILE M 219 -10.29 38.54 27.17
N ARG M 220 -10.35 37.70 28.20
CA ARG M 220 -9.19 37.24 28.96
C ARG M 220 -9.26 35.73 29.09
N VAL M 221 -8.29 35.03 28.53
CA VAL M 221 -8.25 33.57 28.56
C VAL M 221 -7.35 33.12 29.71
N VAL M 222 -7.94 32.48 30.71
CA VAL M 222 -7.20 31.96 31.86
C VAL M 222 -7.10 30.44 31.71
N PRO M 223 -5.90 29.88 31.63
CA PRO M 223 -5.72 28.43 31.59
C PRO M 223 -5.88 27.86 33.00
N THR M 224 -6.95 27.13 33.23
CA THR M 224 -7.16 26.59 34.56
C THR M 224 -6.74 25.13 34.61
N GLU M 225 -6.65 24.62 35.82
CA GLU M 225 -6.30 23.24 36.08
C GLU M 225 -7.53 22.49 36.54
N VAL M 226 -7.71 21.28 36.05
CA VAL M 226 -8.88 20.49 36.45
C VAL M 226 -8.39 19.10 36.82
N PRO M 227 -9.02 18.41 37.77
CA PRO M 227 -8.54 17.07 38.11
C PRO M 227 -8.85 16.11 36.99
N ALA M 228 -7.92 15.19 36.76
CA ALA M 228 -7.97 14.22 35.67
C ALA M 228 -9.04 13.23 35.80
N THR M 229 -9.94 13.33 36.76
CA THR M 229 -11.00 12.35 36.89
C THR M 229 -12.15 12.62 35.91
N LEU M 230 -12.03 13.66 35.09
CA LEU M 230 -13.09 13.99 34.14
C LEU M 230 -12.82 13.49 32.73
N VAL M 231 -11.57 13.19 32.38
CA VAL M 231 -11.29 12.70 31.05
C VAL M 231 -11.98 11.37 30.85
N ALA M 232 -12.77 11.26 29.78
CA ALA M 232 -13.51 10.05 29.48
C ALA M 232 -12.59 9.02 28.86
N GLY M 233 -13.16 7.90 28.40
CA GLY M 233 -12.39 6.85 27.79
C GLY M 233 -12.11 7.09 26.33
N PRO M 234 -11.58 6.07 25.65
CA PRO M 234 -11.25 6.21 24.23
C PRO M 234 -12.42 6.53 23.30
N GLY M 235 -13.41 5.66 23.22
CA GLY M 235 -14.56 5.90 22.36
C GLY M 235 -15.84 5.47 23.04
N ARG M 236 -16.93 6.14 22.68
CA ARG M 236 -18.28 5.85 23.16
C ARG M 236 -18.42 6.13 24.64
N ASP M 237 -17.34 6.47 25.32
CA ASP M 237 -17.40 6.70 26.76
C ASP M 237 -17.82 8.13 27.05
N TYR M 238 -17.31 9.09 26.28
CA TYR M 238 -17.62 10.50 26.51
C TYR M 238 -19.12 10.79 26.42
N GLN M 239 -19.75 10.41 25.31
CA GLN M 239 -21.17 10.67 25.17
C GLN M 239 -21.97 9.97 26.27
N ASN M 240 -21.54 8.78 26.65
CA ASN M 240 -22.21 8.05 27.71
C ASN M 240 -22.13 8.82 29.02
N LYS M 241 -20.90 9.15 29.45
CA LYS M 241 -20.71 9.89 30.70
C LYS M 241 -21.47 11.20 30.70
N LEU M 242 -21.57 11.87 29.56
CA LEU M 242 -22.33 13.12 29.59
C LEU M 242 -23.82 12.84 29.68
N PHE M 243 -24.28 11.73 29.11
CA PHE M 243 -25.69 11.37 29.29
C PHE M 243 -25.99 11.12 30.75
N THR M 244 -25.18 10.29 31.41
CA THR M 244 -25.44 10.06 32.81
C THR M 244 -25.26 11.34 33.61
N TYR M 245 -24.48 12.29 33.09
CA TYR M 245 -24.32 13.56 33.77
C TYR M 245 -25.57 14.40 33.66
N VAL M 246 -26.22 14.38 32.50
CA VAL M 246 -27.45 15.13 32.32
C VAL M 246 -28.63 14.39 32.93
N LYS M 247 -28.40 13.15 33.38
CA LYS M 247 -29.50 12.39 33.98
C LYS M 247 -29.91 12.95 35.34
N GLN M 248 -28.94 13.30 36.18
CA GLN M 248 -29.31 13.79 37.50
C GLN M 248 -29.77 15.25 37.47
N CYS M 249 -29.97 15.82 36.28
CA CYS M 249 -30.42 17.21 36.20
C CYS M 249 -31.73 17.40 36.94
N ALA M 250 -32.63 16.42 36.85
CA ALA M 250 -33.91 16.52 37.57
C ALA M 250 -33.67 16.58 39.07
N GLU M 251 -32.69 15.84 39.56
CA GLU M 251 -32.38 15.81 40.98
C GLU M 251 -31.45 16.95 41.36
N THR O 2 -52.13 -65.37 3.36
CA THR O 2 -51.29 -64.25 3.74
C THR O 2 -50.23 -63.96 2.68
N TRP O 3 -49.53 -62.84 2.82
CA TRP O 3 -48.50 -62.44 1.87
C TRP O 3 -47.52 -61.54 2.60
N LEU O 4 -46.43 -61.20 1.90
CA LEU O 4 -45.33 -60.47 2.50
C LEU O 4 -44.96 -59.21 1.73
N THR O 5 -44.53 -58.20 2.47
CA THR O 5 -44.09 -56.92 1.93
C THR O 5 -43.09 -56.27 2.87
N LYS O 6 -42.16 -55.53 2.29
CA LYS O 6 -41.16 -54.77 3.01
C LYS O 6 -41.46 -53.29 2.83
N ILE O 7 -41.52 -52.55 3.94
CA ILE O 7 -41.83 -51.13 3.93
C ILE O 7 -40.91 -50.38 4.89
N VAL O 8 -40.76 -49.08 4.64
CA VAL O 8 -39.95 -48.21 5.48
C VAL O 8 -40.69 -46.89 5.65
N PRO O 9 -41.26 -46.64 6.84
CA PRO O 9 -41.94 -45.36 7.07
C PRO O 9 -40.97 -44.30 7.61
N ASP O 10 -41.17 -43.08 7.13
CA ASP O 10 -40.34 -41.94 7.49
C ASP O 10 -41.17 -40.94 8.27
N LEU O 11 -40.48 -39.96 8.86
CA LEU O 11 -41.17 -38.95 9.65
C LEU O 11 -41.78 -37.94 8.70
N ARG O 12 -43.04 -37.57 8.98
CA ARG O 12 -43.81 -36.66 8.14
C ARG O 12 -43.04 -35.39 7.80
N TYR O 13 -42.64 -34.63 8.81
CA TYR O 13 -41.96 -33.37 8.57
C TYR O 13 -40.59 -33.38 9.24
N ARG O 14 -39.91 -32.23 9.22
CA ARG O 14 -38.56 -32.13 9.76
C ARG O 14 -38.53 -31.86 11.27
N GLN O 15 -39.67 -31.99 11.95
CA GLN O 15 -39.78 -31.78 13.38
C GLN O 15 -40.34 -33.01 14.10
N THR O 16 -40.25 -34.18 13.46
CA THR O 16 -40.77 -35.47 13.93
C THR O 16 -42.14 -35.32 14.58
N ARG O 17 -43.02 -34.58 13.89
CA ARG O 17 -44.39 -34.41 14.35
C ARG O 17 -45.15 -35.73 14.27
N ALA O 18 -44.81 -36.54 13.28
CA ALA O 18 -45.35 -37.86 13.03
C ALA O 18 -44.33 -38.54 12.14
N ASP O 19 -44.23 -39.86 12.21
CA ASP O 19 -45.10 -40.76 12.98
C ASP O 19 -44.29 -41.45 14.07
N PHE O 20 -43.00 -41.62 13.79
CA PHE O 20 -42.10 -42.33 14.69
C PHE O 20 -42.02 -41.75 16.10
N ARG O 21 -42.62 -40.57 16.35
CA ARG O 21 -42.55 -40.03 17.70
C ARG O 21 -43.08 -40.99 18.76
N THR O 22 -44.11 -41.78 18.44
CA THR O 22 -44.69 -42.72 19.39
C THR O 22 -45.08 -44.01 18.71
N ALA O 23 -45.45 -45.00 19.54
CA ALA O 23 -45.85 -46.30 19.03
C ALA O 23 -47.31 -46.33 18.60
N GLY O 24 -48.18 -45.56 19.28
CA GLY O 24 -49.58 -45.54 18.89
C GLY O 24 -49.78 -45.00 17.50
N ASN O 25 -49.02 -43.97 17.13
CA ASN O 25 -49.13 -43.47 15.78
C ASN O 25 -48.49 -44.45 14.81
N LEU O 26 -47.46 -45.17 15.25
CA LEU O 26 -46.84 -46.16 14.39
C LEU O 26 -47.85 -47.22 13.96
N HIS O 27 -48.49 -47.88 14.93
CA HIS O 27 -49.49 -48.87 14.55
C HIS O 27 -50.66 -48.19 13.85
N ARG O 28 -50.88 -46.90 14.12
CA ARG O 28 -51.94 -46.20 13.40
C ARG O 28 -51.59 -46.15 11.92
N LYS O 29 -50.32 -45.87 11.61
CA LYS O 29 -49.87 -45.87 10.23
C LYS O 29 -49.87 -47.27 9.66
N LEU O 30 -49.93 -48.29 10.52
CA LEU O 30 -50.03 -49.66 10.03
C LEU O 30 -51.46 -50.07 9.71
N ILE O 31 -52.45 -49.53 10.43
CA ILE O 31 -53.83 -49.88 10.13
C ILE O 31 -54.41 -48.98 9.04
N ARG O 32 -53.95 -47.73 8.94
CA ARG O 32 -54.44 -46.83 7.91
C ARG O 32 -54.25 -47.41 6.51
N LEU O 33 -53.13 -48.11 6.29
CA LEU O 33 -52.85 -48.65 4.96
C LEU O 33 -53.87 -49.69 4.53
N SER O 34 -54.57 -50.31 5.47
CA SER O 34 -55.59 -51.31 5.16
C SER O 34 -56.93 -50.66 5.51
N SER O 35 -57.68 -50.26 4.49
CA SER O 35 -58.98 -49.64 4.71
C SER O 35 -60.02 -50.67 5.17
N ASP O 36 -60.28 -51.66 4.32
CA ASP O 36 -61.23 -52.70 4.66
C ASP O 36 -60.61 -53.66 5.68
N LEU O 37 -61.33 -53.89 6.78
CA LEU O 37 -60.85 -54.78 7.84
C LEU O 37 -61.99 -55.62 8.38
N GLY O 38 -61.78 -56.94 8.41
CA GLY O 38 -62.73 -57.87 8.96
C GLY O 38 -62.25 -58.24 10.34
N GLU O 39 -63.20 -58.58 11.23
CA GLU O 39 -62.82 -58.93 12.60
C GLU O 39 -63.84 -59.90 13.19
N GLU O 40 -63.46 -61.17 13.25
CA GLU O 40 -64.29 -62.23 13.80
C GLU O 40 -63.60 -62.73 15.07
N ARG O 41 -64.35 -62.77 16.17
CA ARG O 41 -63.79 -63.20 17.44
C ARG O 41 -64.58 -64.36 18.03
N ILE O 42 -63.89 -65.10 18.89
CA ILE O 42 -64.39 -66.28 19.58
C ILE O 42 -63.91 -66.13 21.02
N ALA O 43 -64.55 -66.88 21.94
CA ALA O 43 -64.16 -66.78 23.33
C ALA O 43 -62.73 -67.26 23.57
N ASN O 44 -61.80 -66.30 23.64
CA ASN O 44 -60.35 -66.35 23.86
C ASN O 44 -59.44 -67.21 22.98
N PRO O 45 -59.66 -67.34 21.65
CA PRO O 45 -58.61 -67.93 20.82
C PRO O 45 -57.61 -66.86 20.43
N ARG O 46 -56.67 -67.16 19.55
CA ARG O 46 -55.75 -66.14 19.09
C ARG O 46 -56.42 -65.37 17.95
N GLN O 47 -56.09 -64.07 17.83
CA GLN O 47 -56.77 -63.24 16.85
C GLN O 47 -56.21 -63.36 15.44
N GLN O 48 -57.14 -63.37 14.48
CA GLN O 48 -56.91 -63.41 13.03
C GLN O 48 -57.77 -62.31 12.43
N SER O 49 -57.29 -61.06 12.37
CA SER O 49 -58.14 -60.00 11.81
C SER O 49 -57.66 -59.46 10.46
N GLY O 50 -56.44 -58.94 10.31
CA GLY O 50 -55.39 -58.81 11.32
C GLY O 50 -54.04 -58.83 10.62
N LEU O 51 -53.18 -57.88 10.99
CA LEU O 51 -51.88 -57.71 10.37
C LEU O 51 -50.75 -58.22 11.27
N LEU O 52 -49.56 -58.32 10.69
CA LEU O 52 -48.35 -58.74 11.37
C LEU O 52 -47.19 -57.96 10.77
N PHE O 53 -46.25 -57.53 11.63
CA PHE O 53 -45.12 -56.73 11.16
C PHE O 53 -43.92 -56.96 12.08
N ARG O 54 -42.73 -56.76 11.51
CA ARG O 54 -41.47 -56.96 12.25
C ARG O 54 -40.56 -55.76 12.04
N ILE O 55 -40.10 -55.17 13.14
CA ILE O 55 -39.18 -54.05 13.08
C ILE O 55 -37.76 -54.58 13.15
N GLU O 56 -36.97 -54.32 12.11
CA GLU O 56 -35.59 -54.82 12.09
C GLU O 56 -34.63 -53.86 12.76
N GLU O 57 -34.58 -52.63 12.29
CA GLU O 57 -33.74 -51.57 12.82
C GLU O 57 -34.56 -50.29 12.99
N THR O 58 -34.18 -49.49 13.98
CA THR O 58 -34.87 -48.24 14.30
C THR O 58 -33.96 -47.02 14.18
N ARG O 59 -32.93 -47.10 13.33
CA ARG O 59 -32.02 -45.98 13.20
C ARG O 59 -32.21 -45.18 11.92
N ASN O 60 -33.05 -45.63 11.02
CA ASN O 60 -33.34 -44.89 9.79
C ASN O 60 -34.87 -44.78 9.75
N GLU O 61 -35.38 -43.97 10.68
CA GLU O 61 -36.79 -43.70 10.91
C GLU O 61 -37.60 -44.95 11.24
N LEU O 62 -37.11 -46.14 10.82
CA LEU O 62 -37.68 -47.48 11.04
C LEU O 62 -37.56 -48.34 9.78
N TYR O 63 -37.18 -49.61 9.96
CA TYR O 63 -37.15 -50.61 8.90
C TYR O 63 -38.18 -51.66 9.27
N LEU O 64 -39.23 -51.82 8.45
CA LEU O 64 -40.31 -52.71 8.84
C LEU O 64 -40.72 -53.68 7.73
N LEU O 65 -41.24 -54.83 8.16
CA LEU O 65 -41.69 -55.92 7.29
C LEU O 65 -43.11 -56.34 7.67
N VAL O 66 -44.10 -56.05 6.81
CA VAL O 66 -45.49 -56.41 7.07
C VAL O 66 -45.86 -57.67 6.31
N GLN O 67 -46.36 -58.67 7.04
CA GLN O 67 -46.93 -59.87 6.44
C GLN O 67 -48.38 -59.91 6.90
N SER O 68 -49.31 -59.93 5.95
CA SER O 68 -50.73 -59.86 6.33
C SER O 68 -51.58 -60.36 5.18
N HIS O 69 -52.89 -60.18 5.29
CA HIS O 69 -53.84 -60.63 4.29
C HIS O 69 -54.38 -59.50 3.43
N SER O 70 -54.57 -58.31 4.00
CA SER O 70 -55.07 -57.25 3.15
C SER O 70 -53.92 -56.63 2.38
N PRO O 71 -54.19 -56.14 1.17
CA PRO O 71 -53.11 -55.50 0.39
C PRO O 71 -52.69 -54.17 0.98
N LEU O 72 -51.38 -54.04 1.18
CA LEU O 72 -50.81 -52.81 1.73
C LEU O 72 -50.75 -51.78 0.61
N ARG O 73 -51.10 -50.54 0.92
CA ARG O 73 -51.09 -49.47 -0.07
C ARG O 73 -50.22 -48.30 0.38
N VAL O 74 -49.35 -47.84 -0.52
CA VAL O 74 -48.44 -46.75 -0.21
C VAL O 74 -49.21 -45.49 0.10
N ASP O 75 -48.67 -44.71 1.03
CA ASP O 75 -49.29 -43.47 1.49
C ASP O 75 -48.27 -42.35 1.50
N ARG O 76 -48.62 -41.23 2.14
CA ARG O 76 -47.75 -40.07 2.16
C ARG O 76 -46.45 -40.35 2.90
N LEU O 77 -45.35 -39.78 2.37
CA LEU O 77 -44.00 -39.93 2.94
C LEU O 77 -43.59 -41.39 3.11
N GLY O 78 -43.66 -42.15 2.02
CA GLY O 78 -43.28 -43.53 2.05
C GLY O 78 -42.17 -43.83 1.05
N PRO O 79 -42.02 -45.09 0.65
CA PRO O 79 -40.98 -45.44 -0.32
C PRO O 79 -41.32 -44.88 -1.69
N GLY O 80 -40.31 -44.90 -2.57
CA GLY O 80 -40.51 -44.35 -3.90
C GLY O 80 -41.36 -45.22 -4.80
N TYR O 81 -41.95 -46.26 -4.22
CA TYR O 81 -42.83 -47.18 -4.95
C TYR O 81 -43.89 -47.71 -3.99
N HIS O 82 -44.66 -48.69 -4.47
CA HIS O 82 -45.69 -49.33 -3.67
C HIS O 82 -45.14 -50.12 -2.50
N GLY O 83 -43.88 -50.53 -2.54
CA GLY O 83 -43.34 -51.43 -1.53
C GLY O 83 -42.82 -50.83 -0.24
N VAL O 84 -41.55 -50.98 0.12
CA VAL O 84 -40.41 -51.49 -0.66
C VAL O 84 -40.60 -52.72 -1.57
N GLN O 85 -41.15 -53.82 -1.06
CA GLN O 85 -41.38 -54.98 -1.90
C GLN O 85 -42.69 -55.65 -1.51
N MET O 86 -43.31 -56.34 -2.48
CA MET O 86 -44.59 -56.99 -2.24
C MET O 86 -44.71 -58.27 -3.07
N ARG O 87 -45.20 -59.32 -2.43
CA ARG O 87 -45.49 -60.58 -3.12
C ARG O 87 -46.35 -61.44 -2.21
N ASN O 88 -47.00 -62.42 -2.83
CA ASN O 88 -47.84 -63.36 -2.10
C ASN O 88 -47.01 -64.55 -1.65
N LEU O 89 -47.53 -65.25 -0.65
CA LEU O 89 -46.85 -66.43 -0.13
C LEU O 89 -47.87 -67.38 0.44
N ASP O 90 -47.71 -68.66 0.13
CA ASP O 90 -48.63 -69.68 0.59
C ASP O 90 -47.90 -70.64 1.51
N PRO O 91 -48.44 -70.91 2.70
CA PRO O 91 -47.79 -71.88 3.60
C PRO O 91 -48.04 -73.29 3.09
N PHE O 92 -48.68 -73.36 1.93
CA PHE O 92 -48.98 -74.60 1.23
C PHE O 92 -47.87 -75.00 0.26
N LEU O 93 -46.99 -74.06 -0.10
CA LEU O 93 -45.92 -74.34 -1.06
C LEU O 93 -45.05 -75.50 -0.57
N ALA O 94 -44.94 -76.52 -1.43
CA ALA O 94 -44.23 -77.75 -1.09
C ALA O 94 -44.74 -78.34 0.20
N ARG O 95 -45.93 -77.86 0.61
CA ARG O 95 -46.65 -78.27 1.81
C ARG O 95 -45.91 -77.88 3.08
N LEU O 96 -44.68 -77.36 2.96
CA LEU O 96 -43.87 -77.11 4.17
C LEU O 96 -43.77 -78.44 4.93
N ASP O 97 -43.30 -79.46 4.19
CA ASP O 97 -43.28 -80.85 4.61
C ASP O 97 -42.95 -81.02 6.09
N LYS O 98 -43.72 -81.88 6.75
CA LYS O 98 -43.51 -82.16 8.16
C LYS O 98 -42.27 -83.03 8.33
N GLY O 99 -41.54 -82.79 9.42
CA GLY O 99 -40.30 -83.49 9.68
C GLY O 99 -39.11 -82.90 8.97
N SER O 100 -39.32 -81.92 8.10
CA SER O 100 -38.26 -81.23 7.39
C SER O 100 -37.96 -79.96 8.16
N ARG O 101 -36.71 -79.51 8.10
CA ARG O 101 -36.33 -78.32 8.84
C ARG O 101 -36.53 -77.07 7.98
N VAL O 102 -37.00 -76.01 8.64
CA VAL O 102 -37.26 -74.71 8.04
C VAL O 102 -36.87 -73.68 9.09
N ARG O 103 -36.06 -72.70 8.70
CA ARG O 103 -35.56 -71.76 9.68
C ARG O 103 -36.70 -70.84 10.15
N TYR O 104 -36.41 -70.00 11.14
CA TYR O 104 -37.49 -69.17 11.66
C TYR O 104 -36.90 -67.98 12.41
N ARG O 105 -37.79 -67.05 12.72
CA ARG O 105 -37.45 -65.83 13.45
C ARG O 105 -38.70 -65.45 14.24
N ILE O 106 -38.74 -65.75 15.54
CA ILE O 106 -39.93 -65.47 16.34
C ILE O 106 -39.65 -64.39 17.37
N VAL O 107 -40.55 -63.45 17.43
CA VAL O 107 -40.58 -62.44 18.47
C VAL O 107 -41.42 -62.98 19.62
N ALA O 108 -41.32 -62.37 20.78
CA ALA O 108 -42.11 -62.87 21.90
C ALA O 108 -42.12 -61.84 23.02
N SER O 109 -42.80 -62.21 24.10
CA SER O 109 -42.98 -61.43 25.32
C SER O 109 -43.33 -62.41 26.42
N PRO O 110 -42.35 -63.10 26.98
CA PRO O 110 -42.64 -64.09 28.02
C PRO O 110 -43.20 -63.40 29.25
N THR O 111 -44.34 -63.92 29.72
CA THR O 111 -44.98 -63.31 30.87
C THR O 111 -45.64 -64.37 31.74
N LYS O 112 -45.91 -63.97 32.96
CA LYS O 112 -46.63 -64.73 33.96
C LYS O 112 -47.44 -63.71 34.71
N ARG O 113 -48.69 -64.03 35.01
CA ARG O 113 -49.55 -63.05 35.65
C ARG O 113 -49.59 -63.31 37.14
N LEU O 114 -49.67 -62.24 37.91
CA LEU O 114 -49.69 -62.38 39.35
C LEU O 114 -50.62 -61.36 39.98
N GLY O 115 -50.96 -61.61 41.24
CA GLY O 115 -51.71 -60.67 42.02
C GLY O 115 -50.72 -59.74 42.68
N ARG O 116 -50.94 -58.44 42.52
CA ARG O 116 -50.05 -57.45 43.09
C ARG O 116 -50.79 -56.72 44.20
N SER O 117 -50.04 -56.29 45.21
CA SER O 117 -50.64 -55.51 46.27
C SER O 117 -51.17 -54.22 45.69
N GLU O 118 -52.16 -53.63 46.37
CA GLU O 118 -52.85 -52.41 45.93
C GLU O 118 -53.28 -52.52 44.46
N ASN O 119 -53.76 -53.71 44.10
CA ASN O 119 -54.17 -54.08 42.75
C ASN O 119 -55.35 -55.03 42.89
N ASN O 120 -56.18 -55.23 41.85
CA ASN O 120 -56.08 -54.91 40.39
C ASN O 120 -54.90 -55.66 39.75
N THR O 121 -55.00 -56.99 39.75
CA THR O 121 -53.93 -57.90 39.36
C THR O 121 -53.20 -57.47 38.09
N GLN O 122 -51.95 -57.89 37.96
CA GLN O 122 -51.10 -57.42 36.87
C GLN O 122 -50.31 -58.56 36.26
N ARG O 123 -49.89 -58.38 35.01
CA ARG O 123 -49.06 -59.35 34.31
C ARG O 123 -47.62 -58.89 34.46
N LEU O 124 -46.67 -59.84 34.46
CA LEU O 124 -45.27 -59.50 34.64
C LEU O 124 -44.38 -60.28 33.69
N GLY O 125 -43.57 -59.56 32.91
CA GLY O 125 -42.65 -60.04 31.89
C GLY O 125 -41.61 -61.05 32.34
N LEU O 126 -41.50 -61.32 33.64
CA LEU O 126 -40.53 -62.28 34.15
C LEU O 126 -41.26 -63.47 34.76
N LYS O 127 -40.99 -64.66 34.25
CA LYS O 127 -41.58 -65.90 34.72
C LYS O 127 -40.51 -66.86 35.24
N ARG O 141 -31.78 -67.12 37.65
CA ARG O 141 -31.33 -68.38 38.21
C ARG O 141 -31.08 -69.42 37.13
N GLY O 142 -32.15 -70.07 36.66
CA GLY O 142 -32.01 -71.07 35.63
C GLY O 142 -33.23 -71.28 34.75
N ALA O 143 -33.40 -70.40 33.76
CA ALA O 143 -34.49 -70.44 32.77
C ALA O 143 -35.91 -70.46 33.34
N ALA O 144 -36.88 -70.27 32.44
CA ALA O 144 -38.32 -70.24 32.71
C ALA O 144 -39.06 -69.79 31.45
N ALA O 145 -38.34 -69.10 30.57
CA ALA O 145 -38.91 -68.60 29.32
C ALA O 145 -38.85 -69.68 28.26
N GLU O 146 -37.87 -70.58 28.40
CA GLU O 146 -37.83 -71.75 27.54
C GLU O 146 -39.07 -72.57 27.79
N GLU O 147 -39.36 -72.86 29.06
CA GLU O 147 -40.58 -73.57 29.44
C GLU O 147 -41.83 -72.83 28.97
N TRP O 148 -41.84 -71.51 29.12
CA TRP O 148 -43.02 -70.72 28.75
C TRP O 148 -43.31 -70.84 27.25
N TRP O 149 -42.33 -70.56 26.39
CA TRP O 149 -42.64 -70.59 24.97
C TRP O 149 -42.75 -72.01 24.42
N HIS O 150 -41.98 -72.97 24.92
CA HIS O 150 -42.21 -74.31 24.37
C HIS O 150 -43.47 -74.92 24.97
N SER O 151 -44.02 -74.31 26.02
CA SER O 151 -45.29 -74.76 26.57
C SER O 151 -46.44 -74.18 25.75
N ARG O 152 -46.30 -72.94 25.28
CA ARG O 152 -47.34 -72.38 24.42
C ARG O 152 -47.23 -72.97 23.02
N ALA O 153 -45.99 -73.24 22.62
CA ALA O 153 -45.52 -73.80 21.36
C ALA O 153 -45.92 -75.26 21.22
N ALA O 154 -47.21 -75.54 21.24
CA ALA O 154 -47.75 -76.90 21.14
C ALA O 154 -47.09 -77.71 20.03
N ALA O 155 -47.35 -79.01 20.01
CA ALA O 155 -46.62 -79.96 19.16
C ALA O 155 -46.81 -79.68 17.69
N ASN O 156 -46.36 -78.50 17.26
CA ASN O 156 -46.20 -78.15 15.86
C ASN O 156 -44.71 -77.94 15.66
N GLY O 157 -44.32 -76.95 14.85
CA GLY O 157 -42.90 -76.82 14.64
C GLY O 157 -42.21 -76.37 15.91
N LEU O 158 -41.53 -77.30 16.56
CA LEU O 158 -40.72 -76.99 17.73
C LEU O 158 -39.50 -76.19 17.32
N GLU O 159 -39.00 -75.38 18.25
CA GLU O 159 -37.90 -74.49 17.98
C GLU O 159 -36.98 -74.44 19.19
N LEU O 160 -36.01 -73.53 19.14
CA LEU O 160 -35.04 -73.30 20.19
C LEU O 160 -35.45 -72.04 20.93
N LEU O 161 -34.87 -71.81 22.10
CA LEU O 161 -35.29 -70.65 22.89
C LEU O 161 -34.10 -69.79 23.30
N SER O 162 -33.99 -68.65 22.63
CA SER O 162 -32.96 -67.63 22.81
C SER O 162 -33.44 -66.53 23.76
N THR O 163 -33.44 -66.81 25.05
CA THR O 163 -33.92 -65.82 26.01
C THR O 163 -32.83 -64.79 26.27
N TYR O 164 -33.23 -63.52 26.40
CA TYR O 164 -32.31 -62.43 26.69
C TYR O 164 -32.58 -61.88 28.09
N ALA O 165 -31.74 -60.94 28.51
CA ALA O 165 -31.79 -60.39 29.86
C ALA O 165 -31.62 -58.86 29.87
N GLN O 166 -32.37 -58.14 29.05
CA GLN O 166 -32.19 -56.69 28.98
C GLN O 166 -33.54 -55.99 28.87
N THR O 167 -33.48 -54.69 28.56
CA THR O 167 -34.60 -53.77 28.52
C THR O 167 -34.44 -52.90 27.28
N LEU O 168 -35.51 -52.23 26.80
CA LEU O 168 -36.90 -52.11 27.31
C LEU O 168 -37.73 -51.62 26.12
N ASP O 169 -39.06 -51.59 26.22
CA ASP O 169 -39.84 -50.98 25.15
C ASP O 169 -40.93 -50.11 25.76
N ASP O 170 -41.10 -48.89 25.24
CA ASP O 170 -42.08 -47.96 25.76
C ASP O 170 -43.16 -47.66 24.74
N VAL O 171 -44.33 -47.25 25.23
CA VAL O 171 -45.46 -46.88 24.38
C VAL O 171 -46.24 -45.77 25.07
N ARG O 172 -46.49 -44.69 24.36
CA ARG O 172 -47.23 -43.55 24.87
C ARG O 172 -48.28 -43.13 23.86
N ASP O 173 -49.26 -42.34 24.32
CA ASP O 173 -50.32 -41.94 23.41
C ASP O 173 -50.06 -40.57 22.78
N PRO O 174 -50.49 -40.39 21.53
CA PRO O 174 -50.43 -39.06 20.89
C PRO O 174 -51.56 -38.15 21.29
N GLY O 175 -52.52 -38.63 22.09
CA GLY O 175 -53.65 -37.83 22.54
C GLY O 175 -55.00 -38.32 22.06
N THR O 176 -55.04 -39.16 21.03
CA THR O 176 -56.31 -39.66 20.50
C THR O 176 -57.03 -40.53 21.53
N ALA O 177 -58.36 -40.45 21.51
CA ALA O 177 -59.16 -41.25 22.42
C ALA O 177 -59.11 -42.73 22.03
N ASP O 178 -59.33 -43.59 23.03
CA ASP O 178 -59.31 -45.04 22.85
C ASP O 178 -57.98 -45.52 22.28
N ARG O 179 -56.90 -44.90 22.73
CA ARG O 179 -55.56 -45.19 22.24
C ARG O 179 -54.64 -45.34 23.45
N SER O 180 -54.11 -46.56 23.64
CA SER O 180 -53.27 -46.92 24.78
C SER O 180 -52.32 -45.81 25.20
N ARG O 181 -52.08 -45.72 26.50
CA ARG O 181 -51.32 -44.64 27.10
C ARG O 181 -49.85 -45.01 27.22
N LYS O 182 -49.21 -44.87 28.37
CA LYS O 182 -47.77 -45.08 28.48
C LYS O 182 -47.46 -46.23 29.41
N ILE O 183 -46.76 -47.24 28.87
CA ILE O 183 -46.33 -48.42 29.61
C ILE O 183 -45.10 -48.99 28.93
N ARG O 184 -44.47 -49.99 29.56
CA ARG O 184 -43.30 -50.61 28.98
C ARG O 184 -43.58 -52.10 28.81
N HIS O 185 -42.80 -52.74 27.93
CA HIS O 185 -42.91 -54.16 27.66
C HIS O 185 -41.62 -54.71 27.08
N PRO O 186 -41.19 -55.89 27.53
CA PRO O 186 -40.01 -56.57 26.99
C PRO O 186 -40.41 -57.54 25.89
N ALA O 187 -39.53 -57.67 24.90
CA ALA O 187 -39.75 -58.56 23.77
C ALA O 187 -38.47 -59.37 23.51
N VAL O 188 -38.59 -60.70 23.53
CA VAL O 188 -37.44 -61.57 23.30
C VAL O 188 -37.39 -61.91 21.82
N ARG O 189 -36.20 -61.82 21.23
CA ARG O 189 -35.98 -62.13 19.82
C ARG O 189 -35.34 -63.50 19.69
N PHE O 190 -36.17 -64.51 19.51
CA PHE O 190 -35.68 -65.85 19.30
C PHE O 190 -35.40 -65.98 17.81
N ASP O 191 -34.38 -66.76 17.47
CA ASP O 191 -33.98 -66.90 16.06
C ASP O 191 -33.39 -68.29 15.89
N GLY O 192 -33.80 -69.00 14.83
CA GLY O 192 -33.25 -70.33 14.68
C GLY O 192 -33.68 -71.12 13.47
N GLU O 193 -33.93 -72.42 13.68
CA GLU O 193 -34.33 -73.31 12.59
C GLU O 193 -35.41 -74.25 13.12
N ALA O 194 -36.64 -73.83 12.94
CA ALA O 194 -37.85 -74.57 13.26
C ALA O 194 -37.82 -75.99 12.68
N VAL O 195 -38.34 -76.93 13.44
CA VAL O 195 -38.55 -78.30 12.99
C VAL O 195 -40.07 -78.49 12.97
N ILE O 196 -40.59 -78.91 11.82
CA ILE O 196 -42.03 -79.03 11.65
C ILE O 196 -42.49 -80.40 12.12
N SER O 197 -43.38 -80.40 13.10
CA SER O 197 -43.99 -81.60 13.65
C SER O 197 -45.47 -81.65 13.35
N ASP O 198 -46.03 -80.56 12.85
CA ASP O 198 -47.44 -80.46 12.50
C ASP O 198 -47.55 -79.29 11.54
N VAL O 199 -48.07 -79.56 10.34
CA VAL O 199 -48.10 -78.54 9.29
C VAL O 199 -49.26 -77.56 9.48
N ASP O 200 -50.50 -78.06 9.61
CA ASP O 200 -51.61 -77.13 9.75
C ASP O 200 -51.56 -76.36 11.07
N ALA O 201 -50.98 -76.96 12.11
CA ALA O 201 -50.91 -76.25 13.39
C ALA O 201 -49.89 -75.12 13.33
N VAL O 202 -48.73 -75.36 12.72
CA VAL O 202 -47.76 -74.29 12.65
C VAL O 202 -48.23 -73.25 11.64
N ARG O 203 -48.93 -73.70 10.59
CA ARG O 203 -49.48 -72.79 9.59
C ARG O 203 -50.47 -71.81 10.20
N HIS O 204 -51.52 -72.35 10.83
CA HIS O 204 -52.51 -71.51 11.47
C HIS O 204 -51.92 -70.69 12.61
N ALA O 205 -50.90 -71.24 13.30
CA ALA O 205 -50.27 -70.47 14.37
C ALA O 205 -49.46 -69.31 13.82
N VAL O 206 -48.92 -69.43 12.61
CA VAL O 206 -48.17 -68.33 12.03
C VAL O 206 -49.13 -67.28 11.49
N LEU O 207 -50.25 -67.72 10.92
CA LEU O 207 -51.19 -66.76 10.34
C LEU O 207 -51.90 -65.99 11.43
N ASN O 208 -52.20 -66.63 12.56
CA ASN O 208 -52.86 -65.93 13.65
C ASN O 208 -51.95 -64.90 14.31
N GLY O 209 -50.73 -65.30 14.65
CA GLY O 209 -49.80 -64.47 15.39
C GLY O 209 -49.67 -65.11 16.77
N ILE O 210 -48.44 -65.17 17.26
CA ILE O 210 -48.14 -65.86 18.52
C ILE O 210 -48.09 -64.84 19.65
N GLY O 211 -49.14 -64.79 20.46
CA GLY O 211 -49.18 -63.93 21.63
C GLY O 211 -50.14 -62.77 21.47
N ARG O 212 -50.35 -62.09 22.60
CA ARG O 212 -51.18 -60.90 22.66
C ARG O 212 -50.43 -59.73 22.03
N GLY O 213 -51.08 -58.56 22.04
CA GLY O 213 -50.47 -57.36 21.52
C GLY O 213 -49.85 -57.45 20.14
N LYS O 214 -50.60 -57.99 19.19
CA LYS O 214 -50.10 -58.15 17.82
C LYS O 214 -49.88 -56.81 17.14
N SER O 215 -50.40 -55.73 17.69
CA SER O 215 -50.24 -54.41 17.14
C SER O 215 -48.96 -53.74 17.60
N TYR O 216 -48.16 -54.41 18.44
CA TYR O 216 -46.93 -53.82 18.93
C TYR O 216 -45.68 -54.59 18.48
N GLY O 217 -45.80 -55.42 17.44
CA GLY O 217 -44.67 -56.13 16.88
C GLY O 217 -44.62 -57.62 17.17
N CYS O 218 -45.12 -58.04 18.33
CA CYS O 218 -45.03 -59.46 18.70
C CYS O 218 -45.92 -60.33 17.82
N GLY O 219 -45.54 -61.60 17.72
CA GLY O 219 -46.34 -62.55 16.97
C GLY O 219 -45.80 -63.06 15.64
N LEU O 220 -45.16 -62.18 14.87
CA LEU O 220 -44.73 -62.53 13.51
C LEU O 220 -43.63 -63.57 13.45
N LEU O 221 -43.93 -64.65 12.73
CA LEU O 221 -43.00 -65.74 12.43
C LEU O 221 -42.72 -65.88 10.94
N SER O 222 -41.44 -65.94 10.60
CA SER O 222 -40.97 -66.16 9.25
C SER O 222 -40.08 -67.39 9.25
N LEU O 223 -40.28 -68.24 8.25
CA LEU O 223 -39.55 -69.48 8.05
C LEU O 223 -38.58 -69.36 6.89
N ALA O 224 -37.80 -70.42 6.69
CA ALA O 224 -36.83 -70.46 5.59
C ALA O 224 -36.53 -71.91 5.25
N LEU O 225 -35.81 -72.11 4.15
CA LEU O 225 -35.48 -73.45 3.69
C LEU O 225 -34.04 -73.79 4.05
N ILE O 226 -33.73 -75.08 4.01
CA ILE O 226 -32.39 -75.58 4.35
C ILE O 226 -31.31 -75.23 3.32
#